data_2ROC
#
_entry.id   2ROC
#
loop_
_entity.id
_entity.type
_entity.pdbx_description
1 polymer 'Induced myeloid leukemia cell differentiation protein Mcl-1 homolog'
2 polymer 'Bcl-2-binding component 3'
#
loop_
_entity_poly.entity_id
_entity_poly.type
_entity_poly.pdbx_seq_one_letter_code
_entity_poly.pdbx_strand_id
1 'polypeptide(L)'
;GPLGSEDDLYRQSLEIISRYLREQATGSKDSKPLGEAGAAGRRALETLRRVGDGVQRNHETAFQGMLRKLDIKNEGDVKS
FSRVMVHVFKDGVTNWGRIVTLISFGAFVAKHLKSVNQESFIEPLAETITDVLVRTKRDWLVKQRGWDGFVEFFHVQDLE
GG
;
A
2 'polypeptide(L)' EEEWAREIGAQLRRIADDLNAQYERRM B
#
# COMPACT_ATOMS: atom_id res chain seq x y z
N GLY A 1 -25.32 -5.17 10.68
CA GLY A 1 -26.56 -5.96 10.44
C GLY A 1 -26.27 -7.37 9.96
N PRO A 2 -26.75 -7.74 8.76
CA PRO A 2 -26.54 -9.07 8.19
C PRO A 2 -25.18 -9.21 7.48
N LEU A 3 -25.12 -10.14 6.51
CA LEU A 3 -23.89 -10.39 5.75
C LEU A 3 -23.38 -9.11 5.05
N GLY A 4 -24.30 -8.21 4.72
CA GLY A 4 -23.93 -6.97 4.06
C GLY A 4 -23.10 -6.05 4.95
N SER A 5 -23.00 -6.36 6.24
CA SER A 5 -22.22 -5.57 7.17
C SER A 5 -20.86 -6.20 7.43
N GLU A 6 -20.68 -7.45 7.02
CA GLU A 6 -19.42 -8.15 7.21
C GLU A 6 -18.40 -7.74 6.14
N ASP A 7 -17.13 -7.71 6.52
CA ASP A 7 -16.08 -7.32 5.59
C ASP A 7 -14.93 -8.32 5.61
N ASP A 8 -15.04 -9.38 4.81
CA ASP A 8 -14.00 -10.39 4.72
C ASP A 8 -12.75 -9.84 4.03
N LEU A 9 -12.94 -8.79 3.23
CA LEU A 9 -11.85 -8.14 2.54
C LEU A 9 -10.95 -7.47 3.59
N TYR A 10 -11.60 -6.83 4.57
CA TYR A 10 -10.88 -6.17 5.67
C TYR A 10 -9.97 -7.14 6.40
N ARG A 11 -10.48 -8.35 6.65
CA ARG A 11 -9.70 -9.39 7.34
C ARG A 11 -8.44 -9.74 6.54
N GLN A 12 -8.62 -9.93 5.24
CA GLN A 12 -7.51 -10.27 4.35
C GLN A 12 -6.54 -9.10 4.19
N SER A 13 -7.08 -7.91 3.91
CA SER A 13 -6.27 -6.71 3.74
C SER A 13 -5.45 -6.39 4.99
N LEU A 14 -6.11 -6.37 6.16
CA LEU A 14 -5.42 -6.11 7.42
C LEU A 14 -4.27 -7.11 7.61
N GLU A 15 -4.58 -8.37 7.36
CA GLU A 15 -3.62 -9.45 7.48
C GLU A 15 -2.41 -9.23 6.54
N ILE A 16 -2.69 -9.06 5.26
CA ILE A 16 -1.64 -8.87 4.26
C ILE A 16 -0.83 -7.57 4.45
N ILE A 17 -1.52 -6.44 4.67
CA ILE A 17 -0.83 -5.15 4.84
C ILE A 17 0.01 -5.08 6.12
N SER A 18 -0.58 -5.41 7.28
CA SER A 18 0.16 -5.38 8.54
C SER A 18 1.39 -6.29 8.46
N ARG A 19 1.21 -7.49 7.90
CA ARG A 19 2.32 -8.44 7.73
C ARG A 19 3.38 -7.84 6.81
N TYR A 20 2.95 -7.29 5.68
CA TYR A 20 3.85 -6.68 4.70
C TYR A 20 4.67 -5.56 5.34
N LEU A 21 4.02 -4.69 6.11
CA LEU A 21 4.72 -3.59 6.76
C LEU A 21 5.75 -4.13 7.77
N ARG A 22 5.37 -5.13 8.55
CA ARG A 22 6.26 -5.72 9.55
C ARG A 22 7.46 -6.44 8.91
N GLU A 23 7.22 -7.24 7.86
CA GLU A 23 8.32 -7.94 7.20
C GLU A 23 9.24 -6.94 6.48
N GLN A 24 8.66 -5.93 5.84
CA GLN A 24 9.44 -4.92 5.14
C GLN A 24 10.25 -4.05 6.11
N ALA A 25 9.62 -3.62 7.20
CA ALA A 25 10.28 -2.79 8.20
C ALA A 25 11.45 -3.51 8.86
N THR A 26 11.36 -4.83 8.97
CA THR A 26 12.43 -5.63 9.58
C THR A 26 13.38 -6.21 8.54
N GLY A 27 13.01 -6.08 7.26
CA GLY A 27 13.85 -6.62 6.19
C GLY A 27 13.69 -8.13 6.05
N SER A 28 12.66 -8.66 6.72
CA SER A 28 12.39 -10.10 6.72
C SER A 28 11.69 -10.54 5.43
N LYS A 29 12.48 -11.09 4.51
CA LYS A 29 11.94 -11.58 3.24
C LYS A 29 11.11 -12.86 3.45
N ASP A 30 11.28 -13.47 4.61
CA ASP A 30 10.57 -14.70 4.94
C ASP A 30 9.37 -14.44 5.84
N SER A 31 8.23 -14.23 5.20
CA SER A 31 6.99 -13.99 5.94
C SER A 31 6.10 -15.22 5.92
N LYS A 32 5.43 -15.47 7.03
CA LYS A 32 4.52 -16.61 7.17
C LYS A 32 3.46 -16.59 6.06
N PRO A 33 3.21 -17.76 5.43
CA PRO A 33 2.21 -17.90 4.36
C PRO A 33 0.86 -17.24 4.66
N LEU A 34 0.24 -16.71 3.62
CA LEU A 34 -1.05 -16.01 3.72
C LEU A 34 -2.23 -16.97 3.97
N GLY A 35 -1.99 -18.07 4.69
CA GLY A 35 -3.05 -19.04 4.95
C GLY A 35 -4.28 -18.44 5.63
N GLU A 36 -4.05 -17.61 6.63
CA GLU A 36 -5.15 -16.96 7.35
C GLU A 36 -5.74 -15.77 6.57
N ALA A 37 -5.10 -15.39 5.47
CA ALA A 37 -5.57 -14.28 4.64
C ALA A 37 -6.31 -14.79 3.41
N GLY A 38 -5.65 -15.61 2.62
CA GLY A 38 -6.27 -16.14 1.42
C GLY A 38 -5.25 -16.71 0.45
N ALA A 39 -5.71 -17.58 -0.45
CA ALA A 39 -4.82 -18.20 -1.45
C ALA A 39 -4.11 -17.14 -2.31
N ALA A 40 -4.85 -16.10 -2.69
CA ALA A 40 -4.29 -15.03 -3.51
C ALA A 40 -3.39 -14.08 -2.71
N GLY A 41 -3.39 -14.23 -1.38
CA GLY A 41 -2.58 -13.36 -0.54
C GLY A 41 -1.10 -13.51 -0.82
N ARG A 42 -0.65 -14.74 -1.03
CA ARG A 42 0.75 -15.02 -1.33
C ARG A 42 1.19 -14.32 -2.62
N ARG A 43 0.38 -14.46 -3.66
CA ARG A 43 0.66 -13.82 -4.94
C ARG A 43 0.68 -12.32 -4.78
N ALA A 44 -0.28 -11.81 -3.99
CA ALA A 44 -0.38 -10.39 -3.73
C ALA A 44 0.82 -9.90 -2.94
N LEU A 45 1.25 -10.69 -1.95
CA LEU A 45 2.39 -10.33 -1.10
C LEU A 45 3.68 -10.21 -1.93
N GLU A 46 3.98 -11.25 -2.71
CA GLU A 46 5.18 -11.26 -3.54
C GLU A 46 5.16 -10.15 -4.60
N THR A 47 3.97 -9.90 -5.18
CA THR A 47 3.82 -8.85 -6.20
C THR A 47 3.92 -7.46 -5.58
N LEU A 48 3.18 -7.24 -4.49
CA LEU A 48 3.17 -5.96 -3.80
C LEU A 48 4.58 -5.56 -3.35
N ARG A 49 5.30 -6.53 -2.76
CA ARG A 49 6.65 -6.30 -2.27
C ARG A 49 7.61 -5.98 -3.42
N ARG A 50 7.52 -6.73 -4.51
CA ARG A 50 8.38 -6.50 -5.67
C ARG A 50 8.15 -5.12 -6.27
N VAL A 51 6.89 -4.75 -6.44
CA VAL A 51 6.56 -3.43 -7.00
C VAL A 51 6.94 -2.34 -5.99
N GLY A 52 6.54 -2.51 -4.73
CA GLY A 52 6.86 -1.54 -3.69
C GLY A 52 8.36 -1.26 -3.56
N ASP A 53 9.16 -2.31 -3.39
CA ASP A 53 10.61 -2.13 -3.28
C ASP A 53 11.18 -1.57 -4.59
N GLY A 54 10.54 -1.94 -5.70
CA GLY A 54 10.97 -1.48 -7.00
C GLY A 54 10.72 0.01 -7.22
N VAL A 55 9.51 0.49 -6.92
CA VAL A 55 9.19 1.91 -7.11
C VAL A 55 10.03 2.80 -6.18
N GLN A 56 10.33 2.29 -4.99
CA GLN A 56 11.17 3.03 -4.04
C GLN A 56 12.59 3.18 -4.59
N ARG A 57 13.12 2.12 -5.19
CA ARG A 57 14.47 2.16 -5.75
C ARG A 57 14.51 2.95 -7.07
N ASN A 58 13.49 2.76 -7.91
CA ASN A 58 13.41 3.50 -9.18
C ASN A 58 13.27 5.00 -8.94
N HIS A 59 12.64 5.36 -7.82
CA HIS A 59 12.46 6.75 -7.46
C HIS A 59 13.06 7.04 -6.08
N GLU A 60 14.31 6.59 -5.89
CA GLU A 60 15.03 6.77 -4.62
C GLU A 60 14.92 8.20 -4.08
N THR A 61 15.35 9.16 -4.87
CA THR A 61 15.34 10.57 -4.47
C THR A 61 13.92 11.08 -4.18
N ALA A 62 12.95 10.64 -4.97
CA ALA A 62 11.56 11.04 -4.78
C ALA A 62 10.95 10.39 -3.53
N PHE A 63 11.10 9.08 -3.41
CA PHE A 63 10.55 8.34 -2.29
C PHE A 63 11.28 8.65 -0.98
N GLN A 64 12.60 8.56 -0.97
CA GLN A 64 13.37 8.86 0.24
C GLN A 64 13.27 10.35 0.58
N GLY A 65 13.15 11.19 -0.46
CA GLY A 65 13.02 12.61 -0.27
C GLY A 65 11.71 12.96 0.43
N MET A 66 10.59 12.45 -0.11
CA MET A 66 9.28 12.72 0.49
C MET A 66 9.19 12.09 1.89
N LEU A 67 9.87 10.95 2.06
CA LEU A 67 9.89 10.25 3.35
C LEU A 67 10.53 11.11 4.44
N ARG A 68 11.62 11.80 4.09
CA ARG A 68 12.32 12.67 5.04
C ARG A 68 11.42 13.82 5.53
N LYS A 69 10.57 14.31 4.64
CA LYS A 69 9.65 15.40 4.97
C LYS A 69 8.53 14.93 5.90
N LEU A 70 8.00 13.74 5.64
CA LEU A 70 6.93 13.17 6.46
C LEU A 70 7.47 12.27 7.57
N ASP A 71 8.25 12.86 8.48
CA ASP A 71 8.83 12.10 9.58
C ASP A 71 7.79 11.96 10.72
N ILE A 72 7.53 10.73 11.12
CA ILE A 72 6.55 10.46 12.18
C ILE A 72 7.15 10.72 13.56
N LYS A 73 6.48 11.59 14.32
CA LYS A 73 6.92 11.93 15.67
C LYS A 73 5.77 11.86 16.68
N ASN A 74 4.54 12.02 16.20
CA ASN A 74 3.37 11.95 17.07
C ASN A 74 2.13 11.45 16.33
N GLU A 75 1.02 11.36 17.05
CA GLU A 75 -0.24 10.91 16.45
C GLU A 75 -0.73 11.91 15.40
N GLY A 76 -0.35 13.17 15.58
CA GLY A 76 -0.74 14.22 14.64
C GLY A 76 -0.27 13.94 13.21
N ASP A 77 0.78 13.13 13.07
CA ASP A 77 1.32 12.79 11.76
C ASP A 77 0.39 11.84 11.00
N VAL A 78 -0.51 11.18 11.74
CA VAL A 78 -1.47 10.25 11.14
C VAL A 78 -2.52 11.01 10.33
N LYS A 79 -2.93 12.17 10.83
CA LYS A 79 -3.93 13.00 10.14
C LYS A 79 -3.41 13.45 8.77
N SER A 80 -2.17 13.91 8.73
CA SER A 80 -1.55 14.34 7.47
C SER A 80 -1.35 13.16 6.53
N PHE A 81 -1.08 11.98 7.10
CA PHE A 81 -0.90 10.76 6.32
C PHE A 81 -2.16 10.45 5.50
N SER A 82 -3.32 10.50 6.17
CA SER A 82 -4.59 10.26 5.50
C SER A 82 -4.80 11.29 4.39
N ARG A 83 -4.40 12.54 4.66
CA ARG A 83 -4.52 13.62 3.68
C ARG A 83 -3.66 13.32 2.44
N VAL A 84 -2.50 12.70 2.63
CA VAL A 84 -1.63 12.33 1.52
C VAL A 84 -2.34 11.29 0.66
N MET A 85 -3.03 10.36 1.32
CA MET A 85 -3.78 9.32 0.62
C MET A 85 -4.91 9.97 -0.18
N VAL A 86 -5.69 10.81 0.51
CA VAL A 86 -6.79 11.54 -0.13
C VAL A 86 -6.26 12.39 -1.28
N HIS A 87 -5.03 12.90 -1.13
CA HIS A 87 -4.38 13.70 -2.16
C HIS A 87 -4.20 12.88 -3.44
N VAL A 88 -3.80 11.63 -3.29
CA VAL A 88 -3.61 10.73 -4.44
C VAL A 88 -4.95 10.34 -5.08
N PHE A 89 -5.95 10.08 -4.23
CA PHE A 89 -7.29 9.69 -4.70
C PHE A 89 -8.18 10.91 -4.99
N LYS A 90 -7.60 12.09 -4.92
CA LYS A 90 -8.33 13.36 -5.12
C LYS A 90 -9.19 13.39 -6.39
N ASP A 91 -8.74 12.75 -7.46
CA ASP A 91 -9.49 12.75 -8.71
C ASP A 91 -10.64 11.72 -8.70
N GLY A 92 -10.58 10.77 -7.77
CA GLY A 92 -11.60 9.74 -7.68
C GLY A 92 -11.27 8.51 -8.50
N VAL A 93 -10.08 8.47 -9.09
CA VAL A 93 -9.66 7.32 -9.90
C VAL A 93 -9.10 6.19 -9.02
N THR A 94 -9.81 5.09 -8.95
CA THR A 94 -9.37 3.96 -8.14
C THR A 94 -8.64 2.92 -8.97
N ASN A 95 -7.31 2.92 -8.86
CA ASN A 95 -6.47 1.97 -9.60
C ASN A 95 -5.53 1.21 -8.65
N TRP A 96 -5.10 0.02 -9.07
CA TRP A 96 -4.22 -0.82 -8.25
C TRP A 96 -2.85 -0.16 -8.01
N GLY A 97 -2.28 0.46 -9.04
CA GLY A 97 -0.98 1.12 -8.91
C GLY A 97 -0.97 2.18 -7.82
N ARG A 98 -2.10 2.86 -7.66
CA ARG A 98 -2.25 3.90 -6.64
C ARG A 98 -2.32 3.26 -5.25
N ILE A 99 -2.89 2.08 -5.17
CA ILE A 99 -2.98 1.35 -3.91
C ILE A 99 -1.61 0.84 -3.50
N VAL A 100 -0.85 0.31 -4.48
CA VAL A 100 0.50 -0.19 -4.21
C VAL A 100 1.42 0.93 -3.73
N THR A 101 1.31 2.11 -4.35
CA THR A 101 2.12 3.27 -3.96
C THR A 101 1.81 3.72 -2.54
N LEU A 102 0.52 3.80 -2.21
CA LEU A 102 0.09 4.19 -0.87
C LEU A 102 0.61 3.21 0.18
N ILE A 103 0.61 1.92 -0.16
CA ILE A 103 1.12 0.90 0.74
C ILE A 103 2.66 0.91 0.76
N SER A 104 3.27 1.14 -0.42
CA SER A 104 4.72 1.19 -0.54
C SER A 104 5.28 2.37 0.25
N PHE A 105 4.60 3.52 0.17
CA PHE A 105 5.00 4.70 0.92
C PHE A 105 4.89 4.38 2.40
N GLY A 106 3.76 3.77 2.79
CA GLY A 106 3.55 3.38 4.17
C GLY A 106 4.62 2.40 4.63
N ALA A 107 4.99 1.47 3.75
CA ALA A 107 6.04 0.49 4.05
C ALA A 107 7.37 1.19 4.29
N PHE A 108 7.65 2.21 3.48
CA PHE A 108 8.88 2.99 3.62
C PHE A 108 8.86 3.74 4.95
N VAL A 109 7.70 4.26 5.33
CA VAL A 109 7.53 4.95 6.60
C VAL A 109 7.78 3.98 7.75
N ALA A 110 7.21 2.78 7.65
CA ALA A 110 7.40 1.73 8.66
C ALA A 110 8.88 1.36 8.74
N LYS A 111 9.52 1.22 7.57
CA LYS A 111 10.95 0.91 7.49
C LYS A 111 11.76 2.00 8.18
N HIS A 112 11.39 3.25 7.91
CA HIS A 112 12.05 4.42 8.51
C HIS A 112 11.81 4.45 10.03
N LEU A 113 10.56 4.20 10.43
CA LEU A 113 10.20 4.19 11.84
C LEU A 113 10.95 3.09 12.59
N LYS A 114 10.96 1.88 12.02
CA LYS A 114 11.67 0.74 12.61
C LYS A 114 13.16 1.06 12.77
N SER A 115 13.72 1.78 11.80
CA SER A 115 15.13 2.16 11.83
C SER A 115 15.42 3.04 13.06
N VAL A 116 14.44 3.83 13.49
CA VAL A 116 14.59 4.69 14.66
C VAL A 116 13.90 4.04 15.87
N ASN A 117 13.50 2.77 15.71
CA ASN A 117 12.83 2.00 16.77
C ASN A 117 11.48 2.64 17.18
N GLN A 118 10.72 3.14 16.21
CA GLN A 118 9.43 3.76 16.50
C GLN A 118 8.26 2.82 16.18
N GLU A 119 8.39 1.56 16.60
CA GLU A 119 7.36 0.53 16.37
C GLU A 119 5.98 0.96 16.87
N SER A 120 5.95 1.79 17.93
CA SER A 120 4.71 2.28 18.51
C SER A 120 3.85 3.05 17.50
N PHE A 121 4.48 3.55 16.44
CA PHE A 121 3.75 4.28 15.40
C PHE A 121 3.54 3.41 14.15
N ILE A 122 4.32 2.34 14.03
CA ILE A 122 4.22 1.43 12.89
C ILE A 122 2.90 0.66 12.90
N GLU A 123 2.63 -0.03 14.02
CA GLU A 123 1.39 -0.81 14.15
C GLU A 123 0.15 0.04 13.82
N PRO A 124 -0.06 1.21 14.50
CA PRO A 124 -1.21 2.07 14.22
C PRO A 124 -1.23 2.59 12.78
N LEU A 125 -0.05 2.86 12.22
CA LEU A 125 0.05 3.36 10.84
C LEU A 125 -0.42 2.29 9.85
N ALA A 126 0.03 1.06 10.05
CA ALA A 126 -0.34 -0.07 9.19
C ALA A 126 -1.86 -0.28 9.19
N GLU A 127 -2.46 -0.25 10.38
CA GLU A 127 -3.90 -0.44 10.50
C GLU A 127 -4.66 0.76 9.93
N THR A 128 -4.14 1.96 10.16
CA THR A 128 -4.75 3.19 9.65
C THR A 128 -4.77 3.16 8.12
N ILE A 129 -3.60 2.91 7.52
CA ILE A 129 -3.49 2.84 6.07
C ILE A 129 -4.47 1.79 5.51
N THR A 130 -4.51 0.63 6.14
CA THR A 130 -5.41 -0.45 5.72
C THR A 130 -6.87 -0.01 5.73
N ASP A 131 -7.35 0.50 6.87
CA ASP A 131 -8.74 0.92 6.98
C ASP A 131 -9.05 2.06 6.01
N VAL A 132 -8.22 3.10 6.00
CA VAL A 132 -8.45 4.24 5.11
C VAL A 132 -8.37 3.84 3.63
N LEU A 133 -7.38 3.02 3.27
CA LEU A 133 -7.22 2.57 1.88
C LEU A 133 -8.37 1.68 1.43
N VAL A 134 -8.80 0.77 2.29
CA VAL A 134 -9.88 -0.15 1.96
C VAL A 134 -11.28 0.50 2.06
N ARG A 135 -11.53 1.24 3.13
CA ARG A 135 -12.85 1.86 3.35
C ARG A 135 -13.19 2.96 2.33
N THR A 136 -12.17 3.71 1.88
CA THR A 136 -12.41 4.77 0.90
C THR A 136 -13.09 4.25 -0.37
N LYS A 137 -12.61 3.12 -0.87
CA LYS A 137 -13.18 2.52 -2.08
C LYS A 137 -13.41 1.02 -1.93
N ARG A 138 -14.06 0.61 -0.83
CA ARG A 138 -14.33 -0.82 -0.61
C ARG A 138 -15.23 -1.38 -1.71
N ASP A 139 -16.07 -0.52 -2.29
CA ASP A 139 -16.96 -0.92 -3.37
C ASP A 139 -16.14 -1.38 -4.58
N TRP A 140 -14.97 -0.77 -4.75
CA TRP A 140 -14.08 -1.12 -5.85
C TRP A 140 -13.40 -2.45 -5.57
N LEU A 141 -13.00 -2.65 -4.30
CA LEU A 141 -12.36 -3.90 -3.90
C LEU A 141 -13.29 -5.09 -4.21
N VAL A 142 -14.56 -4.93 -3.85
CA VAL A 142 -15.56 -5.97 -4.11
C VAL A 142 -15.70 -6.24 -5.62
N LYS A 143 -15.75 -5.17 -6.41
CA LYS A 143 -15.88 -5.30 -7.86
C LYS A 143 -14.63 -5.95 -8.49
N GLN A 144 -13.46 -5.67 -7.92
CA GLN A 144 -12.21 -6.21 -8.44
C GLN A 144 -11.79 -7.52 -7.76
N ARG A 145 -12.69 -8.12 -6.97
CA ARG A 145 -12.40 -9.38 -6.27
C ARG A 145 -11.21 -9.26 -5.29
N GLY A 146 -11.03 -8.05 -4.74
CA GLY A 146 -9.96 -7.81 -3.79
C GLY A 146 -8.55 -8.10 -4.32
N TRP A 147 -7.75 -8.76 -3.49
CA TRP A 147 -6.37 -9.09 -3.84
C TRP A 147 -6.29 -10.00 -5.08
N ASP A 148 -7.32 -10.83 -5.28
CA ASP A 148 -7.36 -11.71 -6.44
C ASP A 148 -7.31 -10.88 -7.73
N GLY A 149 -8.05 -9.76 -7.72
CA GLY A 149 -8.04 -8.88 -8.87
C GLY A 149 -6.72 -8.12 -8.97
N PHE A 150 -6.13 -7.82 -7.82
CA PHE A 150 -4.85 -7.12 -7.77
C PHE A 150 -3.77 -7.93 -8.48
N VAL A 151 -3.68 -9.22 -8.17
CA VAL A 151 -2.69 -10.09 -8.80
C VAL A 151 -3.04 -10.38 -10.26
N GLU A 152 -4.33 -10.37 -10.56
CA GLU A 152 -4.80 -10.61 -11.93
C GLU A 152 -4.48 -9.42 -12.83
N PHE A 153 -4.76 -8.22 -12.33
CA PHE A 153 -4.51 -6.99 -13.08
C PHE A 153 -3.01 -6.65 -13.11
N PHE A 154 -2.31 -6.83 -11.99
CA PHE A 154 -0.88 -6.52 -11.93
C PHE A 154 -0.04 -7.59 -12.64
N HIS A 155 -0.59 -8.80 -12.76
CA HIS A 155 0.12 -9.89 -13.43
C HIS A 155 -0.75 -10.56 -14.49
N VAL A 156 -1.09 -9.80 -15.52
CA VAL A 156 -1.95 -10.30 -16.61
C VAL A 156 -1.32 -11.52 -17.31
N GLN A 157 -0.18 -11.33 -17.95
CA GLN A 157 0.49 -12.42 -18.65
C GLN A 157 1.34 -13.28 -17.71
N ASP A 158 0.70 -13.80 -16.66
CA ASP A 158 1.40 -14.66 -15.70
C ASP A 158 1.36 -16.11 -16.17
N LEU A 159 2.41 -16.87 -15.86
CA LEU A 159 2.49 -18.27 -16.25
C LEU A 159 1.67 -19.17 -15.31
N GLU A 160 1.58 -18.76 -14.04
CA GLU A 160 0.84 -19.51 -13.01
C GLU A 160 1.50 -20.87 -12.70
N GLY A 161 1.47 -21.79 -13.66
CA GLY A 161 2.05 -23.10 -13.47
C GLY A 161 3.56 -23.13 -13.68
N GLY A 162 4.26 -22.27 -12.97
CA GLY A 162 5.72 -22.20 -13.09
C GLY A 162 6.27 -20.81 -12.84
N GLU B 1 2.37 25.10 3.83
CA GLU B 1 1.17 24.66 4.61
C GLU B 1 0.51 23.44 3.95
N GLU B 2 0.24 23.55 2.65
CA GLU B 2 -0.40 22.47 1.90
C GLU B 2 0.44 22.07 0.68
N GLU B 3 1.29 23.00 0.22
CA GLU B 3 2.16 22.78 -0.95
C GLU B 3 2.95 21.48 -0.84
N TRP B 4 3.59 21.27 0.31
CA TRP B 4 4.37 20.06 0.55
C TRP B 4 3.52 18.80 0.35
N ALA B 5 2.32 18.80 0.93
CA ALA B 5 1.41 17.66 0.81
C ALA B 5 0.93 17.49 -0.63
N ARG B 6 0.71 18.62 -1.31
CA ARG B 6 0.27 18.60 -2.71
C ARG B 6 1.28 17.86 -3.59
N GLU B 7 2.54 18.26 -3.50
CA GLU B 7 3.60 17.62 -4.29
C GLU B 7 3.79 16.16 -3.88
N ILE B 8 3.76 15.88 -2.59
CA ILE B 8 3.92 14.49 -2.11
C ILE B 8 2.80 13.62 -2.67
N GLY B 9 1.56 14.10 -2.55
CA GLY B 9 0.42 13.37 -3.07
C GLY B 9 0.46 13.26 -4.58
N ALA B 10 0.94 14.32 -5.24
CA ALA B 10 1.05 14.33 -6.69
C ALA B 10 2.16 13.40 -7.17
N GLN B 11 3.26 13.32 -6.41
CA GLN B 11 4.37 12.44 -6.77
C GLN B 11 3.92 10.99 -6.77
N LEU B 12 3.25 10.58 -5.69
CA LEU B 12 2.75 9.21 -5.61
C LEU B 12 1.73 8.98 -6.71
N ARG B 13 1.00 10.04 -7.07
CA ARG B 13 0.03 9.99 -8.15
C ARG B 13 0.73 9.76 -9.50
N ARG B 14 1.71 10.61 -9.81
CA ARG B 14 2.47 10.51 -11.05
C ARG B 14 3.05 9.09 -11.23
N ILE B 15 3.72 8.61 -10.19
CA ILE B 15 4.32 7.28 -10.20
C ILE B 15 3.26 6.18 -10.33
N ALA B 16 2.23 6.23 -9.49
CA ALA B 16 1.16 5.24 -9.50
C ALA B 16 0.37 5.19 -10.82
N ASP B 17 -0.01 6.36 -11.33
CA ASP B 17 -0.79 6.44 -12.56
C ASP B 17 -0.08 5.76 -13.73
N ASP B 18 1.18 6.13 -13.98
CA ASP B 18 1.94 5.51 -15.08
C ASP B 18 2.12 4.01 -14.83
N LEU B 19 2.39 3.65 -13.57
CA LEU B 19 2.57 2.25 -13.18
C LEU B 19 1.34 1.39 -13.55
N ASN B 20 0.15 1.83 -13.13
CA ASN B 20 -1.06 1.08 -13.40
C ASN B 20 -1.44 1.14 -14.88
N ALA B 21 -1.16 2.27 -15.53
CA ALA B 21 -1.46 2.43 -16.96
C ALA B 21 -0.79 1.33 -17.79
N GLN B 22 0.41 0.92 -17.37
CA GLN B 22 1.15 -0.14 -18.06
C GLN B 22 0.30 -1.41 -18.24
N TYR B 23 -0.47 -1.77 -17.20
CA TYR B 23 -1.33 -2.96 -17.26
C TYR B 23 -2.72 -2.60 -17.78
N GLU B 24 -3.20 -1.41 -17.40
CA GLU B 24 -4.52 -0.92 -17.79
C GLU B 24 -4.78 -1.01 -19.30
N ARG B 25 -3.87 -0.47 -20.12
CA ARG B 25 -4.06 -0.50 -21.56
C ARG B 25 -3.31 -1.67 -22.22
N ARG B 26 -2.01 -1.79 -21.94
CA ARG B 26 -1.21 -2.87 -22.53
C ARG B 26 -1.30 -4.16 -21.72
N MET B 27 -1.81 -5.21 -22.35
CA MET B 27 -1.93 -6.51 -21.71
C MET B 27 -1.26 -7.58 -22.57
N GLY A 1 -28.32 -2.71 2.90
CA GLY A 1 -28.86 -3.16 4.22
C GLY A 1 -27.76 -3.39 5.25
N PRO A 2 -28.12 -3.49 6.54
CA PRO A 2 -27.14 -3.71 7.64
C PRO A 2 -26.35 -5.01 7.49
N LEU A 3 -26.95 -5.99 6.82
CA LEU A 3 -26.30 -7.30 6.61
C LEU A 3 -25.12 -7.19 5.63
N GLY A 4 -25.07 -6.09 4.89
CA GLY A 4 -24.00 -5.89 3.92
C GLY A 4 -22.77 -5.22 4.53
N SER A 5 -22.69 -5.25 5.86
CA SER A 5 -21.56 -4.65 6.58
C SER A 5 -20.36 -5.60 6.61
N GLU A 6 -20.59 -6.85 6.20
CA GLU A 6 -19.53 -7.85 6.18
C GLU A 6 -18.57 -7.60 5.01
N ASP A 7 -17.28 -7.53 5.30
CA ASP A 7 -16.26 -7.29 4.28
C ASP A 7 -15.04 -8.17 4.49
N ASP A 8 -14.93 -9.22 3.68
CA ASP A 8 -13.81 -10.15 3.76
C ASP A 8 -12.51 -9.48 3.33
N LEU A 9 -12.61 -8.44 2.50
CA LEU A 9 -11.43 -7.73 2.03
C LEU A 9 -10.79 -6.99 3.20
N TYR A 10 -11.60 -6.56 4.15
CA TYR A 10 -11.10 -5.85 5.33
C TYR A 10 -10.15 -6.73 6.13
N ARG A 11 -10.57 -7.98 6.39
CA ARG A 11 -9.76 -8.92 7.16
C ARG A 11 -8.48 -9.27 6.40
N GLN A 12 -8.61 -9.45 5.08
CA GLN A 12 -7.47 -9.77 4.24
C GLN A 12 -6.44 -8.64 4.25
N SER A 13 -6.89 -7.42 3.96
CA SER A 13 -6.01 -6.25 3.93
C SER A 13 -5.28 -6.05 5.26
N LEU A 14 -5.97 -6.24 6.37
CA LEU A 14 -5.37 -6.11 7.69
C LEU A 14 -4.17 -7.05 7.86
N GLU A 15 -4.39 -8.33 7.55
CA GLU A 15 -3.35 -9.35 7.67
C GLU A 15 -2.26 -9.20 6.60
N ILE A 16 -2.67 -9.02 5.35
CA ILE A 16 -1.71 -8.89 4.23
C ILE A 16 -0.88 -7.61 4.31
N ILE A 17 -1.51 -6.47 4.59
CA ILE A 17 -0.79 -5.20 4.68
C ILE A 17 0.14 -5.18 5.90
N SER A 18 -0.34 -5.71 7.04
CA SER A 18 0.51 -5.75 8.25
C SER A 18 1.70 -6.68 8.03
N ARG A 19 1.47 -7.83 7.38
CA ARG A 19 2.54 -8.77 7.09
C ARG A 19 3.62 -8.09 6.25
N TYR A 20 3.18 -7.39 5.19
CA TYR A 20 4.10 -6.67 4.31
C TYR A 20 4.83 -5.56 5.07
N LEU A 21 4.07 -4.75 5.82
CA LEU A 21 4.63 -3.65 6.60
C LEU A 21 5.75 -4.14 7.54
N ARG A 22 5.51 -5.24 8.23
CA ARG A 22 6.49 -5.82 9.15
C ARG A 22 7.75 -6.30 8.40
N GLU A 23 7.55 -6.92 7.24
CA GLU A 23 8.68 -7.41 6.44
C GLU A 23 9.44 -6.26 5.79
N GLN A 24 8.76 -5.15 5.52
CA GLN A 24 9.40 -3.98 4.93
C GLN A 24 10.12 -3.14 5.99
N ALA A 25 9.53 -3.06 7.18
CA ALA A 25 10.12 -2.28 8.28
C ALA A 25 11.29 -3.01 8.94
N THR A 26 11.09 -4.27 9.32
CA THR A 26 12.16 -5.05 9.97
C THR A 26 13.20 -5.52 8.97
N GLY A 27 12.82 -5.63 7.70
CA GLY A 27 13.73 -6.10 6.67
C GLY A 27 13.65 -7.61 6.49
N SER A 28 12.90 -8.25 7.37
CA SER A 28 12.72 -9.71 7.34
C SER A 28 11.77 -10.13 6.23
N LYS A 29 12.32 -10.51 5.09
CA LYS A 29 11.52 -10.93 3.94
C LYS A 29 10.78 -12.25 4.19
N ASP A 30 11.19 -12.97 5.23
CA ASP A 30 10.55 -14.24 5.58
C ASP A 30 9.08 -14.04 5.93
N SER A 31 8.23 -14.15 4.92
CA SER A 31 6.80 -13.98 5.11
C SER A 31 6.11 -15.29 5.40
N LYS A 32 5.34 -15.31 6.48
CA LYS A 32 4.58 -16.51 6.87
C LYS A 32 3.40 -16.73 5.91
N PRO A 33 3.16 -18.00 5.54
CA PRO A 33 2.05 -18.37 4.62
C PRO A 33 0.73 -17.71 5.00
N LEU A 34 0.15 -16.98 4.05
CA LEU A 34 -1.11 -16.28 4.26
C LEU A 34 -2.34 -17.21 4.17
N GLY A 35 -2.17 -18.45 4.61
CA GLY A 35 -3.27 -19.42 4.58
C GLY A 35 -4.47 -18.97 5.41
N GLU A 36 -4.22 -18.06 6.35
CA GLU A 36 -5.28 -17.51 7.20
C GLU A 36 -5.92 -16.31 6.52
N ALA A 37 -5.08 -15.50 5.86
CA ALA A 37 -5.55 -14.32 5.14
C ALA A 37 -6.41 -14.70 3.92
N GLY A 38 -5.93 -15.66 3.13
CA GLY A 38 -6.69 -16.09 1.97
C GLY A 38 -5.85 -16.85 0.96
N ALA A 39 -6.53 -17.47 -0.02
CA ALA A 39 -5.83 -18.20 -1.07
C ALA A 39 -4.98 -17.26 -1.92
N ALA A 40 -5.56 -16.11 -2.27
CA ALA A 40 -4.86 -15.11 -3.07
C ALA A 40 -3.83 -14.30 -2.26
N GLY A 41 -3.90 -14.40 -0.94
CA GLY A 41 -3.00 -13.64 -0.07
C GLY A 41 -1.52 -13.83 -0.40
N ARG A 42 -1.11 -15.08 -0.52
CA ARG A 42 0.29 -15.39 -0.84
C ARG A 42 0.71 -14.78 -2.18
N ARG A 43 -0.05 -15.06 -3.23
CA ARG A 43 0.24 -14.53 -4.55
C ARG A 43 0.16 -12.99 -4.56
N ALA A 44 -0.74 -12.45 -3.73
CA ALA A 44 -0.90 -11.01 -3.63
C ALA A 44 0.32 -10.39 -2.95
N LEU A 45 0.76 -10.99 -1.85
CA LEU A 45 1.92 -10.48 -1.12
C LEU A 45 3.17 -10.52 -2.01
N GLU A 46 3.37 -11.62 -2.71
CA GLU A 46 4.51 -11.78 -3.62
C GLU A 46 4.53 -10.64 -4.64
N THR A 47 3.37 -10.44 -5.28
CA THR A 47 3.22 -9.39 -6.29
C THR A 47 3.44 -8.00 -5.68
N LEU A 48 2.78 -7.74 -4.54
CA LEU A 48 2.90 -6.46 -3.86
C LEU A 48 4.36 -6.18 -3.46
N ARG A 49 5.06 -7.22 -3.02
CA ARG A 49 6.46 -7.10 -2.61
C ARG A 49 7.34 -6.66 -3.78
N ARG A 50 7.19 -7.33 -4.92
CA ARG A 50 7.98 -7.00 -6.11
C ARG A 50 7.75 -5.57 -6.57
N VAL A 51 6.48 -5.15 -6.59
CA VAL A 51 6.14 -3.80 -7.02
C VAL A 51 6.57 -2.76 -5.97
N GLY A 52 6.26 -3.00 -4.70
CA GLY A 52 6.63 -2.05 -3.66
C GLY A 52 8.13 -1.84 -3.57
N ASP A 53 8.88 -2.93 -3.40
CA ASP A 53 10.33 -2.86 -3.31
C ASP A 53 10.93 -2.32 -4.62
N GLY A 54 10.31 -2.69 -5.73
CA GLY A 54 10.76 -2.23 -7.03
C GLY A 54 10.64 -0.73 -7.22
N VAL A 55 9.46 -0.18 -6.92
CA VAL A 55 9.24 1.26 -7.06
C VAL A 55 10.09 2.05 -6.04
N GLN A 56 10.25 1.50 -4.84
CA GLN A 56 11.05 2.14 -3.81
C GLN A 56 12.51 2.29 -4.25
N ARG A 57 13.01 1.30 -5.01
CA ARG A 57 14.38 1.35 -5.52
C ARG A 57 14.45 2.20 -6.80
N ASN A 58 13.39 2.15 -7.61
CA ASN A 58 13.34 2.91 -8.87
C ASN A 58 13.27 4.42 -8.61
N HIS A 59 12.35 4.86 -7.76
CA HIS A 59 12.20 6.27 -7.44
C HIS A 59 12.60 6.56 -5.99
N GLU A 60 13.75 6.03 -5.57
CA GLU A 60 14.25 6.21 -4.21
C GLU A 60 14.48 7.69 -3.86
N THR A 61 14.96 8.46 -4.85
CA THR A 61 15.21 9.88 -4.64
C THR A 61 13.93 10.62 -4.24
N ALA A 62 12.86 10.36 -4.99
CA ALA A 62 11.56 10.97 -4.72
C ALA A 62 10.98 10.46 -3.40
N PHE A 63 11.05 9.15 -3.20
CA PHE A 63 10.53 8.52 -1.97
C PHE A 63 11.29 9.03 -0.74
N GLN A 64 12.62 9.14 -0.85
CA GLN A 64 13.45 9.63 0.26
C GLN A 64 13.07 11.07 0.61
N GLY A 65 12.93 11.92 -0.40
CA GLY A 65 12.56 13.30 -0.17
C GLY A 65 11.24 13.43 0.56
N MET A 66 10.25 12.64 0.12
CA MET A 66 8.93 12.66 0.75
C MET A 66 8.97 12.03 2.15
N LEU A 67 9.73 10.94 2.29
CA LEU A 67 9.87 10.24 3.57
C LEU A 67 10.46 11.14 4.65
N ARG A 68 11.47 11.94 4.28
CA ARG A 68 12.11 12.86 5.22
C ARG A 68 11.16 13.98 5.65
N LYS A 69 10.17 14.27 4.80
CA LYS A 69 9.18 15.30 5.09
C LYS A 69 8.07 14.76 6.01
N LEU A 70 7.49 13.63 5.59
CA LEU A 70 6.42 13.00 6.36
C LEU A 70 6.96 12.10 7.48
N ASP A 71 7.72 12.70 8.40
CA ASP A 71 8.27 11.94 9.52
C ASP A 71 7.24 11.85 10.64
N ILE A 72 7.00 10.63 11.10
CA ILE A 72 6.01 10.40 12.16
C ILE A 72 6.62 10.52 13.56
N LYS A 73 6.07 11.44 14.35
CA LYS A 73 6.54 11.67 15.72
C LYS A 73 5.38 11.80 16.71
N ASN A 74 4.18 12.03 16.21
CA ASN A 74 3.00 12.18 17.06
C ASN A 74 1.83 11.33 16.53
N GLU A 75 0.87 11.04 17.42
CA GLU A 75 -0.32 10.26 17.06
C GLU A 75 -1.19 11.00 16.04
N GLY A 76 -0.98 12.32 15.94
CA GLY A 76 -1.72 13.14 15.00
C GLY A 76 -1.21 13.03 13.56
N ASP A 77 0.01 12.52 13.40
CA ASP A 77 0.63 12.40 12.06
C ASP A 77 -0.16 11.50 11.10
N VAL A 78 -0.91 10.53 11.64
CA VAL A 78 -1.70 9.63 10.80
C VAL A 78 -2.86 10.37 10.12
N LYS A 79 -3.33 11.47 10.73
CA LYS A 79 -4.41 12.26 10.16
C LYS A 79 -3.93 12.97 8.90
N SER A 80 -2.77 13.61 8.99
CA SER A 80 -2.19 14.30 7.84
C SER A 80 -1.76 13.27 6.81
N PHE A 81 -1.26 12.14 7.29
CA PHE A 81 -0.86 11.03 6.43
C PHE A 81 -2.07 10.53 5.64
N SER A 82 -3.23 10.52 6.29
CA SER A 82 -4.48 10.11 5.64
C SER A 82 -4.81 11.07 4.50
N ARG A 83 -4.61 12.37 4.75
CA ARG A 83 -4.86 13.39 3.72
C ARG A 83 -4.03 13.09 2.48
N VAL A 84 -2.79 12.64 2.69
CA VAL A 84 -1.90 12.28 1.59
C VAL A 84 -2.50 11.10 0.78
N MET A 85 -2.84 10.04 1.49
CA MET A 85 -3.44 8.85 0.87
C MET A 85 -4.70 9.22 0.08
N VAL A 86 -5.59 9.99 0.71
CA VAL A 86 -6.82 10.43 0.07
C VAL A 86 -6.53 11.32 -1.14
N HIS A 87 -5.52 12.20 -1.01
CA HIS A 87 -5.12 13.09 -2.10
C HIS A 87 -4.83 12.33 -3.39
N VAL A 88 -4.21 11.16 -3.27
CA VAL A 88 -3.91 10.32 -4.44
C VAL A 88 -5.21 9.94 -5.19
N PHE A 89 -6.28 9.72 -4.44
CA PHE A 89 -7.59 9.34 -5.01
C PHE A 89 -8.46 10.57 -5.38
N LYS A 90 -7.86 11.76 -5.32
CA LYS A 90 -8.56 13.03 -5.59
C LYS A 90 -9.47 13.03 -6.85
N ASP A 91 -9.15 12.23 -7.86
CA ASP A 91 -9.97 12.20 -9.08
C ASP A 91 -11.19 11.29 -8.94
N GLY A 92 -11.31 10.62 -7.80
CA GLY A 92 -12.43 9.72 -7.57
C GLY A 92 -12.20 8.31 -8.11
N VAL A 93 -11.44 8.20 -9.19
CA VAL A 93 -11.13 6.92 -9.79
C VAL A 93 -10.06 6.17 -9.00
N THR A 94 -9.93 4.87 -9.24
CA THR A 94 -8.94 4.06 -8.53
C THR A 94 -8.12 3.22 -9.50
N ASN A 95 -6.81 3.42 -9.46
CA ASN A 95 -5.88 2.65 -10.31
C ASN A 95 -5.09 1.65 -9.45
N TRP A 96 -4.87 0.45 -9.98
CA TRP A 96 -4.12 -0.58 -9.26
C TRP A 96 -2.72 -0.09 -8.88
N GLY A 97 -2.13 0.72 -9.75
CA GLY A 97 -0.82 1.29 -9.48
C GLY A 97 -0.84 2.28 -8.31
N ARG A 98 -1.99 2.93 -8.14
CA ARG A 98 -2.15 3.89 -7.05
C ARG A 98 -2.28 3.18 -5.71
N ILE A 99 -2.88 1.98 -5.75
CA ILE A 99 -3.06 1.18 -4.55
C ILE A 99 -1.73 0.63 -4.05
N VAL A 100 -0.96 0.01 -4.94
CA VAL A 100 0.35 -0.54 -4.58
C VAL A 100 1.31 0.56 -4.14
N THR A 101 1.22 1.73 -4.76
CA THR A 101 2.09 2.87 -4.41
C THR A 101 1.79 3.34 -2.98
N LEU A 102 0.51 3.41 -2.63
CA LEU A 102 0.10 3.81 -1.29
C LEU A 102 0.70 2.87 -0.24
N ILE A 103 0.60 1.57 -0.50
CA ILE A 103 1.17 0.57 0.41
C ILE A 103 2.70 0.64 0.38
N SER A 104 3.26 0.86 -0.81
CA SER A 104 4.71 0.99 -0.97
C SER A 104 5.25 2.14 -0.13
N PHE A 105 4.60 3.31 -0.24
CA PHE A 105 5.01 4.46 0.54
C PHE A 105 4.76 4.21 2.03
N GLY A 106 3.59 3.68 2.35
CA GLY A 106 3.27 3.36 3.73
C GLY A 106 4.27 2.41 4.35
N ALA A 107 4.70 1.42 3.56
CA ALA A 107 5.70 0.46 4.02
C ALA A 107 7.06 1.12 4.18
N PHE A 108 7.37 2.06 3.27
CA PHE A 108 8.62 2.80 3.32
C PHE A 108 8.66 3.67 4.58
N VAL A 109 7.52 4.25 4.95
CA VAL A 109 7.41 5.06 6.16
C VAL A 109 7.75 4.20 7.37
N ALA A 110 7.16 3.00 7.43
CA ALA A 110 7.43 2.07 8.52
C ALA A 110 8.91 1.70 8.54
N LYS A 111 9.48 1.56 7.35
CA LYS A 111 10.91 1.26 7.20
C LYS A 111 11.74 2.41 7.78
N HIS A 112 11.32 3.64 7.50
CA HIS A 112 12.01 4.82 8.04
C HIS A 112 11.87 4.84 9.56
N LEU A 113 10.64 4.62 10.04
CA LEU A 113 10.38 4.60 11.47
C LEU A 113 11.21 3.52 12.17
N LYS A 114 11.22 2.31 11.62
CA LYS A 114 12.00 1.22 12.21
C LYS A 114 13.51 1.47 12.12
N SER A 115 13.94 2.19 11.08
CA SER A 115 15.37 2.51 10.92
C SER A 115 15.88 3.32 12.11
N VAL A 116 14.97 4.07 12.73
CA VAL A 116 15.30 4.89 13.90
C VAL A 116 14.69 4.26 15.17
N ASN A 117 14.25 3.01 15.03
CA ASN A 117 13.64 2.26 16.15
C ASN A 117 12.38 2.94 16.71
N GLN A 118 11.43 3.23 15.83
CA GLN A 118 10.18 3.86 16.23
C GLN A 118 8.97 3.00 15.85
N GLU A 119 9.02 1.70 16.15
CA GLU A 119 7.91 0.79 15.81
C GLU A 119 6.61 1.18 16.52
N SER A 120 6.72 1.94 17.61
CA SER A 120 5.54 2.40 18.36
C SER A 120 4.61 3.22 17.47
N PHE A 121 5.17 3.82 16.42
CA PHE A 121 4.39 4.60 15.47
C PHE A 121 3.98 3.73 14.28
N ILE A 122 4.76 2.66 14.07
CA ILE A 122 4.50 1.70 12.99
C ILE A 122 3.16 0.99 13.19
N GLU A 123 2.86 0.63 14.44
CA GLU A 123 1.60 -0.06 14.77
C GLU A 123 0.39 0.75 14.27
N PRO A 124 0.21 2.03 14.71
CA PRO A 124 -0.90 2.86 14.25
C PRO A 124 -0.78 3.19 12.77
N LEU A 125 0.45 3.38 12.29
CA LEU A 125 0.69 3.70 10.88
C LEU A 125 0.11 2.62 9.96
N ALA A 126 0.52 1.37 10.17
CA ALA A 126 0.04 0.24 9.37
C ALA A 126 -1.48 0.08 9.51
N GLU A 127 -1.97 0.18 10.75
CA GLU A 127 -3.40 0.04 11.03
C GLU A 127 -4.21 1.14 10.31
N THR A 128 -3.77 2.39 10.46
CA THR A 128 -4.45 3.51 9.82
C THR A 128 -4.40 3.39 8.30
N ILE A 129 -3.22 3.10 7.76
CA ILE A 129 -3.04 2.94 6.31
C ILE A 129 -3.94 1.86 5.73
N THR A 130 -3.91 0.66 6.31
CA THR A 130 -4.72 -0.46 5.81
C THR A 130 -6.22 -0.16 5.89
N ASP A 131 -6.65 0.45 7.00
CA ASP A 131 -8.05 0.79 7.18
C ASP A 131 -8.47 1.91 6.22
N VAL A 132 -7.70 2.99 6.17
CA VAL A 132 -8.00 4.12 5.28
C VAL A 132 -7.96 3.69 3.81
N LEU A 133 -7.01 2.84 3.44
CA LEU A 133 -6.90 2.36 2.07
C LEU A 133 -8.14 1.57 1.66
N VAL A 134 -8.67 0.76 2.57
CA VAL A 134 -9.86 -0.02 2.28
C VAL A 134 -11.14 0.83 2.35
N ARG A 135 -11.27 1.64 3.40
CA ARG A 135 -12.47 2.47 3.59
C ARG A 135 -12.62 3.58 2.55
N THR A 136 -11.53 4.02 1.91
CA THR A 136 -11.62 5.08 0.89
C THR A 136 -12.32 4.61 -0.37
N LYS A 137 -12.23 3.31 -0.66
CA LYS A 137 -12.86 2.73 -1.85
C LYS A 137 -13.34 1.29 -1.58
N ARG A 138 -14.24 1.13 -0.62
CA ARG A 138 -14.77 -0.19 -0.27
C ARG A 138 -15.54 -0.82 -1.44
N ASP A 139 -16.27 0.00 -2.18
CA ASP A 139 -17.05 -0.47 -3.32
C ASP A 139 -16.13 -1.04 -4.40
N TRP A 140 -15.08 -0.29 -4.72
CA TRP A 140 -14.11 -0.70 -5.73
C TRP A 140 -13.41 -2.00 -5.32
N LEU A 141 -13.00 -2.08 -4.06
CA LEU A 141 -12.31 -3.26 -3.54
C LEU A 141 -13.23 -4.49 -3.53
N VAL A 142 -14.42 -4.35 -2.92
CA VAL A 142 -15.38 -5.45 -2.84
C VAL A 142 -15.79 -5.97 -4.23
N LYS A 143 -16.04 -5.05 -5.16
CA LYS A 143 -16.46 -5.42 -6.52
C LYS A 143 -15.36 -6.16 -7.29
N GLN A 144 -14.12 -5.71 -7.16
CA GLN A 144 -13.00 -6.36 -7.87
C GLN A 144 -12.34 -7.46 -7.05
N ARG A 145 -12.98 -7.91 -5.97
CA ARG A 145 -12.45 -8.97 -5.11
C ARG A 145 -11.09 -8.60 -4.50
N GLY A 146 -10.81 -7.29 -4.46
CA GLY A 146 -9.58 -6.76 -3.90
C GLY A 146 -8.30 -7.47 -4.35
N TRP A 147 -7.76 -8.30 -3.47
CA TRP A 147 -6.52 -9.03 -3.75
C TRP A 147 -6.63 -9.95 -4.96
N ASP A 148 -7.77 -10.60 -5.15
CA ASP A 148 -7.94 -11.49 -6.30
C ASP A 148 -7.85 -10.69 -7.62
N GLY A 149 -8.55 -9.55 -7.66
CA GLY A 149 -8.51 -8.70 -8.84
C GLY A 149 -7.13 -8.08 -9.03
N PHE A 150 -6.45 -7.85 -7.91
CA PHE A 150 -5.09 -7.30 -7.91
C PHE A 150 -4.13 -8.29 -8.54
N VAL A 151 -4.23 -9.55 -8.11
CA VAL A 151 -3.38 -10.62 -8.63
C VAL A 151 -3.66 -10.88 -10.12
N GLU A 152 -4.94 -10.92 -10.49
CA GLU A 152 -5.32 -11.15 -11.89
C GLU A 152 -4.71 -10.11 -12.83
N PHE A 153 -4.76 -8.85 -12.44
CA PHE A 153 -4.20 -7.77 -13.27
C PHE A 153 -2.67 -7.76 -13.24
N PHE A 154 -2.09 -7.81 -12.04
CA PHE A 154 -0.63 -7.76 -11.90
C PHE A 154 0.06 -9.07 -12.32
N HIS A 155 -0.62 -10.20 -12.17
CA HIS A 155 -0.05 -11.50 -12.56
C HIS A 155 -0.94 -12.19 -13.59
N VAL A 156 -1.27 -11.47 -14.67
CA VAL A 156 -2.13 -12.01 -15.73
C VAL A 156 -1.40 -13.11 -16.52
N GLN A 157 -0.09 -12.99 -16.64
CA GLN A 157 0.72 -13.97 -17.36
C GLN A 157 1.54 -14.78 -16.35
N ASP A 158 1.31 -16.09 -16.30
CA ASP A 158 2.01 -16.96 -15.36
C ASP A 158 3.47 -17.20 -15.77
N LEU A 159 4.32 -16.21 -15.51
CA LEU A 159 5.74 -16.31 -15.82
C LEU A 159 6.55 -16.62 -14.56
N GLU A 160 6.14 -16.03 -13.44
CA GLU A 160 6.82 -16.26 -12.16
C GLU A 160 5.81 -16.61 -11.06
N GLY A 161 6.30 -17.24 -9.98
CA GLY A 161 5.44 -17.62 -8.89
C GLY A 161 6.14 -17.62 -7.54
N GLY A 162 5.39 -17.82 -6.48
CA GLY A 162 5.96 -17.84 -5.14
C GLY A 162 5.17 -18.68 -4.15
N GLU B 1 -1.91 26.84 2.06
CA GLU B 1 -2.80 25.64 2.13
C GLU B 1 -1.97 24.36 2.31
N GLU B 2 -2.52 23.22 1.87
CA GLU B 2 -1.83 21.94 1.98
C GLU B 2 -0.75 21.80 0.88
N GLU B 3 0.17 22.76 0.82
CA GLU B 3 1.23 22.77 -0.20
C GLU B 3 2.09 21.51 -0.18
N TRP B 4 2.70 21.22 0.97
CA TRP B 4 3.55 20.03 1.10
C TRP B 4 2.76 18.74 0.81
N ALA B 5 1.55 18.66 1.35
CA ALA B 5 0.69 17.49 1.13
C ALA B 5 0.34 17.34 -0.35
N ARG B 6 0.03 18.45 -0.99
CA ARG B 6 -0.31 18.45 -2.42
C ARG B 6 0.88 17.92 -3.24
N GLU B 7 2.08 18.39 -2.89
CA GLU B 7 3.31 17.96 -3.55
C GLU B 7 3.47 16.44 -3.43
N ILE B 8 3.37 15.94 -2.21
CA ILE B 8 3.50 14.51 -1.94
C ILE B 8 2.42 13.72 -2.68
N GLY B 9 1.16 14.13 -2.49
CA GLY B 9 0.05 13.46 -3.16
C GLY B 9 0.21 13.43 -4.67
N ALA B 10 0.53 14.57 -5.26
CA ALA B 10 0.74 14.66 -6.70
C ALA B 10 1.92 13.79 -7.15
N GLN B 11 3.02 13.86 -6.40
CA GLN B 11 4.22 13.08 -6.72
C GLN B 11 3.90 11.58 -6.70
N LEU B 12 3.28 11.11 -5.61
CA LEU B 12 2.90 9.71 -5.49
C LEU B 12 1.92 9.34 -6.61
N ARG B 13 1.03 10.27 -6.95
CA ARG B 13 0.07 10.06 -8.02
C ARG B 13 0.78 9.85 -9.35
N ARG B 14 1.78 10.70 -9.64
CA ARG B 14 2.54 10.59 -10.88
C ARG B 14 3.17 9.21 -11.04
N ILE B 15 3.90 8.76 -10.00
CA ILE B 15 4.53 7.45 -10.03
C ILE B 15 3.49 6.33 -10.19
N ALA B 16 2.35 6.48 -9.51
CA ALA B 16 1.28 5.50 -9.57
C ALA B 16 0.59 5.46 -10.95
N ASP B 17 0.25 6.64 -11.47
CA ASP B 17 -0.40 6.76 -12.77
C ASP B 17 0.48 6.18 -13.86
N ASP B 18 1.74 6.64 -13.91
CA ASP B 18 2.69 6.15 -14.90
C ASP B 18 2.90 4.63 -14.76
N LEU B 19 2.93 4.17 -13.51
CA LEU B 19 3.10 2.74 -13.22
C LEU B 19 1.92 1.91 -13.75
N ASN B 20 0.70 2.31 -13.38
CA ASN B 20 -0.51 1.59 -13.83
C ASN B 20 -0.72 1.72 -15.34
N ALA B 21 -0.47 2.91 -15.88
CA ALA B 21 -0.62 3.14 -17.32
C ALA B 21 0.30 2.22 -18.12
N GLN B 22 1.59 2.24 -17.80
CA GLN B 22 2.57 1.40 -18.48
C GLN B 22 2.32 -0.08 -18.20
N TYR B 23 1.80 -0.37 -17.00
CA TYR B 23 1.50 -1.74 -16.61
C TYR B 23 0.40 -2.32 -17.51
N GLU B 24 -0.50 -1.45 -17.95
CA GLU B 24 -1.59 -1.84 -18.83
C GLU B 24 -1.17 -1.77 -20.30
N ARG B 25 -0.39 -0.74 -20.65
CA ARG B 25 0.08 -0.54 -22.03
C ARG B 25 1.23 -1.48 -22.42
N ARG B 26 1.36 -2.61 -21.73
CA ARG B 26 2.41 -3.57 -22.05
C ARG B 26 1.83 -4.96 -22.36
N MET B 27 2.59 -5.76 -23.10
CA MET B 27 2.16 -7.12 -23.45
C MET B 27 2.91 -8.16 -22.62
N GLY A 1 -26.29 -10.59 8.12
CA GLY A 1 -26.30 -11.64 7.05
C GLY A 1 -24.91 -12.16 6.72
N PRO A 2 -24.76 -12.90 5.60
CA PRO A 2 -23.46 -13.43 5.20
C PRO A 2 -22.58 -12.41 4.47
N LEU A 3 -22.51 -12.48 3.14
CA LEU A 3 -21.70 -11.56 2.34
C LEU A 3 -22.19 -10.11 2.44
N GLY A 4 -23.41 -9.93 2.96
CA GLY A 4 -23.95 -8.59 3.09
C GLY A 4 -23.61 -7.96 4.44
N SER A 5 -22.92 -8.69 5.30
CA SER A 5 -22.54 -8.17 6.63
C SER A 5 -21.09 -8.50 6.99
N GLU A 6 -20.58 -9.62 6.46
CA GLU A 6 -19.21 -10.04 6.75
C GLU A 6 -18.23 -9.47 5.74
N ASP A 7 -17.16 -8.83 6.24
CA ASP A 7 -16.15 -8.25 5.37
C ASP A 7 -14.86 -9.09 5.40
N ASP A 8 -14.79 -10.08 4.52
CA ASP A 8 -13.61 -10.94 4.43
C ASP A 8 -12.39 -10.18 3.91
N LEU A 9 -12.65 -9.09 3.18
CA LEU A 9 -11.57 -8.28 2.63
C LEU A 9 -10.87 -7.52 3.75
N TYR A 10 -11.66 -7.00 4.69
CA TYR A 10 -11.11 -6.25 5.83
C TYR A 10 -10.10 -7.10 6.61
N ARG A 11 -10.41 -8.38 6.78
CA ARG A 11 -9.52 -9.30 7.49
C ARG A 11 -8.25 -9.58 6.69
N GLN A 12 -8.41 -9.86 5.40
CA GLN A 12 -7.27 -10.14 4.54
C GLN A 12 -6.38 -8.90 4.37
N SER A 13 -7.00 -7.76 4.10
CA SER A 13 -6.25 -6.52 3.93
C SER A 13 -5.49 -6.15 5.20
N LEU A 14 -6.16 -6.23 6.35
CA LEU A 14 -5.52 -5.92 7.63
C LEU A 14 -4.31 -6.81 7.88
N GLU A 15 -4.48 -8.13 7.72
CA GLU A 15 -3.39 -9.07 7.96
C GLU A 15 -2.27 -8.93 6.91
N ILE A 16 -2.64 -8.91 5.63
CA ILE A 16 -1.65 -8.80 4.54
C ILE A 16 -0.86 -7.48 4.60
N ILE A 17 -1.55 -6.35 4.72
CA ILE A 17 -0.87 -5.05 4.77
C ILE A 17 0.01 -4.92 6.03
N SER A 18 -0.53 -5.32 7.18
CA SER A 18 0.23 -5.27 8.44
C SER A 18 1.48 -6.14 8.33
N ARG A 19 1.31 -7.35 7.77
CA ARG A 19 2.43 -8.28 7.58
C ARG A 19 3.48 -7.64 6.66
N TYR A 20 3.02 -7.06 5.56
CA TYR A 20 3.90 -6.40 4.59
C TYR A 20 4.65 -5.22 5.23
N LEU A 21 3.91 -4.35 5.91
CA LEU A 21 4.50 -3.19 6.59
C LEU A 21 5.58 -3.64 7.57
N ARG A 22 5.29 -4.71 8.32
CA ARG A 22 6.23 -5.26 9.29
C ARG A 22 7.47 -5.82 8.59
N GLU A 23 7.27 -6.45 7.43
CA GLU A 23 8.37 -7.03 6.66
C GLU A 23 9.30 -5.92 6.13
N GLN A 24 8.70 -4.81 5.72
CA GLN A 24 9.46 -3.69 5.19
C GLN A 24 10.15 -2.92 6.31
N ALA A 25 9.49 -2.79 7.45
CA ALA A 25 10.04 -2.07 8.59
C ALA A 25 11.14 -2.87 9.30
N THR A 26 10.83 -4.08 9.75
CA THR A 26 11.80 -4.92 10.47
C THR A 26 12.93 -5.39 9.56
N GLY A 27 12.63 -5.56 8.28
CA GLY A 27 13.64 -6.03 7.35
C GLY A 27 13.42 -7.47 6.93
N SER A 28 12.62 -8.19 7.72
CA SER A 28 12.32 -9.60 7.41
C SER A 28 11.31 -9.71 6.26
N LYS A 29 11.84 -9.90 5.06
CA LYS A 29 11.00 -10.01 3.85
C LYS A 29 10.24 -11.34 3.78
N ASP A 30 10.67 -12.29 4.59
CA ASP A 30 10.05 -13.61 4.65
C ASP A 30 8.53 -13.53 4.82
N SER A 31 7.80 -14.35 4.06
CA SER A 31 6.34 -14.34 4.12
C SER A 31 5.83 -15.36 5.14
N LYS A 32 5.39 -14.87 6.30
CA LYS A 32 4.86 -15.74 7.35
C LYS A 32 3.52 -16.33 6.91
N PRO A 33 3.37 -17.67 7.05
CA PRO A 33 2.18 -18.44 6.66
C PRO A 33 0.87 -17.66 6.61
N LEU A 34 0.47 -17.26 5.41
CA LEU A 34 -0.77 -16.52 5.21
C LEU A 34 -1.97 -17.45 5.01
N GLY A 35 -1.91 -18.62 5.66
CA GLY A 35 -3.00 -19.59 5.56
C GLY A 35 -4.25 -19.16 6.30
N GLU A 36 -4.11 -18.14 7.15
CA GLU A 36 -5.24 -17.61 7.92
C GLU A 36 -6.10 -16.73 7.02
N ALA A 37 -5.44 -15.80 6.34
CA ALA A 37 -6.12 -14.89 5.41
C ALA A 37 -6.74 -15.65 4.23
N GLY A 38 -5.90 -16.37 3.50
CA GLY A 38 -6.39 -17.13 2.36
C GLY A 38 -5.30 -17.52 1.39
N ALA A 39 -5.59 -18.47 0.50
CA ALA A 39 -4.62 -18.92 -0.50
C ALA A 39 -4.18 -17.77 -1.41
N ALA A 40 -5.12 -16.86 -1.71
CA ALA A 40 -4.83 -15.70 -2.56
C ALA A 40 -4.03 -14.62 -1.82
N GLY A 41 -3.89 -14.80 -0.50
CA GLY A 41 -3.17 -13.83 0.32
C GLY A 41 -1.71 -13.71 -0.03
N ARG A 42 -1.00 -14.84 -0.08
CA ARG A 42 0.43 -14.83 -0.41
C ARG A 42 0.68 -14.30 -1.82
N ARG A 43 -0.25 -14.59 -2.74
CA ARG A 43 -0.16 -14.12 -4.12
C ARG A 43 -0.16 -12.59 -4.13
N ALA A 44 -1.03 -12.01 -3.32
CA ALA A 44 -1.14 -10.58 -3.20
C ALA A 44 0.11 -9.99 -2.53
N LEU A 45 0.56 -10.66 -1.47
CA LEU A 45 1.75 -10.21 -0.74
C LEU A 45 3.00 -10.21 -1.64
N GLU A 46 3.20 -11.30 -2.39
CA GLU A 46 4.35 -11.42 -3.28
C GLU A 46 4.31 -10.34 -4.36
N THR A 47 3.13 -10.13 -4.93
CA THR A 47 2.94 -9.12 -5.97
C THR A 47 3.16 -7.72 -5.39
N LEU A 48 2.51 -7.45 -4.26
CA LEU A 48 2.64 -6.16 -3.58
C LEU A 48 4.11 -5.87 -3.25
N ARG A 49 4.83 -6.91 -2.81
CA ARG A 49 6.24 -6.80 -2.47
C ARG A 49 7.07 -6.45 -3.72
N ARG A 50 6.88 -7.24 -4.79
CA ARG A 50 7.61 -7.03 -6.04
C ARG A 50 7.39 -5.63 -6.60
N VAL A 51 6.13 -5.22 -6.70
CA VAL A 51 5.80 -3.89 -7.22
C VAL A 51 6.29 -2.79 -6.27
N GLY A 52 5.94 -2.91 -5.00
CA GLY A 52 6.35 -1.93 -4.00
C GLY A 52 7.86 -1.72 -3.98
N ASP A 53 8.62 -2.80 -3.90
CA ASP A 53 10.07 -2.72 -3.89
C ASP A 53 10.60 -2.25 -5.25
N GLY A 54 9.97 -2.73 -6.32
CA GLY A 54 10.36 -2.34 -7.66
C GLY A 54 10.27 -0.84 -7.88
N VAL A 55 9.14 -0.25 -7.51
CA VAL A 55 8.96 1.20 -7.67
C VAL A 55 9.95 1.96 -6.77
N GLN A 56 10.18 1.43 -5.57
CA GLN A 56 11.13 2.04 -4.63
C GLN A 56 12.54 2.03 -5.23
N ARG A 57 12.86 0.95 -5.94
CA ARG A 57 14.17 0.83 -6.59
C ARG A 57 14.31 1.84 -7.73
N ASN A 58 13.20 2.09 -8.43
CA ASN A 58 13.18 3.02 -9.55
C ASN A 58 13.12 4.48 -9.10
N HIS A 59 12.20 4.82 -8.20
CA HIS A 59 12.07 6.20 -7.75
C HIS A 59 12.48 6.36 -6.27
N GLU A 60 13.65 5.81 -5.94
CA GLU A 60 14.20 5.87 -4.59
C GLU A 60 14.41 7.32 -4.12
N THR A 61 14.94 8.16 -5.00
CA THR A 61 15.18 9.57 -4.68
C THR A 61 13.87 10.30 -4.36
N ALA A 62 12.85 10.07 -5.19
CA ALA A 62 11.55 10.69 -4.99
C ALA A 62 10.91 10.19 -3.69
N PHE A 63 10.96 8.87 -3.49
CA PHE A 63 10.40 8.25 -2.30
C PHE A 63 11.06 8.79 -1.03
N GLN A 64 12.40 8.87 -1.02
CA GLN A 64 13.12 9.40 0.12
C GLN A 64 12.80 10.90 0.32
N GLY A 65 12.62 11.61 -0.80
CA GLY A 65 12.27 13.02 -0.72
C GLY A 65 10.91 13.19 -0.08
N MET A 66 9.99 12.31 -0.45
CA MET A 66 8.65 12.32 0.13
C MET A 66 8.70 11.89 1.59
N LEU A 67 9.50 10.85 1.86
CA LEU A 67 9.68 10.31 3.21
C LEU A 67 10.27 11.37 4.15
N ARG A 68 11.23 12.14 3.66
CA ARG A 68 11.87 13.18 4.47
C ARG A 68 10.91 14.32 4.78
N LYS A 69 9.86 14.48 3.99
CA LYS A 69 8.89 15.54 4.23
C LYS A 69 7.68 15.02 5.03
N LEU A 70 7.83 13.82 5.59
CA LEU A 70 6.75 13.23 6.38
C LEU A 70 7.31 12.49 7.61
N ASP A 71 7.68 13.26 8.63
CA ASP A 71 8.21 12.67 9.85
C ASP A 71 7.07 12.25 10.79
N ILE A 72 7.08 10.99 11.20
CA ILE A 72 6.06 10.49 12.11
C ILE A 72 6.61 10.46 13.53
N LYS A 73 6.19 11.40 14.36
CA LYS A 73 6.68 11.48 15.73
C LYS A 73 5.55 11.30 16.75
N ASN A 74 4.38 11.86 16.46
CA ASN A 74 3.24 11.76 17.37
C ASN A 74 1.97 11.31 16.63
N GLU A 75 0.88 11.12 17.37
CA GLU A 75 -0.40 10.69 16.78
C GLU A 75 -0.92 11.72 15.76
N GLY A 76 -0.53 12.97 15.94
CA GLY A 76 -0.96 14.03 15.03
C GLY A 76 -0.45 13.83 13.61
N ASP A 77 0.62 13.04 13.46
CA ASP A 77 1.20 12.77 12.15
C ASP A 77 0.39 11.70 11.40
N VAL A 78 -0.37 10.90 12.14
CA VAL A 78 -1.20 9.85 11.54
C VAL A 78 -2.35 10.46 10.72
N LYS A 79 -2.95 11.52 11.25
CA LYS A 79 -4.03 12.22 10.57
C LYS A 79 -3.50 12.83 9.27
N SER A 80 -2.24 13.26 9.32
CA SER A 80 -1.56 13.83 8.15
C SER A 80 -1.45 12.77 7.06
N PHE A 81 -1.13 11.54 7.46
CA PHE A 81 -1.01 10.44 6.51
C PHE A 81 -2.34 10.23 5.79
N SER A 82 -3.45 10.27 6.53
CA SER A 82 -4.78 10.14 5.94
C SER A 82 -4.97 11.21 4.86
N ARG A 83 -4.54 12.43 5.15
CA ARG A 83 -4.63 13.54 4.19
C ARG A 83 -3.84 13.23 2.92
N VAL A 84 -2.72 12.52 3.07
CA VAL A 84 -1.89 12.14 1.93
C VAL A 84 -2.62 11.07 1.10
N MET A 85 -3.19 10.08 1.77
CA MET A 85 -3.93 9.01 1.11
C MET A 85 -5.13 9.56 0.35
N VAL A 86 -5.91 10.42 1.00
CA VAL A 86 -7.06 11.03 0.34
C VAL A 86 -6.63 11.92 -0.82
N HIS A 87 -5.43 12.52 -0.71
CA HIS A 87 -4.91 13.37 -1.77
C HIS A 87 -4.64 12.55 -3.05
N VAL A 88 -4.20 11.30 -2.89
CA VAL A 88 -3.94 10.43 -4.05
C VAL A 88 -5.26 9.99 -4.70
N PHE A 89 -6.26 9.67 -3.88
CA PHE A 89 -7.57 9.23 -4.39
C PHE A 89 -8.51 10.41 -4.65
N LYS A 90 -7.99 11.63 -4.48
CA LYS A 90 -8.76 12.87 -4.69
C LYS A 90 -9.30 12.98 -6.13
N ASP A 91 -8.76 12.18 -7.03
CA ASP A 91 -9.19 12.21 -8.43
C ASP A 91 -10.50 11.42 -8.64
N GLY A 92 -10.96 10.75 -7.57
CA GLY A 92 -12.19 9.98 -7.64
C GLY A 92 -12.00 8.62 -8.29
N VAL A 93 -11.08 8.53 -9.25
CA VAL A 93 -10.80 7.27 -9.94
C VAL A 93 -9.98 6.33 -9.04
N THR A 94 -10.07 5.04 -9.32
CA THR A 94 -9.33 4.05 -8.52
C THR A 94 -8.39 3.24 -9.40
N ASN A 95 -7.10 3.31 -9.09
CA ASN A 95 -6.08 2.60 -9.85
C ASN A 95 -5.24 1.70 -8.94
N TRP A 96 -4.82 0.55 -9.47
CA TRP A 96 -4.00 -0.40 -8.71
C TRP A 96 -2.59 0.17 -8.48
N GLY A 97 -2.05 0.83 -9.50
CA GLY A 97 -0.73 1.43 -9.39
C GLY A 97 -0.68 2.47 -8.28
N ARG A 98 -1.80 3.17 -8.09
CA ARG A 98 -1.90 4.18 -7.05
C ARG A 98 -2.04 3.53 -5.67
N ILE A 99 -2.71 2.38 -5.62
CA ILE A 99 -2.90 1.64 -4.38
C ILE A 99 -1.57 1.01 -3.92
N VAL A 100 -0.90 0.28 -4.83
CA VAL A 100 0.38 -0.35 -4.49
C VAL A 100 1.43 0.70 -4.11
N THR A 101 1.46 1.81 -4.84
CA THR A 101 2.41 2.89 -4.54
C THR A 101 2.09 3.49 -3.17
N LEU A 102 0.80 3.65 -2.87
CA LEU A 102 0.35 4.16 -1.58
C LEU A 102 0.85 3.26 -0.45
N ILE A 103 0.69 1.95 -0.62
CA ILE A 103 1.15 0.99 0.37
C ILE A 103 2.69 0.96 0.40
N SER A 104 3.30 1.05 -0.78
CA SER A 104 4.77 1.09 -0.91
C SER A 104 5.35 2.27 -0.14
N PHE A 105 4.70 3.42 -0.28
CA PHE A 105 5.13 4.61 0.43
C PHE A 105 4.94 4.39 1.93
N GLY A 106 3.81 3.77 2.28
CA GLY A 106 3.55 3.45 3.67
C GLY A 106 4.64 2.54 4.22
N ALA A 107 5.06 1.58 3.39
CA ALA A 107 6.13 0.66 3.74
C ALA A 107 7.44 1.41 3.96
N PHE A 108 7.69 2.41 3.11
CA PHE A 108 8.89 3.25 3.25
C PHE A 108 8.84 4.01 4.58
N VAL A 109 7.64 4.48 4.93
CA VAL A 109 7.43 5.20 6.18
C VAL A 109 7.65 4.26 7.37
N ALA A 110 7.21 3.01 7.23
CA ALA A 110 7.42 2.00 8.27
C ALA A 110 8.92 1.83 8.53
N LYS A 111 9.70 1.87 7.44
CA LYS A 111 11.16 1.77 7.53
C LYS A 111 11.71 2.98 8.27
N HIS A 112 11.19 4.17 7.93
CA HIS A 112 11.60 5.43 8.59
C HIS A 112 11.26 5.36 10.09
N LEU A 113 10.09 4.81 10.38
CA LEU A 113 9.63 4.66 11.75
C LEU A 113 10.48 3.63 12.52
N LYS A 114 10.83 2.53 11.84
CA LYS A 114 11.67 1.49 12.44
C LYS A 114 13.09 2.03 12.64
N SER A 115 13.55 2.84 11.70
CA SER A 115 14.89 3.44 11.76
C SER A 115 15.03 4.31 13.01
N VAL A 116 13.98 5.03 13.37
CA VAL A 116 14.00 5.88 14.58
C VAL A 116 13.51 5.10 15.80
N ASN A 117 13.31 3.78 15.62
CA ASN A 117 12.86 2.87 16.67
C ASN A 117 11.52 3.29 17.29
N GLN A 118 10.53 3.55 16.44
CA GLN A 118 9.21 3.93 16.91
C GLN A 118 8.16 2.94 16.41
N GLU A 119 8.41 1.65 16.64
CA GLU A 119 7.50 0.58 16.23
C GLU A 119 6.07 0.81 16.72
N SER A 120 5.93 1.37 17.93
CA SER A 120 4.61 1.66 18.52
C SER A 120 3.78 2.60 17.63
N PHE A 121 4.43 3.21 16.63
CA PHE A 121 3.73 4.09 15.70
C PHE A 121 3.53 3.39 14.35
N ILE A 122 4.33 2.36 14.09
CA ILE A 122 4.25 1.59 12.84
C ILE A 122 2.96 0.76 12.82
N GLU A 123 2.72 0.05 13.92
CA GLU A 123 1.52 -0.78 14.05
C GLU A 123 0.24 0.02 13.76
N PRO A 124 0.00 1.16 14.49
CA PRO A 124 -1.19 2.00 14.24
C PRO A 124 -1.16 2.63 12.83
N LEU A 125 0.05 2.93 12.33
CA LEU A 125 0.20 3.51 10.99
C LEU A 125 -0.31 2.52 9.94
N ALA A 126 0.22 1.29 9.99
CA ALA A 126 -0.18 0.23 9.07
C ALA A 126 -1.67 -0.06 9.18
N GLU A 127 -2.19 0.02 10.40
CA GLU A 127 -3.61 -0.21 10.65
C GLU A 127 -4.44 0.91 10.02
N THR A 128 -4.01 2.15 10.26
CA THR A 128 -4.69 3.33 9.71
C THR A 128 -4.66 3.31 8.18
N ILE A 129 -3.49 2.98 7.62
CA ILE A 129 -3.35 2.89 6.17
C ILE A 129 -4.37 1.90 5.61
N THR A 130 -4.38 0.69 6.18
CA THR A 130 -5.31 -0.36 5.75
C THR A 130 -6.76 0.11 5.84
N ASP A 131 -7.11 0.68 7.00
CA ASP A 131 -8.47 1.17 7.25
C ASP A 131 -8.90 2.21 6.20
N VAL A 132 -8.07 3.23 5.99
CA VAL A 132 -8.38 4.29 5.03
C VAL A 132 -8.30 3.78 3.57
N LEU A 133 -7.30 2.95 3.31
CA LEU A 133 -7.08 2.39 1.96
C LEU A 133 -8.26 1.52 1.51
N VAL A 134 -8.74 0.66 2.40
CA VAL A 134 -9.86 -0.20 2.07
C VAL A 134 -11.19 0.57 2.06
N ARG A 135 -11.40 1.44 3.03
CA ARG A 135 -12.65 2.21 3.13
C ARG A 135 -12.84 3.19 1.96
N THR A 136 -11.76 3.83 1.52
CA THR A 136 -11.84 4.80 0.41
C THR A 136 -12.52 4.22 -0.84
N LYS A 137 -12.20 2.98 -1.17
CA LYS A 137 -12.79 2.31 -2.34
C LYS A 137 -13.00 0.82 -2.09
N ARG A 138 -13.73 0.49 -1.03
CA ARG A 138 -13.99 -0.91 -0.68
C ARG A 138 -14.81 -1.62 -1.76
N ASP A 139 -15.83 -0.96 -2.27
CA ASP A 139 -16.68 -1.54 -3.30
C ASP A 139 -15.87 -1.85 -4.57
N TRP A 140 -14.93 -0.98 -4.88
CA TRP A 140 -14.09 -1.12 -6.07
C TRP A 140 -13.22 -2.37 -6.02
N LEU A 141 -12.50 -2.56 -4.91
CA LEU A 141 -11.63 -3.74 -4.78
C LEU A 141 -12.44 -5.04 -4.75
N VAL A 142 -13.63 -5.02 -4.14
CA VAL A 142 -14.48 -6.21 -4.07
C VAL A 142 -14.91 -6.66 -5.48
N LYS A 143 -15.23 -5.69 -6.33
CA LYS A 143 -15.66 -5.97 -7.71
C LYS A 143 -14.56 -6.69 -8.51
N GLN A 144 -13.30 -6.48 -8.13
CA GLN A 144 -12.17 -7.10 -8.82
C GLN A 144 -11.67 -8.34 -8.07
N ARG A 145 -12.57 -9.02 -7.34
CA ARG A 145 -12.23 -10.23 -6.58
C ARG A 145 -11.21 -9.95 -5.46
N GLY A 146 -11.09 -8.69 -5.05
CA GLY A 146 -10.17 -8.31 -4.00
C GLY A 146 -8.70 -8.51 -4.38
N TRP A 147 -7.97 -9.18 -3.51
CA TRP A 147 -6.55 -9.44 -3.72
C TRP A 147 -6.29 -10.30 -4.96
N ASP A 148 -7.22 -11.20 -5.29
CA ASP A 148 -7.07 -12.08 -6.46
C ASP A 148 -6.95 -11.27 -7.76
N GLY A 149 -7.90 -10.36 -7.99
CA GLY A 149 -7.86 -9.53 -9.19
C GLY A 149 -6.63 -8.63 -9.20
N PHE A 150 -6.26 -8.16 -8.00
CA PHE A 150 -5.08 -7.31 -7.84
C PHE A 150 -3.81 -8.00 -8.37
N VAL A 151 -3.65 -9.28 -8.00
CA VAL A 151 -2.51 -10.08 -8.43
C VAL A 151 -2.48 -10.26 -9.95
N GLU A 152 -3.63 -10.63 -10.52
CA GLU A 152 -3.75 -10.86 -11.96
C GLU A 152 -3.43 -9.61 -12.79
N PHE A 153 -3.84 -8.44 -12.30
CA PHE A 153 -3.60 -7.16 -13.01
C PHE A 153 -2.11 -6.94 -13.29
N PHE A 154 -1.25 -7.40 -12.40
CA PHE A 154 0.19 -7.24 -12.57
C PHE A 154 0.83 -8.48 -13.20
N HIS A 155 0.07 -9.55 -13.35
CA HIS A 155 0.59 -10.79 -13.94
C HIS A 155 -0.33 -11.31 -15.05
N VAL A 156 -0.76 -10.41 -15.93
CA VAL A 156 -1.64 -10.77 -17.04
C VAL A 156 -0.99 -11.80 -17.98
N GLN A 157 -1.27 -13.07 -17.74
CA GLN A 157 -0.73 -14.15 -18.54
C GLN A 157 -1.80 -15.19 -18.86
N ASP A 158 -1.40 -16.28 -19.50
CA ASP A 158 -2.32 -17.36 -19.84
C ASP A 158 -2.78 -18.11 -18.59
N LEU A 159 -3.60 -17.48 -17.78
CA LEU A 159 -4.11 -18.07 -16.55
C LEU A 159 -4.89 -19.36 -16.83
N GLU A 160 -5.46 -19.44 -18.02
CA GLU A 160 -6.23 -20.62 -18.43
C GLU A 160 -5.35 -21.61 -19.22
N GLY A 161 -4.06 -21.31 -19.30
CA GLY A 161 -3.14 -22.20 -20.03
C GLY A 161 -2.20 -22.95 -19.11
N GLY A 162 -2.36 -22.76 -17.81
CA GLY A 162 -1.51 -23.44 -16.84
C GLY A 162 -2.20 -23.67 -15.50
N GLU B 1 1.16 26.10 4.99
CA GLU B 1 0.47 25.49 3.84
C GLU B 1 0.85 24.02 3.69
N GLU B 2 0.01 23.25 2.98
CA GLU B 2 0.28 21.83 2.77
C GLU B 2 1.39 21.61 1.72
N GLU B 3 2.54 22.24 1.95
CA GLU B 3 3.69 22.13 1.05
C GLU B 3 4.07 20.67 0.82
N TRP B 4 4.28 19.95 1.91
CA TRP B 4 4.64 18.53 1.85
C TRP B 4 3.55 17.72 1.15
N ALA B 5 2.30 17.84 1.60
CA ALA B 5 1.17 17.10 1.02
C ALA B 5 1.05 17.36 -0.48
N ARG B 6 1.30 18.60 -0.89
CA ARG B 6 1.25 18.98 -2.30
C ARG B 6 2.29 18.19 -3.10
N GLU B 7 3.49 18.07 -2.55
CA GLU B 7 4.57 17.33 -3.20
C GLU B 7 4.31 15.82 -3.16
N ILE B 8 4.02 15.29 -1.97
CA ILE B 8 3.76 13.86 -1.81
C ILE B 8 2.61 13.42 -2.71
N GLY B 9 1.52 14.19 -2.68
CA GLY B 9 0.36 13.89 -3.49
C GLY B 9 0.66 13.92 -4.98
N ALA B 10 1.45 14.89 -5.43
CA ALA B 10 1.81 15.00 -6.85
C ALA B 10 2.74 13.86 -7.29
N GLN B 11 3.80 13.64 -6.53
CA GLN B 11 4.78 12.59 -6.86
C GLN B 11 4.18 11.18 -6.79
N LEU B 12 3.50 10.87 -5.68
CA LEU B 12 2.89 9.56 -5.51
C LEU B 12 1.85 9.30 -6.61
N ARG B 13 1.09 10.33 -6.96
CA ARG B 13 0.08 10.25 -8.01
C ARG B 13 0.74 10.10 -9.39
N ARG B 14 1.73 10.95 -9.67
CA ARG B 14 2.45 10.92 -10.95
C ARG B 14 3.06 9.54 -11.22
N ILE B 15 3.83 9.02 -10.26
CA ILE B 15 4.46 7.71 -10.40
C ILE B 15 3.40 6.62 -10.56
N ALA B 16 2.44 6.60 -9.64
CA ALA B 16 1.37 5.62 -9.65
C ALA B 16 0.62 5.64 -10.98
N ASP B 17 0.32 6.84 -11.47
CA ASP B 17 -0.38 7.00 -12.75
C ASP B 17 0.40 6.31 -13.87
N ASP B 18 1.70 6.61 -13.97
CA ASP B 18 2.56 5.99 -14.98
C ASP B 18 2.56 4.48 -14.80
N LEU B 19 2.77 4.04 -13.55
CA LEU B 19 2.79 2.61 -13.21
C LEU B 19 1.50 1.91 -13.64
N ASN B 20 0.35 2.51 -13.32
CA ASN B 20 -0.94 1.92 -13.69
C ASN B 20 -1.17 2.04 -15.19
N ALA B 21 -0.76 3.17 -15.77
CA ALA B 21 -0.90 3.44 -17.20
C ALA B 21 -0.22 2.37 -18.04
N GLN B 22 0.85 1.78 -17.52
CA GLN B 22 1.58 0.72 -18.22
C GLN B 22 0.62 -0.36 -18.73
N TYR B 23 -0.18 -0.91 -17.82
CA TYR B 23 -1.14 -1.97 -18.17
C TYR B 23 -2.54 -1.42 -18.48
N GLU B 24 -2.93 -0.34 -17.79
CA GLU B 24 -4.26 0.25 -17.96
C GLU B 24 -4.37 1.15 -19.21
N ARG B 25 -3.49 2.14 -19.34
CA ARG B 25 -3.52 3.05 -20.49
C ARG B 25 -3.07 2.34 -21.75
N ARG B 26 -2.04 1.52 -21.63
CA ARG B 26 -1.52 0.76 -22.76
C ARG B 26 -1.85 -0.72 -22.63
N MET B 27 -2.64 -1.24 -23.57
CA MET B 27 -3.01 -2.64 -23.57
C MET B 27 -2.94 -3.22 -25.00
N GLY A 1 -15.14 -12.28 13.85
CA GLY A 1 -15.96 -11.98 15.06
C GLY A 1 -17.39 -11.61 14.71
N PRO A 2 -17.93 -10.53 15.30
CA PRO A 2 -19.30 -10.08 15.03
C PRO A 2 -19.46 -9.59 13.58
N LEU A 3 -20.42 -10.21 12.86
CA LEU A 3 -20.69 -9.87 11.46
C LEU A 3 -20.93 -8.37 11.23
N GLY A 4 -21.42 -7.68 12.25
CA GLY A 4 -21.68 -6.24 12.12
C GLY A 4 -20.40 -5.42 11.98
N SER A 5 -19.26 -6.04 12.24
CA SER A 5 -17.96 -5.37 12.12
C SER A 5 -16.95 -6.27 11.39
N GLU A 6 -17.45 -7.33 10.79
CA GLU A 6 -16.61 -8.29 10.08
C GLU A 6 -16.49 -7.96 8.59
N ASP A 7 -15.27 -8.07 8.06
CA ASP A 7 -15.03 -7.80 6.65
C ASP A 7 -13.86 -8.63 6.13
N ASP A 8 -14.16 -9.58 5.25
CA ASP A 8 -13.16 -10.46 4.66
C ASP A 8 -12.03 -9.65 4.01
N LEU A 9 -12.43 -8.68 3.19
CA LEU A 9 -11.49 -7.80 2.51
C LEU A 9 -10.64 -7.03 3.53
N TYR A 10 -11.28 -6.48 4.55
CA TYR A 10 -10.56 -5.71 5.58
C TYR A 10 -9.57 -6.58 6.34
N ARG A 11 -9.99 -7.77 6.74
CA ARG A 11 -9.11 -8.69 7.49
C ARG A 11 -7.89 -9.11 6.66
N GLN A 12 -8.12 -9.55 5.42
CA GLN A 12 -7.03 -9.97 4.55
C GLN A 12 -6.12 -8.79 4.21
N SER A 13 -6.72 -7.66 3.80
CA SER A 13 -5.93 -6.48 3.46
C SER A 13 -5.06 -6.03 4.63
N LEU A 14 -5.69 -5.88 5.80
CA LEU A 14 -4.99 -5.49 7.01
C LEU A 14 -3.80 -6.41 7.31
N GLU A 15 -4.06 -7.71 7.40
CA GLU A 15 -3.02 -8.70 7.70
C GLU A 15 -1.89 -8.67 6.67
N ILE A 16 -2.23 -8.82 5.39
CA ILE A 16 -1.25 -8.84 4.31
C ILE A 16 -0.33 -7.61 4.33
N ILE A 17 -0.91 -6.43 4.53
CA ILE A 17 -0.12 -5.20 4.59
C ILE A 17 0.70 -5.15 5.88
N SER A 18 0.08 -5.52 7.00
CA SER A 18 0.75 -5.53 8.30
C SER A 18 1.94 -6.50 8.28
N ARG A 19 1.77 -7.62 7.58
CA ARG A 19 2.83 -8.62 7.46
C ARG A 19 3.95 -8.10 6.54
N TYR A 20 3.56 -7.56 5.38
CA TYR A 20 4.54 -7.01 4.44
C TYR A 20 5.36 -5.91 5.12
N LEU A 21 4.66 -4.97 5.75
CA LEU A 21 5.31 -3.87 6.45
C LEU A 21 6.15 -4.39 7.61
N ARG A 22 5.72 -5.50 8.20
CA ARG A 22 6.44 -6.13 9.31
C ARG A 22 7.85 -6.52 8.87
N GLU A 23 7.91 -7.32 7.81
CA GLU A 23 9.18 -7.77 7.26
C GLU A 23 9.99 -6.61 6.67
N GLN A 24 9.28 -5.68 6.03
CA GLN A 24 9.93 -4.51 5.43
C GLN A 24 10.56 -3.60 6.50
N ALA A 25 9.87 -3.43 7.62
CA ALA A 25 10.38 -2.61 8.72
C ALA A 25 11.63 -3.23 9.34
N THR A 26 11.58 -4.55 9.58
CA THR A 26 12.73 -5.26 10.15
C THR A 26 13.83 -5.50 9.12
N GLY A 27 13.47 -5.48 7.85
CA GLY A 27 14.44 -5.69 6.79
C GLY A 27 14.53 -7.14 6.34
N SER A 28 13.66 -7.97 6.90
CA SER A 28 13.64 -9.39 6.58
C SER A 28 12.96 -9.65 5.23
N LYS A 29 13.59 -10.50 4.43
CA LYS A 29 13.08 -10.84 3.10
C LYS A 29 12.18 -12.08 3.14
N ASP A 30 12.28 -12.84 4.23
CA ASP A 30 11.48 -14.05 4.43
C ASP A 30 10.01 -13.83 4.06
N SER A 31 9.44 -14.79 3.33
CA SER A 31 8.04 -14.69 2.91
C SER A 31 7.20 -15.76 3.61
N LYS A 32 6.68 -15.43 4.78
CA LYS A 32 5.86 -16.35 5.56
C LYS A 32 4.54 -16.69 4.86
N PRO A 33 4.14 -17.97 4.90
CA PRO A 33 2.89 -18.45 4.28
C PRO A 33 1.64 -17.75 4.81
N LEU A 34 0.81 -17.27 3.90
CA LEU A 34 -0.42 -16.57 4.27
C LEU A 34 -1.60 -17.53 4.43
N GLY A 35 -1.32 -18.74 4.93
CA GLY A 35 -2.35 -19.75 5.12
C GLY A 35 -3.51 -19.28 6.00
N GLU A 36 -3.26 -18.30 6.88
CA GLU A 36 -4.30 -17.78 7.75
C GLU A 36 -5.07 -16.65 7.06
N ALA A 37 -4.51 -16.15 5.95
CA ALA A 37 -5.15 -15.09 5.18
C ALA A 37 -6.00 -15.71 4.08
N GLY A 38 -5.37 -16.50 3.22
CA GLY A 38 -6.08 -17.15 2.14
C GLY A 38 -5.13 -17.65 1.06
N ALA A 39 -5.67 -18.42 0.11
CA ALA A 39 -4.86 -18.93 -0.99
C ALA A 39 -4.28 -17.79 -1.83
N ALA A 40 -5.07 -16.72 -1.95
CA ALA A 40 -4.66 -15.54 -2.72
C ALA A 40 -3.64 -14.70 -1.93
N GLY A 41 -3.53 -14.96 -0.63
CA GLY A 41 -2.60 -14.23 0.21
C GLY A 41 -1.16 -14.33 -0.28
N ARG A 42 -0.74 -15.55 -0.61
CA ARG A 42 0.62 -15.79 -1.11
C ARG A 42 0.90 -14.94 -2.35
N ARG A 43 -0.03 -14.97 -3.30
CA ARG A 43 0.11 -14.18 -4.53
C ARG A 43 0.01 -12.69 -4.23
N ALA A 44 -0.84 -12.32 -3.28
CA ALA A 44 -1.01 -10.93 -2.89
C ALA A 44 0.28 -10.36 -2.33
N LEU A 45 0.90 -11.09 -1.40
CA LEU A 45 2.17 -10.67 -0.81
C LEU A 45 3.27 -10.66 -1.86
N GLU A 46 3.30 -11.69 -2.70
CA GLU A 46 4.28 -11.80 -3.78
C GLU A 46 4.15 -10.63 -4.77
N THR A 47 2.91 -10.33 -5.16
CA THR A 47 2.63 -9.24 -6.09
C THR A 47 3.03 -7.89 -5.50
N LEU A 48 2.52 -7.61 -4.30
CA LEU A 48 2.82 -6.36 -3.60
C LEU A 48 4.32 -6.18 -3.35
N ARG A 49 5.03 -7.27 -3.11
CA ARG A 49 6.47 -7.21 -2.88
C ARG A 49 7.23 -6.82 -4.15
N ARG A 50 6.90 -7.47 -5.27
CA ARG A 50 7.55 -7.19 -6.54
C ARG A 50 7.38 -5.73 -6.97
N VAL A 51 6.15 -5.24 -6.95
CA VAL A 51 5.87 -3.86 -7.34
C VAL A 51 6.36 -2.87 -6.27
N GLY A 52 5.98 -3.13 -5.02
CA GLY A 52 6.39 -2.25 -3.92
C GLY A 52 7.90 -2.02 -3.86
N ASP A 53 8.67 -3.10 -3.85
CA ASP A 53 10.13 -3.01 -3.81
C ASP A 53 10.67 -2.46 -5.14
N GLY A 54 10.04 -2.87 -6.24
CA GLY A 54 10.44 -2.40 -7.56
C GLY A 54 10.33 -0.89 -7.72
N VAL A 55 9.17 -0.34 -7.35
CA VAL A 55 8.95 1.10 -7.46
C VAL A 55 9.87 1.86 -6.50
N GLN A 56 10.08 1.30 -5.30
CA GLN A 56 10.97 1.92 -4.30
C GLN A 56 12.39 2.07 -4.85
N ARG A 57 12.82 1.14 -5.70
CA ARG A 57 14.15 1.20 -6.29
C ARG A 57 14.21 2.23 -7.41
N ASN A 58 13.20 2.24 -8.29
CA ASN A 58 13.16 3.19 -9.40
C ASN A 58 13.05 4.65 -8.92
N HIS A 59 12.33 4.87 -7.83
CA HIS A 59 12.17 6.21 -7.28
C HIS A 59 12.70 6.29 -5.85
N GLU A 60 13.92 5.80 -5.64
CA GLU A 60 14.54 5.81 -4.31
C GLU A 60 14.64 7.24 -3.75
N THR A 61 15.20 8.12 -4.56
CA THR A 61 15.38 9.54 -4.19
C THR A 61 14.05 10.20 -3.82
N ALA A 62 13.07 10.07 -4.70
CA ALA A 62 11.74 10.65 -4.48
C ALA A 62 11.08 10.06 -3.23
N PHE A 63 11.02 8.73 -3.17
CA PHE A 63 10.40 8.04 -2.03
C PHE A 63 11.12 8.36 -0.71
N GLN A 64 12.45 8.21 -0.69
CA GLN A 64 13.22 8.50 0.52
C GLN A 64 13.08 9.98 0.90
N GLY A 65 13.12 10.85 -0.11
CA GLY A 65 12.96 12.28 0.12
C GLY A 65 11.60 12.60 0.74
N MET A 66 10.54 12.09 0.11
CA MET A 66 9.19 12.29 0.61
C MET A 66 9.04 11.68 2.01
N LEU A 67 9.74 10.55 2.20
CA LEU A 67 9.74 9.84 3.47
C LEU A 67 10.32 10.71 4.60
N ARG A 68 11.30 11.54 4.27
CA ARG A 68 11.91 12.43 5.27
C ARG A 68 10.95 13.55 5.66
N LYS A 69 10.09 13.91 4.71
CA LYS A 69 9.09 14.96 4.95
C LYS A 69 7.96 14.45 5.83
N LEU A 70 7.42 13.28 5.48
CA LEU A 70 6.34 12.69 6.28
C LEU A 70 6.91 11.93 7.48
N ASP A 71 7.62 12.64 8.33
CA ASP A 71 8.23 12.05 9.53
C ASP A 71 7.18 11.91 10.64
N ILE A 72 7.00 10.70 11.14
CA ILE A 72 6.01 10.44 12.17
C ILE A 72 6.57 10.55 13.60
N LYS A 73 5.87 11.31 14.44
CA LYS A 73 6.26 11.50 15.84
C LYS A 73 5.05 11.40 16.79
N ASN A 74 3.85 11.68 16.26
CA ASN A 74 2.64 11.61 17.06
C ASN A 74 1.61 10.65 16.43
N GLU A 75 0.70 10.13 17.24
CA GLU A 75 -0.35 9.23 16.75
C GLU A 75 -1.33 9.97 15.84
N GLY A 76 -1.35 11.29 15.96
CA GLY A 76 -2.23 12.13 15.14
C GLY A 76 -1.69 12.37 13.74
N ASP A 77 -0.39 12.16 13.54
CA ASP A 77 0.26 12.37 12.24
C ASP A 77 -0.43 11.58 11.11
N VAL A 78 -1.13 10.50 11.48
CA VAL A 78 -1.85 9.68 10.50
C VAL A 78 -2.97 10.48 9.81
N LYS A 79 -3.48 11.52 10.49
CA LYS A 79 -4.54 12.36 9.93
C LYS A 79 -4.02 13.09 8.69
N SER A 80 -2.83 13.68 8.81
CA SER A 80 -2.22 14.39 7.69
C SER A 80 -1.82 13.38 6.61
N PHE A 81 -1.46 12.17 7.05
CA PHE A 81 -1.11 11.10 6.15
C PHE A 81 -2.33 10.78 5.27
N SER A 82 -3.50 10.74 5.91
CA SER A 82 -4.76 10.50 5.21
C SER A 82 -5.00 11.60 4.17
N ARG A 83 -4.66 12.84 4.52
CA ARG A 83 -4.80 13.99 3.62
C ARG A 83 -4.00 13.73 2.33
N VAL A 84 -2.79 13.18 2.48
CA VAL A 84 -1.95 12.83 1.33
C VAL A 84 -2.65 11.79 0.45
N MET A 85 -3.15 10.73 1.09
CA MET A 85 -3.88 9.67 0.37
C MET A 85 -5.10 10.27 -0.34
N VAL A 86 -5.79 11.18 0.35
CA VAL A 86 -6.96 11.84 -0.21
C VAL A 86 -6.57 12.66 -1.44
N HIS A 87 -5.35 13.21 -1.42
CA HIS A 87 -4.84 13.99 -2.55
C HIS A 87 -4.58 13.08 -3.76
N VAL A 88 -4.22 11.83 -3.51
CA VAL A 88 -3.99 10.86 -4.58
C VAL A 88 -5.31 10.48 -5.26
N PHE A 89 -6.31 10.14 -4.45
CA PHE A 89 -7.62 9.74 -4.98
C PHE A 89 -8.57 10.93 -5.20
N LYS A 90 -8.06 12.15 -5.04
CA LYS A 90 -8.86 13.38 -5.19
C LYS A 90 -9.61 13.45 -6.54
N ASP A 91 -9.08 12.82 -7.57
CA ASP A 91 -9.71 12.84 -8.88
C ASP A 91 -10.97 11.97 -8.94
N GLY A 92 -11.12 11.06 -7.98
CA GLY A 92 -12.29 10.21 -7.94
C GLY A 92 -12.05 8.81 -8.50
N VAL A 93 -11.14 8.69 -9.45
CA VAL A 93 -10.83 7.40 -10.07
C VAL A 93 -10.06 6.48 -9.12
N THR A 94 -10.13 5.17 -9.38
CA THR A 94 -9.41 4.20 -8.56
C THR A 94 -8.51 3.31 -9.42
N ASN A 95 -7.23 3.30 -9.07
CA ASN A 95 -6.24 2.51 -9.82
C ASN A 95 -5.41 1.63 -8.87
N TRP A 96 -4.99 0.46 -9.36
CA TRP A 96 -4.19 -0.47 -8.55
C TRP A 96 -2.80 0.10 -8.28
N GLY A 97 -2.22 0.76 -9.28
CA GLY A 97 -0.90 1.38 -9.12
C GLY A 97 -0.90 2.41 -8.00
N ARG A 98 -2.03 3.08 -7.83
CA ARG A 98 -2.19 4.07 -6.75
C ARG A 98 -2.23 3.37 -5.41
N ILE A 99 -2.94 2.25 -5.37
CA ILE A 99 -3.06 1.45 -4.16
C ILE A 99 -1.68 0.91 -3.74
N VAL A 100 -0.95 0.35 -4.70
CA VAL A 100 0.39 -0.18 -4.42
C VAL A 100 1.33 0.93 -3.95
N THR A 101 1.31 2.08 -4.64
CA THR A 101 2.17 3.22 -4.28
C THR A 101 1.98 3.63 -2.82
N LEU A 102 0.72 3.79 -2.40
CA LEU A 102 0.40 4.16 -1.02
C LEU A 102 1.00 3.13 -0.04
N ILE A 103 0.84 1.85 -0.34
CA ILE A 103 1.41 0.80 0.51
C ILE A 103 2.94 0.82 0.44
N SER A 104 3.47 1.10 -0.74
CA SER A 104 4.91 1.19 -0.95
C SER A 104 5.49 2.30 -0.07
N PHE A 105 4.80 3.44 -0.06
CA PHE A 105 5.19 4.56 0.76
C PHE A 105 5.03 4.19 2.24
N GLY A 106 3.92 3.55 2.56
CA GLY A 106 3.67 3.11 3.93
C GLY A 106 4.74 2.15 4.41
N ALA A 107 5.22 1.29 3.51
CA ALA A 107 6.28 0.34 3.82
C ALA A 107 7.58 1.09 4.15
N PHE A 108 7.85 2.15 3.39
CA PHE A 108 9.04 2.97 3.62
C PHE A 108 8.91 3.72 4.95
N VAL A 109 7.70 4.20 5.23
CA VAL A 109 7.43 4.91 6.48
C VAL A 109 7.67 3.98 7.67
N ALA A 110 7.20 2.73 7.54
CA ALA A 110 7.41 1.73 8.59
C ALA A 110 8.90 1.50 8.81
N LYS A 111 9.66 1.54 7.71
CA LYS A 111 11.11 1.37 7.76
C LYS A 111 11.77 2.58 8.46
N HIS A 112 11.34 3.80 8.08
CA HIS A 112 11.86 5.01 8.70
C HIS A 112 11.50 5.05 10.19
N LEU A 113 10.29 4.58 10.49
CA LEU A 113 9.80 4.52 11.86
C LEU A 113 10.63 3.53 12.67
N LYS A 114 10.97 2.40 12.04
CA LYS A 114 11.80 1.38 12.68
C LYS A 114 13.25 1.85 12.82
N SER A 115 13.71 2.67 11.87
CA SER A 115 15.07 3.21 11.89
C SER A 115 15.35 3.95 13.21
N VAL A 116 14.31 4.54 13.80
CA VAL A 116 14.45 5.26 15.05
C VAL A 116 13.77 4.49 16.20
N ASN A 117 13.45 3.22 15.94
CA ASN A 117 12.81 2.33 16.93
C ASN A 117 11.48 2.91 17.45
N GLN A 118 10.60 3.32 16.53
CA GLN A 118 9.30 3.86 16.92
C GLN A 118 8.16 2.94 16.46
N GLU A 119 8.27 1.65 16.79
CA GLU A 119 7.25 0.65 16.41
C GLU A 119 5.85 1.02 16.92
N SER A 120 5.81 1.77 18.03
CA SER A 120 4.55 2.22 18.63
C SER A 120 3.72 3.03 17.64
N PHE A 121 4.39 3.61 16.64
CA PHE A 121 3.70 4.39 15.62
C PHE A 121 3.52 3.57 14.34
N ILE A 122 4.29 2.50 14.21
CA ILE A 122 4.21 1.62 13.04
C ILE A 122 2.84 0.95 12.97
N GLU A 123 2.34 0.51 14.13
CA GLU A 123 1.02 -0.12 14.20
C GLU A 123 -0.08 0.85 13.73
N PRO A 124 -0.24 2.04 14.36
CA PRO A 124 -1.26 3.02 13.95
C PRO A 124 -1.09 3.44 12.47
N LEU A 125 0.16 3.51 12.01
CA LEU A 125 0.43 3.89 10.62
C LEU A 125 -0.02 2.79 9.66
N ALA A 126 0.48 1.58 9.87
CA ALA A 126 0.12 0.43 9.03
C ALA A 126 -1.38 0.20 9.05
N GLU A 127 -1.98 0.39 10.22
CA GLU A 127 -3.41 0.22 10.37
C GLU A 127 -4.18 1.33 9.66
N THR A 128 -3.83 2.59 9.94
CA THR A 128 -4.51 3.74 9.31
C THR A 128 -4.38 3.70 7.79
N ILE A 129 -3.17 3.44 7.29
CA ILE A 129 -2.92 3.38 5.85
C ILE A 129 -3.83 2.33 5.20
N THR A 130 -3.74 1.08 5.68
CA THR A 130 -4.56 0.00 5.15
C THR A 130 -6.05 0.31 5.30
N ASP A 131 -6.41 0.84 6.46
CA ASP A 131 -7.78 1.21 6.76
C ASP A 131 -8.32 2.22 5.75
N VAL A 132 -7.60 3.32 5.55
CA VAL A 132 -8.03 4.35 4.60
C VAL A 132 -7.92 3.85 3.15
N LEU A 133 -6.91 3.02 2.87
CA LEU A 133 -6.74 2.47 1.52
C LEU A 133 -7.96 1.68 1.09
N VAL A 134 -8.52 0.89 2.00
CA VAL A 134 -9.72 0.11 1.70
C VAL A 134 -10.99 0.95 1.90
N ARG A 135 -11.00 1.73 2.98
CA ARG A 135 -12.15 2.59 3.31
C ARG A 135 -12.49 3.59 2.19
N THR A 136 -11.47 4.15 1.53
CA THR A 136 -11.67 5.12 0.45
C THR A 136 -12.48 4.56 -0.72
N LYS A 137 -12.25 3.29 -1.08
CA LYS A 137 -12.96 2.66 -2.19
C LYS A 137 -13.17 1.16 -1.96
N ARG A 138 -13.91 0.81 -0.90
CA ARG A 138 -14.15 -0.60 -0.58
C ARG A 138 -14.96 -1.31 -1.66
N ASP A 139 -16.03 -0.67 -2.13
CA ASP A 139 -16.89 -1.25 -3.16
C ASP A 139 -16.13 -1.50 -4.46
N TRP A 140 -15.15 -0.63 -4.75
CA TRP A 140 -14.35 -0.77 -5.96
C TRP A 140 -13.56 -2.08 -5.93
N LEU A 141 -13.00 -2.40 -4.77
CA LEU A 141 -12.21 -3.63 -4.61
C LEU A 141 -13.10 -4.88 -4.67
N VAL A 142 -14.18 -4.90 -3.87
CA VAL A 142 -15.08 -6.06 -3.83
C VAL A 142 -15.72 -6.34 -5.20
N LYS A 143 -16.03 -5.31 -5.96
CA LYS A 143 -16.61 -5.48 -7.30
C LYS A 143 -15.60 -6.18 -8.22
N GLN A 144 -14.32 -6.01 -7.93
CA GLN A 144 -13.25 -6.63 -8.70
C GLN A 144 -12.56 -7.71 -7.88
N ARG A 145 -13.32 -8.34 -6.96
CA ARG A 145 -12.84 -9.42 -6.09
C ARG A 145 -11.89 -8.91 -4.98
N GLY A 146 -10.98 -8.00 -5.30
CA GLY A 146 -10.04 -7.49 -4.30
C GLY A 146 -8.63 -8.01 -4.50
N TRP A 147 -8.14 -8.81 -3.56
CA TRP A 147 -6.79 -9.37 -3.66
C TRP A 147 -6.65 -10.26 -4.89
N ASP A 148 -7.70 -11.03 -5.18
CA ASP A 148 -7.74 -11.90 -6.34
C ASP A 148 -7.54 -11.09 -7.61
N GLY A 149 -8.29 -10.00 -7.75
CA GLY A 149 -8.15 -9.14 -8.91
C GLY A 149 -6.79 -8.46 -8.95
N PHE A 150 -6.30 -8.08 -7.77
CA PHE A 150 -5.01 -7.43 -7.62
C PHE A 150 -3.87 -8.34 -8.11
N VAL A 151 -3.84 -9.58 -7.61
CA VAL A 151 -2.80 -10.54 -7.99
C VAL A 151 -2.88 -10.90 -9.47
N GLU A 152 -4.09 -11.01 -10.01
CA GLU A 152 -4.27 -11.34 -11.41
C GLU A 152 -3.87 -10.15 -12.29
N PHE A 153 -4.35 -8.96 -11.93
CA PHE A 153 -4.05 -7.74 -12.67
C PHE A 153 -2.54 -7.53 -12.84
N PHE A 154 -1.78 -7.68 -11.74
CA PHE A 154 -0.33 -7.49 -11.82
C PHE A 154 0.43 -8.76 -12.23
N HIS A 155 -0.28 -9.76 -12.73
CA HIS A 155 0.38 -11.00 -13.16
C HIS A 155 0.01 -11.36 -14.60
N VAL A 156 -1.26 -11.25 -14.94
CA VAL A 156 -1.74 -11.57 -16.28
C VAL A 156 -2.51 -10.38 -16.87
N GLN A 157 -2.21 -10.03 -18.11
CA GLN A 157 -2.88 -8.92 -18.76
C GLN A 157 -3.52 -9.36 -20.08
N ASP A 158 -4.84 -9.52 -20.06
CA ASP A 158 -5.60 -9.94 -21.22
C ASP A 158 -5.72 -8.80 -22.26
N LEU A 159 -4.80 -8.80 -23.23
CA LEU A 159 -4.80 -7.76 -24.28
C LEU A 159 -5.68 -8.17 -25.47
N GLU A 160 -5.47 -9.38 -25.99
CA GLU A 160 -6.24 -9.88 -27.13
C GLU A 160 -7.68 -10.24 -26.73
N GLY A 161 -8.51 -9.22 -26.52
CA GLY A 161 -9.90 -9.46 -26.14
C GLY A 161 -10.88 -9.26 -27.28
N GLY A 162 -10.40 -9.46 -28.52
CA GLY A 162 -11.26 -9.30 -29.68
C GLY A 162 -10.46 -9.19 -30.98
N GLU B 1 1.59 25.42 4.68
CA GLU B 1 0.33 24.84 5.22
C GLU B 1 0.05 23.45 4.67
N GLU B 2 -0.25 23.37 3.37
CA GLU B 2 -0.56 22.07 2.74
C GLU B 2 0.30 21.81 1.50
N GLU B 3 1.23 22.72 1.18
CA GLU B 3 2.11 22.57 0.01
C GLU B 3 2.81 21.21 0.01
N TRP B 4 3.41 20.84 1.14
CA TRP B 4 4.10 19.57 1.28
C TRP B 4 3.18 18.39 0.94
N ALA B 5 1.99 18.36 1.54
CA ALA B 5 1.02 17.29 1.29
C ALA B 5 0.63 17.27 -0.18
N ARG B 6 0.38 18.46 -0.74
CA ARG B 6 0.03 18.59 -2.15
C ARG B 6 1.16 18.05 -3.04
N GLU B 7 2.38 18.43 -2.71
CA GLU B 7 3.58 18.00 -3.44
C GLU B 7 3.71 16.47 -3.38
N ILE B 8 3.51 15.91 -2.19
CA ILE B 8 3.60 14.46 -1.98
C ILE B 8 2.50 13.73 -2.76
N GLY B 9 1.25 14.17 -2.57
CA GLY B 9 0.13 13.57 -3.27
C GLY B 9 0.29 13.63 -4.78
N ALA B 10 0.88 14.72 -5.27
CA ALA B 10 1.13 14.88 -6.70
C ALA B 10 2.11 13.82 -7.22
N GLN B 11 3.24 13.66 -6.53
CA GLN B 11 4.25 12.67 -6.94
C GLN B 11 3.75 11.26 -6.73
N LEU B 12 3.11 11.01 -5.58
CA LEU B 12 2.56 9.68 -5.28
C LEU B 12 1.60 9.28 -6.39
N ARG B 13 0.79 10.24 -6.81
CA ARG B 13 -0.16 10.03 -7.90
C ARG B 13 0.57 9.90 -9.24
N ARG B 14 1.58 10.75 -9.45
CA ARG B 14 2.37 10.72 -10.70
C ARG B 14 3.02 9.36 -10.93
N ILE B 15 3.64 8.81 -9.88
CA ILE B 15 4.28 7.50 -9.96
C ILE B 15 3.23 6.39 -10.16
N ALA B 16 2.13 6.52 -9.43
CA ALA B 16 1.05 5.52 -9.48
C ALA B 16 0.31 5.52 -10.83
N ASP B 17 -0.07 6.70 -11.30
CA ASP B 17 -0.80 6.83 -12.56
C ASP B 17 0.04 6.37 -13.74
N ASP B 18 1.31 6.78 -13.80
CA ASP B 18 2.17 6.36 -14.90
C ASP B 18 2.31 4.83 -14.88
N LEU B 19 2.44 4.28 -13.67
CA LEU B 19 2.57 2.84 -13.48
C LEU B 19 1.32 2.07 -13.92
N ASN B 20 0.16 2.49 -13.42
CA ASN B 20 -1.12 1.82 -13.73
C ASN B 20 -1.62 2.11 -15.15
N ALA B 21 -1.57 3.37 -15.58
CA ALA B 21 -2.07 3.73 -16.92
C ALA B 21 -1.28 3.07 -18.04
N GLN B 22 0.03 3.11 -17.96
CA GLN B 22 0.88 2.51 -18.99
C GLN B 22 0.86 0.98 -18.95
N TYR B 23 0.58 0.41 -17.77
CA TYR B 23 0.54 -1.04 -17.62
C TYR B 23 -0.85 -1.62 -17.92
N GLU B 24 -1.90 -0.94 -17.48
CA GLU B 24 -3.28 -1.40 -17.67
C GLU B 24 -3.92 -0.91 -18.98
N ARG B 25 -3.89 0.41 -19.20
CA ARG B 25 -4.51 1.00 -20.39
C ARG B 25 -3.60 0.97 -21.62
N ARG B 26 -2.38 1.46 -21.47
CA ARG B 26 -1.44 1.49 -22.59
C ARG B 26 -0.89 0.10 -22.88
N MET B 27 -0.74 -0.21 -24.16
CA MET B 27 -0.19 -1.50 -24.58
C MET B 27 1.33 -1.41 -24.69
N GLY A 1 -20.83 -12.24 9.88
CA GLY A 1 -22.15 -11.59 9.65
C GLY A 1 -22.30 -11.05 8.24
N PRO A 2 -23.21 -10.09 8.01
CA PRO A 2 -23.43 -9.51 6.68
C PRO A 2 -22.22 -8.72 6.16
N LEU A 3 -22.06 -8.70 4.83
CA LEU A 3 -20.95 -8.00 4.19
C LEU A 3 -21.12 -6.48 4.23
N GLY A 4 -22.19 -6.00 4.84
CA GLY A 4 -22.41 -4.56 4.94
C GLY A 4 -21.39 -3.89 5.84
N SER A 5 -21.34 -4.34 7.09
CA SER A 5 -20.38 -3.79 8.07
C SER A 5 -19.10 -4.64 8.11
N GLU A 6 -19.23 -5.92 7.78
CA GLU A 6 -18.09 -6.83 7.77
C GLU A 6 -17.48 -6.96 6.39
N ASP A 7 -16.18 -7.18 6.31
CA ASP A 7 -15.49 -7.31 5.05
C ASP A 7 -14.29 -8.26 5.15
N ASP A 8 -14.37 -9.40 4.48
CA ASP A 8 -13.28 -10.38 4.50
C ASP A 8 -12.04 -9.84 3.79
N LEU A 9 -12.24 -8.95 2.81
CA LEU A 9 -11.12 -8.34 2.11
C LEU A 9 -10.39 -7.41 3.07
N TYR A 10 -11.16 -6.71 3.89
CA TYR A 10 -10.59 -5.81 4.89
C TYR A 10 -9.63 -6.57 5.81
N ARG A 11 -9.99 -7.81 6.15
CA ARG A 11 -9.15 -8.65 7.01
C ARG A 11 -7.94 -9.18 6.26
N GLN A 12 -8.16 -9.69 5.05
CA GLN A 12 -7.07 -10.24 4.25
C GLN A 12 -6.04 -9.15 3.94
N SER A 13 -6.52 -8.01 3.48
CA SER A 13 -5.64 -6.88 3.17
C SER A 13 -4.93 -6.43 4.44
N LEU A 14 -5.69 -6.30 5.53
CA LEU A 14 -5.15 -5.90 6.83
C LEU A 14 -3.95 -6.77 7.23
N GLU A 15 -4.16 -8.10 7.20
CA GLU A 15 -3.10 -9.05 7.57
C GLU A 15 -1.91 -8.99 6.60
N ILE A 16 -2.18 -9.13 5.30
CA ILE A 16 -1.14 -9.11 4.28
C ILE A 16 -0.29 -7.83 4.35
N ILE A 17 -0.96 -6.69 4.43
CA ILE A 17 -0.25 -5.41 4.53
C ILE A 17 0.56 -5.34 5.82
N SER A 18 -0.05 -5.79 6.93
CA SER A 18 0.65 -5.80 8.22
C SER A 18 1.93 -6.62 8.12
N ARG A 19 1.84 -7.80 7.49
CA ARG A 19 3.02 -8.64 7.30
C ARG A 19 4.08 -7.92 6.47
N TYR A 20 3.71 -7.45 5.27
CA TYR A 20 4.65 -6.74 4.41
C TYR A 20 5.28 -5.54 5.15
N LEU A 21 4.45 -4.79 5.85
CA LEU A 21 4.91 -3.62 6.61
C LEU A 21 5.94 -4.04 7.67
N ARG A 22 5.57 -4.98 8.54
CA ARG A 22 6.47 -5.45 9.59
C ARG A 22 7.72 -6.09 9.00
N GLU A 23 7.56 -6.83 7.90
CA GLU A 23 8.68 -7.48 7.24
C GLU A 23 9.63 -6.45 6.64
N GLN A 24 9.08 -5.45 5.94
CA GLN A 24 9.87 -4.41 5.30
C GLN A 24 10.76 -3.67 6.32
N ALA A 25 10.25 -3.51 7.54
CA ALA A 25 11.00 -2.84 8.61
C ALA A 25 12.39 -3.46 8.81
N THR A 26 12.51 -4.77 8.58
CA THR A 26 13.78 -5.48 8.71
C THR A 26 14.18 -6.18 7.41
N GLY A 27 13.41 -5.90 6.35
CA GLY A 27 13.65 -6.53 5.05
C GLY A 27 13.01 -7.92 4.97
N SER A 28 12.86 -8.53 6.14
CA SER A 28 12.26 -9.86 6.27
C SER A 28 11.92 -10.12 7.74
N LYS A 29 10.70 -10.57 8.01
CA LYS A 29 10.31 -10.87 9.39
C LYS A 29 10.23 -12.36 9.64
N ASP A 30 9.66 -13.09 8.69
CA ASP A 30 9.52 -14.54 8.82
C ASP A 30 9.10 -15.18 7.49
N SER A 31 9.16 -16.50 7.44
CA SER A 31 8.79 -17.24 6.24
C SER A 31 7.71 -18.27 6.58
N LYS A 32 6.48 -17.79 6.79
CA LYS A 32 5.35 -18.65 7.11
C LYS A 32 4.30 -18.62 6.00
N PRO A 33 3.65 -19.77 5.72
CA PRO A 33 2.62 -19.87 4.68
C PRO A 33 1.37 -19.02 4.98
N LEU A 34 0.93 -18.25 3.99
CA LEU A 34 -0.24 -17.35 4.11
C LEU A 34 -1.58 -18.11 4.16
N GLY A 35 -1.57 -19.28 4.78
CA GLY A 35 -2.78 -20.09 4.89
C GLY A 35 -3.89 -19.46 5.74
N GLU A 36 -3.54 -18.47 6.57
CA GLU A 36 -4.55 -17.82 7.41
C GLU A 36 -5.37 -16.83 6.59
N ALA A 37 -4.81 -16.38 5.47
CA ALA A 37 -5.49 -15.44 4.59
C ALA A 37 -6.26 -16.19 3.50
N GLY A 38 -5.54 -16.90 2.65
CA GLY A 38 -6.16 -17.66 1.58
C GLY A 38 -5.18 -18.02 0.50
N ALA A 39 -5.64 -18.75 -0.51
CA ALA A 39 -4.77 -19.11 -1.63
C ALA A 39 -4.32 -17.85 -2.39
N ALA A 40 -5.14 -16.81 -2.31
CA ALA A 40 -4.84 -15.54 -2.95
C ALA A 40 -3.79 -14.76 -2.16
N GLY A 41 -3.66 -15.05 -0.86
CA GLY A 41 -2.70 -14.35 -0.01
C GLY A 41 -1.27 -14.49 -0.51
N ARG A 42 -0.94 -15.69 -0.97
CA ARG A 42 0.40 -15.99 -1.49
C ARG A 42 0.77 -14.98 -2.58
N ARG A 43 -0.02 -14.93 -3.64
CA ARG A 43 0.23 -14.00 -4.74
C ARG A 43 0.02 -12.55 -4.30
N ALA A 44 -0.94 -12.34 -3.39
CA ALA A 44 -1.23 -10.99 -2.90
C ALA A 44 -0.01 -10.35 -2.23
N LEU A 45 0.63 -11.09 -1.33
CA LEU A 45 1.81 -10.59 -0.64
C LEU A 45 2.98 -10.39 -1.61
N GLU A 46 3.21 -11.37 -2.48
CA GLU A 46 4.29 -11.29 -3.46
C GLU A 46 4.11 -10.12 -4.42
N THR A 47 2.93 -10.02 -5.01
CA THR A 47 2.63 -8.94 -5.95
C THR A 47 2.81 -7.57 -5.29
N LEU A 48 2.24 -7.39 -4.10
CA LEU A 48 2.37 -6.14 -3.38
C LEU A 48 3.83 -5.86 -3.04
N ARG A 49 4.56 -6.89 -2.61
CA ARG A 49 5.97 -6.73 -2.29
C ARG A 49 6.79 -6.42 -3.55
N ARG A 50 6.37 -6.97 -4.69
CA ARG A 50 7.06 -6.74 -5.96
C ARG A 50 6.94 -5.29 -6.41
N VAL A 51 5.72 -4.76 -6.46
CA VAL A 51 5.50 -3.38 -6.88
C VAL A 51 5.87 -2.38 -5.78
N GLY A 52 5.65 -2.75 -4.52
CA GLY A 52 5.99 -1.85 -3.42
C GLY A 52 7.47 -1.52 -3.40
N ASP A 53 8.30 -2.57 -3.39
CA ASP A 53 9.75 -2.39 -3.39
C ASP A 53 10.21 -1.94 -4.77
N GLY A 54 9.56 -2.45 -5.81
CA GLY A 54 9.89 -2.06 -7.17
C GLY A 54 9.76 -0.57 -7.38
N VAL A 55 8.62 0.01 -7.00
CA VAL A 55 8.42 1.45 -7.12
C VAL A 55 9.38 2.21 -6.21
N GLN A 56 9.63 1.66 -5.02
CA GLN A 56 10.56 2.27 -4.07
C GLN A 56 11.98 2.32 -4.64
N ARG A 57 12.38 1.27 -5.35
CA ARG A 57 13.70 1.21 -5.97
C ARG A 57 13.74 2.06 -7.24
N ASN A 58 12.58 2.32 -7.82
CA ASN A 58 12.47 3.14 -9.04
C ASN A 58 12.58 4.64 -8.70
N HIS A 59 11.72 5.10 -7.79
CA HIS A 59 11.72 6.51 -7.40
C HIS A 59 12.17 6.67 -5.94
N GLU A 60 13.34 6.10 -5.64
CA GLU A 60 13.91 6.16 -4.29
C GLU A 60 14.14 7.59 -3.80
N THR A 61 14.75 8.42 -4.65
CA THR A 61 15.03 9.82 -4.32
C THR A 61 13.76 10.56 -3.96
N ALA A 62 12.68 10.25 -4.69
CA ALA A 62 11.39 10.88 -4.45
C ALA A 62 10.74 10.33 -3.19
N PHE A 63 10.79 9.00 -3.04
CA PHE A 63 10.21 8.34 -1.87
C PHE A 63 10.88 8.79 -0.58
N GLN A 64 12.21 8.75 -0.52
CA GLN A 64 12.93 9.18 0.68
C GLN A 64 12.74 10.69 0.90
N GLY A 65 12.63 11.44 -0.20
CA GLY A 65 12.42 12.88 -0.09
C GLY A 65 11.06 13.18 0.52
N MET A 66 10.02 12.58 -0.04
CA MET A 66 8.66 12.76 0.46
C MET A 66 8.54 12.23 1.89
N LEU A 67 9.12 11.05 2.12
CA LEU A 67 9.11 10.41 3.44
C LEU A 67 9.73 11.30 4.52
N ARG A 68 10.91 11.86 4.24
CA ARG A 68 11.59 12.71 5.22
C ARG A 68 10.85 14.03 5.45
N LYS A 69 10.17 14.52 4.42
CA LYS A 69 9.41 15.77 4.53
C LYS A 69 8.32 15.68 5.59
N LEU A 70 7.81 14.47 5.82
CA LEU A 70 6.79 14.24 6.82
C LEU A 70 7.24 13.19 7.84
N ASP A 71 8.34 13.48 8.52
CA ASP A 71 8.90 12.57 9.53
C ASP A 71 7.87 12.24 10.62
N ILE A 72 7.63 10.95 10.84
CA ILE A 72 6.66 10.51 11.85
C ILE A 72 7.26 10.52 13.25
N LYS A 73 6.71 11.35 14.11
CA LYS A 73 7.18 11.46 15.48
C LYS A 73 6.06 11.17 16.49
N ASN A 74 4.82 11.52 16.14
CA ASN A 74 3.69 11.29 17.03
C ASN A 74 2.37 11.05 16.27
N GLU A 75 1.27 10.93 17.03
CA GLU A 75 -0.06 10.69 16.46
C GLU A 75 -0.52 11.87 15.59
N GLY A 76 0.08 13.04 15.81
CA GLY A 76 -0.28 14.22 15.04
C GLY A 76 0.11 14.09 13.57
N ASP A 77 1.12 13.26 13.30
CA ASP A 77 1.58 13.04 11.93
C ASP A 77 0.62 12.12 11.16
N VAL A 78 -0.08 11.25 11.89
CA VAL A 78 -1.04 10.32 11.28
C VAL A 78 -2.15 11.07 10.53
N LYS A 79 -2.47 12.28 11.00
CA LYS A 79 -3.50 13.10 10.37
C LYS A 79 -3.06 13.47 8.95
N SER A 80 -1.79 13.85 8.81
CA SER A 80 -1.22 14.20 7.51
C SER A 80 -1.24 12.99 6.59
N PHE A 81 -0.96 11.80 7.15
CA PHE A 81 -0.97 10.57 6.37
C PHE A 81 -2.34 10.36 5.71
N SER A 82 -3.40 10.60 6.48
CA SER A 82 -4.77 10.49 5.97
C SER A 82 -5.02 11.52 4.87
N ARG A 83 -4.39 12.70 5.01
CA ARG A 83 -4.52 13.77 4.02
C ARG A 83 -3.78 13.40 2.72
N VAL A 84 -2.58 12.85 2.86
CA VAL A 84 -1.81 12.40 1.70
C VAL A 84 -2.56 11.29 0.96
N MET A 85 -3.19 10.42 1.75
CA MET A 85 -3.98 9.31 1.22
C MET A 85 -5.09 9.81 0.31
N VAL A 86 -5.89 10.77 0.81
CA VAL A 86 -6.99 11.32 0.01
C VAL A 86 -6.48 12.17 -1.16
N HIS A 87 -5.32 12.82 -0.98
CA HIS A 87 -4.74 13.66 -2.04
C HIS A 87 -4.42 12.85 -3.31
N VAL A 88 -3.94 11.62 -3.16
CA VAL A 88 -3.63 10.78 -4.32
C VAL A 88 -4.91 10.45 -5.11
N PHE A 89 -5.99 10.16 -4.40
CA PHE A 89 -7.28 9.84 -5.01
C PHE A 89 -8.13 11.10 -5.26
N LYS A 90 -7.56 12.27 -5.03
CA LYS A 90 -8.25 13.57 -5.19
C LYS A 90 -9.03 13.72 -6.51
N ASP A 91 -8.60 13.04 -7.56
CA ASP A 91 -9.28 13.14 -8.86
C ASP A 91 -10.58 12.33 -8.89
N GLY A 92 -10.73 11.40 -7.96
CA GLY A 92 -11.92 10.58 -7.90
C GLY A 92 -11.76 9.20 -8.51
N VAL A 93 -10.80 9.04 -9.42
CA VAL A 93 -10.58 7.75 -10.07
C VAL A 93 -9.82 6.78 -9.17
N THR A 94 -9.84 5.50 -9.52
CA THR A 94 -9.16 4.49 -8.70
C THR A 94 -8.29 3.57 -9.55
N ASN A 95 -6.99 3.56 -9.26
CA ASN A 95 -6.04 2.72 -9.97
C ASN A 95 -5.31 1.79 -8.99
N TRP A 96 -5.01 0.56 -9.42
CA TRP A 96 -4.31 -0.40 -8.56
C TRP A 96 -2.92 0.10 -8.17
N GLY A 97 -2.26 0.79 -9.08
CA GLY A 97 -0.95 1.35 -8.81
C GLY A 97 -0.98 2.35 -7.67
N ARG A 98 -2.12 3.03 -7.50
CA ARG A 98 -2.29 4.00 -6.43
C ARG A 98 -2.36 3.32 -5.07
N ILE A 99 -2.96 2.13 -5.05
CA ILE A 99 -3.05 1.36 -3.82
C ILE A 99 -1.65 0.91 -3.39
N VAL A 100 -0.84 0.44 -4.35
CA VAL A 100 0.52 0.00 -4.04
C VAL A 100 1.43 1.17 -3.63
N THR A 101 1.15 2.38 -4.12
CA THR A 101 1.96 3.54 -3.77
C THR A 101 1.76 3.91 -2.30
N LEU A 102 0.49 3.97 -1.88
CA LEU A 102 0.16 4.29 -0.50
C LEU A 102 0.77 3.26 0.44
N ILE A 103 0.70 1.99 0.07
CA ILE A 103 1.27 0.90 0.87
C ILE A 103 2.81 0.97 0.83
N SER A 104 3.37 1.14 -0.37
CA SER A 104 4.82 1.27 -0.54
C SER A 104 5.36 2.43 0.29
N PHE A 105 4.65 3.56 0.25
CA PHE A 105 5.04 4.73 1.04
C PHE A 105 4.99 4.37 2.52
N GLY A 106 3.93 3.68 2.92
CA GLY A 106 3.79 3.26 4.30
C GLY A 106 4.90 2.30 4.71
N ALA A 107 5.30 1.42 3.79
CA ALA A 107 6.38 0.47 4.04
C ALA A 107 7.69 1.20 4.33
N PHE A 108 7.96 2.25 3.54
CA PHE A 108 9.16 3.06 3.73
C PHE A 108 9.10 3.77 5.09
N VAL A 109 7.92 4.30 5.41
CA VAL A 109 7.70 4.98 6.68
C VAL A 109 7.91 4.00 7.84
N ALA A 110 7.36 2.80 7.70
CA ALA A 110 7.49 1.75 8.72
C ALA A 110 8.96 1.40 8.92
N LYS A 111 9.68 1.23 7.81
CA LYS A 111 11.11 0.94 7.85
C LYS A 111 11.85 2.10 8.54
N HIS A 112 11.44 3.32 8.20
CA HIS A 112 12.01 4.52 8.79
C HIS A 112 11.75 4.55 10.30
N LEU A 113 10.52 4.19 10.68
CA LEU A 113 10.15 4.13 12.09
C LEU A 113 10.98 3.10 12.83
N LYS A 114 11.15 1.93 12.22
CA LYS A 114 11.97 0.86 12.82
C LYS A 114 13.41 1.32 13.02
N SER A 115 13.92 2.14 12.09
CA SER A 115 15.28 2.68 12.18
C SER A 115 15.48 3.45 13.48
N VAL A 116 14.42 4.10 13.94
CA VAL A 116 14.47 4.87 15.19
C VAL A 116 13.73 4.10 16.30
N ASN A 117 13.35 2.86 15.99
CA ASN A 117 12.63 1.98 16.92
C ASN A 117 11.30 2.59 17.36
N GLN A 118 10.51 3.04 16.40
CA GLN A 118 9.21 3.64 16.68
C GLN A 118 8.07 2.69 16.30
N GLU A 119 8.23 1.40 16.65
CA GLU A 119 7.22 0.36 16.37
C GLU A 119 5.82 0.76 16.84
N SER A 120 5.77 1.54 17.94
CA SER A 120 4.50 2.01 18.50
C SER A 120 3.68 2.79 17.49
N PHE A 121 4.34 3.31 16.46
CA PHE A 121 3.65 4.06 15.42
C PHE A 121 3.44 3.19 14.17
N ILE A 122 4.28 2.16 14.02
CA ILE A 122 4.19 1.26 12.87
C ILE A 122 2.85 0.53 12.84
N GLU A 123 2.50 -0.14 13.94
CA GLU A 123 1.23 -0.89 14.02
C GLU A 123 0.02 0.02 13.72
N PRO A 124 -0.19 1.13 14.47
CA PRO A 124 -1.32 2.05 14.23
C PRO A 124 -1.31 2.64 12.82
N LEU A 125 -0.14 3.05 12.34
CA LEU A 125 -0.03 3.62 11.00
C LEU A 125 -0.38 2.57 9.93
N ALA A 126 0.18 1.37 10.06
CA ALA A 126 -0.10 0.28 9.12
C ALA A 126 -1.59 -0.03 9.10
N GLU A 127 -2.20 0.01 10.28
CA GLU A 127 -3.62 -0.24 10.42
C GLU A 127 -4.41 0.91 9.78
N THR A 128 -3.97 2.14 10.07
CA THR A 128 -4.61 3.34 9.52
C THR A 128 -4.54 3.34 7.99
N ILE A 129 -3.35 3.07 7.44
CA ILE A 129 -3.15 3.02 6.01
C ILE A 129 -4.12 2.05 5.34
N THR A 130 -4.11 0.79 5.78
CA THR A 130 -4.99 -0.23 5.21
C THR A 130 -6.46 0.15 5.39
N ASP A 131 -6.81 0.66 6.57
CA ASP A 131 -8.19 1.05 6.85
C ASP A 131 -8.71 2.06 5.82
N VAL A 132 -7.96 3.13 5.60
CA VAL A 132 -8.36 4.14 4.62
C VAL A 132 -8.10 3.65 3.19
N LEU A 133 -7.13 2.75 3.03
CA LEU A 133 -6.80 2.17 1.72
C LEU A 133 -8.00 1.41 1.16
N VAL A 134 -8.66 0.65 2.03
CA VAL A 134 -9.84 -0.12 1.66
C VAL A 134 -11.11 0.74 1.72
N ARG A 135 -11.22 1.58 2.76
CA ARG A 135 -12.40 2.43 2.95
C ARG A 135 -12.55 3.53 1.88
N THR A 136 -11.44 3.96 1.27
CA THR A 136 -11.51 5.00 0.22
C THR A 136 -12.39 4.59 -0.96
N LYS A 137 -12.23 3.34 -1.39
CA LYS A 137 -13.00 2.80 -2.51
C LYS A 137 -13.28 1.32 -2.30
N ARG A 138 -13.97 0.99 -1.21
CA ARG A 138 -14.30 -0.40 -0.87
C ARG A 138 -15.03 -1.12 -2.00
N ASP A 139 -16.14 -0.55 -2.46
CA ASP A 139 -16.94 -1.15 -3.54
C ASP A 139 -16.10 -1.44 -4.79
N TRP A 140 -15.19 -0.51 -5.12
CA TRP A 140 -14.33 -0.69 -6.28
C TRP A 140 -13.44 -1.92 -6.14
N LEU A 141 -12.76 -2.05 -4.98
CA LEU A 141 -11.88 -3.19 -4.75
C LEU A 141 -12.67 -4.50 -4.55
N VAL A 142 -13.82 -4.45 -3.84
CA VAL A 142 -14.61 -5.67 -3.59
C VAL A 142 -15.10 -6.32 -4.88
N LYS A 143 -15.33 -5.52 -5.94
CA LYS A 143 -15.75 -6.06 -7.23
C LYS A 143 -14.69 -7.03 -7.78
N GLN A 144 -13.44 -6.74 -7.42
CA GLN A 144 -12.31 -7.57 -7.83
C GLN A 144 -11.82 -8.39 -6.63
N ARG A 145 -12.58 -8.32 -5.53
CA ARG A 145 -12.25 -9.02 -4.28
C ARG A 145 -10.87 -8.60 -3.75
N GLY A 146 -10.48 -7.37 -4.07
CA GLY A 146 -9.22 -6.83 -3.61
C GLY A 146 -7.99 -7.44 -4.27
N TRP A 147 -7.34 -8.36 -3.56
CA TRP A 147 -6.12 -9.01 -4.03
C TRP A 147 -6.31 -9.82 -5.31
N ASP A 148 -7.46 -10.49 -5.45
CA ASP A 148 -7.74 -11.29 -6.64
C ASP A 148 -7.56 -10.49 -7.93
N GLY A 149 -8.31 -9.39 -8.05
CA GLY A 149 -8.19 -8.54 -9.24
C GLY A 149 -6.85 -7.82 -9.30
N PHE A 150 -6.35 -7.42 -8.14
CA PHE A 150 -5.06 -6.71 -8.04
C PHE A 150 -3.92 -7.51 -8.68
N VAL A 151 -3.76 -8.77 -8.26
CA VAL A 151 -2.69 -9.61 -8.78
C VAL A 151 -2.96 -10.03 -10.22
N GLU A 152 -4.23 -10.29 -10.55
CA GLU A 152 -4.62 -10.70 -11.90
C GLU A 152 -4.32 -9.58 -12.91
N PHE A 153 -4.65 -8.35 -12.54
CA PHE A 153 -4.41 -7.18 -13.39
C PHE A 153 -2.90 -6.98 -13.62
N PHE A 154 -2.09 -7.40 -12.65
CA PHE A 154 -0.64 -7.25 -12.74
C PHE A 154 0.01 -8.47 -13.40
N HIS A 155 -0.62 -9.63 -13.24
CA HIS A 155 -0.12 -10.90 -13.80
C HIS A 155 -1.27 -11.79 -14.29
N VAL A 156 -1.60 -11.70 -15.56
CA VAL A 156 -2.69 -12.50 -16.14
C VAL A 156 -2.25 -13.93 -16.49
N GLN A 157 -1.47 -14.56 -15.62
CA GLN A 157 -1.00 -15.92 -15.85
C GLN A 157 -0.99 -16.74 -14.56
N ASP A 158 -1.90 -16.41 -13.64
CA ASP A 158 -1.98 -17.12 -12.37
C ASP A 158 -2.86 -18.36 -12.50
N LEU A 159 -2.26 -19.47 -12.95
CA LEU A 159 -2.98 -20.73 -13.15
C LEU A 159 -3.27 -21.45 -11.81
N GLU A 160 -3.57 -20.67 -10.78
CA GLU A 160 -3.87 -21.21 -9.45
C GLU A 160 -5.26 -20.79 -8.97
N GLY A 161 -6.23 -20.80 -9.87
CA GLY A 161 -7.59 -20.41 -9.49
C GLY A 161 -8.65 -21.30 -10.10
N GLY A 162 -9.82 -21.36 -9.44
CA GLY A 162 -10.92 -22.18 -9.94
C GLY A 162 -12.21 -21.98 -9.15
N GLU B 1 -2.04 26.53 0.53
CA GLU B 1 -1.83 26.14 1.96
C GLU B 1 -1.07 24.81 2.04
N GLU B 2 -1.67 23.76 1.50
CA GLU B 2 -1.04 22.43 1.52
C GLU B 2 -0.15 22.22 0.28
N GLU B 3 0.83 23.11 0.10
CA GLU B 3 1.73 23.03 -1.05
C GLU B 3 2.65 21.81 -0.96
N TRP B 4 3.15 21.51 0.23
CA TRP B 4 4.02 20.35 0.43
C TRP B 4 3.24 19.06 0.22
N ALA B 5 1.97 19.07 0.63
CA ALA B 5 1.10 17.92 0.47
C ALA B 5 0.73 17.75 -1.00
N ARG B 6 0.64 18.88 -1.70
CA ARG B 6 0.33 18.90 -3.12
C ARG B 6 1.46 18.22 -3.90
N GLU B 7 2.69 18.60 -3.58
CA GLU B 7 3.88 18.04 -4.22
C GLU B 7 3.97 16.52 -4.00
N ILE B 8 3.74 16.09 -2.76
CA ILE B 8 3.79 14.68 -2.40
C ILE B 8 2.61 13.91 -3.03
N GLY B 9 1.40 14.45 -2.87
CA GLY B 9 0.21 13.82 -3.41
C GLY B 9 0.25 13.65 -4.93
N ALA B 10 0.74 14.68 -5.63
CA ALA B 10 0.84 14.63 -7.07
C ALA B 10 1.97 13.69 -7.51
N GLN B 11 3.04 13.66 -6.72
CA GLN B 11 4.20 12.80 -7.00
C GLN B 11 3.83 11.33 -6.89
N LEU B 12 3.26 10.94 -5.75
CA LEU B 12 2.85 9.56 -5.52
C LEU B 12 1.83 9.14 -6.57
N ARG B 13 0.89 10.03 -6.86
CA ARG B 13 -0.12 9.76 -7.89
C ARG B 13 0.53 9.57 -9.26
N ARG B 14 1.50 10.45 -9.58
CA ARG B 14 2.22 10.36 -10.85
C ARG B 14 2.89 9.00 -11.02
N ILE B 15 3.63 8.57 -10.00
CA ILE B 15 4.30 7.28 -10.04
C ILE B 15 3.28 6.15 -10.09
N ALA B 16 2.26 6.26 -9.25
CA ALA B 16 1.19 5.26 -9.18
C ALA B 16 0.49 5.05 -10.52
N ASP B 17 0.01 6.15 -11.10
CA ASP B 17 -0.69 6.10 -12.38
C ASP B 17 0.23 5.58 -13.49
N ASP B 18 1.49 6.01 -13.48
CA ASP B 18 2.46 5.54 -14.47
C ASP B 18 2.62 4.02 -14.35
N LEU B 19 2.82 3.56 -13.11
CA LEU B 19 2.95 2.13 -12.83
C LEU B 19 1.72 1.35 -13.29
N ASN B 20 0.53 1.83 -12.90
CA ASN B 20 -0.71 1.15 -13.29
C ASN B 20 -0.93 1.20 -14.80
N ALA B 21 -0.54 2.31 -15.43
CA ALA B 21 -0.70 2.47 -16.88
C ALA B 21 0.06 1.38 -17.64
N GLN B 22 1.20 0.95 -17.09
CA GLN B 22 2.00 -0.12 -17.71
C GLN B 22 1.16 -1.37 -18.01
N TYR B 23 0.25 -1.71 -17.08
CA TYR B 23 -0.63 -2.86 -17.26
C TYR B 23 -1.94 -2.44 -17.94
N GLU B 24 -2.43 -1.26 -17.57
CA GLU B 24 -3.68 -0.72 -18.12
C GLU B 24 -3.67 -0.62 -19.65
N ARG B 25 -2.56 -0.14 -20.22
CA ARG B 25 -2.46 0.01 -21.67
C ARG B 25 -1.96 -1.25 -22.39
N ARG B 26 -2.32 -2.42 -21.86
CA ARG B 26 -1.92 -3.68 -22.48
C ARG B 26 -3.05 -4.30 -23.30
N MET B 27 -2.80 -4.46 -24.61
CA MET B 27 -3.80 -5.04 -25.51
C MET B 27 -3.18 -6.17 -26.34
N GLY A 1 -16.10 -14.90 6.37
CA GLY A 1 -16.83 -14.96 7.67
C GLY A 1 -18.21 -14.35 7.58
N PRO A 2 -18.83 -13.99 8.72
CA PRO A 2 -20.16 -13.39 8.76
C PRO A 2 -20.16 -11.93 8.29
N LEU A 3 -20.36 -11.73 6.98
CA LEU A 3 -20.36 -10.39 6.37
C LEU A 3 -21.37 -9.42 7.03
N GLY A 4 -22.32 -9.96 7.78
CA GLY A 4 -23.29 -9.12 8.46
C GLY A 4 -22.66 -8.25 9.55
N SER A 5 -21.53 -8.72 10.10
CA SER A 5 -20.83 -7.97 11.14
C SER A 5 -19.31 -7.95 10.89
N GLU A 6 -18.78 -8.98 10.24
CA GLU A 6 -17.35 -9.07 9.96
C GLU A 6 -17.05 -8.67 8.51
N ASP A 7 -15.85 -8.17 8.28
CA ASP A 7 -15.45 -7.75 6.94
C ASP A 7 -14.26 -8.58 6.43
N ASP A 8 -14.55 -9.55 5.56
CA ASP A 8 -13.52 -10.41 5.00
C ASP A 8 -12.47 -9.60 4.23
N LEU A 9 -12.90 -8.52 3.58
CA LEU A 9 -11.98 -7.67 2.84
C LEU A 9 -11.04 -6.94 3.81
N TYR A 10 -11.63 -6.40 4.88
CA TYR A 10 -10.86 -5.70 5.91
C TYR A 10 -9.93 -6.67 6.64
N ARG A 11 -10.44 -7.87 6.95
CA ARG A 11 -9.63 -8.88 7.64
C ARG A 11 -8.39 -9.24 6.82
N GLN A 12 -8.59 -9.52 5.53
CA GLN A 12 -7.48 -9.87 4.65
C GLN A 12 -6.50 -8.71 4.51
N SER A 13 -7.01 -7.55 4.07
CA SER A 13 -6.17 -6.36 3.88
C SER A 13 -5.41 -6.00 5.16
N LEU A 14 -6.10 -6.02 6.30
CA LEU A 14 -5.48 -5.70 7.59
C LEU A 14 -4.25 -6.55 7.86
N GLU A 15 -4.39 -7.86 7.75
CA GLU A 15 -3.26 -8.75 8.01
C GLU A 15 -2.24 -8.74 6.86
N ILE A 16 -2.73 -8.75 5.62
CA ILE A 16 -1.84 -8.74 4.45
C ILE A 16 -0.93 -7.51 4.43
N ILE A 17 -1.48 -6.33 4.71
CA ILE A 17 -0.71 -5.10 4.72
C ILE A 17 0.22 -5.02 5.94
N SER A 18 -0.31 -5.29 7.14
CA SER A 18 0.51 -5.24 8.36
C SER A 18 1.64 -6.27 8.32
N ARG A 19 1.33 -7.48 7.83
CA ARG A 19 2.35 -8.53 7.70
C ARG A 19 3.47 -8.05 6.78
N TYR A 20 3.07 -7.53 5.62
CA TYR A 20 4.02 -6.99 4.63
C TYR A 20 4.86 -5.86 5.23
N LEU A 21 4.18 -4.91 5.88
CA LEU A 21 4.82 -3.75 6.51
C LEU A 21 5.90 -4.18 7.52
N ARG A 22 5.56 -5.10 8.42
CA ARG A 22 6.49 -5.60 9.42
C ARG A 22 7.72 -6.28 8.80
N GLU A 23 7.49 -7.17 7.85
CA GLU A 23 8.60 -7.86 7.18
C GLU A 23 9.43 -6.86 6.36
N GLN A 24 8.75 -5.89 5.74
CA GLN A 24 9.42 -4.87 4.94
C GLN A 24 10.29 -3.94 5.79
N ALA A 25 9.71 -3.43 6.89
CA ALA A 25 10.42 -2.51 7.79
C ALA A 25 11.66 -3.17 8.42
N THR A 26 11.61 -4.48 8.59
CA THR A 26 12.74 -5.22 9.18
C THR A 26 13.68 -5.80 8.12
N GLY A 27 13.27 -5.71 6.85
CA GLY A 27 14.09 -6.25 5.78
C GLY A 27 14.03 -7.77 5.72
N SER A 28 12.92 -8.31 6.21
CA SER A 28 12.70 -9.75 6.27
C SER A 28 12.14 -10.29 4.94
N LYS A 29 12.58 -11.49 4.60
CA LYS A 29 12.14 -12.16 3.38
C LYS A 29 11.11 -13.24 3.73
N ASP A 30 11.08 -13.61 5.01
CA ASP A 30 10.18 -14.64 5.52
C ASP A 30 8.71 -14.22 5.40
N SER A 31 8.08 -14.63 4.31
CA SER A 31 6.68 -14.31 4.06
C SER A 31 5.78 -15.40 4.63
N LYS A 32 5.28 -15.17 5.84
CA LYS A 32 4.41 -16.11 6.53
C LYS A 32 3.21 -16.51 5.68
N PRO A 33 2.87 -17.82 5.65
CA PRO A 33 1.74 -18.34 4.88
C PRO A 33 0.41 -17.71 5.28
N LEU A 34 -0.16 -16.92 4.37
CA LEU A 34 -1.43 -16.23 4.60
C LEU A 34 -2.63 -17.17 4.50
N GLY A 35 -2.45 -18.42 4.91
CA GLY A 35 -3.53 -19.42 4.86
C GLY A 35 -4.75 -19.01 5.67
N GLU A 36 -4.56 -18.08 6.62
CA GLU A 36 -5.65 -17.59 7.44
C GLU A 36 -6.48 -16.59 6.65
N ALA A 37 -5.82 -15.89 5.72
CA ALA A 37 -6.47 -14.93 4.87
C ALA A 37 -7.13 -15.63 3.67
N GLY A 38 -6.33 -16.42 2.96
CA GLY A 38 -6.83 -17.14 1.82
C GLY A 38 -5.73 -17.60 0.89
N ALA A 39 -6.08 -18.32 -0.16
CA ALA A 39 -5.10 -18.80 -1.13
C ALA A 39 -4.54 -17.61 -1.94
N ALA A 40 -5.36 -16.56 -2.06
CA ALA A 40 -4.99 -15.37 -2.80
C ALA A 40 -4.01 -14.49 -2.00
N GLY A 41 -3.98 -14.68 -0.69
CA GLY A 41 -3.08 -13.90 0.17
C GLY A 41 -1.64 -13.95 -0.28
N ARG A 42 -1.18 -15.15 -0.66
CA ARG A 42 0.19 -15.34 -1.12
C ARG A 42 0.43 -14.59 -2.44
N ARG A 43 -0.42 -14.87 -3.43
CA ARG A 43 -0.32 -14.23 -4.74
C ARG A 43 -0.35 -12.69 -4.61
N ALA A 44 -1.13 -12.20 -3.66
CA ALA A 44 -1.24 -10.76 -3.42
C ALA A 44 0.04 -10.22 -2.76
N LEU A 45 0.52 -10.93 -1.73
CA LEU A 45 1.73 -10.52 -1.02
C LEU A 45 2.95 -10.58 -1.93
N GLU A 46 3.05 -11.63 -2.74
CA GLU A 46 4.17 -11.82 -3.66
C GLU A 46 4.22 -10.70 -4.71
N THR A 47 3.05 -10.34 -5.25
CA THR A 47 2.97 -9.29 -6.27
C THR A 47 3.14 -7.90 -5.65
N LEU A 48 2.50 -7.65 -4.51
CA LEU A 48 2.60 -6.36 -3.83
C LEU A 48 4.03 -6.07 -3.41
N ARG A 49 4.74 -7.10 -2.95
CA ARG A 49 6.12 -6.96 -2.51
C ARG A 49 7.08 -6.70 -3.68
N ARG A 50 7.02 -7.55 -4.71
CA ARG A 50 7.90 -7.40 -5.87
C ARG A 50 7.75 -6.03 -6.53
N VAL A 51 6.51 -5.55 -6.66
CA VAL A 51 6.28 -4.25 -7.27
C VAL A 51 6.63 -3.14 -6.28
N GLY A 52 6.16 -3.27 -5.04
CA GLY A 52 6.46 -2.29 -4.01
C GLY A 52 7.95 -2.04 -3.86
N ASP A 53 8.72 -3.11 -3.69
CA ASP A 53 10.17 -3.01 -3.56
C ASP A 53 10.79 -2.43 -4.84
N GLY A 54 10.32 -2.91 -5.99
CA GLY A 54 10.81 -2.43 -7.28
C GLY A 54 10.61 -0.92 -7.43
N VAL A 55 9.40 -0.44 -7.15
CA VAL A 55 9.09 0.99 -7.25
C VAL A 55 9.94 1.80 -6.25
N GLN A 56 10.16 1.22 -5.07
CA GLN A 56 10.97 1.87 -4.03
C GLN A 56 12.37 2.18 -4.55
N ARG A 57 12.94 1.25 -5.32
CA ARG A 57 14.27 1.45 -5.89
C ARG A 57 14.21 2.34 -7.15
N ASN A 58 13.16 2.15 -7.96
CA ASN A 58 12.98 2.93 -9.19
C ASN A 58 12.76 4.42 -8.87
N HIS A 59 11.79 4.72 -8.02
CA HIS A 59 11.50 6.10 -7.64
C HIS A 59 12.00 6.40 -6.23
N GLU A 60 13.23 5.99 -5.95
CA GLU A 60 13.87 6.17 -4.65
C GLU A 60 13.97 7.65 -4.29
N THR A 61 14.46 8.46 -5.22
CA THR A 61 14.61 9.90 -5.01
C THR A 61 13.27 10.54 -4.67
N ALA A 62 12.21 10.08 -5.32
CA ALA A 62 10.87 10.59 -5.09
C ALA A 62 10.37 10.14 -3.71
N PHE A 63 10.47 8.84 -3.45
CA PHE A 63 10.03 8.27 -2.17
C PHE A 63 10.75 8.92 -1.00
N GLN A 64 12.08 8.99 -1.07
CA GLN A 64 12.88 9.61 -0.02
C GLN A 64 12.52 11.08 0.10
N GLY A 65 12.24 11.72 -1.03
CA GLY A 65 11.83 13.12 -1.01
C GLY A 65 10.58 13.34 -0.19
N MET A 66 9.53 12.57 -0.48
CA MET A 66 8.28 12.66 0.27
C MET A 66 8.48 12.19 1.72
N LEU A 67 9.26 11.12 1.89
CA LEU A 67 9.55 10.56 3.21
C LEU A 67 10.24 11.56 4.14
N ARG A 68 11.24 12.27 3.62
CA ARG A 68 11.97 13.25 4.41
C ARG A 68 11.06 14.39 4.88
N LYS A 69 10.16 14.83 4.01
CA LYS A 69 9.23 15.90 4.37
C LYS A 69 8.17 15.38 5.35
N LEU A 70 7.67 14.18 5.09
CA LEU A 70 6.67 13.57 5.96
C LEU A 70 7.30 12.67 7.03
N ASP A 71 8.16 13.26 7.86
CA ASP A 71 8.81 12.52 8.93
C ASP A 71 7.83 12.26 10.07
N ILE A 72 7.66 11.00 10.44
CA ILE A 72 6.72 10.63 11.50
C ILE A 72 7.38 10.70 12.88
N LYS A 73 6.90 11.63 13.71
CA LYS A 73 7.42 11.81 15.06
C LYS A 73 6.33 11.75 16.12
N ASN A 74 5.07 11.97 15.71
CA ASN A 74 3.96 11.92 16.66
C ASN A 74 2.69 11.36 16.03
N GLU A 75 1.61 11.29 16.82
CA GLU A 75 0.32 10.80 16.36
C GLU A 75 -0.26 11.72 15.29
N GLY A 76 -0.01 13.03 15.44
CA GLY A 76 -0.52 14.01 14.47
C GLY A 76 -0.12 13.70 13.03
N ASP A 77 1.00 13.00 12.86
CA ASP A 77 1.49 12.63 11.54
C ASP A 77 0.58 11.58 10.88
N VAL A 78 -0.14 10.82 11.71
CA VAL A 78 -1.05 9.78 11.22
C VAL A 78 -2.25 10.40 10.48
N LYS A 79 -2.80 11.48 11.05
CA LYS A 79 -3.92 12.18 10.45
C LYS A 79 -3.50 12.78 9.11
N SER A 80 -2.25 13.25 9.06
CA SER A 80 -1.69 13.82 7.84
C SER A 80 -1.62 12.74 6.76
N PHE A 81 -1.21 11.53 7.18
CA PHE A 81 -1.13 10.39 6.27
C PHE A 81 -2.47 10.14 5.61
N SER A 82 -3.56 10.20 6.39
CA SER A 82 -4.91 10.03 5.84
C SER A 82 -5.15 11.05 4.72
N ARG A 83 -4.80 12.30 5.00
CA ARG A 83 -4.94 13.38 4.02
C ARG A 83 -4.10 13.08 2.77
N VAL A 84 -2.87 12.62 2.98
CA VAL A 84 -1.98 12.26 1.87
C VAL A 84 -2.58 11.12 1.04
N MET A 85 -3.05 10.08 1.73
CA MET A 85 -3.66 8.92 1.06
C MET A 85 -4.86 9.35 0.23
N VAL A 86 -5.74 10.16 0.84
CA VAL A 86 -6.92 10.66 0.14
C VAL A 86 -6.50 11.47 -1.09
N HIS A 87 -5.36 12.16 -1.00
CA HIS A 87 -4.85 12.94 -2.13
C HIS A 87 -4.45 12.04 -3.30
N VAL A 88 -3.85 10.88 -3.00
CA VAL A 88 -3.45 9.95 -4.06
C VAL A 88 -4.70 9.39 -4.78
N PHE A 89 -5.78 9.26 -4.02
CA PHE A 89 -7.04 8.78 -4.59
C PHE A 89 -7.87 9.93 -5.16
N LYS A 90 -7.32 11.15 -5.12
CA LYS A 90 -8.00 12.34 -5.64
C LYS A 90 -7.90 12.41 -7.17
N ASP A 91 -7.23 11.42 -7.76
CA ASP A 91 -7.07 11.36 -9.21
C ASP A 91 -8.42 11.27 -9.93
N GLY A 92 -9.46 10.88 -9.20
CA GLY A 92 -10.78 10.76 -9.78
C GLY A 92 -11.14 9.32 -10.10
N VAL A 93 -10.14 8.52 -10.43
CA VAL A 93 -10.36 7.10 -10.75
C VAL A 93 -9.80 6.20 -9.65
N THR A 94 -9.96 4.89 -9.85
CA THR A 94 -9.46 3.90 -8.89
C THR A 94 -8.64 2.82 -9.61
N ASN A 95 -7.35 2.76 -9.32
CA ASN A 95 -6.49 1.76 -9.96
C ASN A 95 -5.57 1.08 -8.93
N TRP A 96 -4.97 -0.04 -9.34
CA TRP A 96 -4.09 -0.81 -8.47
C TRP A 96 -2.71 -0.16 -8.30
N GLY A 97 -2.20 0.48 -9.35
CA GLY A 97 -0.88 1.13 -9.26
C GLY A 97 -0.82 2.19 -8.18
N ARG A 98 -1.92 2.93 -8.01
CA ARG A 98 -2.01 3.97 -6.99
C ARG A 98 -2.01 3.36 -5.59
N ILE A 99 -2.65 2.19 -5.48
CA ILE A 99 -2.73 1.48 -4.22
C ILE A 99 -1.39 0.82 -3.86
N VAL A 100 -0.79 0.11 -4.80
CA VAL A 100 0.51 -0.54 -4.58
C VAL A 100 1.58 0.49 -4.21
N THR A 101 1.59 1.60 -4.93
CA THR A 101 2.54 2.68 -4.66
C THR A 101 2.25 3.29 -3.29
N LEU A 102 0.96 3.45 -2.98
CA LEU A 102 0.52 3.98 -1.69
C LEU A 102 1.01 3.07 -0.55
N ILE A 103 0.80 1.77 -0.71
CA ILE A 103 1.26 0.79 0.28
C ILE A 103 2.79 0.76 0.32
N SER A 104 3.42 0.84 -0.85
CA SER A 104 4.89 0.87 -0.95
C SER A 104 5.45 2.05 -0.15
N PHE A 105 4.80 3.21 -0.29
CA PHE A 105 5.21 4.40 0.46
C PHE A 105 5.01 4.14 1.95
N GLY A 106 3.85 3.58 2.30
CA GLY A 106 3.58 3.25 3.69
C GLY A 106 4.63 2.31 4.26
N ALA A 107 5.06 1.35 3.42
CA ALA A 107 6.10 0.41 3.81
C ALA A 107 7.43 1.13 4.03
N PHE A 108 7.74 2.07 3.13
CA PHE A 108 8.95 2.89 3.25
C PHE A 108 8.90 3.72 4.53
N VAL A 109 7.70 4.19 4.87
CA VAL A 109 7.48 4.97 6.09
C VAL A 109 7.74 4.10 7.31
N ALA A 110 7.23 2.86 7.27
CA ALA A 110 7.44 1.91 8.35
C ALA A 110 8.93 1.65 8.56
N LYS A 111 9.68 1.62 7.45
CA LYS A 111 11.13 1.44 7.50
C LYS A 111 11.77 2.64 8.18
N HIS A 112 11.27 3.84 7.86
CA HIS A 112 11.77 5.08 8.47
C HIS A 112 11.52 5.06 9.98
N LEU A 113 10.39 4.46 10.37
CA LEU A 113 10.05 4.34 11.78
C LEU A 113 10.95 3.29 12.45
N LYS A 114 11.03 2.11 11.81
CA LYS A 114 11.86 1.02 12.31
C LYS A 114 13.32 1.45 12.47
N SER A 115 13.79 2.28 11.54
CA SER A 115 15.17 2.80 11.59
C SER A 115 15.46 3.52 12.91
N VAL A 116 14.43 4.11 13.50
CA VAL A 116 14.57 4.82 14.78
C VAL A 116 13.88 4.03 15.91
N ASN A 117 13.55 2.76 15.61
CA ASN A 117 12.87 1.88 16.58
C ASN A 117 11.49 2.43 16.98
N GLN A 118 10.81 3.10 16.05
CA GLN A 118 9.50 3.67 16.32
C GLN A 118 8.37 2.68 15.97
N GLU A 119 8.51 1.44 16.47
CA GLU A 119 7.51 0.38 16.22
C GLU A 119 6.12 0.77 16.71
N SER A 120 6.07 1.57 17.79
CA SER A 120 4.80 2.04 18.37
C SER A 120 3.97 2.80 17.34
N PHE A 121 4.63 3.30 16.29
CA PHE A 121 3.94 4.02 15.23
C PHE A 121 3.65 3.09 14.04
N ILE A 122 4.53 2.11 13.82
CA ILE A 122 4.38 1.16 12.71
C ILE A 122 3.03 0.43 12.75
N GLU A 123 2.71 -0.18 13.90
CA GLU A 123 1.45 -0.91 14.05
C GLU A 123 0.24 -0.01 13.71
N PRO A 124 0.05 1.15 14.40
CA PRO A 124 -1.06 2.06 14.11
C PRO A 124 -1.00 2.61 12.68
N LEU A 125 0.22 2.82 12.16
CA LEU A 125 0.39 3.33 10.80
C LEU A 125 -0.16 2.34 9.78
N ALA A 126 0.30 1.09 9.86
CA ALA A 126 -0.16 0.03 8.95
C ALA A 126 -1.69 -0.15 9.04
N GLU A 127 -2.22 0.05 10.25
CA GLU A 127 -3.66 -0.08 10.47
C GLU A 127 -4.40 1.12 9.85
N THR A 128 -3.91 2.32 10.14
CA THR A 128 -4.52 3.55 9.60
C THR A 128 -4.44 3.56 8.07
N ILE A 129 -3.30 3.13 7.53
CA ILE A 129 -3.12 3.05 6.09
C ILE A 129 -4.18 2.13 5.49
N THR A 130 -4.23 0.90 5.99
CA THR A 130 -5.22 -0.09 5.53
C THR A 130 -6.64 0.46 5.67
N ASP A 131 -6.92 1.06 6.82
CA ASP A 131 -8.24 1.65 7.09
C ASP A 131 -8.65 2.63 6.00
N VAL A 132 -7.79 3.59 5.69
CA VAL A 132 -8.10 4.58 4.67
C VAL A 132 -8.04 3.94 3.27
N LEU A 133 -7.03 3.12 3.04
CA LEU A 133 -6.83 2.44 1.75
C LEU A 133 -8.06 1.61 1.34
N VAL A 134 -8.62 0.86 2.29
CA VAL A 134 -9.78 0.04 2.01
C VAL A 134 -11.08 0.85 1.98
N ARG A 135 -11.30 1.70 2.97
CA ARG A 135 -12.53 2.48 3.07
C ARG A 135 -12.66 3.55 1.97
N THR A 136 -11.56 4.09 1.47
CA THR A 136 -11.61 5.09 0.39
C THR A 136 -12.32 4.55 -0.85
N LYS A 137 -11.98 3.32 -1.21
CA LYS A 137 -12.58 2.67 -2.38
C LYS A 137 -13.07 1.26 -2.03
N ARG A 138 -13.84 1.16 -0.94
CA ARG A 138 -14.36 -0.14 -0.46
C ARG A 138 -15.13 -0.92 -1.53
N ASP A 139 -16.22 -0.35 -2.03
CA ASP A 139 -17.06 -0.99 -3.04
C ASP A 139 -16.26 -1.43 -4.28
N TRP A 140 -15.23 -0.67 -4.63
CA TRP A 140 -14.40 -0.99 -5.79
C TRP A 140 -13.60 -2.28 -5.56
N LEU A 141 -12.92 -2.36 -4.40
CA LEU A 141 -12.13 -3.54 -4.07
C LEU A 141 -13.00 -4.79 -4.06
N VAL A 142 -14.21 -4.67 -3.52
CA VAL A 142 -15.15 -5.79 -3.46
C VAL A 142 -15.46 -6.32 -4.86
N LYS A 143 -15.70 -5.41 -5.81
CA LYS A 143 -15.99 -5.80 -7.19
C LYS A 143 -14.75 -6.32 -7.92
N GLN A 144 -13.58 -5.81 -7.55
CA GLN A 144 -12.32 -6.22 -8.17
C GLN A 144 -11.64 -7.40 -7.46
N ARG A 145 -12.45 -8.25 -6.82
CA ARG A 145 -11.96 -9.44 -6.11
C ARG A 145 -10.84 -9.12 -5.10
N GLY A 146 -10.88 -7.92 -4.53
CA GLY A 146 -9.88 -7.49 -3.55
C GLY A 146 -8.44 -7.73 -3.99
N TRP A 147 -7.73 -8.51 -3.18
CA TRP A 147 -6.33 -8.83 -3.45
C TRP A 147 -6.16 -9.79 -4.63
N ASP A 148 -7.10 -10.69 -4.82
CA ASP A 148 -7.02 -11.65 -5.91
C ASP A 148 -7.19 -10.94 -7.26
N GLY A 149 -8.11 -9.99 -7.32
CA GLY A 149 -8.32 -9.22 -8.54
C GLY A 149 -7.11 -8.36 -8.84
N PHE A 150 -6.52 -7.83 -7.77
CA PHE A 150 -5.32 -7.01 -7.86
C PHE A 150 -4.21 -7.79 -8.58
N VAL A 151 -4.01 -9.05 -8.17
CA VAL A 151 -3.01 -9.90 -8.79
C VAL A 151 -3.37 -10.26 -10.24
N GLU A 152 -4.65 -10.52 -10.49
CA GLU A 152 -5.10 -10.88 -11.84
C GLU A 152 -4.79 -9.76 -12.86
N PHE A 153 -4.93 -8.51 -12.44
CA PHE A 153 -4.62 -7.38 -13.30
C PHE A 153 -3.12 -7.06 -13.26
N PHE A 154 -2.52 -7.19 -12.09
CA PHE A 154 -1.10 -6.89 -11.92
C PHE A 154 -0.17 -7.96 -12.50
N HIS A 155 -0.70 -9.09 -12.91
CA HIS A 155 0.14 -10.15 -13.47
C HIS A 155 -0.09 -10.32 -14.97
N VAL A 156 0.46 -9.38 -15.75
CA VAL A 156 0.34 -9.44 -17.21
C VAL A 156 1.61 -10.01 -17.83
N GLN A 157 2.74 -9.36 -17.54
CA GLN A 157 4.04 -9.80 -18.05
C GLN A 157 5.10 -9.78 -16.95
N ASP A 158 5.28 -10.93 -16.29
CA ASP A 158 6.25 -11.06 -15.21
C ASP A 158 7.23 -12.19 -15.50
N LEU A 159 8.41 -12.10 -14.89
CA LEU A 159 9.45 -13.10 -15.05
C LEU A 159 9.62 -13.93 -13.77
N GLU A 160 8.91 -13.49 -12.72
CA GLU A 160 8.94 -14.16 -11.41
C GLU A 160 10.34 -14.14 -10.78
N GLY A 161 11.08 -13.06 -11.02
CA GLY A 161 12.42 -12.95 -10.47
C GLY A 161 13.43 -12.42 -11.47
N GLY A 162 14.64 -12.96 -11.43
CA GLY A 162 15.69 -12.53 -12.35
C GLY A 162 17.09 -12.80 -11.82
N GLU B 1 -2.35 26.79 2.68
CA GLU B 1 -3.27 25.62 2.73
C GLU B 1 -2.48 24.30 2.75
N GLU B 2 -3.05 23.27 2.12
CA GLU B 2 -2.40 21.96 2.06
C GLU B 2 -1.36 21.88 0.93
N GLU B 3 -0.48 22.88 0.84
CA GLU B 3 0.56 22.92 -0.19
C GLU B 3 1.45 21.67 -0.15
N TRP B 4 2.00 21.40 1.04
CA TRP B 4 2.86 20.25 1.25
C TRP B 4 2.14 18.95 0.88
N ALA B 5 0.88 18.84 1.29
CA ALA B 5 0.07 17.67 1.00
C ALA B 5 -0.17 17.51 -0.50
N ARG B 6 -0.57 18.61 -1.16
CA ARG B 6 -0.80 18.57 -2.60
C ARG B 6 0.48 18.20 -3.34
N GLU B 7 1.60 18.74 -2.88
CA GLU B 7 2.90 18.45 -3.47
C GLU B 7 3.24 16.96 -3.31
N ILE B 8 3.16 16.47 -2.07
CA ILE B 8 3.43 15.06 -1.79
C ILE B 8 2.48 14.14 -2.56
N GLY B 9 1.19 14.46 -2.51
CA GLY B 9 0.19 13.68 -3.21
C GLY B 9 0.43 13.65 -4.70
N ALA B 10 0.84 14.79 -5.27
CA ALA B 10 1.13 14.87 -6.69
C ALA B 10 2.32 13.99 -7.04
N GLN B 11 3.31 13.99 -6.16
CA GLN B 11 4.51 13.17 -6.34
C GLN B 11 4.16 11.68 -6.24
N LEU B 12 3.43 11.31 -5.18
CA LEU B 12 3.01 9.92 -4.98
C LEU B 12 2.18 9.43 -6.16
N ARG B 13 1.18 10.23 -6.56
CA ARG B 13 0.32 9.87 -7.69
C ARG B 13 1.15 9.79 -8.96
N ARG B 14 2.16 10.66 -9.07
CA ARG B 14 3.07 10.68 -10.22
C ARG B 14 3.79 9.32 -10.34
N ILE B 15 4.26 8.81 -9.21
CA ILE B 15 4.92 7.50 -9.20
C ILE B 15 3.94 6.40 -9.61
N ALA B 16 2.76 6.45 -9.01
CA ALA B 16 1.71 5.47 -9.30
C ALA B 16 1.26 5.55 -10.77
N ASP B 17 1.19 6.77 -11.29
CA ASP B 17 0.79 6.98 -12.69
C ASP B 17 1.80 6.32 -13.63
N ASP B 18 3.10 6.50 -13.36
CA ASP B 18 4.14 5.88 -14.18
C ASP B 18 3.92 4.36 -14.22
N LEU B 19 3.70 3.80 -13.04
CA LEU B 19 3.45 2.37 -12.90
C LEU B 19 2.16 1.95 -13.62
N ASN B 20 1.07 2.66 -13.34
CA ASN B 20 -0.22 2.38 -13.94
C ASN B 20 -0.24 2.48 -15.47
N ALA B 21 0.31 3.57 -16.01
CA ALA B 21 0.35 3.76 -17.46
C ALA B 21 1.11 2.64 -18.14
N GLN B 22 2.29 2.32 -17.63
CA GLN B 22 3.13 1.26 -18.19
C GLN B 22 2.53 -0.12 -17.93
N TYR B 23 1.76 -0.27 -16.86
CA TYR B 23 1.15 -1.54 -16.51
C TYR B 23 -0.14 -1.82 -17.29
N GLU B 24 -1.09 -0.90 -17.21
CA GLU B 24 -2.38 -1.06 -17.88
C GLU B 24 -2.24 -1.08 -19.41
N ARG B 25 -1.31 -0.31 -19.96
CA ARG B 25 -1.12 -0.30 -21.40
C ARG B 25 -0.34 -1.53 -21.85
N ARG B 26 0.20 -2.28 -20.89
CA ARG B 26 0.95 -3.50 -21.19
C ARG B 26 0.01 -4.69 -21.34
N MET B 27 0.01 -5.28 -22.54
CA MET B 27 -0.83 -6.45 -22.82
C MET B 27 -0.01 -7.56 -23.47
N GLY A 1 -27.76 -8.62 13.32
CA GLY A 1 -26.79 -9.75 13.45
C GLY A 1 -25.35 -9.29 13.40
N PRO A 2 -24.40 -10.12 13.87
CA PRO A 2 -22.97 -9.76 13.89
C PRO A 2 -22.31 -9.82 12.51
N LEU A 3 -23.07 -10.30 11.51
CA LEU A 3 -22.56 -10.40 10.14
C LEU A 3 -22.14 -9.04 9.58
N GLY A 4 -22.80 -7.98 10.04
CA GLY A 4 -22.48 -6.62 9.57
C GLY A 4 -21.09 -6.16 10.01
N SER A 5 -20.48 -6.91 10.91
CA SER A 5 -19.14 -6.58 11.41
C SER A 5 -18.08 -7.41 10.68
N GLU A 6 -18.53 -8.33 9.83
CA GLU A 6 -17.63 -9.20 9.09
C GLU A 6 -17.34 -8.65 7.69
N ASP A 7 -16.07 -8.68 7.30
CA ASP A 7 -15.65 -8.18 6.00
C ASP A 7 -14.40 -8.90 5.51
N ASP A 8 -14.58 -9.78 4.52
CA ASP A 8 -13.48 -10.56 3.96
C ASP A 8 -12.36 -9.64 3.44
N LEU A 9 -12.72 -8.64 2.66
CA LEU A 9 -11.74 -7.70 2.10
C LEU A 9 -11.07 -6.89 3.22
N TYR A 10 -11.88 -6.35 4.14
CA TYR A 10 -11.35 -5.55 5.24
C TYR A 10 -10.40 -6.36 6.13
N ARG A 11 -10.83 -7.54 6.55
CA ARG A 11 -10.01 -8.38 7.41
C ARG A 11 -8.76 -8.90 6.68
N GLN A 12 -8.89 -9.28 5.42
CA GLN A 12 -7.74 -9.76 4.66
C GLN A 12 -6.73 -8.64 4.44
N SER A 13 -7.20 -7.47 4.03
CA SER A 13 -6.31 -6.33 3.80
C SER A 13 -5.53 -5.99 5.07
N LEU A 14 -6.23 -5.90 6.21
CA LEU A 14 -5.60 -5.61 7.49
C LEU A 14 -4.46 -6.60 7.79
N GLU A 15 -4.73 -7.89 7.54
CA GLU A 15 -3.76 -8.95 7.75
C GLU A 15 -2.60 -8.86 6.75
N ILE A 16 -2.91 -8.85 5.46
CA ILE A 16 -1.91 -8.79 4.39
C ILE A 16 -1.02 -7.54 4.48
N ILE A 17 -1.62 -6.37 4.71
CA ILE A 17 -0.86 -5.13 4.79
C ILE A 17 0.02 -5.07 6.05
N SER A 18 -0.54 -5.45 7.21
CA SER A 18 0.24 -5.44 8.46
C SER A 18 1.44 -6.37 8.35
N ARG A 19 1.22 -7.57 7.81
CA ARG A 19 2.31 -8.54 7.64
C ARG A 19 3.35 -7.97 6.69
N TYR A 20 2.90 -7.43 5.55
CA TYR A 20 3.80 -6.82 4.57
C TYR A 20 4.67 -5.77 5.25
N LEU A 21 4.03 -4.90 6.02
CA LEU A 21 4.72 -3.83 6.74
C LEU A 21 5.76 -4.40 7.70
N ARG A 22 5.38 -5.47 8.41
CA ARG A 22 6.26 -6.14 9.36
C ARG A 22 7.51 -6.72 8.68
N GLU A 23 7.30 -7.49 7.61
CA GLU A 23 8.40 -8.10 6.86
C GLU A 23 9.24 -7.03 6.14
N GLN A 24 8.57 -6.04 5.55
CA GLN A 24 9.25 -4.97 4.82
C GLN A 24 10.12 -4.10 5.75
N ALA A 25 9.57 -3.73 6.91
CA ALA A 25 10.30 -2.90 7.87
C ALA A 25 11.53 -3.62 8.45
N THR A 26 11.50 -4.95 8.41
CA THR A 26 12.61 -5.75 8.91
C THR A 26 13.56 -6.19 7.78
N GLY A 27 13.20 -5.85 6.54
CA GLY A 27 14.02 -6.20 5.39
C GLY A 27 13.91 -7.66 4.96
N SER A 28 12.75 -8.27 5.17
CA SER A 28 12.56 -9.67 4.79
C SER A 28 11.62 -9.84 3.58
N LYS A 29 12.06 -10.61 2.59
CA LYS A 29 11.26 -10.88 1.39
C LYS A 29 10.36 -12.10 1.61
N ASP A 30 10.69 -12.89 2.64
CA ASP A 30 9.95 -14.11 2.98
C ASP A 30 8.43 -13.87 3.09
N SER A 31 7.69 -14.40 2.13
CA SER A 31 6.23 -14.29 2.14
C SER A 31 5.63 -15.28 3.13
N LYS A 32 5.55 -14.86 4.39
CA LYS A 32 4.98 -15.70 5.46
C LYS A 32 3.68 -16.36 5.02
N PRO A 33 3.59 -17.71 5.16
CA PRO A 33 2.42 -18.50 4.76
C PRO A 33 1.09 -17.81 5.06
N LEU A 34 0.46 -17.27 4.03
CA LEU A 34 -0.81 -16.57 4.18
C LEU A 34 -2.00 -17.52 4.13
N GLY A 35 -1.80 -18.74 4.63
CA GLY A 35 -2.88 -19.72 4.65
C GLY A 35 -4.05 -19.28 5.51
N GLU A 36 -3.77 -18.38 6.45
CA GLU A 36 -4.81 -17.83 7.34
C GLU A 36 -5.50 -16.67 6.65
N ALA A 37 -4.74 -15.93 5.83
CA ALA A 37 -5.27 -14.79 5.09
C ALA A 37 -6.13 -15.26 3.91
N GLY A 38 -5.55 -16.08 3.05
CA GLY A 38 -6.29 -16.58 1.90
C GLY A 38 -5.40 -17.15 0.82
N ALA A 39 -6.01 -17.82 -0.17
CA ALA A 39 -5.25 -18.41 -1.28
C ALA A 39 -4.57 -17.33 -2.12
N ALA A 40 -5.25 -16.19 -2.29
CA ALA A 40 -4.70 -15.07 -3.05
C ALA A 40 -3.66 -14.30 -2.22
N GLY A 41 -3.68 -14.49 -0.89
CA GLY A 41 -2.77 -13.77 0.00
C GLY A 41 -1.31 -13.93 -0.39
N ARG A 42 -0.88 -15.17 -0.60
CA ARG A 42 0.52 -15.45 -0.97
C ARG A 42 0.94 -14.66 -2.21
N ARG A 43 0.18 -14.80 -3.30
CA ARG A 43 0.49 -14.11 -4.54
C ARG A 43 0.37 -12.59 -4.38
N ALA A 44 -0.63 -12.15 -3.60
CA ALA A 44 -0.84 -10.73 -3.36
C ALA A 44 0.37 -10.13 -2.67
N LEU A 45 0.85 -10.80 -1.62
CA LEU A 45 2.01 -10.34 -0.87
C LEU A 45 3.28 -10.39 -1.73
N GLU A 46 3.43 -11.46 -2.53
CA GLU A 46 4.60 -11.61 -3.39
C GLU A 46 4.67 -10.49 -4.44
N THR A 47 3.58 -10.32 -5.20
CA THR A 47 3.51 -9.30 -6.25
C THR A 47 3.58 -7.88 -5.67
N LEU A 48 2.81 -7.62 -4.61
CA LEU A 48 2.81 -6.31 -3.96
C LEU A 48 4.21 -5.90 -3.53
N ARG A 49 4.96 -6.86 -2.98
CA ARG A 49 6.32 -6.62 -2.51
C ARG A 49 7.26 -6.21 -3.66
N ARG A 50 7.25 -6.99 -4.74
CA ARG A 50 8.10 -6.71 -5.89
C ARG A 50 7.77 -5.35 -6.50
N VAL A 51 6.49 -5.07 -6.69
CA VAL A 51 6.07 -3.78 -7.25
C VAL A 51 6.43 -2.64 -6.29
N GLY A 52 6.10 -2.82 -5.02
CA GLY A 52 6.39 -1.83 -4.01
C GLY A 52 7.88 -1.53 -3.88
N ASP A 53 8.70 -2.58 -3.81
CA ASP A 53 10.15 -2.38 -3.70
C ASP A 53 10.72 -1.93 -5.05
N GLY A 54 10.12 -2.42 -6.14
CA GLY A 54 10.55 -2.02 -7.47
C GLY A 54 10.46 -0.52 -7.67
N VAL A 55 9.28 0.05 -7.37
CA VAL A 55 9.11 1.50 -7.51
C VAL A 55 9.97 2.24 -6.49
N GLN A 56 10.06 1.70 -5.27
CA GLN A 56 10.87 2.28 -4.21
C GLN A 56 12.30 2.51 -4.70
N ARG A 57 12.89 1.47 -5.28
CA ARG A 57 14.25 1.54 -5.81
C ARG A 57 14.35 2.52 -6.99
N ASN A 58 13.38 2.47 -7.91
CA ASN A 58 13.37 3.35 -9.07
C ASN A 58 13.32 4.83 -8.68
N HIS A 59 12.43 5.19 -7.77
CA HIS A 59 12.33 6.58 -7.33
C HIS A 59 12.67 6.73 -5.83
N GLU A 60 13.84 6.24 -5.44
CA GLU A 60 14.30 6.33 -4.05
C GLU A 60 14.34 7.78 -3.57
N THR A 61 15.05 8.61 -4.32
CA THR A 61 15.19 10.04 -4.01
C THR A 61 13.83 10.72 -3.83
N ALA A 62 12.95 10.52 -4.81
CA ALA A 62 11.61 11.10 -4.78
C ALA A 62 10.84 10.65 -3.55
N PHE A 63 10.90 9.35 -3.26
CA PHE A 63 10.23 8.76 -2.10
C PHE A 63 10.79 9.32 -0.80
N GLN A 64 12.11 9.35 -0.69
CA GLN A 64 12.77 9.86 0.52
C GLN A 64 12.51 11.36 0.70
N GLY A 65 12.45 12.10 -0.40
CA GLY A 65 12.16 13.53 -0.33
C GLY A 65 10.79 13.79 0.27
N MET A 66 9.81 13.00 -0.16
CA MET A 66 8.45 13.10 0.35
C MET A 66 8.37 12.50 1.77
N LEU A 67 9.15 11.45 2.01
CA LEU A 67 9.19 10.79 3.32
C LEU A 67 9.75 11.73 4.41
N ARG A 68 10.80 12.46 4.07
CA ARG A 68 11.41 13.39 5.02
C ARG A 68 10.55 14.64 5.23
N LYS A 69 9.80 15.04 4.20
CA LYS A 69 8.93 16.22 4.32
C LYS A 69 7.80 15.99 5.33
N LEU A 70 7.40 14.73 5.48
CA LEU A 70 6.35 14.38 6.45
C LEU A 70 6.76 13.15 7.28
N ASP A 71 7.88 13.28 7.99
CA ASP A 71 8.39 12.20 8.83
C ASP A 71 7.45 11.97 10.01
N ILE A 72 7.38 10.73 10.49
CA ILE A 72 6.49 10.40 11.61
C ILE A 72 7.13 10.77 12.95
N LYS A 73 6.62 11.83 13.57
CA LYS A 73 7.15 12.30 14.84
C LYS A 73 6.20 11.96 15.99
N ASN A 74 4.89 11.99 15.71
CA ASN A 74 3.89 11.70 16.74
C ASN A 74 2.65 11.02 16.13
N GLU A 75 1.70 10.64 16.99
CA GLU A 75 0.46 10.00 16.52
C GLU A 75 -0.38 10.97 15.70
N GLY A 76 -0.15 12.27 15.91
CA GLY A 76 -0.89 13.29 15.16
C GLY A 76 -0.59 13.24 13.67
N ASP A 77 0.53 12.61 13.30
CA ASP A 77 0.92 12.49 11.90
C ASP A 77 0.02 11.50 11.16
N VAL A 78 -0.74 10.70 11.92
CA VAL A 78 -1.67 9.73 11.33
C VAL A 78 -2.75 10.43 10.49
N LYS A 79 -3.30 11.53 11.00
CA LYS A 79 -4.33 12.26 10.28
C LYS A 79 -3.76 12.91 9.01
N SER A 80 -2.51 13.37 9.08
CA SER A 80 -1.86 13.97 7.92
C SER A 80 -1.66 12.91 6.84
N PHE A 81 -1.29 11.70 7.27
CA PHE A 81 -1.11 10.59 6.34
C PHE A 81 -2.44 10.29 5.64
N SER A 82 -3.52 10.38 6.41
CA SER A 82 -4.87 10.16 5.89
C SER A 82 -5.16 11.11 4.74
N ARG A 83 -4.88 12.40 4.94
CA ARG A 83 -5.12 13.40 3.90
C ARG A 83 -4.16 13.21 2.72
N VAL A 84 -2.98 12.64 2.99
CA VAL A 84 -1.99 12.35 1.93
C VAL A 84 -2.55 11.29 0.99
N MET A 85 -3.01 10.18 1.58
CA MET A 85 -3.62 9.10 0.81
C MET A 85 -4.86 9.61 0.08
N VAL A 86 -5.66 10.40 0.80
CA VAL A 86 -6.88 10.99 0.23
C VAL A 86 -6.52 11.92 -0.93
N HIS A 87 -5.37 12.61 -0.81
CA HIS A 87 -4.90 13.51 -1.87
C HIS A 87 -4.64 12.74 -3.17
N VAL A 88 -4.12 11.51 -3.06
CA VAL A 88 -3.86 10.67 -4.24
C VAL A 88 -5.17 10.35 -5.00
N PHE A 89 -6.21 10.00 -4.25
CA PHE A 89 -7.52 9.66 -4.83
C PHE A 89 -8.42 10.90 -5.00
N LYS A 90 -7.88 12.09 -4.71
CA LYS A 90 -8.64 13.35 -4.77
C LYS A 90 -9.31 13.63 -6.14
N ASP A 91 -8.97 12.87 -7.16
CA ASP A 91 -9.55 13.07 -8.49
C ASP A 91 -10.82 12.24 -8.67
N GLY A 92 -11.01 11.24 -7.82
CA GLY A 92 -12.19 10.40 -7.91
C GLY A 92 -11.91 9.05 -8.56
N VAL A 93 -10.92 8.99 -9.45
CA VAL A 93 -10.59 7.74 -10.14
C VAL A 93 -9.74 6.82 -9.28
N THR A 94 -9.68 5.55 -9.66
CA THR A 94 -8.90 4.58 -8.89
C THR A 94 -8.08 3.66 -9.80
N ASN A 95 -6.78 3.63 -9.55
CA ASN A 95 -5.86 2.79 -10.32
C ASN A 95 -5.18 1.77 -9.39
N TRP A 96 -4.93 0.56 -9.91
CA TRP A 96 -4.26 -0.48 -9.11
C TRP A 96 -2.86 -0.03 -8.68
N GLY A 97 -2.27 0.85 -9.49
CA GLY A 97 -0.95 1.39 -9.19
C GLY A 97 -1.00 2.29 -7.96
N ARG A 98 -2.15 2.93 -7.75
CA ARG A 98 -2.35 3.82 -6.59
C ARG A 98 -2.36 3.01 -5.30
N ILE A 99 -2.86 1.77 -5.40
CA ILE A 99 -2.92 0.87 -4.26
C ILE A 99 -1.52 0.42 -3.86
N VAL A 100 -0.78 -0.14 -4.81
CA VAL A 100 0.60 -0.61 -4.54
C VAL A 100 1.53 0.54 -4.14
N THR A 101 1.44 1.68 -4.84
CA THR A 101 2.29 2.84 -4.53
C THR A 101 2.06 3.31 -3.09
N LEU A 102 0.80 3.49 -2.70
CA LEU A 102 0.44 3.90 -1.35
C LEU A 102 1.02 2.94 -0.30
N ILE A 103 0.86 1.64 -0.54
CA ILE A 103 1.40 0.64 0.37
C ILE A 103 2.93 0.65 0.35
N SER A 104 3.52 0.88 -0.83
CA SER A 104 4.97 0.97 -0.96
C SER A 104 5.49 2.15 -0.12
N PHE A 105 4.77 3.27 -0.17
CA PHE A 105 5.12 4.45 0.62
C PHE A 105 4.91 4.16 2.11
N GLY A 106 3.78 3.52 2.42
CA GLY A 106 3.50 3.16 3.79
C GLY A 106 4.57 2.23 4.34
N ALA A 107 5.02 1.30 3.50
CA ALA A 107 6.08 0.38 3.87
C ALA A 107 7.40 1.13 4.06
N PHE A 108 7.63 2.13 3.20
CA PHE A 108 8.83 2.95 3.29
C PHE A 108 8.86 3.70 4.62
N VAL A 109 7.69 4.19 5.03
CA VAL A 109 7.54 4.89 6.30
C VAL A 109 7.96 3.95 7.43
N ALA A 110 7.49 2.70 7.37
CA ALA A 110 7.82 1.69 8.35
C ALA A 110 9.33 1.38 8.32
N LYS A 111 9.92 1.40 7.12
CA LYS A 111 11.35 1.15 6.95
C LYS A 111 12.16 2.23 7.67
N HIS A 112 11.79 3.49 7.44
CA HIS A 112 12.46 4.62 8.09
C HIS A 112 12.16 4.64 9.59
N LEU A 113 10.91 4.33 9.95
CA LEU A 113 10.50 4.27 11.34
C LEU A 113 11.29 3.19 12.09
N LYS A 114 11.41 2.02 11.47
CA LYS A 114 12.16 0.92 12.04
C LYS A 114 13.66 1.25 12.10
N SER A 115 14.13 2.03 11.13
CA SER A 115 15.53 2.44 11.07
C SER A 115 15.97 3.15 12.34
N VAL A 116 15.03 3.87 12.97
CA VAL A 116 15.33 4.57 14.22
C VAL A 116 14.65 3.89 15.41
N ASN A 117 14.20 2.65 15.20
CA ASN A 117 13.54 1.85 16.24
C ASN A 117 12.24 2.50 16.75
N GLN A 118 11.46 3.10 15.86
CA GLN A 118 10.20 3.75 16.25
C GLN A 118 9.00 2.90 15.85
N GLU A 119 9.06 1.59 16.15
CA GLU A 119 7.97 0.65 15.83
C GLU A 119 6.64 1.08 16.44
N SER A 120 6.71 1.79 17.56
CA SER A 120 5.52 2.27 18.27
C SER A 120 4.63 3.15 17.37
N PHE A 121 5.21 3.71 16.32
CA PHE A 121 4.44 4.54 15.40
C PHE A 121 4.03 3.75 14.15
N ILE A 122 4.73 2.64 13.89
CA ILE A 122 4.43 1.79 12.75
C ILE A 122 3.05 1.13 12.91
N GLU A 123 2.77 0.64 14.12
CA GLU A 123 1.48 -0.01 14.40
C GLU A 123 0.28 0.90 14.06
N PRO A 124 0.17 2.11 14.65
CA PRO A 124 -0.94 3.03 14.36
C PRO A 124 -0.98 3.45 12.88
N LEU A 125 0.20 3.61 12.28
CA LEU A 125 0.30 4.01 10.88
C LEU A 125 -0.21 2.91 9.93
N ALA A 126 0.35 1.70 10.06
CA ALA A 126 -0.04 0.57 9.20
C ALA A 126 -1.55 0.27 9.27
N GLU A 127 -2.11 0.29 10.48
CA GLU A 127 -3.53 0.04 10.65
C GLU A 127 -4.36 1.14 9.97
N THR A 128 -3.95 2.39 10.16
CA THR A 128 -4.64 3.52 9.55
C THR A 128 -4.55 3.46 8.03
N ILE A 129 -3.35 3.20 7.52
CA ILE A 129 -3.14 3.09 6.08
C ILE A 129 -4.13 2.10 5.46
N THR A 130 -4.26 0.93 6.09
CA THR A 130 -5.16 -0.11 5.62
C THR A 130 -6.61 0.38 5.51
N ASP A 131 -7.15 0.92 6.60
CA ASP A 131 -8.53 1.41 6.59
C ASP A 131 -8.72 2.57 5.61
N VAL A 132 -7.83 3.56 5.65
CA VAL A 132 -7.95 4.70 4.74
C VAL A 132 -7.88 4.25 3.26
N LEU A 133 -6.96 3.33 2.97
CA LEU A 133 -6.79 2.82 1.61
C LEU A 133 -7.99 1.99 1.16
N VAL A 134 -8.44 1.09 2.02
CA VAL A 134 -9.58 0.23 1.68
C VAL A 134 -10.92 0.97 1.72
N ARG A 135 -11.18 1.74 2.77
CA ARG A 135 -12.45 2.44 2.92
C ARG A 135 -12.65 3.58 1.91
N THR A 136 -11.57 4.23 1.45
CA THR A 136 -11.72 5.32 0.47
C THR A 136 -12.33 4.83 -0.84
N LYS A 137 -12.12 3.56 -1.17
CA LYS A 137 -12.65 2.96 -2.41
C LYS A 137 -12.95 1.48 -2.19
N ARG A 138 -13.75 1.17 -1.17
CA ARG A 138 -14.09 -0.21 -0.81
C ARG A 138 -14.81 -0.95 -1.95
N ASP A 139 -15.78 -0.29 -2.58
CA ASP A 139 -16.54 -0.90 -3.67
C ASP A 139 -15.64 -1.25 -4.86
N TRP A 140 -14.69 -0.35 -5.16
CA TRP A 140 -13.74 -0.54 -6.25
C TRP A 140 -12.93 -1.83 -6.07
N LEU A 141 -12.45 -2.05 -4.84
CA LEU A 141 -11.68 -3.25 -4.52
C LEU A 141 -12.57 -4.50 -4.53
N VAL A 142 -13.67 -4.45 -3.77
CA VAL A 142 -14.60 -5.59 -3.68
C VAL A 142 -15.13 -6.02 -5.06
N LYS A 143 -15.40 -5.05 -5.94
CA LYS A 143 -15.89 -5.35 -7.28
C LYS A 143 -14.87 -6.17 -8.09
N GLN A 144 -13.60 -6.07 -7.72
CA GLN A 144 -12.54 -6.80 -8.40
C GLN A 144 -11.96 -7.90 -7.51
N ARG A 145 -12.77 -8.38 -6.56
CA ARG A 145 -12.35 -9.45 -5.64
C ARG A 145 -11.15 -9.06 -4.77
N GLY A 146 -10.90 -7.76 -4.66
CA GLY A 146 -9.79 -7.27 -3.86
C GLY A 146 -8.43 -7.82 -4.27
N TRP A 147 -7.86 -8.65 -3.39
CA TRP A 147 -6.55 -9.25 -3.63
C TRP A 147 -6.57 -10.26 -4.78
N ASP A 148 -7.69 -10.95 -4.95
CA ASP A 148 -7.83 -11.91 -6.04
C ASP A 148 -7.64 -11.21 -7.39
N GLY A 149 -8.41 -10.14 -7.59
CA GLY A 149 -8.31 -9.36 -8.82
C GLY A 149 -6.96 -8.67 -8.91
N PHE A 150 -6.44 -8.23 -7.76
CA PHE A 150 -5.13 -7.59 -7.70
C PHE A 150 -4.08 -8.50 -8.34
N VAL A 151 -4.08 -9.77 -7.91
CA VAL A 151 -3.14 -10.76 -8.45
C VAL A 151 -3.44 -11.05 -9.92
N GLU A 152 -4.72 -11.15 -10.26
CA GLU A 152 -5.14 -11.40 -11.64
C GLU A 152 -4.61 -10.31 -12.58
N PHE A 153 -4.91 -9.05 -12.25
CA PHE A 153 -4.47 -7.92 -13.05
C PHE A 153 -2.94 -7.80 -13.05
N PHE A 154 -2.35 -7.87 -11.85
CA PHE A 154 -0.90 -7.75 -11.71
C PHE A 154 -0.14 -8.97 -12.25
N HIS A 155 -0.88 -10.00 -12.69
CA HIS A 155 -0.29 -11.23 -13.24
C HIS A 155 0.33 -12.11 -12.16
N VAL A 156 0.58 -13.38 -12.50
CA VAL A 156 1.18 -14.31 -11.55
C VAL A 156 2.71 -14.35 -11.72
N GLN A 157 3.42 -13.97 -10.65
CA GLN A 157 4.89 -13.93 -10.65
C GLN A 157 5.42 -12.99 -11.74
N ASP A 158 5.07 -11.72 -11.60
CA ASP A 158 5.47 -10.66 -12.53
C ASP A 158 6.99 -10.57 -12.73
N LEU A 159 7.69 -9.95 -11.78
CA LEU A 159 9.14 -9.79 -11.88
C LEU A 159 9.91 -10.71 -10.93
N GLU A 160 9.39 -11.92 -10.70
CA GLU A 160 10.05 -12.88 -9.81
C GLU A 160 11.15 -13.64 -10.57
N GLY A 161 12.23 -12.95 -10.88
CA GLY A 161 13.34 -13.57 -11.59
C GLY A 161 14.48 -12.60 -11.88
N GLY A 162 14.25 -11.68 -12.80
CA GLY A 162 15.27 -10.70 -13.15
C GLY A 162 14.71 -9.51 -13.91
N GLU B 1 0.87 26.28 3.29
CA GLU B 1 -0.42 25.66 3.71
C GLU B 1 -0.33 24.13 3.67
N GLU B 2 -0.57 23.54 2.50
CA GLU B 2 -0.54 22.08 2.36
C GLU B 2 0.47 21.62 1.30
N GLU B 3 1.44 22.47 0.97
CA GLU B 3 2.47 22.13 -0.04
C GLU B 3 3.11 20.77 0.24
N TRP B 4 3.35 20.48 1.53
CA TRP B 4 3.94 19.20 1.92
C TRP B 4 3.06 18.02 1.50
N ALA B 5 1.77 18.08 1.85
CA ALA B 5 0.84 17.02 1.51
C ALA B 5 0.54 17.03 0.00
N ARG B 6 0.53 18.22 -0.59
CA ARG B 6 0.30 18.35 -2.03
C ARG B 6 1.44 17.75 -2.83
N GLU B 7 2.67 17.94 -2.34
CA GLU B 7 3.85 17.43 -3.00
C GLU B 7 3.83 15.90 -3.06
N ILE B 8 3.64 15.27 -1.91
CA ILE B 8 3.59 13.81 -1.86
C ILE B 8 2.34 13.28 -2.58
N GLY B 9 1.20 13.93 -2.37
CA GLY B 9 -0.03 13.51 -3.02
C GLY B 9 0.03 13.56 -4.53
N ALA B 10 0.60 14.64 -5.07
CA ALA B 10 0.72 14.80 -6.52
C ALA B 10 1.81 13.88 -7.10
N GLN B 11 2.93 13.75 -6.39
CA GLN B 11 4.02 12.90 -6.86
C GLN B 11 3.64 11.44 -6.76
N LEU B 12 3.07 11.03 -5.63
CA LEU B 12 2.62 9.65 -5.43
C LEU B 12 1.62 9.27 -6.51
N ARG B 13 0.73 10.21 -6.83
CA ARG B 13 -0.27 9.99 -7.88
C ARG B 13 0.40 9.76 -9.24
N ARG B 14 1.33 10.64 -9.61
CA ARG B 14 2.03 10.51 -10.89
C ARG B 14 2.74 9.15 -10.98
N ILE B 15 3.42 8.75 -9.92
CA ILE B 15 4.12 7.46 -9.90
C ILE B 15 3.12 6.31 -10.02
N ALA B 16 2.05 6.39 -9.23
CA ALA B 16 1.02 5.36 -9.21
C ALA B 16 0.28 5.25 -10.54
N ASP B 17 -0.15 6.38 -11.09
CA ASP B 17 -0.87 6.40 -12.35
C ASP B 17 0.02 5.93 -13.51
N ASP B 18 1.28 6.35 -13.52
CA ASP B 18 2.21 5.89 -14.56
C ASP B 18 2.45 4.39 -14.39
N LEU B 19 2.68 3.98 -13.14
CA LEU B 19 2.90 2.57 -12.80
C LEU B 19 1.72 1.71 -13.29
N ASN B 20 0.51 2.13 -12.98
CA ASN B 20 -0.69 1.40 -13.41
C ASN B 20 -0.83 1.45 -14.93
N ALA B 21 -0.55 2.61 -15.52
CA ALA B 21 -0.65 2.78 -16.98
C ALA B 21 0.29 1.83 -17.73
N GLN B 22 1.58 1.86 -17.39
CA GLN B 22 2.55 0.98 -18.05
C GLN B 22 2.24 -0.49 -17.76
N TYR B 23 1.71 -0.75 -16.57
CA TYR B 23 1.35 -2.10 -16.17
C TYR B 23 0.14 -2.61 -16.96
N GLU B 24 -0.86 -1.74 -17.14
CA GLU B 24 -2.06 -2.09 -17.90
C GLU B 24 -1.76 -2.16 -19.40
N ARG B 25 -0.85 -1.30 -19.87
CA ARG B 25 -0.48 -1.28 -21.29
C ARG B 25 0.29 -2.52 -21.72
N ARG B 26 1.24 -2.94 -20.89
CA ARG B 26 2.04 -4.11 -21.22
C ARG B 26 1.44 -5.40 -20.63
N MET B 27 1.07 -6.32 -21.51
CA MET B 27 0.50 -7.59 -21.08
C MET B 27 1.60 -8.55 -20.62
N GLY A 1 -13.88 -9.84 16.39
CA GLY A 1 -14.69 -9.05 17.36
C GLY A 1 -16.17 -9.02 17.00
N PRO A 2 -16.84 -7.86 17.13
CA PRO A 2 -18.26 -7.72 16.79
C PRO A 2 -18.53 -7.93 15.30
N LEU A 3 -19.48 -8.83 15.00
CA LEU A 3 -19.85 -9.15 13.62
C LEU A 3 -20.23 -7.90 12.81
N GLY A 4 -20.85 -6.93 13.48
CA GLY A 4 -21.25 -5.70 12.80
C GLY A 4 -20.08 -4.76 12.51
N SER A 5 -18.88 -5.20 12.89
CA SER A 5 -17.66 -4.41 12.67
C SER A 5 -16.58 -5.25 11.98
N GLU A 6 -16.98 -6.43 11.49
CA GLU A 6 -16.05 -7.32 10.81
C GLU A 6 -16.20 -7.21 9.29
N ASP A 7 -15.06 -7.27 8.60
CA ASP A 7 -15.05 -7.16 7.14
C ASP A 7 -14.07 -8.18 6.56
N ASP A 8 -14.57 -9.07 5.69
CA ASP A 8 -13.76 -10.11 5.06
C ASP A 8 -12.60 -9.51 4.26
N LEU A 9 -12.86 -8.39 3.60
CA LEU A 9 -11.83 -7.71 2.82
C LEU A 9 -10.86 -7.02 3.79
N TYR A 10 -11.42 -6.37 4.81
CA TYR A 10 -10.63 -5.68 5.84
C TYR A 10 -9.68 -6.64 6.54
N ARG A 11 -10.20 -7.79 7.00
CA ARG A 11 -9.38 -8.79 7.68
C ARG A 11 -8.22 -9.27 6.79
N GLN A 12 -8.53 -9.59 5.54
CA GLN A 12 -7.53 -10.06 4.60
C GLN A 12 -6.49 -8.97 4.30
N SER A 13 -6.96 -7.81 3.87
CA SER A 13 -6.08 -6.68 3.55
C SER A 13 -5.21 -6.28 4.73
N LEU A 14 -5.84 -6.11 5.89
CA LEU A 14 -5.15 -5.74 7.13
C LEU A 14 -4.01 -6.70 7.43
N GLU A 15 -4.33 -7.98 7.49
CA GLU A 15 -3.33 -9.00 7.77
C GLU A 15 -2.20 -8.99 6.75
N ILE A 16 -2.55 -9.02 5.46
CA ILE A 16 -1.56 -9.01 4.38
C ILE A 16 -0.60 -7.81 4.51
N ILE A 17 -1.16 -6.60 4.64
CA ILE A 17 -0.34 -5.39 4.78
C ILE A 17 0.47 -5.43 6.08
N SER A 18 -0.14 -5.88 7.17
CA SER A 18 0.54 -5.98 8.46
C SER A 18 1.76 -6.90 8.35
N ARG A 19 1.58 -8.08 7.74
CA ARG A 19 2.68 -9.02 7.56
C ARG A 19 3.71 -8.43 6.60
N TYR A 20 3.22 -7.86 5.49
CA TYR A 20 4.09 -7.24 4.49
C TYR A 20 5.01 -6.17 5.10
N LEU A 21 4.41 -5.20 5.78
CA LEU A 21 5.17 -4.12 6.41
C LEU A 21 6.11 -4.65 7.49
N ARG A 22 5.65 -5.66 8.21
CA ARG A 22 6.43 -6.30 9.29
C ARG A 22 7.76 -6.83 8.76
N GLU A 23 7.70 -7.68 7.75
CA GLU A 23 8.90 -8.26 7.15
C GLU A 23 9.70 -7.20 6.39
N GLN A 24 9.00 -6.28 5.73
CA GLN A 24 9.66 -5.21 4.96
C GLN A 24 10.46 -4.26 5.87
N ALA A 25 9.86 -3.85 6.99
CA ALA A 25 10.53 -2.95 7.92
C ALA A 25 11.74 -3.61 8.58
N THR A 26 11.69 -4.94 8.71
CA THR A 26 12.78 -5.70 9.31
C THR A 26 13.81 -6.13 8.26
N GLY A 27 13.46 -5.99 6.99
CA GLY A 27 14.36 -6.36 5.91
C GLY A 27 14.34 -7.84 5.57
N SER A 28 13.23 -8.51 5.90
CA SER A 28 13.10 -9.94 5.62
C SER A 28 12.43 -10.17 4.27
N LYS A 29 12.97 -11.11 3.50
CA LYS A 29 12.43 -11.44 2.18
C LYS A 29 11.32 -12.49 2.27
N ASP A 30 11.29 -13.21 3.39
CA ASP A 30 10.30 -14.25 3.63
C ASP A 30 9.17 -13.75 4.54
N SER A 31 8.01 -13.52 3.98
CA SER A 31 6.87 -13.05 4.76
C SER A 31 6.16 -14.20 5.47
N LYS A 32 5.62 -13.90 6.65
CA LYS A 32 4.91 -14.88 7.48
C LYS A 32 3.74 -15.53 6.73
N PRO A 33 3.36 -16.77 7.12
CA PRO A 33 2.27 -17.53 6.48
C PRO A 33 1.03 -16.69 6.17
N LEU A 34 0.77 -16.50 4.87
CA LEU A 34 -0.38 -15.71 4.43
C LEU A 34 -1.70 -16.48 4.45
N GLY A 35 -1.67 -17.68 5.04
CA GLY A 35 -2.88 -18.49 5.13
C GLY A 35 -3.95 -17.83 5.99
N GLU A 36 -3.53 -16.87 6.81
CA GLU A 36 -4.45 -16.12 7.67
C GLU A 36 -5.32 -15.19 6.83
N ALA A 37 -4.78 -14.76 5.69
CA ALA A 37 -5.50 -13.86 4.79
C ALA A 37 -6.27 -14.63 3.72
N GLY A 38 -5.56 -15.49 2.98
CA GLY A 38 -6.21 -16.27 1.94
C GLY A 38 -5.22 -16.85 0.95
N ALA A 39 -5.73 -17.64 0.01
CA ALA A 39 -4.89 -18.24 -1.03
C ALA A 39 -4.34 -17.19 -1.99
N ALA A 40 -5.18 -16.20 -2.31
CA ALA A 40 -4.79 -15.12 -3.22
C ALA A 40 -3.82 -14.15 -2.55
N GLY A 41 -3.78 -14.17 -1.22
CA GLY A 41 -2.90 -13.30 -0.47
C GLY A 41 -1.44 -13.52 -0.82
N ARG A 42 -1.07 -14.78 -1.03
CA ARG A 42 0.31 -15.14 -1.38
C ARG A 42 0.71 -14.46 -2.69
N ARG A 43 -0.18 -14.51 -3.68
CA ARG A 43 0.08 -13.91 -4.97
C ARG A 43 0.02 -12.38 -4.88
N ALA A 44 -0.87 -11.88 -4.02
CA ALA A 44 -1.04 -10.46 -3.82
C ALA A 44 0.19 -9.84 -3.19
N LEU A 45 0.60 -10.37 -2.03
CA LEU A 45 1.78 -9.86 -1.33
C LEU A 45 3.03 -9.99 -2.20
N GLU A 46 3.14 -11.10 -2.91
CA GLU A 46 4.28 -11.35 -3.79
C GLU A 46 4.38 -10.27 -4.85
N THR A 47 3.29 -10.05 -5.59
CA THR A 47 3.27 -9.03 -6.63
C THR A 47 3.43 -7.64 -6.01
N LEU A 48 2.80 -7.45 -4.85
CA LEU A 48 2.86 -6.19 -4.11
C LEU A 48 4.30 -5.84 -3.74
N ARG A 49 5.05 -6.83 -3.28
CA ARG A 49 6.45 -6.63 -2.91
C ARG A 49 7.32 -6.35 -4.14
N ARG A 50 7.05 -7.06 -5.23
CA ARG A 50 7.82 -6.87 -6.47
C ARG A 50 7.77 -5.41 -6.94
N VAL A 51 6.55 -4.88 -7.05
CA VAL A 51 6.38 -3.49 -7.48
C VAL A 51 6.73 -2.51 -6.36
N GLY A 52 6.42 -2.88 -5.12
CA GLY A 52 6.72 -2.03 -3.98
C GLY A 52 8.19 -1.73 -3.86
N ASP A 53 9.02 -2.77 -3.84
CA ASP A 53 10.46 -2.58 -3.75
C ASP A 53 10.98 -1.94 -5.03
N GLY A 54 10.30 -2.24 -6.15
CA GLY A 54 10.67 -1.66 -7.43
C GLY A 54 10.50 -0.13 -7.43
N VAL A 55 9.32 0.35 -7.06
CA VAL A 55 9.08 1.80 -7.04
C VAL A 55 9.87 2.47 -5.91
N GLN A 56 10.02 1.77 -4.78
CA GLN A 56 10.76 2.31 -3.63
C GLN A 56 12.23 2.56 -3.97
N ARG A 57 12.84 1.62 -4.69
CA ARG A 57 14.25 1.76 -5.06
C ARG A 57 14.45 2.70 -6.25
N ASN A 58 13.58 2.61 -7.26
CA ASN A 58 13.68 3.48 -8.44
C ASN A 58 13.44 4.96 -8.10
N HIS A 59 12.53 5.21 -7.17
CA HIS A 59 12.21 6.58 -6.76
C HIS A 59 12.61 6.83 -5.30
N GLU A 60 13.74 6.24 -4.90
CA GLU A 60 14.26 6.39 -3.54
C GLU A 60 14.43 7.85 -3.12
N THR A 61 15.00 8.66 -4.01
CA THR A 61 15.21 10.08 -3.74
C THR A 61 13.89 10.78 -3.47
N ALA A 62 12.88 10.45 -4.27
CA ALA A 62 11.55 11.04 -4.14
C ALA A 62 10.86 10.51 -2.88
N PHE A 63 10.97 9.20 -2.65
CA PHE A 63 10.35 8.55 -1.50
C PHE A 63 10.95 9.10 -0.19
N GLN A 64 12.29 9.12 -0.10
CA GLN A 64 12.95 9.64 1.09
C GLN A 64 12.64 11.13 1.27
N GLY A 65 12.52 11.85 0.15
CA GLY A 65 12.18 13.25 0.21
C GLY A 65 10.77 13.47 0.75
N MET A 66 9.79 12.79 0.16
CA MET A 66 8.40 12.89 0.60
C MET A 66 8.25 12.34 2.02
N LEU A 67 9.00 11.28 2.34
CA LEU A 67 8.97 10.69 3.67
C LEU A 67 9.50 11.66 4.72
N ARG A 68 10.54 12.42 4.38
CA ARG A 68 11.10 13.39 5.30
C ARG A 68 10.09 14.49 5.59
N LYS A 69 9.30 14.85 4.57
CA LYS A 69 8.26 15.86 4.73
C LYS A 69 7.17 15.35 5.68
N LEU A 70 7.03 14.03 5.75
CA LEU A 70 6.06 13.40 6.63
C LEU A 70 6.74 12.40 7.56
N ASP A 71 7.73 12.88 8.31
CA ASP A 71 8.45 12.04 9.26
C ASP A 71 7.55 11.73 10.46
N ILE A 72 7.38 10.45 10.76
CA ILE A 72 6.50 10.05 11.86
C ILE A 72 7.17 10.21 13.22
N LYS A 73 6.73 11.22 13.96
CA LYS A 73 7.24 11.50 15.28
C LYS A 73 6.12 11.45 16.32
N ASN A 74 4.88 11.69 15.88
CA ASN A 74 3.74 11.67 16.78
C ASN A 74 2.42 11.39 16.04
N GLU A 75 1.32 11.44 16.79
CA GLU A 75 -0.01 11.21 16.23
C GLU A 75 -0.43 12.34 15.27
N GLY A 76 0.23 13.48 15.38
CA GLY A 76 -0.09 14.61 14.52
C GLY A 76 0.31 14.39 13.06
N ASP A 77 1.35 13.59 12.83
CA ASP A 77 1.83 13.31 11.47
C ASP A 77 0.84 12.45 10.70
N VAL A 78 0.23 11.49 11.39
CA VAL A 78 -0.75 10.57 10.80
C VAL A 78 -1.91 11.32 10.12
N LYS A 79 -2.23 12.51 10.63
CA LYS A 79 -3.31 13.33 10.06
C LYS A 79 -2.97 13.75 8.63
N SER A 80 -1.70 14.10 8.41
CA SER A 80 -1.24 14.51 7.09
C SER A 80 -1.12 13.28 6.18
N PHE A 81 -0.83 12.12 6.79
CA PHE A 81 -0.74 10.87 6.05
C PHE A 81 -2.08 10.57 5.39
N SER A 82 -3.17 10.66 6.18
CA SER A 82 -4.51 10.46 5.66
C SER A 82 -4.78 11.48 4.55
N ARG A 83 -4.32 12.72 4.75
CA ARG A 83 -4.47 13.77 3.75
C ARG A 83 -3.79 13.36 2.45
N VAL A 84 -2.61 12.75 2.57
CA VAL A 84 -1.87 12.27 1.40
C VAL A 84 -2.61 11.09 0.75
N MET A 85 -3.10 10.17 1.58
CA MET A 85 -3.85 9.03 1.09
C MET A 85 -5.09 9.47 0.31
N VAL A 86 -5.88 10.36 0.90
CA VAL A 86 -7.06 10.87 0.22
C VAL A 86 -6.65 11.71 -0.99
N HIS A 87 -5.48 12.36 -0.88
CA HIS A 87 -4.95 13.17 -1.98
C HIS A 87 -4.68 12.31 -3.22
N VAL A 88 -4.16 11.09 -3.00
CA VAL A 88 -3.89 10.17 -4.11
C VAL A 88 -5.19 9.70 -4.78
N PHE A 89 -6.20 9.38 -3.98
CA PHE A 89 -7.48 8.92 -4.50
C PHE A 89 -8.44 10.09 -4.80
N LYS A 90 -7.93 11.31 -4.65
CA LYS A 90 -8.70 12.53 -4.90
C LYS A 90 -9.08 12.67 -6.38
N ASP A 91 -8.41 11.91 -7.23
CA ASP A 91 -8.69 11.96 -8.66
C ASP A 91 -9.86 11.04 -9.04
N GLY A 92 -10.37 10.28 -8.07
CA GLY A 92 -11.48 9.37 -8.33
C GLY A 92 -11.06 8.05 -8.94
N VAL A 93 -9.98 8.07 -9.72
CA VAL A 93 -9.47 6.87 -10.36
C VAL A 93 -8.76 5.97 -9.35
N THR A 94 -9.37 4.82 -9.06
CA THR A 94 -8.80 3.88 -8.10
C THR A 94 -7.85 2.89 -8.79
N ASN A 95 -6.79 3.43 -9.38
CA ASN A 95 -5.81 2.60 -10.09
C ASN A 95 -5.07 1.66 -9.11
N TRP A 96 -4.86 0.42 -9.54
CA TRP A 96 -4.17 -0.56 -8.71
C TRP A 96 -2.76 -0.09 -8.37
N GLY A 97 -2.09 0.54 -9.35
CA GLY A 97 -0.75 1.07 -9.12
C GLY A 97 -0.73 2.12 -8.02
N ARG A 98 -1.85 2.83 -7.87
CA ARG A 98 -1.96 3.87 -6.82
C ARG A 98 -2.15 3.22 -5.45
N ILE A 99 -2.93 2.15 -5.41
CA ILE A 99 -3.19 1.42 -4.17
C ILE A 99 -1.90 0.74 -3.67
N VAL A 100 -1.21 0.03 -4.57
CA VAL A 100 0.03 -0.66 -4.20
C VAL A 100 1.15 0.34 -3.89
N THR A 101 1.14 1.49 -4.56
CA THR A 101 2.16 2.51 -4.28
C THR A 101 1.93 3.11 -2.90
N LEU A 102 0.65 3.32 -2.56
CA LEU A 102 0.30 3.83 -1.24
C LEU A 102 0.83 2.88 -0.16
N ILE A 103 0.69 1.59 -0.41
CA ILE A 103 1.19 0.56 0.51
C ILE A 103 2.71 0.55 0.48
N SER A 104 3.28 0.72 -0.72
CA SER A 104 4.74 0.78 -0.89
C SER A 104 5.33 1.89 -0.03
N PHE A 105 4.72 3.08 -0.14
CA PHE A 105 5.15 4.23 0.66
C PHE A 105 5.00 3.91 2.14
N GLY A 106 3.88 3.29 2.50
CA GLY A 106 3.65 2.90 3.88
C GLY A 106 4.72 1.94 4.36
N ALA A 107 5.13 1.03 3.48
CA ALA A 107 6.19 0.06 3.79
C ALA A 107 7.52 0.79 4.02
N PHE A 108 7.79 1.80 3.20
CA PHE A 108 9.02 2.59 3.34
C PHE A 108 8.98 3.41 4.63
N VAL A 109 7.79 3.90 4.97
CA VAL A 109 7.58 4.65 6.21
C VAL A 109 7.87 3.75 7.41
N ALA A 110 7.35 2.52 7.34
CA ALA A 110 7.57 1.54 8.39
C ALA A 110 9.07 1.26 8.56
N LYS A 111 9.80 1.27 7.44
CA LYS A 111 11.25 1.06 7.47
C LYS A 111 11.94 2.20 8.22
N HIS A 112 11.54 3.43 7.94
CA HIS A 112 12.11 4.60 8.61
C HIS A 112 11.78 4.54 10.10
N LEU A 113 10.55 4.11 10.41
CA LEU A 113 10.12 3.98 11.80
C LEU A 113 10.93 2.89 12.49
N LYS A 114 11.12 1.76 11.81
CA LYS A 114 11.89 0.64 12.34
C LYS A 114 13.35 1.05 12.55
N SER A 115 13.88 1.87 11.64
CA SER A 115 15.26 2.35 11.71
C SER A 115 15.55 3.06 13.03
N VAL A 116 14.53 3.73 13.58
CA VAL A 116 14.68 4.44 14.85
C VAL A 116 13.96 3.67 15.97
N ASN A 117 13.56 2.42 15.68
CA ASN A 117 12.87 1.54 16.64
C ASN A 117 11.54 2.13 17.12
N GLN A 118 10.77 2.71 16.20
CA GLN A 118 9.47 3.30 16.56
C GLN A 118 8.32 2.38 16.14
N GLU A 119 8.41 1.10 16.53
CA GLU A 119 7.38 0.11 16.23
C GLU A 119 6.00 0.54 16.75
N SER A 120 6.00 1.26 17.87
CA SER A 120 4.77 1.76 18.49
C SER A 120 4.02 2.71 17.55
N PHE A 121 4.70 3.17 16.50
CA PHE A 121 4.09 4.06 15.52
C PHE A 121 3.82 3.30 14.23
N ILE A 122 4.57 2.21 14.00
CA ILE A 122 4.41 1.39 12.81
C ILE A 122 3.02 0.72 12.77
N GLU A 123 2.64 0.09 13.87
CA GLU A 123 1.35 -0.60 13.95
C GLU A 123 0.17 0.35 13.67
N PRO A 124 0.00 1.47 14.43
CA PRO A 124 -1.10 2.43 14.20
C PRO A 124 -1.06 3.02 12.79
N LEU A 125 0.14 3.25 12.26
CA LEU A 125 0.30 3.78 10.90
C LEU A 125 -0.18 2.76 9.88
N ALA A 126 0.38 1.54 9.95
CA ALA A 126 0.00 0.46 9.04
C ALA A 126 -1.50 0.15 9.13
N GLU A 127 -2.02 0.15 10.37
CA GLU A 127 -3.43 -0.11 10.59
C GLU A 127 -4.27 1.01 9.95
N THR A 128 -3.89 2.25 10.23
CA THR A 128 -4.60 3.41 9.67
C THR A 128 -4.54 3.39 8.14
N ILE A 129 -3.34 3.13 7.59
CA ILE A 129 -3.16 3.06 6.14
C ILE A 129 -4.16 2.09 5.52
N THR A 130 -4.15 0.84 5.99
CA THR A 130 -5.06 -0.17 5.48
C THR A 130 -6.52 0.26 5.64
N ASP A 131 -6.87 0.72 6.85
CA ASP A 131 -8.23 1.16 7.13
C ASP A 131 -8.70 2.25 6.16
N VAL A 132 -7.89 3.31 6.03
CA VAL A 132 -8.22 4.42 5.13
C VAL A 132 -8.22 3.97 3.67
N LEU A 133 -7.25 3.11 3.32
CA LEU A 133 -7.12 2.58 1.97
C LEU A 133 -8.35 1.76 1.57
N VAL A 134 -8.82 0.92 2.48
CA VAL A 134 -9.97 0.07 2.23
C VAL A 134 -11.30 0.86 2.30
N ARG A 135 -11.40 1.74 3.29
CA ARG A 135 -12.63 2.53 3.47
C ARG A 135 -12.85 3.59 2.38
N THR A 136 -11.78 4.10 1.79
CA THR A 136 -11.92 5.12 0.74
C THR A 136 -12.66 4.60 -0.50
N LYS A 137 -12.49 3.30 -0.79
CA LYS A 137 -13.15 2.67 -1.94
C LYS A 137 -13.43 1.18 -1.72
N ARG A 138 -14.25 0.86 -0.71
CA ARG A 138 -14.56 -0.55 -0.42
C ARG A 138 -15.33 -1.23 -1.57
N ASP A 139 -16.31 -0.51 -2.13
CA ASP A 139 -17.13 -1.04 -3.22
C ASP A 139 -16.26 -1.42 -4.44
N TRP A 140 -15.28 -0.59 -4.75
CA TRP A 140 -14.38 -0.83 -5.88
C TRP A 140 -13.66 -2.17 -5.73
N LEU A 141 -13.12 -2.42 -4.52
CA LEU A 141 -12.43 -3.67 -4.23
C LEU A 141 -13.39 -4.86 -4.21
N VAL A 142 -14.64 -4.64 -3.83
CA VAL A 142 -15.63 -5.70 -3.78
C VAL A 142 -16.12 -6.08 -5.19
N LYS A 143 -16.39 -5.06 -6.01
CA LYS A 143 -16.89 -5.26 -7.38
C LYS A 143 -15.98 -6.12 -8.26
N GLN A 144 -14.71 -5.74 -8.39
CA GLN A 144 -13.79 -6.49 -9.24
C GLN A 144 -12.71 -7.22 -8.44
N ARG A 145 -13.06 -7.65 -7.21
CA ARG A 145 -12.13 -8.38 -6.32
C ARG A 145 -11.00 -7.46 -5.82
N GLY A 146 -10.54 -7.73 -4.60
CA GLY A 146 -9.48 -6.93 -4.02
C GLY A 146 -8.10 -7.41 -4.43
N TRP A 147 -7.48 -8.20 -3.56
CA TRP A 147 -6.15 -8.74 -3.85
C TRP A 147 -6.18 -9.61 -5.10
N ASP A 148 -7.31 -10.26 -5.33
CA ASP A 148 -7.50 -11.12 -6.50
C ASP A 148 -7.46 -10.28 -7.78
N GLY A 149 -8.22 -9.18 -7.79
CA GLY A 149 -8.24 -8.29 -8.93
C GLY A 149 -6.87 -7.66 -9.16
N PHE A 150 -6.19 -7.35 -8.05
CA PHE A 150 -4.86 -6.79 -8.09
C PHE A 150 -3.89 -7.78 -8.74
N VAL A 151 -3.90 -9.03 -8.24
CA VAL A 151 -3.03 -10.08 -8.79
C VAL A 151 -3.27 -10.26 -10.29
N GLU A 152 -4.54 -10.33 -10.68
CA GLU A 152 -4.91 -10.51 -12.08
C GLU A 152 -4.39 -9.36 -12.96
N PHE A 153 -4.65 -8.11 -12.56
CA PHE A 153 -4.20 -6.95 -13.32
C PHE A 153 -2.67 -6.84 -13.38
N PHE A 154 -2.00 -7.14 -12.28
CA PHE A 154 -0.54 -7.06 -12.22
C PHE A 154 0.14 -8.40 -12.61
N HIS A 155 -0.66 -9.40 -12.97
CA HIS A 155 -0.11 -10.71 -13.33
C HIS A 155 -1.01 -11.47 -14.30
N VAL A 156 -0.64 -11.48 -15.56
CA VAL A 156 -1.41 -12.18 -16.59
C VAL A 156 -0.97 -13.65 -16.65
N GLN A 157 -1.95 -14.56 -16.47
CA GLN A 157 -1.70 -16.01 -16.50
C GLN A 157 -0.90 -16.47 -15.28
N ASP A 158 -1.60 -16.87 -14.22
CA ASP A 158 -0.97 -17.34 -13.01
C ASP A 158 -0.68 -18.85 -13.06
N LEU A 159 -0.73 -19.42 -14.26
CA LEU A 159 -0.48 -20.85 -14.46
C LEU A 159 1.01 -21.14 -14.51
N GLU A 160 1.69 -20.60 -15.52
CA GLU A 160 3.14 -20.81 -15.68
C GLU A 160 3.96 -19.96 -14.69
N GLY A 161 3.58 -20.00 -13.41
CA GLY A 161 4.28 -19.24 -12.40
C GLY A 161 3.94 -17.76 -12.42
N GLY A 162 4.80 -16.97 -13.07
CA GLY A 162 4.58 -15.54 -13.15
C GLY A 162 5.09 -14.78 -11.93
N GLU B 1 0.26 26.62 2.71
CA GLU B 1 -1.03 26.14 3.27
C GLU B 1 -1.20 24.63 3.08
N GLU B 2 -1.48 24.22 1.84
CA GLU B 2 -1.68 22.80 1.52
C GLU B 2 -0.83 22.33 0.34
N GLU B 3 -0.10 23.27 -0.27
CA GLU B 3 0.77 22.98 -1.44
C GLU B 3 1.71 21.80 -1.20
N TRP B 4 2.25 21.70 0.02
CA TRP B 4 3.15 20.60 0.37
C TRP B 4 2.47 19.24 0.18
N ALA B 5 1.27 19.09 0.74
CA ALA B 5 0.51 17.85 0.62
C ALA B 5 0.07 17.61 -0.82
N ARG B 6 -0.23 18.70 -1.52
CA ARG B 6 -0.65 18.62 -2.93
C ARG B 6 0.43 17.98 -3.78
N GLU B 7 1.68 18.41 -3.56
CA GLU B 7 2.80 17.87 -4.31
C GLU B 7 3.15 16.45 -3.85
N ILE B 8 3.08 16.19 -2.53
CA ILE B 8 3.38 14.86 -1.99
C ILE B 8 2.42 13.82 -2.60
N GLY B 9 1.13 14.15 -2.59
CA GLY B 9 0.13 13.27 -3.17
C GLY B 9 0.27 13.17 -4.68
N ALA B 10 0.59 14.30 -5.32
CA ALA B 10 0.75 14.35 -6.77
C ALA B 10 1.96 13.53 -7.23
N GLN B 11 3.08 13.67 -6.52
CA GLN B 11 4.30 12.93 -6.86
C GLN B 11 4.04 11.43 -6.77
N LEU B 12 3.40 11.00 -5.68
CA LEU B 12 3.05 9.60 -5.49
C LEU B 12 2.06 9.18 -6.58
N ARG B 13 1.15 10.09 -6.92
CA ARG B 13 0.17 9.86 -7.97
C ARG B 13 0.86 9.59 -9.31
N ARG B 14 1.84 10.44 -9.66
CA ARG B 14 2.60 10.29 -10.91
C ARG B 14 3.30 8.93 -10.97
N ILE B 15 4.05 8.60 -9.92
CA ILE B 15 4.77 7.33 -9.84
C ILE B 15 3.81 6.14 -9.95
N ALA B 16 2.73 6.21 -9.18
CA ALA B 16 1.72 5.16 -9.17
C ALA B 16 1.00 5.02 -10.52
N ASP B 17 0.63 6.16 -11.12
CA ASP B 17 -0.06 6.16 -12.40
C ASP B 17 0.74 5.43 -13.48
N ASP B 18 2.05 5.68 -13.56
CA ASP B 18 2.87 4.97 -14.56
C ASP B 18 2.99 3.49 -14.20
N LEU B 19 3.10 3.20 -12.92
CA LEU B 19 3.20 1.81 -12.45
C LEU B 19 1.93 1.04 -12.88
N ASN B 20 0.77 1.66 -12.63
CA ASN B 20 -0.51 1.07 -13.00
C ASN B 20 -0.68 1.03 -14.53
N ALA B 21 -0.43 2.16 -15.18
CA ALA B 21 -0.55 2.28 -16.63
C ALA B 21 0.35 1.29 -17.37
N GLN B 22 1.44 0.85 -16.73
CA GLN B 22 2.36 -0.12 -17.33
C GLN B 22 1.58 -1.33 -17.86
N TYR B 23 0.67 -1.86 -17.05
CA TYR B 23 -0.15 -3.01 -17.45
C TYR B 23 -1.43 -2.53 -18.14
N GLU B 24 -1.90 -1.35 -17.73
CA GLU B 24 -3.11 -0.74 -18.29
C GLU B 24 -2.98 -0.53 -19.80
N ARG B 25 -1.76 -0.21 -20.26
CA ARG B 25 -1.52 0.02 -21.70
C ARG B 25 -0.82 -1.19 -22.36
N ARG B 26 0.02 -1.90 -21.62
CA ARG B 26 0.75 -3.05 -22.17
C ARG B 26 0.47 -4.33 -21.38
N MET B 27 -0.12 -5.33 -22.05
CA MET B 27 -0.43 -6.61 -21.39
C MET B 27 0.68 -7.64 -21.58
N GLY A 1 -19.50 -12.12 13.01
CA GLY A 1 -20.36 -11.37 13.98
C GLY A 1 -21.24 -10.34 13.28
N PRO A 2 -21.06 -9.04 13.57
CA PRO A 2 -21.85 -7.97 12.96
C PRO A 2 -21.49 -7.75 11.48
N LEU A 3 -22.40 -8.15 10.59
CA LEU A 3 -22.19 -8.00 9.14
C LEU A 3 -21.85 -6.56 8.74
N GLY A 4 -22.37 -5.59 9.48
CA GLY A 4 -22.11 -4.19 9.20
C GLY A 4 -20.64 -3.80 9.34
N SER A 5 -19.86 -4.64 10.02
CA SER A 5 -18.44 -4.38 10.21
C SER A 5 -17.60 -5.60 9.79
N GLU A 6 -18.23 -6.55 9.12
CA GLU A 6 -17.55 -7.77 8.69
C GLU A 6 -17.17 -7.70 7.21
N ASP A 7 -15.90 -7.95 6.91
CA ASP A 7 -15.42 -7.92 5.53
C ASP A 7 -14.22 -8.84 5.33
N ASP A 8 -14.36 -9.81 4.43
CA ASP A 8 -13.30 -10.75 4.11
C ASP A 8 -12.07 -10.01 3.58
N LEU A 9 -12.32 -9.00 2.76
CA LEU A 9 -11.25 -8.19 2.18
C LEU A 9 -10.53 -7.42 3.28
N TYR A 10 -11.29 -6.79 4.19
CA TYR A 10 -10.71 -6.03 5.30
C TYR A 10 -9.81 -6.92 6.17
N ARG A 11 -10.24 -8.15 6.38
CA ARG A 11 -9.46 -9.11 7.17
C ARG A 11 -8.15 -9.47 6.46
N GLN A 12 -8.25 -9.78 5.17
CA GLN A 12 -7.08 -10.14 4.37
C GLN A 12 -6.12 -8.96 4.22
N SER A 13 -6.66 -7.81 3.80
CA SER A 13 -5.86 -6.60 3.61
C SER A 13 -5.08 -6.27 4.87
N LEU A 14 -5.78 -6.23 6.00
CA LEU A 14 -5.16 -5.96 7.30
C LEU A 14 -3.96 -6.88 7.56
N GLU A 15 -4.19 -8.20 7.46
CA GLU A 15 -3.15 -9.19 7.68
C GLU A 15 -2.00 -9.07 6.67
N ILE A 16 -2.34 -9.11 5.39
CA ILE A 16 -1.35 -9.01 4.31
C ILE A 16 -0.49 -7.74 4.42
N ILE A 17 -1.13 -6.60 4.70
CA ILE A 17 -0.39 -5.35 4.85
C ILE A 17 0.45 -5.37 6.14
N SER A 18 -0.13 -5.88 7.23
CA SER A 18 0.59 -5.99 8.51
C SER A 18 1.86 -6.83 8.31
N ARG A 19 1.70 -7.97 7.66
CA ARG A 19 2.83 -8.87 7.38
C ARG A 19 3.85 -8.17 6.47
N TYR A 20 3.36 -7.58 5.39
CA TYR A 20 4.20 -6.86 4.42
C TYR A 20 5.01 -5.76 5.10
N LEU A 21 4.33 -4.94 5.90
CA LEU A 21 4.98 -3.84 6.60
C LEU A 21 6.07 -4.32 7.54
N ARG A 22 5.78 -5.38 8.30
CA ARG A 22 6.75 -5.92 9.26
C ARG A 22 7.98 -6.53 8.60
N GLU A 23 7.79 -7.35 7.57
CA GLU A 23 8.93 -7.97 6.89
C GLU A 23 9.86 -6.91 6.30
N GLN A 24 9.29 -5.94 5.60
CA GLN A 24 10.08 -4.85 5.00
C GLN A 24 10.76 -4.02 6.08
N ALA A 25 10.05 -3.74 7.18
CA ALA A 25 10.61 -2.95 8.29
C ALA A 25 11.73 -3.70 9.02
N THR A 26 11.51 -4.98 9.30
CA THR A 26 12.52 -5.80 10.00
C THR A 26 13.76 -6.04 9.14
N GLY A 27 13.60 -6.01 7.83
CA GLY A 27 14.73 -6.24 6.94
C GLY A 27 14.72 -7.60 6.28
N SER A 28 13.52 -8.12 6.06
CA SER A 28 13.33 -9.43 5.43
C SER A 28 12.52 -9.28 4.15
N LYS A 29 12.89 -10.02 3.11
CA LYS A 29 12.16 -9.93 1.84
C LYS A 29 11.14 -11.06 1.70
N ASP A 30 11.32 -12.13 2.46
CA ASP A 30 10.39 -13.27 2.40
C ASP A 30 10.54 -14.19 3.60
N SER A 31 9.79 -13.91 4.66
CA SER A 31 9.82 -14.75 5.87
C SER A 31 8.47 -14.73 6.56
N LYS A 32 7.52 -15.44 5.97
CA LYS A 32 6.17 -15.50 6.52
C LYS A 32 5.34 -16.61 5.86
N PRO A 33 4.53 -17.32 6.64
CA PRO A 33 3.66 -18.37 6.13
C PRO A 33 2.29 -17.81 5.71
N LEU A 34 2.19 -17.36 4.46
CA LEU A 34 0.94 -16.79 3.93
C LEU A 34 -0.15 -17.84 3.66
N GLY A 35 -0.13 -18.94 4.40
CA GLY A 35 -1.12 -19.98 4.22
C GLY A 35 -2.45 -19.65 4.88
N GLU A 36 -2.41 -18.64 5.76
CA GLU A 36 -3.61 -18.21 6.49
C GLU A 36 -4.61 -17.47 5.59
N ALA A 37 -4.15 -16.38 4.96
CA ALA A 37 -5.02 -15.58 4.07
C ALA A 37 -5.58 -16.41 2.91
N GLY A 38 -4.70 -16.86 2.02
CA GLY A 38 -5.15 -17.66 0.90
C GLY A 38 -4.15 -17.67 -0.25
N ALA A 39 -4.46 -18.45 -1.29
CA ALA A 39 -3.60 -18.52 -2.46
C ALA A 39 -3.51 -17.15 -3.14
N ALA A 40 -4.60 -16.40 -3.04
CA ALA A 40 -4.66 -15.06 -3.59
C ALA A 40 -3.73 -14.11 -2.83
N GLY A 41 -3.75 -14.21 -1.49
CA GLY A 41 -2.90 -13.37 -0.66
C GLY A 41 -1.43 -13.64 -0.92
N ARG A 42 -1.12 -14.91 -1.22
CA ARG A 42 0.25 -15.31 -1.51
C ARG A 42 0.79 -14.53 -2.70
N ARG A 43 0.10 -14.62 -3.83
CA ARG A 43 0.50 -13.92 -5.05
C ARG A 43 0.33 -12.40 -4.87
N ALA A 44 -0.68 -12.00 -4.11
CA ALA A 44 -0.95 -10.58 -3.88
C ALA A 44 0.19 -9.91 -3.11
N LEU A 45 0.58 -10.51 -1.99
CA LEU A 45 1.66 -9.97 -1.18
C LEU A 45 3.00 -10.06 -1.93
N GLU A 46 3.23 -11.19 -2.61
CA GLU A 46 4.45 -11.38 -3.37
C GLU A 46 4.56 -10.34 -4.50
N THR A 47 3.46 -10.11 -5.22
CA THR A 47 3.46 -9.13 -6.30
C THR A 47 3.55 -7.70 -5.74
N LEU A 48 2.82 -7.45 -4.66
CA LEU A 48 2.83 -6.14 -4.00
C LEU A 48 4.24 -5.78 -3.53
N ARG A 49 4.94 -6.78 -2.99
CA ARG A 49 6.32 -6.61 -2.52
C ARG A 49 7.24 -6.26 -3.69
N ARG A 50 7.05 -6.96 -4.81
CA ARG A 50 7.85 -6.71 -6.00
C ARG A 50 7.61 -5.29 -6.54
N VAL A 51 6.34 -4.90 -6.59
CA VAL A 51 5.97 -3.57 -7.09
C VAL A 51 6.41 -2.46 -6.13
N GLY A 52 6.14 -2.65 -4.84
CA GLY A 52 6.53 -1.67 -3.84
C GLY A 52 8.02 -1.39 -3.84
N ASP A 53 8.81 -2.46 -3.91
CA ASP A 53 10.26 -2.34 -3.95
C ASP A 53 10.68 -1.66 -5.26
N GLY A 54 9.94 -1.96 -6.33
CA GLY A 54 10.22 -1.37 -7.63
C GLY A 54 10.09 0.15 -7.63
N VAL A 55 8.93 0.66 -7.21
CA VAL A 55 8.72 2.11 -7.16
C VAL A 55 9.63 2.77 -6.12
N GLN A 56 9.88 2.07 -5.01
CA GLN A 56 10.74 2.58 -3.95
C GLN A 56 12.19 2.68 -4.43
N ARG A 57 12.65 1.68 -5.16
CA ARG A 57 14.02 1.67 -5.68
C ARG A 57 14.19 2.63 -6.86
N ASN A 58 13.28 2.58 -7.83
CA ASN A 58 13.35 3.46 -9.00
C ASN A 58 13.26 4.93 -8.58
N HIS A 59 12.27 5.25 -7.76
CA HIS A 59 12.10 6.62 -7.27
C HIS A 59 12.66 6.74 -5.86
N GLU A 60 13.82 6.14 -5.63
CA GLU A 60 14.47 6.18 -4.32
C GLU A 60 14.62 7.60 -3.79
N THR A 61 15.23 8.47 -4.59
CA THR A 61 15.44 9.87 -4.21
C THR A 61 14.10 10.56 -3.91
N ALA A 62 13.08 10.20 -4.68
CA ALA A 62 11.75 10.78 -4.51
C ALA A 62 11.10 10.23 -3.24
N PHE A 63 11.06 8.91 -3.10
CA PHE A 63 10.44 8.28 -1.93
C PHE A 63 11.18 8.69 -0.66
N GLN A 64 12.50 8.70 -0.70
CA GLN A 64 13.31 9.11 0.45
C GLN A 64 13.00 10.56 0.82
N GLY A 65 13.01 11.43 -0.18
CA GLY A 65 12.70 12.83 0.06
C GLY A 65 11.30 13.02 0.63
N MET A 66 10.32 12.38 -0.01
CA MET A 66 8.93 12.45 0.46
C MET A 66 8.81 11.89 1.87
N LEU A 67 9.55 10.82 2.16
CA LEU A 67 9.54 10.18 3.48
C LEU A 67 9.97 11.15 4.59
N ARG A 68 10.98 11.98 4.29
CA ARG A 68 11.47 12.95 5.26
C ARG A 68 10.39 14.01 5.56
N LYS A 69 9.63 14.34 4.52
CA LYS A 69 8.55 15.32 4.65
C LYS A 69 7.39 14.70 5.43
N LEU A 70 7.03 13.48 5.08
CA LEU A 70 5.96 12.76 5.76
C LEU A 70 6.54 11.87 6.85
N ASP A 71 7.27 12.49 7.76
CA ASP A 71 7.90 11.77 8.86
C ASP A 71 6.90 11.47 9.97
N ILE A 72 7.03 10.30 10.59
CA ILE A 72 6.15 9.89 11.67
C ILE A 72 6.89 9.92 13.01
N LYS A 73 6.61 10.94 13.82
CA LYS A 73 7.23 11.09 15.13
C LYS A 73 6.18 11.22 16.23
N ASN A 74 4.98 11.62 15.84
CA ASN A 74 3.88 11.78 16.78
C ASN A 74 2.55 11.41 16.13
N GLU A 75 1.48 11.36 16.92
CA GLU A 75 0.16 11.03 16.40
C GLU A 75 -0.33 12.11 15.44
N GLY A 76 0.12 13.35 15.67
CA GLY A 76 -0.28 14.46 14.81
C GLY A 76 0.09 14.24 13.35
N ASP A 77 1.09 13.37 13.12
CA ASP A 77 1.55 13.04 11.77
C ASP A 77 0.53 12.17 11.02
N VAL A 78 -0.37 11.51 11.77
CA VAL A 78 -1.37 10.63 11.18
C VAL A 78 -2.41 11.41 10.36
N LYS A 79 -2.83 12.56 10.86
CA LYS A 79 -3.80 13.40 10.16
C LYS A 79 -3.28 13.78 8.76
N SER A 80 -1.99 14.08 8.71
CA SER A 80 -1.33 14.44 7.45
C SER A 80 -1.29 13.23 6.50
N PHE A 81 -1.02 12.04 7.05
CA PHE A 81 -0.96 10.81 6.25
C PHE A 81 -2.28 10.53 5.54
N SER A 82 -3.38 10.53 6.30
CA SER A 82 -4.71 10.30 5.73
C SER A 82 -5.02 11.36 4.66
N ARG A 83 -4.57 12.59 4.91
CA ARG A 83 -4.76 13.69 3.97
C ARG A 83 -4.05 13.39 2.65
N VAL A 84 -2.86 12.82 2.73
CA VAL A 84 -2.09 12.45 1.54
C VAL A 84 -2.87 11.43 0.71
N MET A 85 -3.51 10.48 1.40
CA MET A 85 -4.32 9.46 0.73
C MET A 85 -5.42 10.13 -0.10
N VAL A 86 -6.10 11.10 0.53
CA VAL A 86 -7.17 11.85 -0.14
C VAL A 86 -6.60 12.62 -1.34
N HIS A 87 -5.40 13.19 -1.16
CA HIS A 87 -4.75 13.94 -2.24
C HIS A 87 -4.44 13.02 -3.43
N VAL A 88 -4.03 11.78 -3.14
CA VAL A 88 -3.75 10.81 -4.20
C VAL A 88 -5.05 10.40 -4.91
N PHE A 89 -6.11 10.18 -4.14
CA PHE A 89 -7.41 9.79 -4.71
C PHE A 89 -8.25 11.01 -5.13
N LYS A 90 -7.66 12.20 -5.05
CA LYS A 90 -8.34 13.46 -5.40
C LYS A 90 -8.98 13.44 -6.81
N ASP A 91 -8.52 12.54 -7.66
CA ASP A 91 -9.04 12.43 -9.01
C ASP A 91 -10.36 11.66 -9.07
N GLY A 92 -10.73 11.02 -7.96
CA GLY A 92 -11.97 10.25 -7.94
C GLY A 92 -11.83 8.87 -8.56
N VAL A 93 -10.94 8.75 -9.54
CA VAL A 93 -10.69 7.48 -10.22
C VAL A 93 -9.82 6.58 -9.33
N THR A 94 -10.06 5.28 -9.40
CA THR A 94 -9.30 4.34 -8.60
C THR A 94 -8.41 3.43 -9.45
N ASN A 95 -7.11 3.55 -9.25
CA ASN A 95 -6.14 2.73 -9.97
C ASN A 95 -5.40 1.82 -9.00
N TRP A 96 -5.15 0.57 -9.42
CA TRP A 96 -4.47 -0.40 -8.55
C TRP A 96 -3.08 0.11 -8.12
N GLY A 97 -2.38 0.75 -9.04
CA GLY A 97 -1.05 1.31 -8.75
C GLY A 97 -1.07 2.35 -7.63
N ARG A 98 -2.21 3.07 -7.50
CA ARG A 98 -2.36 4.09 -6.47
C ARG A 98 -2.43 3.45 -5.08
N ILE A 99 -3.07 2.30 -5.00
CA ILE A 99 -3.18 1.58 -3.75
C ILE A 99 -1.80 1.05 -3.33
N VAL A 100 -1.06 0.52 -4.29
CA VAL A 100 0.28 0.01 -4.04
C VAL A 100 1.24 1.12 -3.60
N THR A 101 1.11 2.32 -4.19
CA THR A 101 1.97 3.44 -3.82
C THR A 101 1.77 3.82 -2.35
N LEU A 102 0.52 3.90 -1.92
CA LEU A 102 0.20 4.23 -0.53
C LEU A 102 0.81 3.19 0.41
N ILE A 103 0.69 1.92 0.04
CA ILE A 103 1.26 0.84 0.84
C ILE A 103 2.79 0.90 0.80
N SER A 104 3.35 1.17 -0.38
CA SER A 104 4.80 1.29 -0.57
C SER A 104 5.37 2.42 0.29
N PHE A 105 4.68 3.57 0.26
CA PHE A 105 5.09 4.71 1.08
C PHE A 105 4.99 4.34 2.56
N GLY A 106 3.93 3.60 2.89
CA GLY A 106 3.74 3.15 4.25
C GLY A 106 4.84 2.19 4.68
N ALA A 107 5.24 1.30 3.78
CA ALA A 107 6.31 0.34 4.04
C ALA A 107 7.60 1.10 4.35
N PHE A 108 7.85 2.16 3.60
CA PHE A 108 9.04 2.99 3.81
C PHE A 108 8.94 3.69 5.17
N VAL A 109 7.73 4.11 5.53
CA VAL A 109 7.48 4.74 6.82
C VAL A 109 7.75 3.74 7.94
N ALA A 110 7.25 2.52 7.78
CA ALA A 110 7.47 1.46 8.77
C ALA A 110 8.96 1.17 8.91
N LYS A 111 9.66 1.16 7.77
CA LYS A 111 11.10 0.94 7.76
C LYS A 111 11.80 2.08 8.50
N HIS A 112 11.31 3.30 8.26
CA HIS A 112 11.85 4.49 8.92
C HIS A 112 11.57 4.41 10.43
N LEU A 113 10.38 3.94 10.78
CA LEU A 113 9.98 3.76 12.16
C LEU A 113 10.89 2.75 12.86
N LYS A 114 11.09 1.60 12.21
CA LYS A 114 11.97 0.56 12.76
C LYS A 114 13.42 1.06 12.83
N SER A 115 13.80 1.95 11.91
CA SER A 115 15.15 2.51 11.89
C SER A 115 15.43 3.23 13.22
N VAL A 116 14.38 3.83 13.78
CA VAL A 116 14.50 4.52 15.07
C VAL A 116 13.84 3.67 16.17
N ASN A 117 13.45 2.45 15.79
CA ASN A 117 12.80 1.49 16.69
C ASN A 117 11.51 2.05 17.30
N GLN A 118 10.66 2.61 16.45
CA GLN A 118 9.38 3.17 16.89
C GLN A 118 8.21 2.28 16.47
N GLU A 119 8.35 0.97 16.73
CA GLU A 119 7.32 -0.03 16.38
C GLU A 119 5.92 0.36 16.87
N SER A 120 5.85 1.06 18.00
CA SER A 120 4.57 1.49 18.57
C SER A 120 3.80 2.41 17.61
N PHE A 121 4.51 2.98 16.63
CA PHE A 121 3.86 3.85 15.64
C PHE A 121 3.53 3.06 14.37
N ILE A 122 4.21 1.93 14.18
CA ILE A 122 3.99 1.09 13.02
C ILE A 122 2.62 0.43 13.08
N GLU A 123 2.24 -0.06 14.27
CA GLU A 123 0.94 -0.70 14.47
C GLU A 123 -0.22 0.21 14.01
N PRO A 124 -0.35 1.43 14.56
CA PRO A 124 -1.42 2.37 14.16
C PRO A 124 -1.30 2.78 12.69
N LEU A 125 -0.07 2.98 12.22
CA LEU A 125 0.18 3.38 10.83
C LEU A 125 -0.29 2.30 9.85
N ALA A 126 0.13 1.06 10.08
CA ALA A 126 -0.27 -0.05 9.20
C ALA A 126 -1.79 -0.23 9.18
N GLU A 127 -2.42 -0.08 10.35
CA GLU A 127 -3.87 -0.19 10.45
C GLU A 127 -4.56 1.00 9.76
N THR A 128 -4.04 2.20 10.01
CA THR A 128 -4.60 3.42 9.41
C THR A 128 -4.52 3.36 7.89
N ILE A 129 -3.34 3.04 7.36
CA ILE A 129 -3.14 2.93 5.91
C ILE A 129 -4.14 1.96 5.30
N THR A 130 -4.20 0.75 5.85
CA THR A 130 -5.13 -0.29 5.36
C THR A 130 -6.58 0.17 5.45
N ASP A 131 -6.98 0.66 6.62
CA ASP A 131 -8.36 1.11 6.83
C ASP A 131 -8.75 2.19 5.81
N VAL A 132 -7.92 3.23 5.68
CA VAL A 132 -8.18 4.32 4.74
C VAL A 132 -8.08 3.83 3.29
N LEU A 133 -7.18 2.88 3.03
CA LEU A 133 -6.99 2.31 1.69
C LEU A 133 -8.23 1.52 1.25
N VAL A 134 -8.85 0.83 2.20
CA VAL A 134 -10.06 0.04 1.90
C VAL A 134 -11.32 0.90 1.95
N ARG A 135 -11.44 1.72 3.00
CA ARG A 135 -12.61 2.59 3.18
C ARG A 135 -12.75 3.66 2.10
N THR A 136 -11.62 4.12 1.52
CA THR A 136 -11.68 5.15 0.48
C THR A 136 -12.43 4.66 -0.77
N LYS A 137 -12.32 3.37 -1.07
CA LYS A 137 -13.01 2.78 -2.23
C LYS A 137 -13.36 1.31 -1.98
N ARG A 138 -14.25 1.07 -1.02
CA ARG A 138 -14.68 -0.29 -0.66
C ARG A 138 -15.30 -1.07 -1.84
N ASP A 139 -16.21 -0.43 -2.56
CA ASP A 139 -16.90 -1.05 -3.70
C ASP A 139 -15.90 -1.55 -4.75
N TRP A 140 -15.03 -0.65 -5.19
CA TRP A 140 -14.00 -0.98 -6.19
C TRP A 140 -13.15 -2.18 -5.76
N LEU A 141 -12.80 -2.23 -4.47
CA LEU A 141 -12.02 -3.34 -3.93
C LEU A 141 -12.83 -4.62 -3.88
N VAL A 142 -13.99 -4.56 -3.19
CA VAL A 142 -14.88 -5.73 -3.04
C VAL A 142 -15.29 -6.31 -4.40
N LYS A 143 -15.49 -5.43 -5.39
CA LYS A 143 -15.87 -5.86 -6.74
C LYS A 143 -14.89 -6.91 -7.29
N GLN A 144 -13.61 -6.71 -6.99
CA GLN A 144 -12.56 -7.64 -7.44
C GLN A 144 -12.05 -8.48 -6.27
N ARG A 145 -12.75 -8.43 -5.14
CA ARG A 145 -12.35 -9.15 -3.93
C ARG A 145 -10.96 -8.70 -3.46
N GLY A 146 -10.61 -7.47 -3.85
CA GLY A 146 -9.33 -6.88 -3.50
C GLY A 146 -8.12 -7.58 -4.09
N TRP A 147 -7.49 -8.42 -3.27
CA TRP A 147 -6.29 -9.13 -3.67
C TRP A 147 -6.51 -10.05 -4.89
N ASP A 148 -7.72 -10.57 -5.06
CA ASP A 148 -8.03 -11.42 -6.21
C ASP A 148 -7.80 -10.65 -7.51
N GLY A 149 -8.50 -9.53 -7.66
CA GLY A 149 -8.36 -8.69 -8.84
C GLY A 149 -6.95 -8.14 -8.98
N PHE A 150 -6.33 -7.84 -7.84
CA PHE A 150 -4.97 -7.33 -7.80
C PHE A 150 -4.01 -8.31 -8.49
N VAL A 151 -4.04 -9.58 -8.07
CA VAL A 151 -3.19 -10.60 -8.66
C VAL A 151 -3.42 -10.72 -10.17
N GLU A 152 -4.69 -10.73 -10.58
CA GLU A 152 -5.03 -10.85 -12.00
C GLU A 152 -4.50 -9.66 -12.81
N PHE A 153 -4.80 -8.45 -12.37
CA PHE A 153 -4.35 -7.24 -13.08
C PHE A 153 -2.83 -7.01 -12.94
N PHE A 154 -2.23 -7.51 -11.87
CA PHE A 154 -0.81 -7.32 -11.63
C PHE A 154 0.05 -8.55 -11.93
N HIS A 155 -0.49 -9.54 -12.64
CA HIS A 155 0.29 -10.75 -12.95
C HIS A 155 1.39 -10.50 -14.01
N VAL A 156 2.26 -9.54 -13.73
CA VAL A 156 3.36 -9.20 -14.65
C VAL A 156 4.41 -10.33 -14.72
N GLN A 157 4.64 -10.98 -13.59
CA GLN A 157 5.63 -12.07 -13.52
C GLN A 157 4.93 -13.41 -13.30
N ASP A 158 3.70 -13.53 -13.80
CA ASP A 158 2.93 -14.75 -13.66
C ASP A 158 2.21 -15.06 -14.98
N LEU A 159 1.76 -16.30 -15.14
CA LEU A 159 1.09 -16.70 -16.37
C LEU A 159 -0.41 -16.94 -16.18
N GLU A 160 -0.75 -18.10 -15.64
CA GLU A 160 -2.16 -18.50 -15.40
C GLU A 160 -2.89 -18.82 -16.71
N GLY A 161 -2.96 -17.84 -17.60
CA GLY A 161 -3.64 -18.03 -18.88
C GLY A 161 -3.02 -17.19 -19.98
N GLY A 162 -2.11 -17.79 -20.74
CA GLY A 162 -1.46 -17.06 -21.82
C GLY A 162 0.05 -17.26 -21.86
N GLU B 1 0.56 26.72 3.20
CA GLU B 1 -0.61 25.85 3.50
C GLU B 1 -0.30 24.37 3.24
N GLU B 2 -0.64 23.90 2.03
CA GLU B 2 -0.40 22.49 1.68
C GLU B 2 0.48 22.37 0.44
N GLU B 3 1.46 23.26 0.30
CA GLU B 3 2.38 23.23 -0.84
C GLU B 3 3.11 21.89 -0.91
N TRP B 4 3.61 21.44 0.23
CA TRP B 4 4.32 20.17 0.32
C TRP B 4 3.38 19.00 0.01
N ALA B 5 2.17 19.04 0.59
CA ALA B 5 1.17 18.00 0.37
C ALA B 5 0.76 17.94 -1.10
N ARG B 6 0.63 19.13 -1.72
CA ARG B 6 0.29 19.25 -3.13
C ARG B 6 1.36 18.55 -3.99
N GLU B 7 2.61 18.75 -3.59
CA GLU B 7 3.74 18.14 -4.28
C GLU B 7 3.70 16.62 -4.10
N ILE B 8 3.54 16.17 -2.85
CA ILE B 8 3.48 14.74 -2.53
C ILE B 8 2.36 14.04 -3.30
N GLY B 9 1.15 14.59 -3.22
CA GLY B 9 0.01 14.01 -3.91
C GLY B 9 0.24 13.87 -5.41
N ALA B 10 0.72 14.95 -6.03
CA ALA B 10 0.99 14.95 -7.48
C ALA B 10 2.09 13.95 -7.83
N GLN B 11 3.13 13.88 -7.00
CA GLN B 11 4.24 12.96 -7.23
C GLN B 11 3.76 11.51 -7.13
N LEU B 12 3.07 11.19 -6.04
CA LEU B 12 2.55 9.83 -5.85
C LEU B 12 1.56 9.48 -6.96
N ARG B 13 0.68 10.43 -7.31
CA ARG B 13 -0.28 10.23 -8.39
C ARG B 13 0.44 9.85 -9.69
N ARG B 14 1.46 10.63 -10.03
CA ARG B 14 2.25 10.41 -11.25
C ARG B 14 2.90 9.02 -11.24
N ILE B 15 3.60 8.70 -10.15
CA ILE B 15 4.28 7.41 -10.01
C ILE B 15 3.27 6.25 -10.05
N ALA B 16 2.19 6.39 -9.30
CA ALA B 16 1.15 5.36 -9.22
C ALA B 16 0.41 5.15 -10.54
N ASP B 17 -0.01 6.25 -11.17
CA ASP B 17 -0.75 6.16 -12.43
C ASP B 17 0.05 5.48 -13.55
N ASP B 18 1.33 5.85 -13.73
CA ASP B 18 2.15 5.21 -14.77
C ASP B 18 2.41 3.75 -14.39
N LEU B 19 2.62 3.52 -13.08
CA LEU B 19 2.84 2.17 -12.57
C LEU B 19 1.63 1.29 -12.88
N ASN B 20 0.45 1.83 -12.61
CA ASN B 20 -0.81 1.14 -12.88
C ASN B 20 -1.01 0.99 -14.40
N ALA B 21 -0.69 2.06 -15.13
CA ALA B 21 -0.81 2.08 -16.58
C ALA B 21 0.09 1.04 -17.25
N GLN B 22 1.12 0.59 -16.54
CA GLN B 22 2.02 -0.44 -17.06
C GLN B 22 1.22 -1.69 -17.44
N TYR B 23 0.27 -2.06 -16.58
CA TYR B 23 -0.59 -3.21 -16.84
C TYR B 23 -1.81 -2.78 -17.62
N GLU B 24 -2.30 -1.59 -17.28
CA GLU B 24 -3.48 -1.02 -17.92
C GLU B 24 -3.31 -0.91 -19.45
N ARG B 25 -2.06 -0.72 -19.88
CA ARG B 25 -1.73 -0.63 -21.31
C ARG B 25 -1.91 -1.97 -22.02
N ARG B 26 -1.91 -3.06 -21.25
CA ARG B 26 -2.07 -4.40 -21.79
C ARG B 26 -3.49 -4.91 -21.61
N MET B 27 -4.02 -5.58 -22.65
CA MET B 27 -5.38 -6.13 -22.61
C MET B 27 -5.38 -7.62 -22.91
N GLY A 1 -14.19 -12.51 7.33
CA GLY A 1 -15.00 -13.75 7.51
C GLY A 1 -15.92 -14.01 6.33
N PRO A 2 -17.14 -14.51 6.59
CA PRO A 2 -18.11 -14.80 5.52
C PRO A 2 -18.85 -13.55 5.02
N LEU A 3 -19.55 -13.70 3.90
CA LEU A 3 -20.30 -12.60 3.28
C LEU A 3 -21.62 -12.31 4.01
N GLY A 4 -21.69 -12.62 5.30
CA GLY A 4 -22.90 -12.38 6.06
C GLY A 4 -22.87 -11.06 6.82
N SER A 5 -22.04 -10.99 7.85
CA SER A 5 -21.90 -9.76 8.64
C SER A 5 -20.44 -9.43 8.90
N GLU A 6 -19.54 -10.20 8.29
CA GLU A 6 -18.11 -10.00 8.45
C GLU A 6 -17.52 -9.28 7.23
N ASP A 7 -16.40 -8.60 7.43
CA ASP A 7 -15.76 -7.89 6.32
C ASP A 7 -14.54 -8.69 5.81
N ASP A 8 -14.81 -9.58 4.87
CA ASP A 8 -13.77 -10.44 4.27
C ASP A 8 -12.57 -9.64 3.75
N LEU A 9 -12.85 -8.63 2.94
CA LEU A 9 -11.79 -7.77 2.38
C LEU A 9 -11.00 -7.08 3.50
N TYR A 10 -11.72 -6.55 4.49
CA TYR A 10 -11.09 -5.88 5.63
C TYR A 10 -10.20 -6.84 6.41
N ARG A 11 -10.70 -8.06 6.65
CA ARG A 11 -9.96 -9.08 7.38
C ARG A 11 -8.70 -9.50 6.59
N GLN A 12 -8.85 -9.67 5.27
CA GLN A 12 -7.74 -10.09 4.40
C GLN A 12 -6.70 -8.99 4.25
N SER A 13 -7.13 -7.79 3.88
CA SER A 13 -6.22 -6.66 3.70
C SER A 13 -5.37 -6.43 4.96
N LEU A 14 -6.01 -6.39 6.13
CA LEU A 14 -5.31 -6.21 7.40
C LEU A 14 -4.21 -7.24 7.59
N GLU A 15 -4.59 -8.52 7.51
CA GLU A 15 -3.63 -9.62 7.67
C GLU A 15 -2.45 -9.53 6.70
N ILE A 16 -2.76 -9.33 5.41
CA ILE A 16 -1.73 -9.23 4.37
C ILE A 16 -0.86 -7.97 4.54
N ILE A 17 -1.47 -6.83 4.80
CA ILE A 17 -0.71 -5.59 4.99
C ILE A 17 0.17 -5.68 6.24
N SER A 18 -0.39 -6.18 7.33
CA SER A 18 0.37 -6.33 8.58
C SER A 18 1.63 -7.15 8.34
N ARG A 19 1.48 -8.31 7.67
CA ARG A 19 2.62 -9.18 7.37
C ARG A 19 3.68 -8.44 6.55
N TYR A 20 3.26 -7.83 5.45
CA TYR A 20 4.16 -7.09 4.56
C TYR A 20 4.89 -5.96 5.31
N LEU A 21 4.12 -5.13 6.00
CA LEU A 21 4.67 -4.00 6.76
C LEU A 21 5.72 -4.46 7.78
N ARG A 22 5.40 -5.53 8.51
CA ARG A 22 6.30 -6.08 9.53
C ARG A 22 7.58 -6.66 8.92
N GLU A 23 7.42 -7.54 7.92
CA GLU A 23 8.58 -8.16 7.28
C GLU A 23 9.47 -7.12 6.58
N GLN A 24 8.84 -6.16 5.91
CA GLN A 24 9.59 -5.10 5.21
C GLN A 24 10.28 -4.15 6.20
N ALA A 25 9.70 -3.97 7.38
CA ALA A 25 10.26 -3.06 8.39
C ALA A 25 11.33 -3.74 9.27
N THR A 26 11.08 -4.97 9.69
CA THR A 26 12.03 -5.70 10.54
C THR A 26 13.21 -6.26 9.74
N GLY A 27 13.04 -6.41 8.43
CA GLY A 27 14.10 -6.94 7.59
C GLY A 27 13.89 -8.41 7.27
N SER A 28 12.73 -8.92 7.68
CA SER A 28 12.36 -10.31 7.44
C SER A 28 11.93 -10.53 6.00
N LYS A 29 12.60 -11.45 5.32
CA LYS A 29 12.28 -11.76 3.93
C LYS A 29 11.34 -12.97 3.87
N ASP A 30 11.31 -13.72 4.97
CA ASP A 30 10.48 -14.91 5.09
C ASP A 30 8.99 -14.59 5.20
N SER A 31 8.32 -14.54 4.06
CA SER A 31 6.88 -14.26 4.03
C SER A 31 6.08 -15.48 4.49
N LYS A 32 5.38 -15.34 5.61
CA LYS A 32 4.59 -16.44 6.16
C LYS A 32 3.47 -16.86 5.20
N PRO A 33 3.27 -18.19 5.04
CA PRO A 33 2.24 -18.74 4.14
C PRO A 33 0.86 -18.14 4.38
N LEU A 34 0.30 -17.50 3.35
CA LEU A 34 -1.01 -16.88 3.44
C LEU A 34 -2.14 -17.86 3.08
N GLY A 35 -1.94 -19.14 3.39
CA GLY A 35 -2.94 -20.16 3.09
C GLY A 35 -4.24 -19.97 3.86
N GLU A 36 -4.20 -19.13 4.91
CA GLU A 36 -5.38 -18.85 5.72
C GLU A 36 -6.24 -17.79 5.05
N ALA A 37 -5.58 -16.87 4.33
CA ALA A 37 -6.28 -15.81 3.62
C ALA A 37 -6.79 -16.30 2.27
N GLY A 38 -5.89 -16.91 1.51
CA GLY A 38 -6.26 -17.44 0.21
C GLY A 38 -5.07 -17.69 -0.69
N ALA A 39 -5.27 -18.46 -1.75
CA ALA A 39 -4.19 -18.74 -2.70
C ALA A 39 -3.66 -17.44 -3.30
N ALA A 40 -4.56 -16.49 -3.48
CA ALA A 40 -4.21 -15.17 -4.01
C ALA A 40 -3.52 -14.30 -2.96
N GLY A 41 -3.59 -14.70 -1.69
CA GLY A 41 -2.95 -13.92 -0.63
C GLY A 41 -1.44 -13.90 -0.73
N ARG A 42 -0.82 -15.08 -0.81
CA ARG A 42 0.64 -15.16 -0.92
C ARG A 42 1.10 -14.53 -2.23
N ARG A 43 0.34 -14.78 -3.30
CA ARG A 43 0.63 -14.23 -4.61
C ARG A 43 0.56 -12.70 -4.56
N ALA A 44 -0.43 -12.19 -3.82
CA ALA A 44 -0.60 -10.75 -3.65
C ALA A 44 0.56 -10.19 -2.84
N LEU A 45 0.94 -10.91 -1.78
CA LEU A 45 2.06 -10.48 -0.93
C LEU A 45 3.34 -10.37 -1.76
N GLU A 46 3.53 -11.33 -2.68
CA GLU A 46 4.69 -11.33 -3.56
C GLU A 46 4.57 -10.22 -4.61
N THR A 47 3.38 -10.10 -5.21
CA THR A 47 3.13 -9.07 -6.23
C THR A 47 3.33 -7.67 -5.63
N LEU A 48 2.78 -7.47 -4.43
CA LEU A 48 2.89 -6.20 -3.73
C LEU A 48 4.35 -5.86 -3.45
N ARG A 49 5.11 -6.86 -3.00
CA ARG A 49 6.54 -6.69 -2.71
C ARG A 49 7.33 -6.34 -3.97
N ARG A 50 7.06 -7.06 -5.07
CA ARG A 50 7.75 -6.82 -6.34
C ARG A 50 7.60 -5.36 -6.80
N VAL A 51 6.36 -4.88 -6.83
CA VAL A 51 6.10 -3.51 -7.25
C VAL A 51 6.54 -2.51 -6.16
N GLY A 52 6.17 -2.81 -4.92
CA GLY A 52 6.52 -1.95 -3.80
C GLY A 52 8.01 -1.65 -3.71
N ASP A 53 8.82 -2.71 -3.70
CA ASP A 53 10.28 -2.55 -3.62
C ASP A 53 10.82 -1.97 -4.92
N GLY A 54 10.23 -2.40 -6.04
CA GLY A 54 10.65 -1.90 -7.34
C GLY A 54 10.51 -0.39 -7.46
N VAL A 55 9.33 0.13 -7.12
CA VAL A 55 9.10 1.57 -7.18
C VAL A 55 9.99 2.31 -6.17
N GLN A 56 10.18 1.71 -4.99
CA GLN A 56 11.02 2.30 -3.95
C GLN A 56 12.47 2.45 -4.44
N ARG A 57 12.94 1.47 -5.21
CA ARG A 57 14.29 1.51 -5.76
C ARG A 57 14.36 2.46 -6.97
N ASN A 58 13.34 2.41 -7.82
CA ASN A 58 13.29 3.27 -9.02
C ASN A 58 13.16 4.75 -8.66
N HIS A 59 12.17 5.09 -7.86
CA HIS A 59 11.96 6.49 -7.45
C HIS A 59 12.44 6.70 -6.01
N GLU A 60 13.62 6.15 -5.71
CA GLU A 60 14.23 6.24 -4.38
C GLU A 60 14.36 7.70 -3.91
N THR A 61 14.90 8.55 -4.78
CA THR A 61 15.09 9.97 -4.46
C THR A 61 13.76 10.65 -4.13
N ALA A 62 12.71 10.28 -4.87
CA ALA A 62 11.38 10.84 -4.66
C ALA A 62 10.73 10.27 -3.40
N PHE A 63 10.72 8.94 -3.30
CA PHE A 63 10.13 8.25 -2.15
C PHE A 63 10.79 8.69 -0.83
N GLN A 64 12.12 8.62 -0.79
CA GLN A 64 12.86 9.02 0.41
C GLN A 64 12.76 10.53 0.63
N GLY A 65 12.82 11.29 -0.46
CA GLY A 65 12.69 12.73 -0.36
C GLY A 65 11.35 13.15 0.23
N MET A 66 10.28 12.54 -0.26
CA MET A 66 8.93 12.82 0.24
C MET A 66 8.77 12.32 1.68
N LEU A 67 9.36 11.18 1.99
CA LEU A 67 9.28 10.60 3.33
C LEU A 67 9.95 11.52 4.37
N ARG A 68 11.15 12.02 4.05
CA ARG A 68 11.86 12.91 4.97
C ARG A 68 11.08 14.21 5.19
N LYS A 69 10.43 14.71 4.13
CA LYS A 69 9.62 15.92 4.22
C LYS A 69 8.53 15.76 5.27
N LEU A 70 7.94 14.56 5.31
CA LEU A 70 6.90 14.26 6.29
C LEU A 70 7.38 13.21 7.30
N ASP A 71 8.47 13.53 8.01
CA ASP A 71 9.03 12.62 9.02
C ASP A 71 8.03 12.34 10.14
N ILE A 72 7.75 11.06 10.40
CA ILE A 72 6.80 10.67 11.43
C ILE A 72 7.42 10.80 12.83
N LYS A 73 6.98 11.83 13.55
CA LYS A 73 7.46 12.10 14.91
C LYS A 73 6.32 12.19 15.92
N ASN A 74 5.16 12.66 15.47
CA ASN A 74 4.00 12.81 16.35
C ASN A 74 2.75 12.13 15.77
N GLU A 75 1.66 12.10 16.55
CA GLU A 75 0.41 11.50 16.08
C GLU A 75 -0.22 12.38 14.99
N GLY A 76 -0.14 13.70 15.18
CA GLY A 76 -0.69 14.64 14.22
C GLY A 76 -0.22 14.41 12.79
N ASP A 77 0.96 13.81 12.65
CA ASP A 77 1.54 13.50 11.35
C ASP A 77 0.64 12.53 10.57
N VAL A 78 -0.12 11.70 11.29
CA VAL A 78 -1.03 10.74 10.67
C VAL A 78 -2.13 11.46 9.88
N LYS A 79 -2.56 12.63 10.38
CA LYS A 79 -3.57 13.42 9.69
C LYS A 79 -3.04 13.88 8.34
N SER A 80 -1.72 14.06 8.28
CA SER A 80 -1.05 14.46 7.04
C SER A 80 -0.94 13.26 6.10
N PHE A 81 -0.61 12.09 6.67
CA PHE A 81 -0.50 10.85 5.90
C PHE A 81 -1.81 10.52 5.19
N SER A 82 -2.91 10.54 5.95
CA SER A 82 -4.24 10.29 5.39
C SER A 82 -4.57 11.38 4.37
N ARG A 83 -4.17 12.62 4.66
CA ARG A 83 -4.38 13.75 3.77
C ARG A 83 -3.70 13.49 2.42
N VAL A 84 -2.50 12.91 2.47
CA VAL A 84 -1.77 12.57 1.26
C VAL A 84 -2.59 11.58 0.43
N MET A 85 -3.16 10.58 1.12
CA MET A 85 -4.01 9.58 0.48
C MET A 85 -5.24 10.25 -0.11
N VAL A 86 -5.83 11.17 0.68
CA VAL A 86 -6.99 11.93 0.25
C VAL A 86 -6.69 12.73 -1.01
N HIS A 87 -5.44 13.19 -1.14
CA HIS A 87 -5.02 13.93 -2.32
C HIS A 87 -4.93 13.01 -3.53
N VAL A 88 -4.52 11.76 -3.29
CA VAL A 88 -4.42 10.77 -4.34
C VAL A 88 -5.81 10.35 -4.82
N PHE A 89 -6.70 10.10 -3.87
CA PHE A 89 -8.08 9.69 -4.17
C PHE A 89 -9.04 10.87 -4.38
N LYS A 90 -8.50 12.09 -4.41
CA LYS A 90 -9.33 13.31 -4.58
C LYS A 90 -9.93 13.41 -6.00
N ASP A 91 -9.53 12.50 -6.90
CA ASP A 91 -10.05 12.54 -8.27
C ASP A 91 -11.30 11.66 -8.43
N GLY A 92 -11.52 10.74 -7.50
CA GLY A 92 -12.69 9.87 -7.58
C GLY A 92 -12.39 8.52 -8.22
N VAL A 93 -11.37 8.46 -9.06
CA VAL A 93 -10.98 7.22 -9.73
C VAL A 93 -10.11 6.35 -8.81
N THR A 94 -9.96 5.08 -9.15
CA THR A 94 -9.15 4.19 -8.33
C THR A 94 -8.44 3.13 -9.17
N ASN A 95 -7.11 3.13 -9.09
CA ASN A 95 -6.30 2.14 -9.80
C ASN A 95 -5.51 1.30 -8.79
N TRP A 96 -5.12 0.08 -9.17
CA TRP A 96 -4.37 -0.79 -8.26
C TRP A 96 -3.04 -0.16 -7.82
N GLY A 97 -2.42 0.60 -8.72
CA GLY A 97 -1.15 1.25 -8.40
C GLY A 97 -1.24 2.21 -7.23
N ARG A 98 -2.41 2.81 -7.04
CA ARG A 98 -2.61 3.76 -5.94
C ARG A 98 -2.57 3.03 -4.60
N ILE A 99 -3.02 1.78 -4.61
CA ILE A 99 -2.99 0.95 -3.41
C ILE A 99 -1.54 0.54 -3.14
N VAL A 100 -0.83 0.12 -4.20
CA VAL A 100 0.57 -0.28 -4.08
C VAL A 100 1.46 0.88 -3.61
N THR A 101 1.31 2.05 -4.22
CA THR A 101 2.10 3.23 -3.83
C THR A 101 1.90 3.58 -2.36
N LEU A 102 0.64 3.76 -1.96
CA LEU A 102 0.29 4.09 -0.57
C LEU A 102 0.85 3.05 0.41
N ILE A 103 0.73 1.77 0.07
CA ILE A 103 1.24 0.70 0.94
C ILE A 103 2.78 0.69 0.93
N SER A 104 3.37 0.89 -0.25
CA SER A 104 4.84 0.93 -0.39
C SER A 104 5.41 2.10 0.41
N PHE A 105 4.80 3.27 0.28
CA PHE A 105 5.22 4.45 1.01
C PHE A 105 5.07 4.18 2.51
N GLY A 106 3.95 3.53 2.87
CA GLY A 106 3.71 3.19 4.26
C GLY A 106 4.75 2.20 4.77
N ALA A 107 5.10 1.22 3.95
CA ALA A 107 6.11 0.23 4.30
C ALA A 107 7.45 0.94 4.50
N PHE A 108 7.76 1.88 3.62
CA PHE A 108 8.99 2.67 3.73
C PHE A 108 8.98 3.47 5.04
N VAL A 109 7.80 3.99 5.39
CA VAL A 109 7.64 4.74 6.64
C VAL A 109 7.92 3.81 7.83
N ALA A 110 7.35 2.59 7.77
CA ALA A 110 7.57 1.59 8.82
C ALA A 110 9.07 1.31 8.97
N LYS A 111 9.76 1.23 7.83
CA LYS A 111 11.21 1.01 7.80
C LYS A 111 11.92 2.18 8.51
N HIS A 112 11.52 3.40 8.14
CA HIS A 112 12.07 4.61 8.74
C HIS A 112 11.80 4.62 10.25
N LEU A 113 10.57 4.25 10.62
CA LEU A 113 10.19 4.19 12.03
C LEU A 113 11.03 3.14 12.77
N LYS A 114 11.07 1.92 12.21
CA LYS A 114 11.86 0.84 12.81
C LYS A 114 13.34 1.22 12.89
N SER A 115 13.82 1.96 11.91
CA SER A 115 15.22 2.41 11.89
C SER A 115 15.54 3.23 13.14
N VAL A 116 14.56 4.02 13.60
CA VAL A 116 14.73 4.82 14.81
C VAL A 116 14.02 4.15 16.00
N ASN A 117 13.63 2.89 15.81
CA ASN A 117 12.94 2.09 16.83
C ASN A 117 11.61 2.74 17.27
N GLN A 118 10.89 3.31 16.32
CA GLN A 118 9.60 3.94 16.61
C GLN A 118 8.44 2.99 16.33
N GLU A 119 8.56 1.74 16.81
CA GLU A 119 7.53 0.72 16.60
C GLU A 119 6.15 1.15 17.11
N SER A 120 6.13 1.93 18.19
CA SER A 120 4.87 2.44 18.75
C SER A 120 4.07 3.26 17.73
N PHE A 121 4.74 3.69 16.66
CA PHE A 121 4.09 4.46 15.60
C PHE A 121 3.73 3.55 14.41
N ILE A 122 4.43 2.42 14.29
CA ILE A 122 4.19 1.47 13.21
C ILE A 122 2.83 0.80 13.37
N GLU A 123 2.52 0.39 14.60
CA GLU A 123 1.25 -0.26 14.89
C GLU A 123 0.06 0.59 14.39
N PRO A 124 -0.08 1.86 14.83
CA PRO A 124 -1.17 2.74 14.38
C PRO A 124 -1.07 3.05 12.88
N LEU A 125 0.15 3.15 12.37
CA LEU A 125 0.38 3.44 10.95
C LEU A 125 -0.16 2.32 10.06
N ALA A 126 0.25 1.08 10.33
CA ALA A 126 -0.21 -0.07 9.55
C ALA A 126 -1.73 -0.21 9.58
N GLU A 127 -2.31 -0.05 10.77
CA GLU A 127 -3.76 -0.14 10.94
C GLU A 127 -4.47 1.01 10.21
N THR A 128 -3.95 2.23 10.38
CA THR A 128 -4.53 3.42 9.73
C THR A 128 -4.49 3.29 8.21
N ILE A 129 -3.32 2.99 7.66
CA ILE A 129 -3.17 2.83 6.21
C ILE A 129 -4.20 1.85 5.67
N THR A 130 -4.26 0.66 6.28
CA THR A 130 -5.21 -0.38 5.87
C THR A 130 -6.66 0.13 5.92
N ASP A 131 -7.06 0.66 7.07
CA ASP A 131 -8.42 1.16 7.26
C ASP A 131 -8.77 2.24 6.23
N VAL A 132 -7.92 3.25 6.11
CA VAL A 132 -8.17 4.35 5.17
C VAL A 132 -8.10 3.88 3.71
N LEU A 133 -7.16 3.00 3.39
CA LEU A 133 -7.03 2.51 2.01
C LEU A 133 -8.22 1.64 1.59
N VAL A 134 -8.77 0.87 2.53
CA VAL A 134 -9.90 0.01 2.23
C VAL A 134 -11.25 0.74 2.32
N ARG A 135 -11.43 1.53 3.38
CA ARG A 135 -12.69 2.26 3.61
C ARG A 135 -12.94 3.36 2.56
N THR A 136 -11.88 4.01 2.08
CA THR A 136 -12.04 5.09 1.08
C THR A 136 -12.70 4.60 -0.21
N LYS A 137 -12.44 3.37 -0.60
CA LYS A 137 -13.02 2.83 -1.83
C LYS A 137 -13.34 1.34 -1.70
N ARG A 138 -14.27 1.03 -0.80
CA ARG A 138 -14.69 -0.35 -0.55
C ARG A 138 -15.34 -0.98 -1.79
N ASP A 139 -16.14 -0.19 -2.49
CA ASP A 139 -16.85 -0.66 -3.68
C ASP A 139 -15.88 -1.12 -4.78
N TRP A 140 -14.79 -0.39 -4.97
CA TRP A 140 -13.81 -0.75 -6.00
C TRP A 140 -13.06 -2.03 -5.64
N LEU A 141 -12.59 -2.14 -4.40
CA LEU A 141 -11.87 -3.34 -3.95
C LEU A 141 -12.74 -4.59 -4.08
N VAL A 142 -13.96 -4.53 -3.56
CA VAL A 142 -14.89 -5.65 -3.62
C VAL A 142 -15.24 -6.03 -5.07
N LYS A 143 -15.42 -5.03 -5.93
CA LYS A 143 -15.75 -5.28 -7.34
C LYS A 143 -14.54 -5.77 -8.14
N GLN A 144 -13.33 -5.55 -7.63
CA GLN A 144 -12.12 -5.98 -8.33
C GLN A 144 -11.49 -7.23 -7.71
N ARG A 145 -12.32 -8.07 -7.10
CA ARG A 145 -11.87 -9.34 -6.49
C ARG A 145 -10.81 -9.13 -5.39
N GLY A 146 -10.70 -7.92 -4.85
CA GLY A 146 -9.73 -7.65 -3.81
C GLY A 146 -8.29 -7.97 -4.21
N TRP A 147 -7.61 -8.76 -3.40
CA TRP A 147 -6.22 -9.12 -3.66
C TRP A 147 -6.09 -10.03 -4.90
N ASP A 148 -7.08 -10.88 -5.14
CA ASP A 148 -7.07 -11.77 -6.30
C ASP A 148 -6.97 -10.97 -7.60
N GLY A 149 -7.88 -10.00 -7.77
CA GLY A 149 -7.84 -9.14 -8.95
C GLY A 149 -6.59 -8.30 -8.98
N PHE A 150 -6.18 -7.85 -7.79
CA PHE A 150 -4.96 -7.05 -7.64
C PHE A 150 -3.76 -7.75 -8.27
N VAL A 151 -3.61 -9.03 -7.96
CA VAL A 151 -2.51 -9.83 -8.51
C VAL A 151 -2.59 -9.91 -10.04
N GLU A 152 -3.78 -10.21 -10.54
CA GLU A 152 -4.00 -10.35 -11.99
C GLU A 152 -3.51 -9.12 -12.79
N PHE A 153 -3.71 -7.93 -12.23
CA PHE A 153 -3.30 -6.69 -12.91
C PHE A 153 -1.78 -6.60 -13.13
N PHE A 154 -0.99 -7.13 -12.19
CA PHE A 154 0.47 -7.08 -12.35
C PHE A 154 1.02 -8.43 -12.80
N HIS A 155 0.37 -9.50 -12.38
CA HIS A 155 0.77 -10.85 -12.76
C HIS A 155 -0.16 -11.39 -13.85
N VAL A 156 0.04 -10.91 -15.08
CA VAL A 156 -0.78 -11.33 -16.21
C VAL A 156 -0.35 -12.70 -16.75
N GLN A 157 0.72 -13.24 -16.19
CA GLN A 157 1.24 -14.54 -16.60
C GLN A 157 2.16 -15.12 -15.54
N ASP A 158 2.17 -16.44 -15.40
CA ASP A 158 2.99 -17.12 -14.40
C ASP A 158 4.42 -17.35 -14.90
N LEU A 159 5.23 -16.30 -14.81
CA LEU A 159 6.63 -16.36 -15.23
C LEU A 159 7.59 -16.35 -14.02
N GLU A 160 7.16 -16.96 -12.92
CA GLU A 160 7.98 -17.02 -11.71
C GLU A 160 9.00 -18.14 -11.79
N GLY A 161 8.64 -19.22 -12.48
CA GLY A 161 9.55 -20.36 -12.62
C GLY A 161 8.84 -21.62 -13.10
N GLY A 162 7.62 -21.83 -12.63
CA GLY A 162 6.85 -23.00 -13.02
C GLY A 162 5.45 -22.99 -12.47
N GLU B 1 1.39 26.63 2.98
CA GLU B 1 0.04 26.06 3.27
C GLU B 1 0.05 24.53 3.24
N GLU B 2 -0.31 23.95 2.10
CA GLU B 2 -0.36 22.49 1.97
C GLU B 2 0.50 22.00 0.80
N GLU B 3 1.66 22.63 0.62
CA GLU B 3 2.59 22.27 -0.46
C GLU B 3 3.07 20.82 -0.32
N TRP B 4 3.28 20.39 0.92
CA TRP B 4 3.75 19.04 1.20
C TRP B 4 2.71 17.99 0.77
N ALA B 5 1.44 18.26 1.04
CA ALA B 5 0.38 17.32 0.68
C ALA B 5 0.13 17.31 -0.83
N ARG B 6 0.15 18.50 -1.44
CA ARG B 6 -0.07 18.62 -2.89
C ARG B 6 1.05 17.96 -3.69
N GLU B 7 2.29 18.34 -3.40
CA GLU B 7 3.45 17.80 -4.11
C GLU B 7 3.59 16.28 -3.94
N ILE B 8 3.58 15.83 -2.68
CA ILE B 8 3.73 14.40 -2.38
C ILE B 8 2.52 13.61 -2.91
N GLY B 9 1.32 14.15 -2.72
CA GLY B 9 0.12 13.49 -3.20
C GLY B 9 0.07 13.38 -4.72
N ALA B 10 0.43 14.46 -5.40
CA ALA B 10 0.44 14.47 -6.87
C ALA B 10 1.53 13.57 -7.45
N GLN B 11 2.72 13.60 -6.84
CA GLN B 11 3.84 12.78 -7.31
C GLN B 11 3.50 11.30 -7.20
N LEU B 12 3.04 10.87 -6.02
CA LEU B 12 2.66 9.47 -5.81
C LEU B 12 1.53 9.08 -6.76
N ARG B 13 0.60 10.02 -6.97
CA ARG B 13 -0.53 9.82 -7.87
C ARG B 13 -0.01 9.48 -9.26
N ARG B 14 0.89 10.32 -9.78
CA ARG B 14 1.48 10.09 -11.09
C ARG B 14 2.26 8.78 -11.11
N ILE B 15 3.14 8.57 -10.12
CA ILE B 15 3.92 7.34 -10.05
C ILE B 15 3.01 6.12 -10.16
N ALA B 16 1.92 6.12 -9.41
CA ALA B 16 0.95 5.04 -9.43
C ALA B 16 0.20 4.95 -10.76
N ASP B 17 -0.41 6.07 -11.17
CA ASP B 17 -1.19 6.13 -12.42
C ASP B 17 -0.34 5.76 -13.65
N ASP B 18 0.81 6.41 -13.81
CA ASP B 18 1.68 6.12 -14.95
C ASP B 18 2.13 4.66 -14.95
N LEU B 19 2.47 4.15 -13.77
CA LEU B 19 2.86 2.75 -13.61
C LEU B 19 1.76 1.81 -14.11
N ASN B 20 0.51 2.14 -13.75
CA ASN B 20 -0.64 1.35 -14.16
C ASN B 20 -0.94 1.54 -15.65
N ALA B 21 -0.76 2.76 -16.13
CA ALA B 21 -0.99 3.09 -17.53
C ALA B 21 -0.16 2.20 -18.46
N GLN B 22 1.02 1.80 -17.99
CA GLN B 22 1.89 0.90 -18.76
C GLN B 22 1.14 -0.34 -19.26
N TYR B 23 0.41 -1.01 -18.35
CA TYR B 23 -0.36 -2.20 -18.72
C TYR B 23 -1.81 -1.87 -19.09
N GLU B 24 -2.30 -0.73 -18.60
CA GLU B 24 -3.69 -0.32 -18.87
C GLU B 24 -3.87 0.33 -20.26
N ARG B 25 -2.93 1.19 -20.65
CA ARG B 25 -3.01 1.86 -21.95
C ARG B 25 -2.51 0.96 -23.08
N ARG B 26 -1.83 -0.12 -22.71
CA ARG B 26 -1.28 -1.05 -23.69
C ARG B 26 -1.80 -2.47 -23.48
N MET B 27 -2.35 -3.05 -24.54
CA MET B 27 -2.86 -4.41 -24.48
C MET B 27 -1.70 -5.42 -24.52
N GLY A 1 -14.21 -15.26 12.86
CA GLY A 1 -15.33 -15.98 13.52
C GLY A 1 -16.61 -15.96 12.69
N PRO A 2 -17.54 -15.04 12.99
CA PRO A 2 -18.81 -14.93 12.26
C PRO A 2 -18.63 -14.31 10.87
N LEU A 3 -18.41 -15.15 9.86
CA LEU A 3 -18.21 -14.70 8.48
C LEU A 3 -19.43 -13.92 7.93
N GLY A 4 -20.54 -13.97 8.64
CA GLY A 4 -21.73 -13.24 8.23
C GLY A 4 -21.67 -11.77 8.61
N SER A 5 -20.72 -11.42 9.46
CA SER A 5 -20.54 -10.04 9.90
C SER A 5 -19.06 -9.61 9.80
N GLU A 6 -18.16 -10.57 9.95
CA GLU A 6 -16.73 -10.31 9.86
C GLU A 6 -16.35 -10.00 8.40
N ASP A 7 -15.67 -8.89 8.19
CA ASP A 7 -15.28 -8.51 6.85
C ASP A 7 -14.01 -9.25 6.40
N ASP A 8 -14.20 -10.31 5.62
CA ASP A 8 -13.08 -11.11 5.11
C ASP A 8 -12.11 -10.24 4.32
N LEU A 9 -12.65 -9.25 3.59
CA LEU A 9 -11.83 -8.33 2.81
C LEU A 9 -10.92 -7.54 3.74
N TYR A 10 -11.50 -7.05 4.84
CA TYR A 10 -10.74 -6.28 5.82
C TYR A 10 -9.70 -7.18 6.50
N ARG A 11 -10.09 -8.42 6.78
CA ARG A 11 -9.19 -9.39 7.40
C ARG A 11 -7.96 -9.65 6.51
N GLN A 12 -8.22 -9.98 5.24
CA GLN A 12 -7.15 -10.24 4.29
C GLN A 12 -6.29 -8.99 4.07
N SER A 13 -6.94 -7.89 3.67
CA SER A 13 -6.24 -6.63 3.41
C SER A 13 -5.38 -6.23 4.61
N LEU A 14 -5.97 -6.26 5.81
CA LEU A 14 -5.26 -5.90 7.03
C LEU A 14 -4.06 -6.79 7.27
N GLU A 15 -4.29 -8.10 7.27
CA GLU A 15 -3.22 -9.08 7.51
C GLU A 15 -2.10 -9.00 6.48
N ILE A 16 -2.46 -9.04 5.20
CA ILE A 16 -1.47 -8.99 4.12
C ILE A 16 -0.61 -7.72 4.20
N ILE A 17 -1.26 -6.57 4.39
CA ILE A 17 -0.53 -5.31 4.51
C ILE A 17 0.26 -5.25 5.82
N SER A 18 -0.33 -5.73 6.91
CA SER A 18 0.35 -5.74 8.21
C SER A 18 1.62 -6.57 8.12
N ARG A 19 1.48 -7.77 7.57
CA ARG A 19 2.62 -8.67 7.39
C ARG A 19 3.64 -8.05 6.45
N TYR A 20 3.14 -7.45 5.37
CA TYR A 20 3.99 -6.78 4.39
C TYR A 20 4.83 -5.67 5.04
N LEU A 21 4.16 -4.78 5.76
CA LEU A 21 4.85 -3.68 6.43
C LEU A 21 5.89 -4.21 7.41
N ARG A 22 5.59 -5.33 8.07
CA ARG A 22 6.53 -5.92 9.03
C ARG A 22 7.74 -6.54 8.34
N GLU A 23 7.53 -7.15 7.16
CA GLU A 23 8.65 -7.74 6.42
C GLU A 23 9.60 -6.63 5.96
N GLN A 24 9.03 -5.45 5.74
CA GLN A 24 9.81 -4.29 5.33
C GLN A 24 10.48 -3.64 6.53
N ALA A 25 9.70 -3.34 7.57
CA ALA A 25 10.19 -2.70 8.79
C ALA A 25 11.30 -3.52 9.47
N THR A 26 11.03 -4.80 9.71
CA THR A 26 12.01 -5.68 10.37
C THR A 26 13.20 -5.98 9.46
N GLY A 27 12.95 -6.01 8.15
CA GLY A 27 14.02 -6.29 7.22
C GLY A 27 13.94 -7.70 6.64
N SER A 28 13.14 -8.55 7.28
CA SER A 28 12.96 -9.92 6.82
C SER A 28 12.03 -9.96 5.60
N LYS A 29 12.62 -9.97 4.41
CA LYS A 29 11.86 -9.99 3.16
C LYS A 29 11.27 -11.37 2.89
N ASP A 30 11.77 -12.37 3.61
CA ASP A 30 11.33 -13.77 3.48
C ASP A 30 9.80 -13.88 3.37
N SER A 31 9.35 -14.55 2.31
CA SER A 31 7.92 -14.72 2.06
C SER A 31 7.25 -15.53 3.17
N LYS A 32 6.38 -14.86 3.92
CA LYS A 32 5.65 -15.51 5.01
C LYS A 32 4.40 -16.23 4.49
N PRO A 33 4.14 -17.45 4.99
CA PRO A 33 2.98 -18.26 4.58
C PRO A 33 1.63 -17.64 4.99
N LEU A 34 0.88 -17.15 4.00
CA LEU A 34 -0.42 -16.53 4.24
C LEU A 34 -1.56 -17.56 4.25
N GLY A 35 -1.27 -18.75 4.76
CA GLY A 35 -2.26 -19.83 4.81
C GLY A 35 -3.53 -19.45 5.57
N GLU A 36 -3.43 -18.49 6.49
CA GLU A 36 -4.57 -18.02 7.26
C GLU A 36 -5.29 -16.90 6.52
N ALA A 37 -4.51 -15.98 5.94
CA ALA A 37 -5.05 -14.86 5.16
C ALA A 37 -5.87 -15.36 3.98
N GLY A 38 -5.30 -16.28 3.20
CA GLY A 38 -6.02 -16.82 2.05
C GLY A 38 -5.10 -17.51 1.05
N ALA A 39 -5.70 -18.17 0.07
CA ALA A 39 -4.91 -18.84 -0.97
C ALA A 39 -4.24 -17.80 -1.88
N ALA A 40 -5.01 -16.78 -2.25
CA ALA A 40 -4.51 -15.72 -3.11
C ALA A 40 -3.61 -14.75 -2.34
N GLY A 41 -3.65 -14.81 -1.01
CA GLY A 41 -2.84 -13.92 -0.19
C GLY A 41 -1.35 -14.03 -0.51
N ARG A 42 -0.88 -15.26 -0.73
CA ARG A 42 0.52 -15.51 -1.05
C ARG A 42 0.92 -14.83 -2.36
N ARG A 43 0.09 -14.98 -3.38
CA ARG A 43 0.35 -14.38 -4.69
C ARG A 43 0.22 -12.86 -4.62
N ALA A 44 -0.71 -12.40 -3.78
CA ALA A 44 -0.94 -10.98 -3.60
C ALA A 44 0.26 -10.33 -2.90
N LEU A 45 0.69 -10.93 -1.78
CA LEU A 45 1.83 -10.41 -1.03
C LEU A 45 3.09 -10.37 -1.91
N GLU A 46 3.32 -11.44 -2.66
CA GLU A 46 4.49 -11.51 -3.55
C GLU A 46 4.44 -10.37 -4.56
N THR A 47 3.28 -10.15 -5.17
CA THR A 47 3.10 -9.07 -6.15
C THR A 47 3.27 -7.70 -5.49
N LEU A 48 2.60 -7.51 -4.34
CA LEU A 48 2.69 -6.26 -3.60
C LEU A 48 4.13 -5.95 -3.20
N ARG A 49 4.85 -6.98 -2.74
CA ARG A 49 6.24 -6.84 -2.35
C ARG A 49 7.09 -6.45 -3.57
N ARG A 50 6.92 -7.21 -4.65
CA ARG A 50 7.64 -6.97 -5.89
C ARG A 50 7.44 -5.55 -6.41
N VAL A 51 6.18 -5.11 -6.50
CA VAL A 51 5.89 -3.76 -6.98
C VAL A 51 6.36 -2.72 -5.95
N GLY A 52 6.06 -2.97 -4.68
CA GLY A 52 6.47 -2.05 -3.63
C GLY A 52 7.96 -1.78 -3.64
N ASP A 53 8.76 -2.85 -3.62
CA ASP A 53 10.22 -2.70 -3.64
C ASP A 53 10.68 -2.13 -4.98
N GLY A 54 9.96 -2.48 -6.04
CA GLY A 54 10.29 -1.98 -7.37
C GLY A 54 10.13 -0.47 -7.47
N VAL A 55 8.98 0.05 -7.04
CA VAL A 55 8.71 1.48 -7.07
C VAL A 55 9.72 2.24 -6.19
N GLN A 56 10.07 1.65 -5.05
CA GLN A 56 11.02 2.25 -4.12
C GLN A 56 12.37 2.46 -4.82
N ARG A 57 12.80 1.50 -5.62
CA ARG A 57 14.06 1.62 -6.36
C ARG A 57 13.88 2.52 -7.59
N ASN A 58 12.72 2.41 -8.24
CA ASN A 58 12.41 3.22 -9.43
C ASN A 58 12.40 4.72 -9.13
N HIS A 59 11.63 5.12 -8.11
CA HIS A 59 11.55 6.53 -7.73
C HIS A 59 12.20 6.75 -6.37
N GLU A 60 13.37 6.13 -6.19
CA GLU A 60 14.13 6.19 -4.93
C GLU A 60 14.39 7.63 -4.47
N THR A 61 14.90 8.46 -5.37
CA THR A 61 15.18 9.86 -5.06
C THR A 61 13.95 10.59 -4.52
N ALA A 62 12.81 10.33 -5.16
CA ALA A 62 11.55 10.95 -4.74
C ALA A 62 11.05 10.37 -3.42
N PHE A 63 11.04 9.03 -3.32
CA PHE A 63 10.59 8.36 -2.11
C PHE A 63 11.42 8.78 -0.90
N GLN A 64 12.75 8.71 -1.05
CA GLN A 64 13.66 9.12 0.02
C GLN A 64 13.47 10.60 0.35
N GLY A 65 13.18 11.40 -0.68
CA GLY A 65 12.96 12.83 -0.47
C GLY A 65 11.71 13.08 0.36
N MET A 66 10.60 12.46 -0.05
CA MET A 66 9.34 12.59 0.68
C MET A 66 9.45 11.97 2.09
N LEU A 67 10.17 10.85 2.17
CA LEU A 67 10.37 10.16 3.45
C LEU A 67 11.16 11.03 4.44
N ARG A 68 12.05 11.86 3.90
CA ARG A 68 12.86 12.77 4.72
C ARG A 68 12.06 13.99 5.18
N LYS A 69 10.91 14.20 4.56
CA LYS A 69 10.04 15.32 4.92
C LYS A 69 8.85 14.86 5.77
N LEU A 70 8.34 13.66 5.48
CA LEU A 70 7.19 13.12 6.20
C LEU A 70 7.62 12.16 7.32
N ASP A 71 8.37 12.67 8.28
CA ASP A 71 8.79 11.84 9.41
C ASP A 71 7.68 11.75 10.46
N ILE A 72 7.30 10.53 10.79
CA ILE A 72 6.24 10.30 11.77
C ILE A 72 6.78 10.35 13.20
N LYS A 73 6.26 11.29 13.98
CA LYS A 73 6.69 11.44 15.36
C LYS A 73 5.50 11.66 16.31
N ASN A 74 4.43 12.26 15.79
CA ASN A 74 3.23 12.53 16.58
C ASN A 74 2.01 11.80 16.00
N GLU A 75 0.95 11.71 16.79
CA GLU A 75 -0.28 11.05 16.35
C GLU A 75 -0.99 11.91 15.30
N GLY A 76 -0.65 13.19 15.26
CA GLY A 76 -1.25 14.08 14.28
C GLY A 76 -0.72 13.86 12.88
N ASP A 77 0.45 13.23 12.78
CA ASP A 77 1.08 12.96 11.49
C ASP A 77 0.28 11.91 10.69
N VAL A 78 -0.46 11.06 11.41
CA VAL A 78 -1.28 10.02 10.79
C VAL A 78 -2.39 10.63 9.91
N LYS A 79 -2.99 11.72 10.39
CA LYS A 79 -4.05 12.39 9.64
C LYS A 79 -3.48 12.99 8.36
N SER A 80 -2.25 13.49 8.44
CA SER A 80 -1.56 14.08 7.28
C SER A 80 -1.34 13.01 6.21
N PHE A 81 -0.97 11.81 6.64
CA PHE A 81 -0.75 10.68 5.73
C PHE A 81 -2.02 10.36 4.94
N SER A 82 -3.16 10.32 5.64
CA SER A 82 -4.45 10.08 5.00
C SER A 82 -4.71 11.15 3.93
N ARG A 83 -4.35 12.39 4.25
CA ARG A 83 -4.51 13.50 3.31
C ARG A 83 -3.68 13.25 2.05
N VAL A 84 -2.51 12.62 2.23
CA VAL A 84 -1.64 12.28 1.09
C VAL A 84 -2.33 11.22 0.23
N MET A 85 -2.94 10.23 0.88
CA MET A 85 -3.67 9.17 0.18
C MET A 85 -4.83 9.78 -0.61
N VAL A 86 -5.63 10.59 0.08
CA VAL A 86 -6.76 11.28 -0.56
C VAL A 86 -6.25 12.21 -1.67
N HIS A 87 -5.06 12.78 -1.45
CA HIS A 87 -4.42 13.66 -2.43
C HIS A 87 -4.09 12.88 -3.70
N VAL A 88 -3.84 11.59 -3.57
CA VAL A 88 -3.55 10.74 -4.73
C VAL A 88 -4.85 10.34 -5.43
N PHE A 89 -5.92 10.16 -4.65
CA PHE A 89 -7.23 9.77 -5.19
C PHE A 89 -8.06 11.00 -5.62
N LYS A 90 -7.47 12.19 -5.57
CA LYS A 90 -8.15 13.43 -5.93
C LYS A 90 -8.66 13.45 -7.39
N ASP A 91 -8.22 12.48 -8.18
CA ASP A 91 -8.63 12.40 -9.58
C ASP A 91 -9.98 11.71 -9.75
N GLY A 92 -10.47 11.09 -8.67
CA GLY A 92 -11.76 10.40 -8.72
C GLY A 92 -11.66 9.00 -9.30
N VAL A 93 -10.72 8.79 -10.21
CA VAL A 93 -10.53 7.47 -10.82
C VAL A 93 -9.77 6.52 -9.88
N THR A 94 -10.33 5.34 -9.67
CA THR A 94 -9.73 4.34 -8.80
C THR A 94 -8.91 3.33 -9.59
N ASN A 95 -7.62 3.25 -9.30
CA ASN A 95 -6.72 2.33 -9.99
C ASN A 95 -5.85 1.59 -8.97
N TRP A 96 -5.41 0.38 -9.33
CA TRP A 96 -4.57 -0.43 -8.44
C TRP A 96 -3.17 0.16 -8.25
N GLY A 97 -2.69 0.90 -9.24
CA GLY A 97 -1.37 1.52 -9.15
C GLY A 97 -1.29 2.53 -8.02
N ARG A 98 -2.41 3.18 -7.73
CA ARG A 98 -2.46 4.16 -6.66
C ARG A 98 -2.44 3.46 -5.31
N ILE A 99 -3.18 2.37 -5.22
CA ILE A 99 -3.25 1.58 -4.00
C ILE A 99 -1.87 1.04 -3.60
N VAL A 100 -1.18 0.36 -4.53
CA VAL A 100 0.14 -0.20 -4.24
C VAL A 100 1.18 0.90 -3.95
N THR A 101 1.05 2.06 -4.60
CA THR A 101 1.96 3.17 -4.37
C THR A 101 1.86 3.65 -2.92
N LEU A 102 0.63 3.78 -2.42
CA LEU A 102 0.40 4.20 -1.03
C LEU A 102 0.97 3.17 -0.05
N ILE A 103 0.76 1.89 -0.35
CA ILE A 103 1.27 0.81 0.49
C ILE A 103 2.81 0.77 0.45
N SER A 104 3.38 0.87 -0.76
CA SER A 104 4.84 0.88 -0.93
C SER A 104 5.46 2.02 -0.13
N PHE A 105 4.88 3.22 -0.26
CA PHE A 105 5.35 4.38 0.50
C PHE A 105 5.19 4.11 1.99
N GLY A 106 4.03 3.56 2.36
CA GLY A 106 3.77 3.22 3.76
C GLY A 106 4.81 2.24 4.30
N ALA A 107 5.19 1.27 3.46
CA ALA A 107 6.20 0.28 3.82
C ALA A 107 7.53 0.98 4.13
N PHE A 108 7.88 1.97 3.31
CA PHE A 108 9.11 2.73 3.51
C PHE A 108 9.02 3.53 4.82
N VAL A 109 7.83 4.09 5.06
CA VAL A 109 7.58 4.84 6.29
C VAL A 109 7.71 3.91 7.50
N ALA A 110 7.17 2.70 7.39
CA ALA A 110 7.26 1.71 8.46
C ALA A 110 8.72 1.35 8.73
N LYS A 111 9.48 1.17 7.65
CA LYS A 111 10.91 0.87 7.74
C LYS A 111 11.64 2.04 8.41
N HIS A 112 11.32 3.27 7.97
CA HIS A 112 11.90 4.48 8.54
C HIS A 112 11.53 4.60 10.02
N LEU A 113 10.28 4.28 10.33
CA LEU A 113 9.78 4.32 11.70
C LEU A 113 10.53 3.31 12.57
N LYS A 114 10.71 2.09 12.07
CA LYS A 114 11.43 1.06 12.82
C LYS A 114 12.92 1.40 12.91
N SER A 115 13.44 2.07 11.88
CA SER A 115 14.85 2.47 11.86
C SER A 115 15.15 3.43 13.02
N VAL A 116 14.16 4.26 13.37
CA VAL A 116 14.31 5.20 14.48
C VAL A 116 13.73 4.60 15.77
N ASN A 117 13.32 3.33 15.69
CA ASN A 117 12.73 2.59 16.82
C ASN A 117 11.42 3.23 17.32
N GLN A 118 10.48 3.41 16.41
CA GLN A 118 9.18 3.99 16.75
C GLN A 118 8.03 3.08 16.29
N GLU A 119 8.09 1.80 16.64
CA GLU A 119 7.05 0.83 16.25
C GLU A 119 5.68 1.20 16.84
N SER A 120 5.70 2.02 17.89
CA SER A 120 4.46 2.48 18.53
C SER A 120 3.59 3.25 17.53
N PHE A 121 4.22 3.85 16.54
CA PHE A 121 3.50 4.58 15.50
C PHE A 121 3.32 3.69 14.25
N ILE A 122 4.09 2.61 14.20
CA ILE A 122 4.05 1.65 13.09
C ILE A 122 2.70 0.92 13.04
N GLU A 123 2.28 0.39 14.19
CA GLU A 123 1.00 -0.32 14.28
C GLU A 123 -0.16 0.55 13.78
N PRO A 124 -0.37 1.75 14.36
CA PRO A 124 -1.44 2.66 13.92
C PRO A 124 -1.29 3.06 12.45
N LEU A 125 -0.04 3.29 12.01
CA LEU A 125 0.23 3.68 10.62
C LEU A 125 -0.24 2.60 9.63
N ALA A 126 0.22 1.36 9.85
CA ALA A 126 -0.14 0.24 9.00
C ALA A 126 -1.66 0.01 8.96
N GLU A 127 -2.28 0.10 10.13
CA GLU A 127 -3.73 -0.09 10.23
C GLU A 127 -4.49 1.08 9.59
N THR A 128 -4.03 2.30 9.83
CA THR A 128 -4.66 3.49 9.24
C THR A 128 -4.66 3.42 7.73
N ILE A 129 -3.48 3.15 7.14
CA ILE A 129 -3.35 3.06 5.69
C ILE A 129 -4.32 2.01 5.13
N THR A 130 -4.31 0.82 5.72
CA THR A 130 -5.20 -0.28 5.28
C THR A 130 -6.67 0.08 5.47
N ASP A 131 -7.02 0.57 6.65
CA ASP A 131 -8.41 0.95 6.94
C ASP A 131 -8.89 2.00 5.95
N VAL A 132 -8.10 3.06 5.79
CA VAL A 132 -8.43 4.13 4.85
C VAL A 132 -8.48 3.58 3.42
N LEU A 133 -7.47 2.78 3.04
CA LEU A 133 -7.41 2.16 1.71
C LEU A 133 -8.68 1.36 1.39
N VAL A 134 -9.09 0.50 2.31
CA VAL A 134 -10.29 -0.31 2.11
C VAL A 134 -11.57 0.54 2.21
N ARG A 135 -11.67 1.36 3.25
CA ARG A 135 -12.84 2.23 3.45
C ARG A 135 -13.08 3.16 2.25
N THR A 136 -12.00 3.61 1.64
CA THR A 136 -12.08 4.50 0.47
C THR A 136 -12.89 3.88 -0.68
N LYS A 137 -12.60 2.61 -1.01
CA LYS A 137 -13.33 1.92 -2.09
C LYS A 137 -13.43 0.40 -1.82
N ARG A 138 -14.20 0.04 -0.80
CA ARG A 138 -14.37 -1.37 -0.42
C ARG A 138 -15.07 -2.18 -1.52
N ASP A 139 -16.24 -1.71 -1.96
CA ASP A 139 -17.02 -2.39 -3.01
C ASP A 139 -16.20 -2.59 -4.27
N TRP A 140 -15.33 -1.61 -4.57
CA TRP A 140 -14.47 -1.69 -5.75
C TRP A 140 -13.59 -2.94 -5.65
N LEU A 141 -12.98 -3.14 -4.48
CA LEU A 141 -12.14 -4.32 -4.24
C LEU A 141 -12.98 -5.60 -4.27
N VAL A 142 -14.12 -5.58 -3.58
CA VAL A 142 -15.02 -6.73 -3.51
C VAL A 142 -15.47 -7.19 -4.91
N LYS A 143 -15.74 -6.23 -5.81
CA LYS A 143 -16.15 -6.55 -7.17
C LYS A 143 -15.07 -7.33 -7.93
N GLN A 144 -13.83 -7.22 -7.45
CA GLN A 144 -12.70 -7.92 -8.06
C GLN A 144 -12.19 -9.03 -7.13
N ARG A 145 -13.03 -9.43 -6.16
CA ARG A 145 -12.66 -10.45 -5.18
C ARG A 145 -11.43 -10.03 -4.36
N GLY A 146 -11.20 -8.71 -4.29
CA GLY A 146 -10.09 -8.18 -3.53
C GLY A 146 -8.72 -8.44 -4.16
N TRP A 147 -7.88 -9.13 -3.40
CA TRP A 147 -6.52 -9.45 -3.83
C TRP A 147 -6.50 -10.33 -5.08
N ASP A 148 -7.59 -11.05 -5.35
CA ASP A 148 -7.68 -11.89 -6.55
C ASP A 148 -7.55 -11.02 -7.80
N GLY A 149 -8.39 -9.98 -7.89
CA GLY A 149 -8.32 -9.06 -9.01
C GLY A 149 -6.98 -8.36 -9.06
N PHE A 150 -6.41 -8.08 -7.89
CA PHE A 150 -5.10 -7.46 -7.79
C PHE A 150 -4.03 -8.33 -8.47
N VAL A 151 -3.95 -9.60 -8.07
CA VAL A 151 -2.98 -10.53 -8.66
C VAL A 151 -3.20 -10.70 -10.17
N GLU A 152 -4.47 -10.65 -10.57
CA GLU A 152 -4.85 -10.77 -11.99
C GLU A 152 -4.41 -9.54 -12.80
N PHE A 153 -4.83 -8.36 -12.37
CA PHE A 153 -4.47 -7.11 -13.06
C PHE A 153 -2.97 -6.83 -12.96
N PHE A 154 -2.41 -7.05 -11.78
CA PHE A 154 -0.98 -6.83 -11.55
C PHE A 154 -0.15 -8.06 -11.91
N HIS A 155 -0.75 -9.01 -12.63
CA HIS A 155 -0.04 -10.22 -13.03
C HIS A 155 1.17 -9.92 -13.92
N VAL A 156 2.31 -9.73 -13.28
CA VAL A 156 3.54 -9.45 -14.00
C VAL A 156 4.05 -10.72 -14.70
N GLN A 157 4.96 -10.55 -15.64
CA GLN A 157 5.49 -11.68 -16.39
C GLN A 157 6.51 -12.47 -15.58
N ASP A 158 7.15 -11.82 -14.61
CA ASP A 158 8.13 -12.49 -13.76
C ASP A 158 7.46 -13.03 -12.49
N LEU A 159 6.12 -13.02 -12.49
CA LEU A 159 5.33 -13.51 -11.35
C LEU A 159 5.32 -15.03 -11.30
N GLU A 160 5.50 -15.66 -12.46
CA GLU A 160 5.49 -17.11 -12.55
C GLU A 160 6.92 -17.65 -12.75
N GLY A 161 7.35 -18.53 -11.86
CA GLY A 161 8.68 -19.11 -11.95
C GLY A 161 8.84 -20.36 -11.10
N GLY A 162 9.94 -21.06 -11.29
CA GLY A 162 10.19 -22.27 -10.52
C GLY A 162 11.59 -22.83 -10.74
N GLU B 1 2.64 27.03 3.36
CA GLU B 1 1.70 26.52 4.40
C GLU B 1 1.30 25.06 4.11
N GLU B 2 0.87 24.80 2.88
CA GLU B 2 0.49 23.46 2.47
C GLU B 2 1.17 23.06 1.16
N GLU B 3 2.27 23.75 0.83
CA GLU B 3 3.00 23.47 -0.41
C GLU B 3 3.59 22.07 -0.37
N TRP B 4 3.98 21.64 0.83
CA TRP B 4 4.54 20.32 1.03
C TRP B 4 3.51 19.25 0.65
N ALA B 5 2.30 19.36 1.19
CA ALA B 5 1.22 18.41 0.88
C ALA B 5 0.86 18.45 -0.60
N ARG B 6 0.88 19.65 -1.18
CA ARG B 6 0.58 19.83 -2.59
C ARG B 6 1.56 19.04 -3.47
N GLU B 7 2.85 19.24 -3.23
CA GLU B 7 3.88 18.53 -3.99
C GLU B 7 3.96 17.04 -3.63
N ILE B 8 3.99 16.73 -2.33
CA ILE B 8 4.08 15.33 -1.89
C ILE B 8 2.89 14.51 -2.40
N GLY B 9 1.67 15.04 -2.23
CA GLY B 9 0.49 14.35 -2.69
C GLY B 9 0.51 14.14 -4.19
N ALA B 10 0.91 15.18 -4.92
CA ALA B 10 0.97 15.10 -6.37
C ALA B 10 2.09 14.15 -6.83
N GLN B 11 3.22 14.18 -6.13
CA GLN B 11 4.35 13.32 -6.47
C GLN B 11 4.00 11.84 -6.34
N LEU B 12 3.49 11.44 -5.16
CA LEU B 12 3.09 10.05 -4.95
C LEU B 12 2.00 9.68 -5.95
N ARG B 13 1.18 10.66 -6.30
CA ARG B 13 0.11 10.49 -7.26
C ARG B 13 0.69 10.26 -8.66
N ARG B 14 1.72 11.03 -9.03
CA ARG B 14 2.39 10.89 -10.32
C ARG B 14 2.96 9.48 -10.47
N ILE B 15 3.75 9.06 -9.46
CA ILE B 15 4.34 7.74 -9.44
C ILE B 15 3.26 6.67 -9.60
N ALA B 16 2.14 6.90 -8.90
CA ALA B 16 1.00 5.99 -8.97
C ALA B 16 0.42 5.96 -10.37
N ASP B 17 0.16 7.13 -10.96
CA ASP B 17 -0.38 7.21 -12.32
C ASP B 17 0.56 6.56 -13.33
N ASP B 18 1.86 6.85 -13.22
CA ASP B 18 2.86 6.27 -14.11
C ASP B 18 2.86 4.74 -13.97
N LEU B 19 2.94 4.28 -12.72
CA LEU B 19 2.92 2.84 -12.43
C LEU B 19 1.64 2.20 -12.95
N ASN B 20 0.52 2.79 -12.58
CA ASN B 20 -0.81 2.32 -12.99
C ASN B 20 -0.90 2.21 -14.51
N ALA B 21 -0.51 3.28 -15.21
CA ALA B 21 -0.56 3.31 -16.66
C ALA B 21 0.21 2.18 -17.32
N GLN B 22 1.34 1.76 -16.72
CA GLN B 22 2.14 0.67 -17.28
C GLN B 22 1.35 -0.63 -17.47
N TYR B 23 0.58 -1.03 -16.45
CA TYR B 23 -0.22 -2.26 -16.56
C TYR B 23 -1.56 -2.01 -17.25
N GLU B 24 -2.22 -0.93 -16.86
CA GLU B 24 -3.52 -0.57 -17.43
C GLU B 24 -3.43 -0.34 -18.94
N ARG B 25 -2.43 0.43 -19.35
CA ARG B 25 -2.21 0.71 -20.76
C ARG B 25 -1.02 -0.11 -21.30
N ARG B 26 -0.87 -1.33 -20.78
CA ARG B 26 0.21 -2.23 -21.19
C ARG B 26 0.27 -2.39 -22.72
N MET B 27 1.47 -2.23 -23.28
CA MET B 27 1.67 -2.38 -24.71
C MET B 27 2.11 -3.80 -25.05
N GLY A 1 -14.96 -15.18 10.96
CA GLY A 1 -16.04 -16.12 11.36
C GLY A 1 -17.27 -16.03 10.49
N PRO A 2 -18.31 -15.30 10.94
CA PRO A 2 -19.55 -15.13 10.15
C PRO A 2 -19.34 -14.28 8.89
N LEU A 3 -19.08 -14.95 7.77
CA LEU A 3 -18.85 -14.28 6.48
C LEU A 3 -20.05 -13.43 6.04
N GLY A 4 -21.21 -13.67 6.65
CA GLY A 4 -22.40 -12.90 6.31
C GLY A 4 -22.42 -11.54 7.00
N SER A 5 -21.46 -11.32 7.91
CA SER A 5 -21.37 -10.05 8.63
C SER A 5 -19.96 -9.46 8.60
N GLU A 6 -18.94 -10.32 8.46
CA GLU A 6 -17.55 -9.86 8.41
C GLU A 6 -17.08 -9.64 6.97
N ASP A 7 -16.35 -8.55 6.76
CA ASP A 7 -15.84 -8.22 5.44
C ASP A 7 -14.51 -8.97 5.17
N ASP A 8 -14.59 -10.00 4.33
CA ASP A 8 -13.41 -10.80 3.98
C ASP A 8 -12.33 -9.93 3.36
N LEU A 9 -12.72 -8.91 2.58
CA LEU A 9 -11.75 -8.01 1.99
C LEU A 9 -10.99 -7.29 3.10
N TYR A 10 -11.73 -6.80 4.10
CA TYR A 10 -11.12 -6.10 5.24
C TYR A 10 -10.22 -7.06 6.03
N ARG A 11 -10.69 -8.29 6.23
CA ARG A 11 -9.91 -9.29 6.96
C ARG A 11 -8.58 -9.59 6.24
N GLN A 12 -8.67 -9.85 4.95
CA GLN A 12 -7.48 -10.12 4.14
C GLN A 12 -6.58 -8.90 4.04
N SER A 13 -7.15 -7.75 3.68
CA SER A 13 -6.36 -6.52 3.56
C SER A 13 -5.58 -6.22 4.84
N LEU A 14 -6.28 -6.25 5.98
CA LEU A 14 -5.65 -6.01 7.28
C LEU A 14 -4.42 -6.88 7.50
N GLU A 15 -4.62 -8.20 7.44
CA GLU A 15 -3.53 -9.14 7.68
C GLU A 15 -2.44 -9.11 6.59
N ILE A 16 -2.84 -8.99 5.33
CA ILE A 16 -1.88 -8.94 4.22
C ILE A 16 -0.99 -7.68 4.28
N ILE A 17 -1.63 -6.51 4.43
CA ILE A 17 -0.87 -5.25 4.49
C ILE A 17 -0.03 -5.16 5.77
N SER A 18 -0.62 -5.51 6.91
CA SER A 18 0.10 -5.47 8.18
C SER A 18 1.32 -6.39 8.10
N ARG A 19 1.13 -7.60 7.57
CA ARG A 19 2.22 -8.56 7.41
C ARG A 19 3.32 -7.97 6.54
N TYR A 20 2.92 -7.42 5.40
CA TYR A 20 3.85 -6.78 4.46
C TYR A 20 4.64 -5.67 5.13
N LEU A 21 3.93 -4.81 5.85
CA LEU A 21 4.56 -3.70 6.54
C LEU A 21 5.56 -4.19 7.60
N ARG A 22 5.16 -5.23 8.34
CA ARG A 22 6.01 -5.82 9.37
C ARG A 22 7.33 -6.35 8.79
N GLU A 23 7.25 -7.16 7.73
CA GLU A 23 8.45 -7.73 7.11
C GLU A 23 9.30 -6.67 6.40
N GLN A 24 8.66 -5.68 5.78
CA GLN A 24 9.38 -4.61 5.09
C GLN A 24 10.07 -3.69 6.08
N ALA A 25 9.42 -3.46 7.23
CA ALA A 25 10.00 -2.60 8.27
C ALA A 25 11.11 -3.31 9.04
N THR A 26 10.90 -4.58 9.38
CA THR A 26 11.91 -5.36 10.12
C THR A 26 13.08 -5.77 9.22
N GLY A 27 12.83 -5.90 7.93
CA GLY A 27 13.87 -6.31 7.01
C GLY A 27 13.81 -7.79 6.70
N SER A 28 12.85 -8.47 7.32
CA SER A 28 12.67 -9.91 7.12
C SER A 28 11.99 -10.18 5.77
N LYS A 29 12.82 -10.50 4.77
CA LYS A 29 12.33 -10.78 3.42
C LYS A 29 11.60 -12.13 3.35
N ASP A 30 11.76 -12.97 4.36
CA ASP A 30 11.12 -14.28 4.39
C ASP A 30 9.62 -14.16 4.70
N SER A 31 8.81 -14.02 3.66
CA SER A 31 7.36 -13.90 3.82
C SER A 31 6.76 -15.20 4.33
N LYS A 32 5.99 -15.10 5.42
CA LYS A 32 5.35 -16.26 6.01
C LYS A 32 4.05 -16.60 5.26
N PRO A 33 3.74 -17.90 5.11
CA PRO A 33 2.54 -18.36 4.41
C PRO A 33 1.26 -17.68 4.93
N LEU A 34 0.62 -16.89 4.08
CA LEU A 34 -0.60 -16.15 4.44
C LEU A 34 -1.84 -17.04 4.53
N GLY A 35 -1.66 -18.28 4.98
CA GLY A 35 -2.79 -19.20 5.11
C GLY A 35 -3.87 -18.68 6.06
N GLU A 36 -3.50 -17.72 6.91
CA GLU A 36 -4.44 -17.12 7.86
C GLU A 36 -5.28 -16.04 7.15
N ALA A 37 -4.76 -15.52 6.05
CA ALA A 37 -5.45 -14.51 5.27
C ALA A 37 -6.23 -15.14 4.11
N GLY A 38 -5.55 -15.97 3.33
CA GLY A 38 -6.20 -16.63 2.21
C GLY A 38 -5.20 -17.22 1.23
N ALA A 39 -5.65 -18.11 0.36
CA ALA A 39 -4.76 -18.73 -0.63
C ALA A 39 -4.12 -17.68 -1.54
N ALA A 40 -4.92 -16.68 -1.93
CA ALA A 40 -4.46 -15.60 -2.80
C ALA A 40 -3.49 -14.66 -2.09
N GLY A 41 -3.49 -14.70 -0.75
CA GLY A 41 -2.62 -13.84 0.04
C GLY A 41 -1.15 -13.99 -0.35
N ARG A 42 -0.75 -15.23 -0.64
CA ARG A 42 0.64 -15.51 -1.02
C ARG A 42 1.03 -14.80 -2.32
N ARG A 43 0.21 -14.99 -3.36
CA ARG A 43 0.46 -14.36 -4.66
C ARG A 43 0.30 -12.85 -4.54
N ALA A 44 -0.63 -12.43 -3.68
CA ALA A 44 -0.88 -11.00 -3.45
C ALA A 44 0.35 -10.33 -2.83
N LEU A 45 0.81 -10.87 -1.71
CA LEU A 45 1.98 -10.34 -1.01
C LEU A 45 3.21 -10.34 -1.92
N GLU A 46 3.40 -11.43 -2.66
CA GLU A 46 4.54 -11.56 -3.57
C GLU A 46 4.50 -10.46 -4.65
N THR A 47 3.34 -10.28 -5.27
CA THR A 47 3.17 -9.26 -6.30
C THR A 47 3.28 -7.85 -5.73
N LEU A 48 2.56 -7.60 -4.64
CA LEU A 48 2.57 -6.30 -3.97
C LEU A 48 3.99 -5.90 -3.57
N ARG A 49 4.77 -6.88 -3.09
CA ARG A 49 6.15 -6.63 -2.67
C ARG A 49 7.06 -6.38 -3.86
N ARG A 50 7.02 -7.27 -4.85
CA ARG A 50 7.85 -7.13 -6.05
C ARG A 50 7.58 -5.79 -6.73
N VAL A 51 6.31 -5.43 -6.83
CA VAL A 51 5.92 -4.15 -7.42
C VAL A 51 6.35 -2.99 -6.52
N GLY A 52 6.08 -3.12 -5.22
CA GLY A 52 6.44 -2.09 -4.25
C GLY A 52 7.93 -1.78 -4.25
N ASP A 53 8.75 -2.82 -4.13
CA ASP A 53 10.19 -2.66 -4.15
C ASP A 53 10.63 -2.06 -5.49
N GLY A 54 9.89 -2.39 -6.55
CA GLY A 54 10.18 -1.85 -7.87
C GLY A 54 10.01 -0.34 -7.92
N VAL A 55 8.84 0.16 -7.51
CA VAL A 55 8.61 1.62 -7.52
C VAL A 55 9.48 2.33 -6.50
N GLN A 56 9.71 1.67 -5.35
CA GLN A 56 10.54 2.25 -4.29
C GLN A 56 11.96 2.50 -4.78
N ARG A 57 12.49 1.58 -5.57
CA ARG A 57 13.86 1.72 -6.09
C ARG A 57 13.88 2.62 -7.34
N ASN A 58 12.91 2.46 -8.23
CA ASN A 58 12.83 3.28 -9.45
C ASN A 58 12.50 4.74 -9.13
N HIS A 59 11.50 4.95 -8.29
CA HIS A 59 11.09 6.30 -7.91
C HIS A 59 11.65 6.67 -6.53
N GLU A 60 12.88 6.21 -6.28
CA GLU A 60 13.58 6.45 -5.02
C GLU A 60 13.71 7.94 -4.70
N THR A 61 14.02 8.75 -5.71
CA THR A 61 14.17 10.19 -5.51
C THR A 61 12.88 10.83 -4.99
N ALA A 62 11.76 10.38 -5.54
CA ALA A 62 10.46 10.89 -5.12
C ALA A 62 10.06 10.33 -3.76
N PHE A 63 10.29 9.03 -3.56
CA PHE A 63 9.96 8.39 -2.28
C PHE A 63 10.77 8.99 -1.14
N GLN A 64 12.08 9.15 -1.35
CA GLN A 64 12.95 9.74 -0.34
C GLN A 64 12.54 11.19 -0.11
N GLY A 65 12.10 11.87 -1.18
CA GLY A 65 11.63 13.23 -1.05
C GLY A 65 10.36 13.29 -0.22
N MET A 66 9.49 12.31 -0.44
CA MET A 66 8.25 12.19 0.31
C MET A 66 8.57 12.02 1.80
N LEU A 67 9.48 11.11 2.09
CA LEU A 67 9.90 10.85 3.47
C LEU A 67 10.63 12.07 4.07
N ARG A 68 11.34 12.79 3.21
CA ARG A 68 12.07 14.00 3.61
C ARG A 68 11.15 15.03 4.27
N LYS A 69 9.92 15.14 3.77
CA LYS A 69 8.95 16.07 4.31
C LYS A 69 7.80 15.36 5.06
N LEU A 70 7.97 14.07 5.36
CA LEU A 70 6.92 13.32 6.07
C LEU A 70 7.48 12.34 7.10
N ASP A 71 8.14 12.86 8.12
CA ASP A 71 8.67 12.00 9.18
C ASP A 71 7.68 11.92 10.35
N ILE A 72 7.34 10.70 10.75
CA ILE A 72 6.40 10.48 11.84
C ILE A 72 7.05 10.72 13.20
N LYS A 73 6.45 11.60 14.00
CA LYS A 73 6.95 11.93 15.33
C LYS A 73 5.84 11.96 16.38
N ASN A 74 4.60 12.22 15.94
CA ASN A 74 3.47 12.26 16.86
C ASN A 74 2.17 11.82 16.18
N GLU A 75 1.08 11.79 16.96
CA GLU A 75 -0.23 11.39 16.44
C GLU A 75 -0.73 12.38 15.39
N GLY A 76 -0.28 13.63 15.47
CA GLY A 76 -0.68 14.65 14.51
C GLY A 76 -0.26 14.33 13.08
N ASP A 77 0.75 13.46 12.94
CA ASP A 77 1.24 13.07 11.62
C ASP A 77 0.30 12.09 10.92
N VAL A 78 -0.46 11.33 11.71
CA VAL A 78 -1.40 10.35 11.18
C VAL A 78 -2.54 11.02 10.39
N LYS A 79 -3.04 12.14 10.91
CA LYS A 79 -4.11 12.88 10.25
C LYS A 79 -3.65 13.41 8.89
N SER A 80 -2.38 13.83 8.83
CA SER A 80 -1.80 14.31 7.58
C SER A 80 -1.61 13.14 6.62
N PHE A 81 -1.26 11.98 7.17
CA PHE A 81 -1.08 10.77 6.37
C PHE A 81 -2.40 10.39 5.71
N SER A 82 -3.49 10.40 6.49
CA SER A 82 -4.82 10.11 5.95
C SER A 82 -5.15 11.09 4.85
N ARG A 83 -4.72 12.34 5.02
CA ARG A 83 -4.93 13.38 4.01
C ARG A 83 -4.14 13.03 2.75
N VAL A 84 -2.91 12.54 2.92
CA VAL A 84 -2.08 12.12 1.79
C VAL A 84 -2.73 10.94 1.07
N MET A 85 -3.29 10.01 1.86
CA MET A 85 -3.98 8.85 1.32
C MET A 85 -5.16 9.28 0.45
N VAL A 86 -6.00 10.16 0.99
CA VAL A 86 -7.14 10.67 0.23
C VAL A 86 -6.67 11.53 -0.95
N HIS A 87 -5.52 12.19 -0.79
CA HIS A 87 -4.94 13.01 -1.86
C HIS A 87 -4.62 12.18 -3.10
N VAL A 88 -4.08 10.97 -2.89
CA VAL A 88 -3.77 10.10 -4.01
C VAL A 88 -5.06 9.65 -4.73
N PHE A 89 -6.10 9.40 -3.94
CA PHE A 89 -7.40 8.98 -4.47
C PHE A 89 -8.29 10.19 -4.84
N LYS A 90 -7.72 11.40 -4.72
CA LYS A 90 -8.44 12.65 -5.03
C LYS A 90 -8.98 12.66 -6.46
N ASP A 91 -8.37 11.86 -7.33
CA ASP A 91 -8.79 11.76 -8.73
C ASP A 91 -10.19 11.13 -8.84
N GLY A 92 -10.65 10.48 -7.76
CA GLY A 92 -11.96 9.84 -7.75
C GLY A 92 -11.92 8.43 -8.30
N VAL A 93 -11.03 8.20 -9.27
CA VAL A 93 -10.88 6.89 -9.87
C VAL A 93 -10.03 5.97 -8.98
N THR A 94 -10.19 4.67 -9.15
CA THR A 94 -9.44 3.72 -8.34
C THR A 94 -8.62 2.76 -9.21
N ASN A 95 -7.30 2.86 -9.08
CA ASN A 95 -6.40 1.99 -9.83
C ASN A 95 -5.44 1.27 -8.90
N TRP A 96 -5.05 0.05 -9.28
CA TRP A 96 -4.13 -0.77 -8.48
C TRP A 96 -2.77 -0.10 -8.32
N GLY A 97 -2.31 0.60 -9.37
CA GLY A 97 -1.03 1.29 -9.30
C GLY A 97 -0.97 2.31 -8.18
N ARG A 98 -2.10 2.98 -7.93
CA ARG A 98 -2.19 3.98 -6.87
C ARG A 98 -2.27 3.31 -5.52
N ILE A 99 -3.02 2.21 -5.45
CA ILE A 99 -3.18 1.45 -4.22
C ILE A 99 -1.85 0.82 -3.78
N VAL A 100 -1.19 0.10 -4.70
CA VAL A 100 0.09 -0.53 -4.38
C VAL A 100 1.16 0.52 -4.05
N THR A 101 1.10 1.67 -4.73
CA THR A 101 2.05 2.75 -4.46
C THR A 101 1.78 3.33 -3.07
N LEU A 102 0.50 3.44 -2.72
CA LEU A 102 0.12 3.95 -1.40
C LEU A 102 0.67 3.02 -0.32
N ILE A 103 0.55 1.71 -0.55
CA ILE A 103 1.08 0.71 0.38
C ILE A 103 2.62 0.73 0.34
N SER A 104 3.18 0.92 -0.85
CA SER A 104 4.64 0.99 -1.02
C SER A 104 5.21 2.15 -0.21
N PHE A 105 4.51 3.28 -0.27
CA PHE A 105 4.90 4.46 0.49
C PHE A 105 4.81 4.13 1.98
N GLY A 106 3.71 3.50 2.37
CA GLY A 106 3.52 3.11 3.76
C GLY A 106 4.62 2.17 4.21
N ALA A 107 5.00 1.23 3.35
CA ALA A 107 6.08 0.29 3.64
C ALA A 107 7.40 1.03 3.85
N PHE A 108 7.64 2.06 3.04
CA PHE A 108 8.84 2.88 3.16
C PHE A 108 8.80 3.67 4.48
N VAL A 109 7.63 4.21 4.79
CA VAL A 109 7.43 4.95 6.04
C VAL A 109 7.67 4.02 7.24
N ALA A 110 7.10 2.82 7.17
CA ALA A 110 7.29 1.83 8.24
C ALA A 110 8.77 1.46 8.38
N LYS A 111 9.43 1.29 7.24
CA LYS A 111 10.86 0.98 7.21
C LYS A 111 11.66 2.10 7.88
N HIS A 112 11.34 3.35 7.52
CA HIS A 112 12.00 4.51 8.11
C HIS A 112 11.67 4.62 9.60
N LEU A 113 10.40 4.36 9.92
CA LEU A 113 9.93 4.41 11.31
C LEU A 113 10.65 3.36 12.17
N LYS A 114 10.93 2.21 11.58
CA LYS A 114 11.64 1.14 12.28
C LYS A 114 13.12 1.51 12.40
N SER A 115 13.65 2.16 11.37
CA SER A 115 15.05 2.58 11.35
C SER A 115 15.33 3.57 12.48
N VAL A 116 14.34 4.41 12.80
CA VAL A 116 14.49 5.37 13.89
C VAL A 116 13.99 4.79 15.22
N ASN A 117 13.66 3.49 15.19
CA ASN A 117 13.18 2.76 16.38
C ASN A 117 11.88 3.34 16.96
N GLN A 118 10.93 3.67 16.09
CA GLN A 118 9.66 4.24 16.54
C GLN A 118 8.48 3.27 16.27
N GLU A 119 8.63 2.03 16.74
CA GLU A 119 7.60 0.99 16.58
C GLU A 119 6.22 1.44 17.07
N SER A 120 6.23 2.30 18.11
CA SER A 120 5.00 2.83 18.70
C SER A 120 4.14 3.58 17.69
N PHE A 121 4.74 3.99 16.57
CA PHE A 121 3.99 4.70 15.53
C PHE A 121 3.80 3.81 14.30
N ILE A 122 4.60 2.75 14.19
CA ILE A 122 4.52 1.81 13.06
C ILE A 122 3.22 1.02 13.08
N GLU A 123 2.90 0.46 14.25
CA GLU A 123 1.67 -0.33 14.42
C GLU A 123 0.42 0.49 14.03
N PRO A 124 0.19 1.68 14.65
CA PRO A 124 -0.96 2.51 14.30
C PRO A 124 -0.95 2.92 12.83
N LEU A 125 0.23 3.15 12.26
CA LEU A 125 0.35 3.54 10.86
C LEU A 125 -0.12 2.44 9.90
N ALA A 126 0.44 1.24 10.01
CA ALA A 126 0.07 0.12 9.14
C ALA A 126 -1.43 -0.19 9.19
N GLU A 127 -1.97 -0.33 10.41
CA GLU A 127 -3.39 -0.64 10.57
C GLU A 127 -4.27 0.49 10.03
N THR A 128 -3.87 1.74 10.30
CA THR A 128 -4.62 2.90 9.82
C THR A 128 -4.64 2.91 8.29
N ILE A 129 -3.46 2.78 7.68
CA ILE A 129 -3.34 2.75 6.22
C ILE A 129 -4.31 1.74 5.63
N THR A 130 -4.29 0.52 6.17
CA THR A 130 -5.17 -0.55 5.69
C THR A 130 -6.64 -0.17 5.77
N ASP A 131 -7.06 0.25 6.96
CA ASP A 131 -8.45 0.65 7.19
C ASP A 131 -8.88 1.81 6.27
N VAL A 132 -8.07 2.85 6.21
CA VAL A 132 -8.37 4.02 5.38
C VAL A 132 -8.33 3.66 3.88
N LEU A 133 -7.33 2.87 3.48
CA LEU A 133 -7.19 2.46 2.09
C LEU A 133 -8.40 1.63 1.64
N VAL A 134 -8.90 0.81 2.55
CA VAL A 134 -10.07 -0.02 2.24
C VAL A 134 -11.38 0.78 2.32
N ARG A 135 -11.54 1.60 3.38
CA ARG A 135 -12.76 2.38 3.56
C ARG A 135 -12.97 3.46 2.48
N THR A 136 -11.89 4.05 1.96
CA THR A 136 -12.02 5.10 0.94
C THR A 136 -12.69 4.61 -0.35
N LYS A 137 -12.52 3.34 -0.68
CA LYS A 137 -13.12 2.77 -1.88
C LYS A 137 -13.41 1.27 -1.69
N ARG A 138 -14.08 0.92 -0.59
CA ARG A 138 -14.39 -0.48 -0.28
C ARG A 138 -15.27 -1.16 -1.34
N ASP A 139 -16.22 -0.42 -1.90
CA ASP A 139 -17.12 -0.97 -2.91
C ASP A 139 -16.35 -1.46 -4.14
N TRP A 140 -15.29 -0.73 -4.50
CA TRP A 140 -14.48 -1.08 -5.66
C TRP A 140 -13.66 -2.35 -5.42
N LEU A 141 -13.00 -2.43 -4.28
CA LEU A 141 -12.19 -3.60 -3.93
C LEU A 141 -13.04 -4.86 -3.86
N VAL A 142 -14.25 -4.75 -3.31
CA VAL A 142 -15.15 -5.91 -3.22
C VAL A 142 -15.58 -6.38 -4.62
N LYS A 143 -15.93 -5.43 -5.49
CA LYS A 143 -16.35 -5.76 -6.86
C LYS A 143 -15.19 -6.35 -7.69
N GLN A 144 -13.97 -5.88 -7.42
CA GLN A 144 -12.79 -6.35 -8.17
C GLN A 144 -12.12 -7.56 -7.54
N ARG A 145 -12.82 -8.26 -6.63
CA ARG A 145 -12.29 -9.46 -5.97
C ARG A 145 -11.04 -9.15 -5.12
N GLY A 146 -10.86 -7.88 -4.78
CA GLY A 146 -9.72 -7.46 -3.96
C GLY A 146 -8.38 -7.95 -4.46
N TRP A 147 -7.72 -8.78 -3.64
CA TRP A 147 -6.41 -9.31 -3.96
C TRP A 147 -6.41 -10.24 -5.16
N ASP A 148 -7.52 -10.94 -5.40
CA ASP A 148 -7.63 -11.84 -6.56
C ASP A 148 -7.51 -11.04 -7.87
N GLY A 149 -8.35 -10.01 -8.01
CA GLY A 149 -8.31 -9.17 -9.21
C GLY A 149 -7.00 -8.40 -9.31
N PHE A 150 -6.41 -8.11 -8.15
CA PHE A 150 -5.15 -7.39 -8.08
C PHE A 150 -4.02 -8.21 -8.73
N VAL A 151 -3.85 -9.44 -8.26
CA VAL A 151 -2.80 -10.31 -8.81
C VAL A 151 -3.09 -10.73 -10.24
N GLU A 152 -4.38 -10.84 -10.60
CA GLU A 152 -4.76 -11.22 -11.95
C GLU A 152 -4.28 -10.18 -12.98
N PHE A 153 -4.47 -8.91 -12.66
CA PHE A 153 -4.07 -7.82 -13.55
C PHE A 153 -2.58 -7.45 -13.39
N PHE A 154 -2.08 -7.43 -12.15
CA PHE A 154 -0.69 -7.06 -11.90
C PHE A 154 0.31 -8.20 -12.17
N HIS A 155 -0.10 -9.45 -12.00
CA HIS A 155 0.81 -10.57 -12.23
C HIS A 155 0.21 -11.63 -13.15
N VAL A 156 0.17 -11.34 -14.44
CA VAL A 156 -0.37 -12.28 -15.43
C VAL A 156 0.33 -13.64 -15.37
N GLN A 157 1.66 -13.64 -15.44
CA GLN A 157 2.42 -14.88 -15.40
C GLN A 157 3.73 -14.72 -14.62
N ASP A 158 4.04 -15.72 -13.79
CA ASP A 158 5.26 -15.71 -12.99
C ASP A 158 5.73 -17.15 -12.72
N LEU A 159 6.11 -17.44 -11.48
CA LEU A 159 6.55 -18.78 -11.13
C LEU A 159 5.39 -19.78 -11.15
N GLU A 160 4.26 -19.39 -10.51
CA GLU A 160 3.06 -20.23 -10.43
C GLU A 160 3.32 -21.59 -9.79
N GLY A 161 3.74 -22.57 -10.59
CA GLY A 161 4.02 -23.89 -10.07
C GLY A 161 5.06 -24.64 -10.89
N GLY A 162 5.98 -23.90 -11.51
CA GLY A 162 7.01 -24.52 -12.33
C GLY A 162 8.34 -23.80 -12.26
N GLU B 1 0.97 26.84 5.33
CA GLU B 1 0.17 26.34 4.19
C GLU B 1 0.50 24.88 3.87
N GLU B 2 -0.39 24.20 3.16
CA GLU B 2 -0.19 22.80 2.79
C GLU B 2 0.69 22.67 1.53
N GLU B 3 1.96 23.03 1.66
CA GLU B 3 2.90 22.95 0.55
C GLU B 3 3.49 21.54 0.42
N TRP B 4 4.08 21.07 1.52
CA TRP B 4 4.70 19.74 1.58
C TRP B 4 3.74 18.63 1.15
N ALA B 5 2.52 18.64 1.68
CA ALA B 5 1.52 17.62 1.34
C ALA B 5 1.11 17.71 -0.13
N ARG B 6 1.26 18.89 -0.71
CA ARG B 6 0.93 19.09 -2.12
C ARG B 6 2.05 18.53 -3.00
N GLU B 7 3.29 18.86 -2.64
CA GLU B 7 4.48 18.37 -3.33
C GLU B 7 4.56 16.86 -3.22
N ILE B 8 4.27 16.36 -2.02
CA ILE B 8 4.26 14.93 -1.74
C ILE B 8 3.12 14.24 -2.49
N GLY B 9 1.91 14.82 -2.38
CA GLY B 9 0.75 14.26 -3.07
C GLY B 9 0.96 14.19 -4.57
N ALA B 10 1.53 15.24 -5.16
CA ALA B 10 1.79 15.28 -6.59
C ALA B 10 2.81 14.20 -7.01
N GLN B 11 3.85 14.04 -6.19
CA GLN B 11 4.89 13.05 -6.48
C GLN B 11 4.37 11.62 -6.33
N LEU B 12 3.63 11.35 -5.26
CA LEU B 12 3.06 10.02 -5.03
C LEU B 12 2.11 9.65 -6.16
N ARG B 13 1.34 10.65 -6.63
CA ARG B 13 0.42 10.44 -7.73
C ARG B 13 1.20 10.07 -9.00
N ARG B 14 2.24 10.83 -9.31
CA ARG B 14 3.05 10.54 -10.50
C ARG B 14 3.71 9.16 -10.41
N ILE B 15 4.22 8.81 -9.21
CA ILE B 15 4.83 7.49 -9.01
C ILE B 15 3.82 6.40 -9.34
N ALA B 16 2.62 6.53 -8.77
CA ALA B 16 1.55 5.57 -8.98
C ALA B 16 1.07 5.57 -10.44
N ASP B 17 0.98 6.76 -11.03
CA ASP B 17 0.54 6.89 -12.42
C ASP B 17 1.47 6.15 -13.37
N ASP B 18 2.77 6.39 -13.26
CA ASP B 18 3.74 5.69 -14.11
C ASP B 18 3.62 4.18 -13.89
N LEU B 19 3.59 3.77 -12.63
CA LEU B 19 3.47 2.36 -12.27
C LEU B 19 2.22 1.72 -12.89
N ASN B 20 1.08 2.39 -12.71
CA ASN B 20 -0.20 1.92 -13.26
C ASN B 20 -0.14 1.81 -14.78
N ALA B 21 0.33 2.88 -15.43
CA ALA B 21 0.43 2.92 -16.89
C ALA B 21 1.29 1.78 -17.46
N GLN B 22 2.28 1.33 -16.68
CA GLN B 22 3.17 0.25 -17.13
C GLN B 22 2.40 -1.04 -17.45
N TYR B 23 1.42 -1.40 -16.62
CA TYR B 23 0.64 -2.61 -16.84
C TYR B 23 -0.62 -2.34 -17.65
N GLU B 24 -1.34 -1.28 -17.30
CA GLU B 24 -2.60 -0.93 -17.98
C GLU B 24 -2.39 -0.71 -19.48
N ARG B 25 -1.33 0.00 -19.85
CA ARG B 25 -1.04 0.28 -21.26
C ARG B 25 -0.14 -0.80 -21.87
N ARG B 26 -0.29 -2.04 -21.43
CA ARG B 26 0.52 -3.14 -21.96
C ARG B 26 -0.32 -4.09 -22.81
N MET B 27 0.06 -4.23 -24.07
CA MET B 27 -0.64 -5.13 -25.00
C MET B 27 0.26 -6.26 -25.48
N GLY A 1 -26.84 -7.54 13.27
CA GLY A 1 -26.29 -8.93 13.31
C GLY A 1 -24.77 -8.97 13.39
N PRO A 2 -24.18 -10.09 13.83
CA PRO A 2 -22.72 -10.23 13.95
C PRO A 2 -21.98 -9.98 12.63
N LEU A 3 -22.63 -10.31 11.51
CA LEU A 3 -22.05 -10.12 10.19
C LEU A 3 -21.82 -8.64 9.87
N GLY A 4 -22.48 -7.76 10.63
CA GLY A 4 -22.33 -6.32 10.40
C GLY A 4 -20.89 -5.83 10.60
N SER A 5 -20.14 -6.53 11.44
CA SER A 5 -18.74 -6.16 11.69
C SER A 5 -17.79 -7.24 11.17
N GLU A 6 -18.33 -8.21 10.44
CA GLU A 6 -17.52 -9.29 9.89
C GLU A 6 -17.17 -9.02 8.43
N ASP A 7 -15.87 -9.06 8.13
CA ASP A 7 -15.40 -8.82 6.77
C ASP A 7 -14.08 -9.54 6.50
N ASP A 8 -14.11 -10.51 5.59
CA ASP A 8 -12.92 -11.27 5.23
C ASP A 8 -11.89 -10.38 4.53
N LEU A 9 -12.36 -9.49 3.66
CA LEU A 9 -11.46 -8.56 2.94
C LEU A 9 -10.72 -7.70 3.96
N TYR A 10 -11.44 -7.23 4.97
CA TYR A 10 -10.85 -6.40 6.02
C TYR A 10 -9.75 -7.17 6.76
N ARG A 11 -10.03 -8.42 7.12
CA ARG A 11 -9.06 -9.25 7.82
C ARG A 11 -7.85 -9.57 6.92
N GLN A 12 -8.13 -9.91 5.67
CA GLN A 12 -7.06 -10.23 4.71
C GLN A 12 -6.19 -9.01 4.45
N SER A 13 -6.80 -7.87 4.16
CA SER A 13 -6.03 -6.65 3.89
C SER A 13 -5.20 -6.27 5.12
N LEU A 14 -5.83 -6.21 6.30
CA LEU A 14 -5.13 -5.88 7.54
C LEU A 14 -3.92 -6.79 7.76
N GLU A 15 -4.17 -8.09 7.69
CA GLU A 15 -3.12 -9.10 7.87
C GLU A 15 -1.99 -8.95 6.84
N ILE A 16 -2.36 -8.92 5.56
CA ILE A 16 -1.39 -8.79 4.47
C ILE A 16 -0.57 -7.48 4.54
N ILE A 17 -1.24 -6.36 4.77
CA ILE A 17 -0.56 -5.07 4.87
C ILE A 17 0.34 -5.00 6.12
N SER A 18 -0.18 -5.50 7.24
CA SER A 18 0.59 -5.52 8.49
C SER A 18 1.80 -6.43 8.35
N ARG A 19 1.59 -7.59 7.73
CA ARG A 19 2.65 -8.56 7.50
C ARG A 19 3.76 -7.98 6.62
N TYR A 20 3.41 -7.51 5.41
CA TYR A 20 4.39 -6.95 4.50
C TYR A 20 5.16 -5.79 5.15
N LEU A 21 4.44 -4.89 5.81
CA LEU A 21 5.06 -3.74 6.46
C LEU A 21 6.01 -4.18 7.58
N ARG A 22 5.58 -5.16 8.38
CA ARG A 22 6.43 -5.66 9.47
C ARG A 22 7.71 -6.29 8.92
N GLU A 23 7.59 -7.10 7.87
CA GLU A 23 8.76 -7.75 7.27
C GLU A 23 9.66 -6.69 6.61
N GLN A 24 9.04 -5.73 5.92
CA GLN A 24 9.77 -4.65 5.26
C GLN A 24 10.48 -3.75 6.27
N ALA A 25 9.86 -3.55 7.44
CA ALA A 25 10.44 -2.71 8.48
C ALA A 25 11.51 -3.46 9.28
N THR A 26 11.22 -4.68 9.72
CA THR A 26 12.18 -5.47 10.51
C THR A 26 13.40 -5.91 9.71
N GLY A 27 13.26 -5.95 8.39
CA GLY A 27 14.37 -6.36 7.55
C GLY A 27 14.23 -7.80 7.07
N SER A 28 13.03 -8.35 7.26
CA SER A 28 12.74 -9.72 6.85
C SER A 28 12.54 -9.78 5.34
N LYS A 29 13.57 -10.23 4.64
CA LYS A 29 13.54 -10.35 3.17
C LYS A 29 12.60 -11.47 2.74
N ASP A 30 12.27 -12.34 3.67
CA ASP A 30 11.39 -13.48 3.43
C ASP A 30 9.93 -13.07 3.64
N SER A 31 9.05 -14.06 3.68
CA SER A 31 7.63 -13.79 3.90
C SER A 31 6.94 -14.97 4.57
N LYS A 32 6.22 -14.69 5.65
CA LYS A 32 5.51 -15.72 6.40
C LYS A 32 4.33 -16.28 5.59
N PRO A 33 4.09 -17.60 5.70
CA PRO A 33 3.00 -18.28 4.97
C PRO A 33 1.62 -17.66 5.22
N LEU A 34 1.16 -16.87 4.25
CA LEU A 34 -0.14 -16.18 4.31
C LEU A 34 -1.33 -17.15 4.15
N GLY A 35 -1.19 -18.36 4.66
CA GLY A 35 -2.25 -19.36 4.56
C GLY A 35 -3.47 -19.01 5.40
N GLU A 36 -3.33 -18.05 6.32
CA GLU A 36 -4.43 -17.63 7.18
C GLU A 36 -5.51 -16.89 6.38
N ALA A 37 -5.10 -15.79 5.73
CA ALA A 37 -6.01 -14.99 4.91
C ALA A 37 -6.71 -15.83 3.85
N GLY A 38 -5.93 -16.53 3.04
CA GLY A 38 -6.49 -17.37 2.00
C GLY A 38 -5.47 -17.73 0.94
N ALA A 39 -5.92 -18.46 -0.09
CA ALA A 39 -5.03 -18.86 -1.18
C ALA A 39 -4.53 -17.62 -1.96
N ALA A 40 -5.39 -16.61 -2.06
CA ALA A 40 -5.03 -15.38 -2.75
C ALA A 40 -4.09 -14.49 -1.93
N GLY A 41 -3.96 -14.80 -0.64
CA GLY A 41 -3.10 -14.03 0.24
C GLY A 41 -1.65 -14.06 -0.17
N ARG A 42 -1.11 -15.27 -0.35
CA ARG A 42 0.29 -15.42 -0.75
C ARG A 42 0.51 -14.77 -2.13
N ARG A 43 -0.49 -14.91 -3.00
CA ARG A 43 -0.45 -14.33 -4.34
C ARG A 43 -0.37 -12.80 -4.25
N ALA A 44 -1.13 -12.23 -3.31
CA ALA A 44 -1.15 -10.80 -3.08
C ALA A 44 0.17 -10.32 -2.48
N LEU A 45 0.73 -11.14 -1.59
CA LEU A 45 2.00 -10.81 -0.95
C LEU A 45 3.13 -10.76 -1.98
N GLU A 46 3.24 -11.81 -2.79
CA GLU A 46 4.27 -11.87 -3.83
C GLU A 46 4.08 -10.74 -4.84
N THR A 47 2.83 -10.46 -5.19
CA THR A 47 2.51 -9.40 -6.13
C THR A 47 2.85 -8.02 -5.56
N LEU A 48 2.34 -7.74 -4.36
CA LEU A 48 2.58 -6.46 -3.70
C LEU A 48 4.07 -6.24 -3.42
N ARG A 49 4.76 -7.27 -2.94
CA ARG A 49 6.18 -7.16 -2.66
C ARG A 49 6.99 -6.96 -3.95
N ARG A 50 6.62 -7.68 -5.01
CA ARG A 50 7.33 -7.56 -6.29
C ARG A 50 7.18 -6.15 -6.89
N VAL A 51 5.95 -5.70 -7.01
CA VAL A 51 5.70 -4.38 -7.59
C VAL A 51 6.02 -3.26 -6.62
N GLY A 52 5.50 -3.36 -5.40
CA GLY A 52 5.74 -2.33 -4.38
C GLY A 52 7.22 -2.02 -4.19
N ASP A 53 8.02 -3.05 -3.94
CA ASP A 53 9.46 -2.86 -3.75
C ASP A 53 10.10 -2.39 -5.06
N GLY A 54 9.60 -2.91 -6.19
CA GLY A 54 10.11 -2.47 -7.48
C GLY A 54 9.89 -0.98 -7.70
N VAL A 55 8.70 -0.50 -7.32
CA VAL A 55 8.36 0.91 -7.43
C VAL A 55 9.26 1.76 -6.54
N GLN A 56 9.57 1.22 -5.35
CA GLN A 56 10.45 1.90 -4.40
C GLN A 56 11.84 2.11 -5.02
N ARG A 57 12.25 1.15 -5.85
CA ARG A 57 13.54 1.24 -6.53
C ARG A 57 13.43 2.10 -7.81
N ASN A 58 12.26 2.07 -8.43
CA ASN A 58 12.02 2.85 -9.66
C ASN A 58 11.93 4.35 -9.35
N HIS A 59 11.32 4.69 -8.21
CA HIS A 59 11.18 6.07 -7.82
C HIS A 59 11.70 6.32 -6.40
N GLU A 60 12.96 5.91 -6.17
CA GLU A 60 13.60 6.07 -4.86
C GLU A 60 13.75 7.56 -4.52
N THR A 61 14.26 8.32 -5.47
CA THR A 61 14.45 9.77 -5.31
C THR A 61 13.17 10.44 -4.80
N ALA A 62 12.06 10.19 -5.49
CA ALA A 62 10.77 10.77 -5.11
C ALA A 62 10.25 10.18 -3.79
N PHE A 63 10.34 8.85 -3.66
CA PHE A 63 9.87 8.16 -2.45
C PHE A 63 10.61 8.63 -1.20
N GLN A 64 11.95 8.57 -1.26
CA GLN A 64 12.77 9.00 -0.12
C GLN A 64 12.55 10.48 0.18
N GLY A 65 12.39 11.28 -0.87
CA GLY A 65 12.14 12.70 -0.67
C GLY A 65 10.89 12.93 0.18
N MET A 66 9.79 12.30 -0.21
CA MET A 66 8.54 12.41 0.54
C MET A 66 8.68 11.74 1.92
N LEU A 67 9.33 10.58 1.93
CA LEU A 67 9.56 9.81 3.15
C LEU A 67 10.30 10.61 4.22
N ARG A 68 11.38 11.28 3.84
CA ARG A 68 12.16 12.09 4.78
C ARG A 68 11.37 13.32 5.23
N LYS A 69 10.57 13.88 4.33
CA LYS A 69 9.75 15.05 4.67
C LYS A 69 8.65 14.67 5.66
N LEU A 70 7.88 13.64 5.33
CA LEU A 70 6.80 13.18 6.19
C LEU A 70 7.29 12.20 7.25
N ASP A 71 8.22 12.65 8.09
CA ASP A 71 8.75 11.80 9.15
C ASP A 71 7.74 11.69 10.29
N ILE A 72 7.49 10.46 10.76
CA ILE A 72 6.52 10.23 11.83
C ILE A 72 7.12 10.48 13.21
N LYS A 73 6.44 11.31 14.00
CA LYS A 73 6.89 11.63 15.36
C LYS A 73 5.73 11.62 16.37
N ASN A 74 4.49 11.75 15.89
CA ASN A 74 3.33 11.75 16.77
C ASN A 74 2.07 11.21 16.09
N GLU A 75 0.97 11.22 16.83
CA GLU A 75 -0.31 10.76 16.30
C GLU A 75 -0.83 11.72 15.21
N GLY A 76 -0.36 12.96 15.27
CA GLY A 76 -0.76 13.96 14.29
C GLY A 76 -0.35 13.58 12.88
N ASP A 77 0.71 12.77 12.75
CA ASP A 77 1.20 12.34 11.45
C ASP A 77 0.18 11.43 10.74
N VAL A 78 -0.66 10.77 11.53
CA VAL A 78 -1.68 9.86 11.01
C VAL A 78 -2.70 10.62 10.15
N LYS A 79 -3.18 11.75 10.66
CA LYS A 79 -4.15 12.57 9.94
C LYS A 79 -3.58 13.06 8.60
N SER A 80 -2.32 13.50 8.63
CA SER A 80 -1.65 13.97 7.43
C SER A 80 -1.54 12.86 6.40
N PHE A 81 -1.29 11.64 6.86
CA PHE A 81 -1.20 10.49 5.97
C PHE A 81 -2.52 10.32 5.21
N SER A 82 -3.63 10.41 5.93
CA SER A 82 -4.95 10.32 5.33
C SER A 82 -5.13 11.43 4.28
N ARG A 83 -4.66 12.64 4.62
CA ARG A 83 -4.74 13.78 3.71
C ARG A 83 -3.96 13.50 2.42
N VAL A 84 -2.78 12.89 2.59
CA VAL A 84 -1.94 12.53 1.45
C VAL A 84 -2.63 11.47 0.59
N MET A 85 -3.23 10.47 1.27
CA MET A 85 -3.97 9.42 0.57
C MET A 85 -5.13 10.01 -0.22
N VAL A 86 -5.87 10.93 0.42
CA VAL A 86 -6.99 11.60 -0.24
C VAL A 86 -6.49 12.41 -1.44
N HIS A 87 -5.32 13.03 -1.29
CA HIS A 87 -4.74 13.82 -2.37
C HIS A 87 -4.42 12.93 -3.59
N VAL A 88 -3.99 11.70 -3.33
CA VAL A 88 -3.69 10.76 -4.41
C VAL A 88 -4.99 10.30 -5.11
N PHE A 89 -6.02 10.03 -4.32
CA PHE A 89 -7.30 9.57 -4.87
C PHE A 89 -8.23 10.74 -5.25
N LYS A 90 -7.71 11.96 -5.14
CA LYS A 90 -8.50 13.16 -5.47
C LYS A 90 -8.90 13.20 -6.96
N ASP A 91 -8.13 12.51 -7.80
CA ASP A 91 -8.43 12.48 -9.23
C ASP A 91 -9.65 11.61 -9.55
N GLY A 92 -10.12 10.84 -8.56
CA GLY A 92 -11.28 9.99 -8.76
C GLY A 92 -10.94 8.60 -9.28
N VAL A 93 -9.86 8.49 -10.03
CA VAL A 93 -9.44 7.20 -10.58
C VAL A 93 -8.65 6.36 -9.58
N THR A 94 -9.30 5.33 -9.03
CA THR A 94 -8.67 4.43 -8.06
C THR A 94 -7.80 3.38 -8.74
N ASN A 95 -6.95 3.81 -9.67
CA ASN A 95 -6.09 2.89 -10.41
C ASN A 95 -5.16 2.09 -9.49
N TRP A 96 -4.96 0.80 -9.84
CA TRP A 96 -4.12 -0.11 -9.06
C TRP A 96 -2.72 0.45 -8.80
N GLY A 97 -2.13 1.14 -9.79
CA GLY A 97 -0.81 1.72 -9.59
C GLY A 97 -0.79 2.75 -8.47
N ARG A 98 -1.89 3.47 -8.32
CA ARG A 98 -2.02 4.49 -7.27
C ARG A 98 -2.23 3.83 -5.92
N ILE A 99 -2.97 2.72 -5.92
CA ILE A 99 -3.24 1.98 -4.69
C ILE A 99 -1.96 1.33 -4.16
N VAL A 100 -1.22 0.65 -5.03
CA VAL A 100 0.03 0.02 -4.63
C VAL A 100 1.07 1.05 -4.22
N THR A 101 1.01 2.25 -4.81
CA THR A 101 1.95 3.31 -4.45
C THR A 101 1.70 3.77 -3.01
N LEU A 102 0.42 3.86 -2.63
CA LEU A 102 0.04 4.24 -1.27
C LEU A 102 0.60 3.21 -0.27
N ILE A 103 0.44 1.92 -0.60
CA ILE A 103 0.97 0.85 0.25
C ILE A 103 2.50 0.85 0.23
N SER A 104 3.07 1.07 -0.97
CA SER A 104 4.53 1.12 -1.13
C SER A 104 5.10 2.22 -0.23
N PHE A 105 4.48 3.39 -0.27
CA PHE A 105 4.90 4.50 0.56
C PHE A 105 4.77 4.12 2.03
N GLY A 106 3.63 3.51 2.38
CA GLY A 106 3.40 3.08 3.75
C GLY A 106 4.47 2.10 4.23
N ALA A 107 4.89 1.20 3.34
CA ALA A 107 5.94 0.23 3.65
C ALA A 107 7.26 0.94 3.91
N PHE A 108 7.57 1.92 3.05
CA PHE A 108 8.79 2.71 3.21
C PHE A 108 8.74 3.48 4.53
N VAL A 109 7.56 4.00 4.84
CA VAL A 109 7.33 4.73 6.08
C VAL A 109 7.57 3.82 7.28
N ALA A 110 7.02 2.60 7.22
CA ALA A 110 7.21 1.63 8.30
C ALA A 110 8.69 1.34 8.48
N LYS A 111 9.40 1.16 7.37
CA LYS A 111 10.83 0.91 7.38
C LYS A 111 11.58 2.11 7.98
N HIS A 112 11.20 3.32 7.54
CA HIS A 112 11.81 4.54 8.05
C HIS A 112 11.52 4.71 9.54
N LEU A 113 10.31 4.34 9.95
CA LEU A 113 9.92 4.41 11.34
C LEU A 113 10.74 3.42 12.16
N LYS A 114 11.09 2.30 11.54
CA LYS A 114 11.91 1.29 12.20
C LYS A 114 13.38 1.74 12.25
N SER A 115 13.81 2.52 11.25
CA SER A 115 15.19 3.04 11.22
C SER A 115 15.47 3.88 12.47
N VAL A 116 14.43 4.55 12.98
CA VAL A 116 14.55 5.35 14.19
C VAL A 116 13.98 4.60 15.40
N ASN A 117 13.57 3.35 15.14
CA ASN A 117 12.98 2.45 16.15
C ASN A 117 11.74 3.04 16.83
N GLN A 118 10.75 3.42 16.02
CA GLN A 118 9.50 3.96 16.53
C GLN A 118 8.32 3.03 16.20
N GLU A 119 8.46 1.74 16.55
CA GLU A 119 7.39 0.75 16.30
C GLU A 119 6.06 1.21 16.87
N SER A 120 6.10 1.92 17.99
CA SER A 120 4.88 2.43 18.65
C SER A 120 4.05 3.31 17.69
N PHE A 121 4.69 3.86 16.66
CA PHE A 121 3.99 4.70 15.70
C PHE A 121 3.70 3.91 14.41
N ILE A 122 4.41 2.81 14.22
CA ILE A 122 4.23 1.94 13.06
C ILE A 122 2.88 1.24 13.12
N GLU A 123 2.52 0.79 14.33
CA GLU A 123 1.24 0.11 14.55
C GLU A 123 0.05 0.97 14.09
N PRO A 124 -0.11 2.21 14.65
CA PRO A 124 -1.19 3.11 14.24
C PRO A 124 -1.11 3.48 12.76
N LEU A 125 0.11 3.60 12.24
CA LEU A 125 0.32 3.94 10.84
C LEU A 125 -0.18 2.82 9.91
N ALA A 126 0.32 1.60 10.13
CA ALA A 126 -0.07 0.44 9.34
C ALA A 126 -1.58 0.19 9.43
N GLU A 127 -2.15 0.32 10.62
CA GLU A 127 -3.58 0.12 10.81
C GLU A 127 -4.37 1.20 10.09
N THR A 128 -4.01 2.47 10.33
CA THR A 128 -4.69 3.59 9.67
C THR A 128 -4.63 3.47 8.16
N ILE A 129 -3.45 3.12 7.63
CA ILE A 129 -3.28 2.94 6.19
C ILE A 129 -4.28 1.93 5.66
N THR A 130 -4.30 0.74 6.27
CA THR A 130 -5.22 -0.32 5.86
C THR A 130 -6.68 0.12 5.97
N ASP A 131 -7.05 0.64 7.13
CA ASP A 131 -8.42 1.12 7.37
C ASP A 131 -8.87 2.13 6.31
N VAL A 132 -8.06 3.17 6.10
CA VAL A 132 -8.40 4.19 5.10
C VAL A 132 -8.34 3.64 3.68
N LEU A 133 -7.30 2.85 3.39
CA LEU A 133 -7.12 2.25 2.06
C LEU A 133 -8.30 1.37 1.67
N VAL A 134 -8.77 0.53 2.59
CA VAL A 134 -9.89 -0.36 2.30
C VAL A 134 -11.25 0.33 2.44
N ARG A 135 -11.47 1.08 3.53
CA ARG A 135 -12.77 1.74 3.76
C ARG A 135 -13.12 2.76 2.66
N THR A 136 -12.12 3.36 2.02
CA THR A 136 -12.39 4.35 0.97
C THR A 136 -12.80 3.68 -0.35
N LYS A 137 -12.54 2.38 -0.47
CA LYS A 137 -12.89 1.64 -1.70
C LYS A 137 -13.22 0.18 -1.39
N ARG A 138 -14.08 -0.04 -0.40
CA ARG A 138 -14.48 -1.38 0.00
C ARG A 138 -15.21 -2.11 -1.14
N ASP A 139 -16.18 -1.43 -1.73
CA ASP A 139 -16.96 -1.99 -2.84
C ASP A 139 -16.09 -2.13 -4.10
N TRP A 140 -15.28 -1.11 -4.37
CA TRP A 140 -14.39 -1.10 -5.53
C TRP A 140 -13.51 -2.37 -5.55
N LEU A 141 -12.91 -2.69 -4.40
CA LEU A 141 -12.08 -3.89 -4.28
C LEU A 141 -12.90 -5.16 -4.51
N VAL A 142 -14.02 -5.29 -3.79
CA VAL A 142 -14.89 -6.47 -3.89
C VAL A 142 -15.36 -6.71 -5.33
N LYS A 143 -15.66 -5.64 -6.06
CA LYS A 143 -16.10 -5.75 -7.46
C LYS A 143 -15.07 -6.48 -8.33
N GLN A 144 -13.79 -6.34 -7.97
CA GLN A 144 -12.71 -6.98 -8.73
C GLN A 144 -12.14 -8.19 -7.97
N ARG A 145 -12.99 -8.88 -7.20
CA ARG A 145 -12.57 -10.07 -6.44
C ARG A 145 -11.50 -9.74 -5.38
N GLY A 146 -11.39 -8.46 -5.01
CA GLY A 146 -10.42 -8.04 -4.02
C GLY A 146 -8.97 -8.24 -4.45
N TRP A 147 -8.24 -9.02 -3.65
CA TRP A 147 -6.83 -9.31 -3.93
C TRP A 147 -6.67 -10.20 -5.16
N ASP A 148 -7.68 -11.03 -5.45
CA ASP A 148 -7.64 -11.92 -6.60
C ASP A 148 -7.51 -11.12 -7.89
N GLY A 149 -8.31 -10.06 -8.03
CA GLY A 149 -8.24 -9.21 -9.20
C GLY A 149 -6.96 -8.39 -9.20
N PHE A 150 -6.55 -7.94 -8.01
CA PHE A 150 -5.31 -7.18 -7.85
C PHE A 150 -4.12 -7.98 -8.37
N VAL A 151 -3.97 -9.22 -7.89
CA VAL A 151 -2.88 -10.08 -8.32
C VAL A 151 -3.05 -10.52 -9.78
N GLU A 152 -4.30 -10.58 -10.24
CA GLU A 152 -4.58 -10.99 -11.62
C GLU A 152 -4.00 -9.99 -12.63
N PHE A 153 -4.26 -8.71 -12.41
CA PHE A 153 -3.76 -7.67 -13.31
C PHE A 153 -2.29 -7.31 -12.99
N PHE A 154 -1.98 -7.18 -11.70
CA PHE A 154 -0.62 -6.80 -11.29
C PHE A 154 0.36 -7.99 -11.21
N HIS A 155 -0.02 -9.14 -11.78
CA HIS A 155 0.86 -10.30 -11.76
C HIS A 155 0.40 -11.39 -12.73
N VAL A 156 1.34 -12.00 -13.43
CA VAL A 156 1.02 -13.09 -14.34
C VAL A 156 0.41 -14.26 -13.56
N GLN A 157 -0.70 -14.79 -14.05
CA GLN A 157 -1.38 -15.88 -13.37
C GLN A 157 -0.77 -17.25 -13.66
N ASP A 158 -0.76 -18.10 -12.65
CA ASP A 158 -0.22 -19.44 -12.76
C ASP A 158 -1.15 -20.31 -13.63
N LEU A 159 -0.75 -20.54 -14.86
CA LEU A 159 -1.55 -21.34 -15.79
C LEU A 159 -1.16 -22.83 -15.73
N GLU A 160 0.10 -23.09 -15.42
CA GLU A 160 0.62 -24.46 -15.32
C GLU A 160 0.14 -25.15 -14.03
N GLY A 161 -1.18 -25.25 -13.87
CA GLY A 161 -1.74 -25.89 -12.69
C GLY A 161 -2.18 -27.33 -12.93
N GLY A 162 -1.21 -28.21 -13.12
CA GLY A 162 -1.52 -29.61 -13.37
C GLY A 162 -0.28 -30.50 -13.50
N GLU B 1 -2.39 26.85 1.94
CA GLU B 1 -3.23 25.63 2.09
C GLU B 1 -2.37 24.44 2.55
N GLU B 2 -2.34 23.36 1.77
CA GLU B 2 -1.53 22.20 2.10
C GLU B 2 -0.37 22.08 1.14
N GLU B 3 0.47 23.11 1.07
CA GLU B 3 1.63 23.14 0.17
C GLU B 3 2.48 21.86 0.29
N TRP B 4 2.73 21.45 1.52
CA TRP B 4 3.52 20.24 1.78
C TRP B 4 2.81 18.98 1.26
N ALA B 5 1.54 18.82 1.63
CA ALA B 5 0.74 17.67 1.20
C ALA B 5 0.56 17.68 -0.31
N ARG B 6 0.38 18.87 -0.88
CA ARG B 6 0.21 19.03 -2.32
C ARG B 6 1.46 18.54 -3.05
N GLU B 7 2.62 18.96 -2.57
CA GLU B 7 3.90 18.54 -3.15
C GLU B 7 4.04 17.02 -3.07
N ILE B 8 3.78 16.47 -1.87
CA ILE B 8 3.87 15.02 -1.66
C ILE B 8 2.91 14.27 -2.57
N GLY B 9 1.64 14.68 -2.56
CA GLY B 9 0.63 14.05 -3.40
C GLY B 9 1.03 14.04 -4.86
N ALA B 10 1.63 15.14 -5.32
CA ALA B 10 2.08 15.25 -6.71
C ALA B 10 3.14 14.20 -7.03
N GLN B 11 4.08 14.00 -6.10
CA GLN B 11 5.15 13.00 -6.31
C GLN B 11 4.60 11.58 -6.19
N LEU B 12 3.70 11.36 -5.23
CA LEU B 12 3.08 10.04 -5.04
C LEU B 12 2.24 9.69 -6.28
N ARG B 13 1.48 10.69 -6.77
CA ARG B 13 0.68 10.52 -7.97
C ARG B 13 1.61 10.30 -9.16
N ARG B 14 2.72 11.04 -9.20
CA ARG B 14 3.72 10.93 -10.26
C ARG B 14 4.23 9.49 -10.35
N ILE B 15 4.66 8.95 -9.23
CA ILE B 15 5.16 7.57 -9.18
C ILE B 15 4.10 6.57 -9.63
N ALA B 16 2.91 6.72 -9.07
CA ALA B 16 1.78 5.84 -9.36
C ALA B 16 1.29 5.92 -10.82
N ASP B 17 0.97 7.12 -11.28
CA ASP B 17 0.46 7.31 -12.64
C ASP B 17 1.42 6.77 -13.70
N ASP B 18 2.70 7.11 -13.59
CA ASP B 18 3.69 6.64 -14.55
C ASP B 18 3.77 5.11 -14.51
N LEU B 19 3.66 4.53 -13.30
CA LEU B 19 3.69 3.09 -13.12
C LEU B 19 2.45 2.42 -13.72
N ASN B 20 1.28 2.90 -13.31
CA ASN B 20 0.00 2.38 -13.79
C ASN B 20 -0.15 2.54 -15.30
N ALA B 21 0.10 3.75 -15.81
CA ALA B 21 -0.02 4.00 -17.25
C ALA B 21 0.82 3.04 -18.07
N GLN B 22 2.08 2.86 -17.68
CA GLN B 22 2.97 1.95 -18.41
C GLN B 22 2.53 0.49 -18.29
N TYR B 23 2.30 0.02 -17.06
CA TYR B 23 1.91 -1.37 -16.83
C TYR B 23 0.50 -1.70 -17.35
N GLU B 24 -0.41 -0.73 -17.30
CA GLU B 24 -1.78 -0.93 -17.77
C GLU B 24 -1.84 -0.98 -19.30
N ARG B 25 -0.97 -0.21 -19.95
CA ARG B 25 -0.93 -0.19 -21.41
C ARG B 25 -0.08 -1.35 -21.95
N ARG B 26 1.10 -1.53 -21.35
CA ARG B 26 1.99 -2.61 -21.75
C ARG B 26 2.32 -3.51 -20.56
N MET B 27 1.96 -4.79 -20.67
CA MET B 27 2.23 -5.75 -19.59
C MET B 27 3.62 -6.36 -19.73
N GLY A 1 -19.92 -14.15 10.80
CA GLY A 1 -21.41 -14.07 10.87
C GLY A 1 -22.03 -13.68 9.55
N PRO A 2 -22.86 -12.62 9.52
CA PRO A 2 -23.52 -12.15 8.30
C PRO A 2 -22.56 -11.51 7.29
N LEU A 3 -22.40 -12.15 6.14
CA LEU A 3 -21.51 -11.64 5.08
C LEU A 3 -22.01 -10.31 4.51
N GLY A 4 -23.29 -10.01 4.76
CA GLY A 4 -23.86 -8.76 4.27
C GLY A 4 -23.43 -7.56 5.11
N SER A 5 -22.77 -7.82 6.24
CA SER A 5 -22.30 -6.76 7.13
C SER A 5 -20.80 -6.88 7.43
N GLU A 6 -20.28 -8.11 7.38
CA GLU A 6 -18.86 -8.34 7.64
C GLU A 6 -18.00 -8.09 6.40
N ASP A 7 -16.72 -7.82 6.63
CA ASP A 7 -15.79 -7.55 5.53
C ASP A 7 -14.61 -8.52 5.55
N ASP A 8 -14.67 -9.55 4.71
CA ASP A 8 -13.58 -10.53 4.62
C ASP A 8 -12.33 -9.92 4.01
N LEU A 9 -12.51 -8.91 3.17
CA LEU A 9 -11.38 -8.24 2.54
C LEU A 9 -10.58 -7.48 3.60
N TYR A 10 -11.28 -6.84 4.53
CA TYR A 10 -10.63 -6.09 5.61
C TYR A 10 -9.66 -6.97 6.40
N ARG A 11 -10.05 -8.21 6.68
CA ARG A 11 -9.17 -9.13 7.41
C ARG A 11 -7.90 -9.44 6.62
N GLN A 12 -8.07 -9.72 5.33
CA GLN A 12 -6.94 -10.01 4.45
C GLN A 12 -6.03 -8.79 4.32
N SER A 13 -6.63 -7.65 3.98
CA SER A 13 -5.88 -6.41 3.82
C SER A 13 -5.14 -6.02 5.10
N LEU A 14 -5.83 -6.10 6.25
CA LEU A 14 -5.22 -5.79 7.54
C LEU A 14 -3.93 -6.59 7.76
N GLU A 15 -4.03 -7.91 7.67
CA GLU A 15 -2.87 -8.78 7.88
C GLU A 15 -1.82 -8.55 6.80
N ILE A 16 -2.23 -8.58 5.53
CA ILE A 16 -1.28 -8.42 4.43
C ILE A 16 -0.48 -7.11 4.53
N ILE A 17 -1.14 -6.01 4.89
CA ILE A 17 -0.45 -4.73 5.04
C ILE A 17 0.38 -4.68 6.34
N SER A 18 -0.22 -5.10 7.46
CA SER A 18 0.47 -5.09 8.76
C SER A 18 1.71 -5.98 8.73
N ARG A 19 1.59 -7.16 8.13
CA ARG A 19 2.71 -8.07 8.03
C ARG A 19 3.73 -7.56 7.01
N TYR A 20 3.24 -7.04 5.87
CA TYR A 20 4.11 -6.45 4.85
C TYR A 20 4.98 -5.36 5.46
N LEU A 21 4.37 -4.55 6.33
CA LEU A 21 5.11 -3.48 7.01
C LEU A 21 6.13 -4.08 7.98
N ARG A 22 5.73 -5.18 8.64
CA ARG A 22 6.59 -5.88 9.59
C ARG A 22 7.86 -6.41 8.92
N GLU A 23 7.69 -7.16 7.84
CA GLU A 23 8.82 -7.74 7.11
C GLU A 23 9.74 -6.65 6.53
N GLN A 24 9.15 -5.57 6.00
CA GLN A 24 9.92 -4.47 5.44
C GLN A 24 10.74 -3.76 6.52
N ALA A 25 10.13 -3.56 7.68
CA ALA A 25 10.80 -2.89 8.80
C ALA A 25 11.82 -3.79 9.49
N THR A 26 11.46 -5.06 9.72
CA THR A 26 12.36 -6.00 10.40
C THR A 26 13.51 -6.49 9.53
N GLY A 27 13.35 -6.42 8.20
CA GLY A 27 14.42 -6.86 7.32
C GLY A 27 14.23 -8.29 6.81
N SER A 28 12.98 -8.70 6.68
CA SER A 28 12.65 -10.04 6.20
C SER A 28 11.91 -9.97 4.87
N LYS A 29 12.15 -10.92 3.98
CA LYS A 29 11.48 -10.92 2.69
C LYS A 29 10.19 -11.75 2.72
N ASP A 30 10.17 -12.79 3.56
CA ASP A 30 9.00 -13.65 3.70
C ASP A 30 9.18 -14.62 4.87
N SER A 31 8.49 -14.36 5.97
CA SER A 31 8.58 -15.23 7.14
C SER A 31 7.32 -15.15 7.99
N LYS A 32 6.22 -15.73 7.49
CA LYS A 32 4.95 -15.73 8.20
C LYS A 32 3.93 -16.67 7.53
N PRO A 33 3.21 -17.49 8.31
CA PRO A 33 2.19 -18.39 7.77
C PRO A 33 0.93 -17.64 7.34
N LEU A 34 0.83 -17.30 6.05
CA LEU A 34 -0.30 -16.55 5.50
C LEU A 34 -1.55 -17.42 5.26
N GLY A 35 -1.75 -18.44 6.10
CA GLY A 35 -2.89 -19.33 5.95
C GLY A 35 -4.22 -18.76 6.46
N GLU A 36 -4.17 -17.69 7.24
CA GLU A 36 -5.37 -17.09 7.81
C GLU A 36 -6.06 -16.14 6.82
N ALA A 37 -5.26 -15.45 6.00
CA ALA A 37 -5.80 -14.52 5.02
C ALA A 37 -6.55 -15.24 3.91
N GLY A 38 -5.83 -16.06 3.15
CA GLY A 38 -6.45 -16.80 2.05
C GLY A 38 -5.43 -17.32 1.06
N ALA A 39 -5.91 -18.00 0.01
CA ALA A 39 -5.02 -18.55 -1.02
C ALA A 39 -4.27 -17.44 -1.76
N ALA A 40 -4.97 -16.32 -1.99
CA ALA A 40 -4.38 -15.17 -2.68
C ALA A 40 -3.42 -14.38 -1.78
N GLY A 41 -3.38 -14.72 -0.48
CA GLY A 41 -2.51 -14.00 0.46
C GLY A 41 -1.04 -13.95 0.07
N ARG A 42 -0.44 -15.12 -0.21
CA ARG A 42 0.98 -15.15 -0.59
C ARG A 42 1.18 -14.58 -2.00
N ARG A 43 0.17 -14.76 -2.85
CA ARG A 43 0.22 -14.26 -4.22
C ARG A 43 0.20 -12.72 -4.21
N ALA A 44 -0.67 -12.16 -3.38
CA ALA A 44 -0.79 -10.71 -3.22
C ALA A 44 0.47 -10.14 -2.62
N LEU A 45 1.06 -10.88 -1.68
CA LEU A 45 2.30 -10.47 -1.03
C LEU A 45 3.44 -10.40 -2.04
N GLU A 46 3.59 -11.44 -2.85
CA GLU A 46 4.65 -11.48 -3.86
C GLU A 46 4.45 -10.35 -4.89
N THR A 47 3.20 -10.13 -5.26
CA THR A 47 2.86 -9.07 -6.23
C THR A 47 3.17 -7.69 -5.64
N LEU A 48 2.60 -7.42 -4.47
CA LEU A 48 2.79 -6.15 -3.78
C LEU A 48 4.28 -5.87 -3.54
N ARG A 49 5.04 -6.92 -3.25
CA ARG A 49 6.48 -6.78 -3.01
C ARG A 49 7.21 -6.35 -4.27
N ARG A 50 6.97 -7.07 -5.37
CA ARG A 50 7.62 -6.77 -6.63
C ARG A 50 7.35 -5.33 -7.09
N VAL A 51 6.07 -4.95 -7.10
CA VAL A 51 5.70 -3.60 -7.52
C VAL A 51 6.08 -2.56 -6.46
N GLY A 52 5.70 -2.82 -5.20
CA GLY A 52 5.99 -1.90 -4.12
C GLY A 52 7.47 -1.60 -3.94
N ASP A 53 8.29 -2.65 -3.82
CA ASP A 53 9.74 -2.46 -3.66
C ASP A 53 10.33 -1.82 -4.92
N GLY A 54 9.82 -2.21 -6.09
CA GLY A 54 10.29 -1.64 -7.34
C GLY A 54 10.07 -0.15 -7.40
N VAL A 55 8.86 0.29 -7.01
CA VAL A 55 8.51 1.71 -7.01
C VAL A 55 9.40 2.51 -6.04
N GLN A 56 9.73 1.89 -4.89
CA GLN A 56 10.58 2.54 -3.90
C GLN A 56 12.00 2.75 -4.45
N ARG A 57 12.43 1.83 -5.31
CA ARG A 57 13.78 1.90 -5.90
C ARG A 57 13.85 2.80 -7.16
N ASN A 58 12.95 2.61 -8.13
CA ASN A 58 13.00 3.40 -9.37
C ASN A 58 12.80 4.90 -9.14
N HIS A 59 12.23 5.27 -8.00
CA HIS A 59 12.02 6.68 -7.66
C HIS A 59 12.35 6.93 -6.18
N GLU A 60 13.48 6.38 -5.74
CA GLU A 60 13.93 6.51 -4.35
C GLU A 60 14.10 7.98 -3.93
N THR A 61 14.69 8.80 -4.81
CA THR A 61 14.90 10.22 -4.51
C THR A 61 13.58 10.92 -4.19
N ALA A 62 12.56 10.65 -5.00
CA ALA A 62 11.25 11.23 -4.79
C ALA A 62 10.65 10.75 -3.47
N PHE A 63 10.65 9.43 -3.28
CA PHE A 63 10.12 8.80 -2.06
C PHE A 63 10.79 9.35 -0.81
N GLN A 64 12.13 9.39 -0.81
CA GLN A 64 12.87 9.92 0.33
C GLN A 64 12.54 11.39 0.57
N GLY A 65 12.30 12.14 -0.52
CA GLY A 65 11.96 13.54 -0.40
C GLY A 65 10.71 13.74 0.45
N MET A 66 9.65 13.00 0.13
CA MET A 66 8.39 13.07 0.89
C MET A 66 8.54 12.40 2.25
N LEU A 67 9.36 11.34 2.30
CA LEU A 67 9.59 10.61 3.55
C LEU A 67 10.30 11.48 4.59
N ARG A 68 11.25 12.29 4.15
CA ARG A 68 11.98 13.17 5.05
C ARG A 68 11.09 14.31 5.54
N LYS A 69 10.08 14.67 4.74
CA LYS A 69 9.14 15.72 5.12
C LYS A 69 8.06 15.15 6.03
N LEU A 70 7.55 13.98 5.66
CA LEU A 70 6.51 13.31 6.45
C LEU A 70 7.10 12.32 7.44
N ASP A 71 7.96 12.80 8.34
CA ASP A 71 8.55 11.93 9.35
C ASP A 71 7.55 11.74 10.49
N ILE A 72 7.23 10.49 10.79
CA ILE A 72 6.27 10.20 11.86
C ILE A 72 6.87 10.51 13.23
N LYS A 73 6.34 11.53 13.89
CA LYS A 73 6.83 11.96 15.19
C LYS A 73 5.73 11.94 16.24
N ASN A 74 4.47 11.94 15.82
CA ASN A 74 3.35 11.94 16.75
C ASN A 74 2.10 11.28 16.15
N GLU A 75 1.01 11.30 16.91
CA GLU A 75 -0.25 10.73 16.43
C GLU A 75 -0.83 11.60 15.31
N GLY A 76 -0.50 12.89 15.33
CA GLY A 76 -0.99 13.81 14.30
C GLY A 76 -0.61 13.36 12.89
N ASP A 77 0.48 12.62 12.78
CA ASP A 77 0.96 12.11 11.49
C ASP A 77 -0.05 11.16 10.86
N VAL A 78 -0.87 10.52 11.70
CA VAL A 78 -1.90 9.61 11.23
C VAL A 78 -2.93 10.37 10.40
N LYS A 79 -3.34 11.53 10.91
CA LYS A 79 -4.30 12.38 10.20
C LYS A 79 -3.66 12.91 8.93
N SER A 80 -2.37 13.24 9.02
CA SER A 80 -1.62 13.74 7.87
C SER A 80 -1.59 12.68 6.76
N PHE A 81 -1.35 11.43 7.16
CA PHE A 81 -1.31 10.31 6.21
C PHE A 81 -2.65 10.19 5.48
N SER A 82 -3.76 10.31 6.22
CA SER A 82 -5.08 10.26 5.61
C SER A 82 -5.22 11.38 4.57
N ARG A 83 -4.66 12.55 4.88
CA ARG A 83 -4.70 13.69 3.96
C ARG A 83 -3.92 13.36 2.69
N VAL A 84 -2.75 12.71 2.85
CA VAL A 84 -1.94 12.30 1.71
C VAL A 84 -2.71 11.30 0.86
N MET A 85 -3.34 10.32 1.52
CA MET A 85 -4.14 9.32 0.83
C MET A 85 -5.31 10.01 0.12
N VAL A 86 -5.94 10.95 0.81
CA VAL A 86 -7.05 11.71 0.24
C VAL A 86 -6.55 12.53 -0.96
N HIS A 87 -5.33 13.06 -0.88
CA HIS A 87 -4.75 13.83 -1.98
C HIS A 87 -4.63 12.98 -3.25
N VAL A 88 -4.30 11.70 -3.07
CA VAL A 88 -4.18 10.78 -4.20
C VAL A 88 -5.55 10.42 -4.78
N PHE A 89 -6.52 10.13 -3.92
CA PHE A 89 -7.87 9.77 -4.37
C PHE A 89 -8.79 10.99 -4.56
N LYS A 90 -8.24 12.20 -4.40
CA LYS A 90 -9.02 13.44 -4.56
C LYS A 90 -9.51 13.61 -5.98
N ASP A 91 -8.88 12.93 -6.93
CA ASP A 91 -9.29 13.00 -8.33
C ASP A 91 -10.40 11.99 -8.64
N GLY A 92 -10.70 11.13 -7.67
CA GLY A 92 -11.75 10.14 -7.85
C GLY A 92 -11.30 8.93 -8.68
N VAL A 93 -10.04 8.92 -9.09
CA VAL A 93 -9.51 7.83 -9.89
C VAL A 93 -9.00 6.70 -9.00
N THR A 94 -9.52 5.49 -9.22
CA THR A 94 -9.10 4.35 -8.43
C THR A 94 -8.30 3.35 -9.26
N ASN A 95 -6.98 3.41 -9.17
CA ASN A 95 -6.10 2.49 -9.89
C ASN A 95 -5.36 1.59 -8.91
N TRP A 96 -5.03 0.37 -9.35
CA TRP A 96 -4.30 -0.59 -8.50
C TRP A 96 -2.98 0.01 -8.03
N GLY A 97 -2.27 0.67 -8.96
CA GLY A 97 -0.99 1.29 -8.64
C GLY A 97 -1.10 2.31 -7.52
N ARG A 98 -2.23 3.03 -7.47
CA ARG A 98 -2.45 4.03 -6.42
C ARG A 98 -2.55 3.35 -5.06
N ILE A 99 -3.21 2.20 -5.04
CA ILE A 99 -3.34 1.43 -3.82
C ILE A 99 -1.95 0.90 -3.42
N VAL A 100 -1.21 0.43 -4.42
CA VAL A 100 0.14 -0.07 -4.21
C VAL A 100 1.08 1.04 -3.71
N THR A 101 0.97 2.24 -4.29
CA THR A 101 1.83 3.37 -3.88
C THR A 101 1.58 3.76 -2.43
N LEU A 102 0.30 3.77 -2.02
CA LEU A 102 -0.05 4.11 -0.64
C LEU A 102 0.61 3.13 0.33
N ILE A 103 0.57 1.84 -0.03
CA ILE A 103 1.21 0.81 0.80
C ILE A 103 2.73 0.90 0.67
N SER A 104 3.22 1.20 -0.54
CA SER A 104 4.65 1.33 -0.79
C SER A 104 5.25 2.43 0.08
N PHE A 105 4.60 3.60 0.09
CA PHE A 105 5.06 4.70 0.91
C PHE A 105 4.93 4.30 2.39
N GLY A 106 3.81 3.66 2.72
CA GLY A 106 3.59 3.20 4.09
C GLY A 106 4.70 2.27 4.55
N ALA A 107 5.12 1.36 3.66
CA ALA A 107 6.20 0.43 3.98
C ALA A 107 7.53 1.18 4.13
N PHE A 108 7.74 2.19 3.28
CA PHE A 108 8.94 3.01 3.35
C PHE A 108 8.94 3.81 4.66
N VAL A 109 7.75 4.26 5.06
CA VAL A 109 7.58 4.99 6.31
C VAL A 109 7.92 4.08 7.48
N ALA A 110 7.44 2.83 7.40
CA ALA A 110 7.71 1.83 8.42
C ALA A 110 9.21 1.54 8.49
N LYS A 111 9.85 1.53 7.32
CA LYS A 111 11.30 1.30 7.24
C LYS A 111 12.04 2.40 8.00
N HIS A 112 11.68 3.65 7.71
CA HIS A 112 12.28 4.81 8.38
C HIS A 112 11.89 4.82 9.86
N LEU A 113 10.70 4.33 10.16
CA LEU A 113 10.21 4.26 11.53
C LEU A 113 11.04 3.26 12.33
N LYS A 114 11.23 2.06 11.78
CA LYS A 114 12.04 1.04 12.45
C LYS A 114 13.52 1.46 12.47
N SER A 115 13.93 2.22 11.45
CA SER A 115 15.31 2.71 11.38
C SER A 115 15.70 3.41 12.69
N VAL A 116 14.75 4.14 13.26
CA VAL A 116 14.98 4.84 14.52
C VAL A 116 14.23 4.16 15.67
N ASN A 117 13.84 2.90 15.43
CA ASN A 117 13.12 2.06 16.40
C ASN A 117 11.81 2.71 16.89
N GLN A 118 10.99 3.18 15.96
CA GLN A 118 9.71 3.80 16.31
C GLN A 118 8.53 2.92 15.86
N GLU A 119 8.66 1.60 16.04
CA GLU A 119 7.60 0.66 15.65
C GLU A 119 6.26 0.95 16.33
N SER A 120 6.30 1.65 17.46
CA SER A 120 5.10 2.03 18.19
C SER A 120 4.19 2.93 17.33
N PHE A 121 4.79 3.60 16.34
CA PHE A 121 4.03 4.46 15.43
C PHE A 121 3.60 3.67 14.19
N ILE A 122 4.31 2.56 13.91
CA ILE A 122 4.01 1.71 12.76
C ILE A 122 2.63 1.06 12.91
N GLU A 123 2.36 0.52 14.10
CA GLU A 123 1.06 -0.14 14.37
C GLU A 123 -0.14 0.76 14.00
N PRO A 124 -0.26 1.99 14.59
CA PRO A 124 -1.36 2.90 14.26
C PRO A 124 -1.36 3.31 12.79
N LEU A 125 -0.16 3.49 12.23
CA LEU A 125 -0.02 3.88 10.83
C LEU A 125 -0.54 2.78 9.90
N ALA A 126 -0.01 1.56 10.05
CA ALA A 126 -0.43 0.41 9.23
C ALA A 126 -1.94 0.18 9.32
N GLU A 127 -2.49 0.35 10.51
CA GLU A 127 -3.92 0.18 10.75
C GLU A 127 -4.70 1.28 10.03
N THR A 128 -4.25 2.51 10.18
CA THR A 128 -4.90 3.66 9.54
C THR A 128 -4.82 3.56 8.01
N ILE A 129 -3.62 3.25 7.50
CA ILE A 129 -3.44 3.10 6.05
C ILE A 129 -4.44 2.10 5.49
N THR A 130 -4.44 0.89 6.04
CA THR A 130 -5.37 -0.17 5.62
C THR A 130 -6.82 0.28 5.71
N ASP A 131 -7.17 0.85 6.86
CA ASP A 131 -8.53 1.35 7.11
C ASP A 131 -8.98 2.33 6.03
N VAL A 132 -8.17 3.36 5.79
CA VAL A 132 -8.50 4.37 4.78
C VAL A 132 -8.40 3.80 3.35
N LEU A 133 -7.45 2.90 3.13
CA LEU A 133 -7.25 2.29 1.80
C LEU A 133 -8.45 1.46 1.36
N VAL A 134 -8.89 0.54 2.21
CA VAL A 134 -10.02 -0.34 1.86
C VAL A 134 -11.37 0.41 1.94
N ARG A 135 -11.54 1.27 2.94
CA ARG A 135 -12.82 1.98 3.12
C ARG A 135 -13.05 3.08 2.07
N THR A 136 -11.99 3.74 1.59
CA THR A 136 -12.15 4.81 0.60
C THR A 136 -12.81 4.32 -0.69
N LYS A 137 -12.65 3.03 -1.01
CA LYS A 137 -13.23 2.47 -2.21
C LYS A 137 -13.61 1.00 -2.02
N ARG A 138 -14.44 0.70 -1.02
CA ARG A 138 -14.86 -0.67 -0.74
C ARG A 138 -15.65 -1.26 -1.90
N ASP A 139 -16.37 -0.40 -2.63
CA ASP A 139 -17.18 -0.81 -3.76
C ASP A 139 -16.30 -1.40 -4.87
N TRP A 140 -15.07 -0.90 -4.96
CA TRP A 140 -14.10 -1.35 -5.96
C TRP A 140 -13.62 -2.76 -5.66
N LEU A 141 -13.20 -2.98 -4.40
CA LEU A 141 -12.71 -4.28 -3.96
C LEU A 141 -13.81 -5.36 -4.07
N VAL A 142 -15.06 -4.95 -3.92
CA VAL A 142 -16.19 -5.88 -4.03
C VAL A 142 -16.52 -6.21 -5.50
N LYS A 143 -16.48 -5.21 -6.37
CA LYS A 143 -16.80 -5.40 -7.79
C LYS A 143 -15.79 -6.26 -8.54
N GLN A 144 -14.52 -5.84 -8.55
CA GLN A 144 -13.48 -6.57 -9.27
C GLN A 144 -12.58 -7.36 -8.34
N ARG A 145 -13.04 -7.59 -7.10
CA ARG A 145 -12.28 -8.34 -6.09
C ARG A 145 -11.05 -7.56 -5.61
N GLY A 146 -10.68 -7.77 -4.35
CA GLY A 146 -9.54 -7.05 -3.78
C GLY A 146 -8.19 -7.63 -4.19
N TRP A 147 -7.57 -8.38 -3.30
CA TRP A 147 -6.27 -8.97 -3.55
C TRP A 147 -6.28 -9.89 -4.77
N ASP A 148 -7.43 -10.48 -5.05
CA ASP A 148 -7.58 -11.36 -6.21
C ASP A 148 -7.38 -10.56 -7.50
N GLY A 149 -8.18 -9.50 -7.68
CA GLY A 149 -8.05 -8.68 -8.87
C GLY A 149 -6.68 -8.01 -8.94
N PHE A 150 -6.15 -7.66 -7.77
CA PHE A 150 -4.83 -7.03 -7.66
C PHE A 150 -3.72 -7.93 -8.25
N VAL A 151 -3.72 -9.20 -7.86
CA VAL A 151 -2.72 -10.14 -8.35
C VAL A 151 -2.95 -10.48 -9.83
N GLU A 152 -4.21 -10.70 -10.19
CA GLU A 152 -4.57 -11.05 -11.57
C GLU A 152 -4.24 -9.92 -12.56
N PHE A 153 -4.38 -8.67 -12.12
CA PHE A 153 -4.08 -7.51 -12.98
C PHE A 153 -2.59 -7.45 -13.33
N PHE A 154 -1.74 -7.79 -12.38
CA PHE A 154 -0.30 -7.78 -12.61
C PHE A 154 0.19 -9.12 -13.16
N HIS A 155 -0.49 -10.20 -12.80
CA HIS A 155 -0.14 -11.56 -13.26
C HIS A 155 1.37 -11.82 -13.20
N VAL A 156 1.96 -11.62 -12.04
CA VAL A 156 3.41 -11.83 -11.87
C VAL A 156 3.78 -13.31 -11.83
N GLN A 157 3.13 -14.07 -10.95
CA GLN A 157 3.43 -15.51 -10.81
C GLN A 157 2.14 -16.32 -10.65
N ASP A 158 1.36 -16.40 -11.72
CA ASP A 158 0.10 -17.16 -11.71
C ASP A 158 0.25 -18.49 -12.45
N LEU A 159 0.23 -19.59 -11.70
CA LEU A 159 0.37 -20.93 -12.30
C LEU A 159 -0.96 -21.67 -12.25
N GLU A 160 -1.76 -21.37 -11.24
CA GLU A 160 -3.06 -22.00 -11.04
C GLU A 160 -4.12 -21.45 -12.01
N GLY A 161 -3.82 -21.50 -13.31
CA GLY A 161 -4.75 -21.01 -14.31
C GLY A 161 -4.06 -20.62 -15.62
N GLY A 162 -3.96 -19.32 -15.87
CA GLY A 162 -3.32 -18.84 -17.10
C GLY A 162 -3.59 -17.37 -17.36
N GLU B 1 3.34 25.02 4.51
CA GLU B 1 1.88 24.72 4.47
C GLU B 1 1.62 23.23 4.24
N GLU B 2 1.31 22.84 3.01
CA GLU B 2 1.06 21.43 2.71
C GLU B 2 2.00 20.90 1.62
N GLU B 3 3.13 21.60 1.42
CA GLU B 3 4.13 21.23 0.41
C GLU B 3 4.53 19.75 0.54
N TRP B 4 4.66 19.29 1.79
CA TRP B 4 5.01 17.90 2.08
C TRP B 4 3.96 16.95 1.49
N ALA B 5 2.68 17.22 1.77
CA ALA B 5 1.58 16.41 1.27
C ALA B 5 1.39 16.61 -0.24
N ARG B 6 1.71 17.80 -0.71
CA ARG B 6 1.61 18.14 -2.13
C ARG B 6 2.60 17.30 -2.94
N GLU B 7 3.86 17.30 -2.48
CA GLU B 7 4.93 16.54 -3.15
C GLU B 7 4.62 15.04 -3.18
N ILE B 8 4.33 14.45 -2.02
CA ILE B 8 4.03 13.03 -1.93
C ILE B 8 2.75 12.67 -2.71
N GLY B 9 1.75 13.55 -2.64
CA GLY B 9 0.51 13.29 -3.35
C GLY B 9 0.68 13.31 -4.86
N ALA B 10 1.37 14.33 -5.37
CA ALA B 10 1.61 14.45 -6.80
C ALA B 10 2.58 13.38 -7.30
N GLN B 11 3.64 13.13 -6.54
CA GLN B 11 4.64 12.15 -6.93
C GLN B 11 4.08 10.72 -6.89
N LEU B 12 3.39 10.36 -5.80
CA LEU B 12 2.80 9.03 -5.68
C LEU B 12 1.84 8.78 -6.85
N ARG B 13 1.01 9.79 -7.14
CA ARG B 13 0.06 9.70 -8.25
C ARG B 13 0.82 9.60 -9.59
N ARG B 14 1.82 10.45 -9.77
CA ARG B 14 2.64 10.47 -10.99
C ARG B 14 3.25 9.09 -11.29
N ILE B 15 3.93 8.52 -10.30
CA ILE B 15 4.57 7.21 -10.46
C ILE B 15 3.53 6.09 -10.67
N ALA B 16 2.53 6.03 -9.79
CA ALA B 16 1.50 5.00 -9.87
C ALA B 16 0.71 5.05 -11.18
N ASP B 17 0.19 6.23 -11.52
CA ASP B 17 -0.59 6.40 -12.74
C ASP B 17 0.20 6.00 -14.00
N ASP B 18 1.46 6.46 -14.13
CA ASP B 18 2.27 6.09 -15.29
C ASP B 18 2.56 4.59 -15.28
N LEU B 19 2.90 4.07 -14.10
CA LEU B 19 3.20 2.65 -13.92
C LEU B 19 2.03 1.79 -14.42
N ASN B 20 0.83 2.17 -14.01
CA ASN B 20 -0.38 1.43 -14.40
C ASN B 20 -0.75 1.65 -15.87
N ALA B 21 -0.79 2.92 -16.30
CA ALA B 21 -1.16 3.28 -17.67
C ALA B 21 -0.27 2.60 -18.72
N GLN B 22 0.99 2.33 -18.38
CA GLN B 22 1.92 1.69 -19.31
C GLN B 22 1.37 0.37 -19.87
N TYR B 23 0.97 -0.56 -19.00
CA TYR B 23 0.44 -1.85 -19.46
C TYR B 23 -1.09 -1.86 -19.57
N GLU B 24 -1.78 -1.05 -18.75
CA GLU B 24 -3.25 -1.03 -18.75
C GLU B 24 -3.82 -0.48 -20.07
N ARG B 25 -3.21 0.57 -20.59
CA ARG B 25 -3.67 1.18 -21.84
C ARG B 25 -2.78 0.74 -23.03
N ARG B 26 -2.26 -0.47 -22.94
CA ARG B 26 -1.39 -1.01 -23.98
C ARG B 26 -1.95 -2.32 -24.55
N MET B 27 -1.72 -2.57 -25.83
CA MET B 27 -2.18 -3.79 -26.48
C MET B 27 -1.29 -4.98 -26.09
N GLY A 1 -15.20 -14.92 13.21
CA GLY A 1 -16.31 -15.86 12.88
C GLY A 1 -16.24 -16.34 11.44
N PRO A 2 -17.40 -16.69 10.83
CA PRO A 2 -17.44 -17.17 9.45
C PRO A 2 -17.15 -16.07 8.42
N LEU A 3 -16.20 -16.34 7.52
CA LEU A 3 -15.80 -15.39 6.48
C LEU A 3 -16.96 -15.04 5.54
N GLY A 4 -17.99 -15.88 5.53
CA GLY A 4 -19.15 -15.64 4.69
C GLY A 4 -20.11 -14.62 5.30
N SER A 5 -19.82 -14.23 6.54
CA SER A 5 -20.66 -13.25 7.26
C SER A 5 -19.84 -11.99 7.59
N GLU A 6 -18.54 -12.16 7.75
CA GLU A 6 -17.64 -11.05 8.05
C GLU A 6 -17.02 -10.49 6.78
N ASP A 7 -16.55 -9.24 6.84
CA ASP A 7 -15.93 -8.59 5.69
C ASP A 7 -14.60 -9.25 5.33
N ASP A 8 -14.65 -10.13 4.33
CA ASP A 8 -13.48 -10.83 3.86
C ASP A 8 -12.42 -9.86 3.36
N LEU A 9 -12.87 -8.81 2.66
CA LEU A 9 -11.97 -7.79 2.13
C LEU A 9 -11.24 -7.08 3.27
N TYR A 10 -11.98 -6.65 4.28
CA TYR A 10 -11.40 -5.96 5.43
C TYR A 10 -10.40 -6.86 6.16
N ARG A 11 -10.81 -8.08 6.48
CA ARG A 11 -9.94 -9.02 7.19
C ARG A 11 -8.69 -9.37 6.36
N GLN A 12 -8.88 -9.68 5.07
CA GLN A 12 -7.76 -10.01 4.19
C GLN A 12 -6.84 -8.80 4.02
N SER A 13 -7.41 -7.62 3.88
CA SER A 13 -6.61 -6.40 3.72
C SER A 13 -5.81 -6.10 4.99
N LEU A 14 -6.45 -6.26 6.15
CA LEU A 14 -5.80 -6.04 7.44
C LEU A 14 -4.55 -6.89 7.61
N GLU A 15 -4.70 -8.20 7.47
CA GLU A 15 -3.57 -9.12 7.61
C GLU A 15 -2.49 -8.83 6.58
N ILE A 16 -2.88 -8.74 5.31
CA ILE A 16 -1.92 -8.49 4.23
C ILE A 16 -1.15 -7.18 4.37
N ILE A 17 -1.85 -6.06 4.58
CA ILE A 17 -1.17 -4.77 4.72
C ILE A 17 -0.28 -4.74 5.96
N SER A 18 -0.82 -5.22 7.09
CA SER A 18 -0.02 -5.27 8.33
C SER A 18 1.18 -6.17 8.12
N ARG A 19 0.95 -7.31 7.47
CA ARG A 19 2.02 -8.26 7.15
C ARG A 19 3.12 -7.57 6.35
N TYR A 20 2.72 -6.89 5.28
CA TYR A 20 3.66 -6.18 4.43
C TYR A 20 4.39 -5.09 5.19
N LEU A 21 3.65 -4.31 5.97
CA LEU A 21 4.24 -3.22 6.76
C LEU A 21 5.27 -3.73 7.76
N ARG A 22 4.86 -4.67 8.61
CA ARG A 22 5.75 -5.22 9.63
C ARG A 22 6.95 -5.94 9.02
N GLU A 23 6.72 -6.63 7.91
CA GLU A 23 7.79 -7.37 7.23
C GLU A 23 8.72 -6.43 6.43
N GLN A 24 8.17 -5.38 5.83
CA GLN A 24 9.00 -4.43 5.06
C GLN A 24 9.90 -3.60 5.98
N ALA A 25 9.47 -3.42 7.23
CA ALA A 25 10.24 -2.67 8.21
C ALA A 25 11.52 -3.38 8.64
N THR A 26 11.46 -4.71 8.80
CA THR A 26 12.62 -5.49 9.24
C THR A 26 13.20 -6.39 8.13
N GLY A 27 12.43 -6.62 7.09
CA GLY A 27 12.86 -7.50 6.01
C GLY A 27 12.20 -8.86 6.13
N SER A 28 11.79 -9.18 7.35
CA SER A 28 11.11 -10.44 7.65
C SER A 28 10.44 -10.35 9.03
N LYS A 29 9.12 -10.52 9.09
CA LYS A 29 8.42 -10.46 10.37
C LYS A 29 8.36 -11.83 11.05
N ASP A 30 8.05 -12.87 10.28
CA ASP A 30 8.00 -14.23 10.84
C ASP A 30 8.14 -15.31 9.76
N SER A 31 8.78 -16.42 10.13
CA SER A 31 8.97 -17.53 9.20
C SER A 31 7.76 -18.46 9.22
N LYS A 32 6.69 -18.01 8.58
CA LYS A 32 5.44 -18.76 8.52
C LYS A 32 4.61 -18.27 7.32
N PRO A 33 3.88 -19.19 6.64
CA PRO A 33 3.04 -18.83 5.48
C PRO A 33 1.99 -17.77 5.82
N LEU A 34 1.48 -17.09 4.79
CA LEU A 34 0.48 -16.02 4.97
C LEU A 34 -0.94 -16.56 5.17
N GLY A 35 -1.04 -17.72 5.83
CA GLY A 35 -2.35 -18.34 6.09
C GLY A 35 -3.25 -17.44 6.95
N GLU A 36 -2.66 -16.42 7.55
CA GLU A 36 -3.39 -15.45 8.38
C GLU A 36 -4.54 -14.80 7.60
N ALA A 37 -4.25 -14.35 6.38
CA ALA A 37 -5.25 -13.71 5.52
C ALA A 37 -5.95 -14.75 4.65
N GLY A 38 -5.15 -15.49 3.88
CA GLY A 38 -5.70 -16.50 3.00
C GLY A 38 -4.72 -16.92 1.92
N ALA A 39 -5.18 -17.75 0.99
CA ALA A 39 -4.32 -18.21 -0.12
C ALA A 39 -3.91 -17.02 -1.02
N ALA A 40 -4.75 -15.99 -1.01
CA ALA A 40 -4.49 -14.78 -1.80
C ALA A 40 -3.43 -13.90 -1.16
N GLY A 41 -3.20 -14.09 0.15
CA GLY A 41 -2.22 -13.28 0.86
C GLY A 41 -0.83 -13.34 0.27
N ARG A 42 -0.32 -14.56 0.06
CA ARG A 42 1.02 -14.75 -0.50
C ARG A 42 1.14 -14.11 -1.89
N ARG A 43 0.15 -14.38 -2.73
CA ARG A 43 0.13 -13.85 -4.09
C ARG A 43 0.08 -12.32 -4.10
N ALA A 44 -0.74 -11.75 -3.22
CA ALA A 44 -0.87 -10.30 -3.13
C ALA A 44 0.41 -9.67 -2.58
N LEU A 45 0.92 -10.25 -1.49
CA LEU A 45 2.13 -9.75 -0.84
C LEU A 45 3.35 -9.80 -1.78
N GLU A 46 3.53 -10.93 -2.47
CA GLU A 46 4.68 -11.06 -3.37
C GLU A 46 4.57 -10.08 -4.53
N THR A 47 3.39 -9.96 -5.12
CA THR A 47 3.18 -9.03 -6.23
C THR A 47 3.38 -7.59 -5.74
N LEU A 48 2.80 -7.30 -4.58
CA LEU A 48 2.91 -5.99 -3.96
C LEU A 48 4.37 -5.62 -3.68
N ARG A 49 5.09 -6.50 -3.00
CA ARG A 49 6.50 -6.26 -2.67
C ARG A 49 7.37 -6.18 -3.92
N ARG A 50 7.07 -7.04 -4.90
CA ARG A 50 7.81 -7.07 -6.16
C ARG A 50 7.81 -5.69 -6.81
N VAL A 51 6.62 -5.11 -6.95
CA VAL A 51 6.48 -3.78 -7.54
C VAL A 51 6.92 -2.70 -6.57
N GLY A 52 6.54 -2.86 -5.30
CA GLY A 52 6.91 -1.89 -4.28
C GLY A 52 8.41 -1.65 -4.20
N ASP A 53 9.19 -2.71 -4.04
CA ASP A 53 10.64 -2.56 -3.98
C ASP A 53 11.21 -2.15 -5.34
N GLY A 54 10.58 -2.62 -6.42
CA GLY A 54 11.03 -2.21 -7.75
C GLY A 54 10.89 -0.71 -7.95
N VAL A 55 9.75 -0.16 -7.53
CA VAL A 55 9.48 1.28 -7.66
C VAL A 55 10.33 2.09 -6.67
N GLN A 56 10.46 1.61 -5.43
CA GLN A 56 11.27 2.29 -4.42
C GLN A 56 12.71 2.43 -4.90
N ARG A 57 13.26 1.35 -5.45
CA ARG A 57 14.63 1.38 -5.96
C ARG A 57 14.69 2.17 -7.29
N ASN A 58 13.55 2.30 -7.96
CA ASN A 58 13.45 3.05 -9.20
C ASN A 58 13.48 4.57 -8.94
N HIS A 59 12.59 5.03 -8.07
CA HIS A 59 12.51 6.45 -7.73
C HIS A 59 12.98 6.72 -6.30
N GLU A 60 14.21 6.26 -6.00
CA GLU A 60 14.81 6.42 -4.67
C GLU A 60 14.77 7.87 -4.17
N THR A 61 15.37 8.78 -4.94
CA THR A 61 15.42 10.20 -4.57
C THR A 61 14.04 10.78 -4.27
N ALA A 62 13.05 10.36 -5.05
CA ALA A 62 11.68 10.85 -4.86
C ALA A 62 11.06 10.25 -3.60
N PHE A 63 11.10 8.92 -3.51
CA PHE A 63 10.52 8.22 -2.36
C PHE A 63 11.16 8.64 -1.05
N GLN A 64 12.50 8.71 -1.02
CA GLN A 64 13.21 9.13 0.18
C GLN A 64 12.85 10.58 0.53
N GLY A 65 12.75 11.42 -0.50
CA GLY A 65 12.40 12.82 -0.29
C GLY A 65 11.00 12.97 0.28
N MET A 66 10.02 12.33 -0.35
CA MET A 66 8.63 12.37 0.13
C MET A 66 8.54 11.75 1.52
N LEU A 67 9.31 10.70 1.74
CA LEU A 67 9.36 10.01 3.04
C LEU A 67 9.91 10.92 4.13
N ARG A 68 11.03 11.58 3.84
CA ARG A 68 11.67 12.49 4.78
C ARG A 68 10.81 13.73 5.04
N LYS A 69 10.02 14.13 4.05
CA LYS A 69 9.13 15.28 4.20
C LYS A 69 8.00 14.94 5.17
N LEU A 70 7.68 13.65 5.28
CA LEU A 70 6.62 13.19 6.17
C LEU A 70 7.20 12.26 7.24
N ASP A 71 8.15 12.75 8.02
CA ASP A 71 8.75 11.95 9.07
C ASP A 71 7.77 11.76 10.24
N ILE A 72 7.52 10.50 10.59
CA ILE A 72 6.61 10.18 11.68
C ILE A 72 7.28 10.36 13.04
N LYS A 73 6.82 11.35 13.79
CA LYS A 73 7.37 11.63 15.11
C LYS A 73 6.30 11.69 16.19
N ASN A 74 5.05 11.97 15.79
CA ASN A 74 3.95 12.04 16.76
C ASN A 74 2.64 11.55 16.13
N GLU A 75 1.56 11.59 16.92
CA GLU A 75 0.25 11.13 16.42
C GLU A 75 -0.29 12.08 15.34
N GLY A 76 0.02 13.37 15.44
CA GLY A 76 -0.46 14.34 14.46
C GLY A 76 -0.08 13.99 13.03
N ASP A 77 1.01 13.25 12.88
CA ASP A 77 1.49 12.83 11.55
C ASP A 77 0.52 11.83 10.90
N VAL A 78 -0.29 11.17 11.73
CA VAL A 78 -1.26 10.19 11.22
C VAL A 78 -2.37 10.88 10.42
N LYS A 79 -2.79 12.06 10.90
CA LYS A 79 -3.83 12.82 10.21
C LYS A 79 -3.35 13.21 8.81
N SER A 80 -2.08 13.61 8.74
CA SER A 80 -1.45 13.99 7.49
C SER A 80 -1.43 12.80 6.53
N PHE A 81 -1.07 11.63 7.04
CA PHE A 81 -1.03 10.41 6.24
C PHE A 81 -2.39 10.11 5.62
N SER A 82 -3.45 10.30 6.40
CA SER A 82 -4.81 10.07 5.90
C SER A 82 -5.09 11.02 4.73
N ARG A 83 -4.62 12.26 4.86
CA ARG A 83 -4.79 13.26 3.82
C ARG A 83 -3.95 12.90 2.59
N VAL A 84 -2.71 12.46 2.82
CA VAL A 84 -1.82 12.04 1.73
C VAL A 84 -2.44 10.88 0.96
N MET A 85 -2.93 9.88 1.70
CA MET A 85 -3.57 8.73 1.07
C MET A 85 -4.83 9.15 0.31
N VAL A 86 -5.63 10.02 0.94
CA VAL A 86 -6.85 10.53 0.30
C VAL A 86 -6.49 11.32 -0.97
N HIS A 87 -5.36 12.03 -0.94
CA HIS A 87 -4.89 12.81 -2.09
C HIS A 87 -4.53 11.90 -3.27
N VAL A 88 -4.00 10.71 -2.98
CA VAL A 88 -3.65 9.77 -4.03
C VAL A 88 -4.91 9.30 -4.79
N PHE A 89 -5.97 9.01 -4.04
CA PHE A 89 -7.23 8.58 -4.65
C PHE A 89 -8.13 9.77 -5.02
N LYS A 90 -7.64 10.98 -4.79
CA LYS A 90 -8.40 12.20 -5.08
C LYS A 90 -8.73 12.35 -6.57
N ASP A 91 -8.00 11.64 -7.42
CA ASP A 91 -8.24 11.71 -8.87
C ASP A 91 -9.56 11.02 -9.25
N GLY A 92 -10.08 10.19 -8.37
CA GLY A 92 -11.32 9.47 -8.64
C GLY A 92 -11.09 8.23 -9.49
N VAL A 93 -9.83 7.93 -9.78
CA VAL A 93 -9.49 6.77 -10.59
C VAL A 93 -8.92 5.66 -9.71
N THR A 94 -9.76 4.70 -9.34
CA THR A 94 -9.32 3.59 -8.49
C THR A 94 -8.55 2.56 -9.31
N ASN A 95 -7.29 2.86 -9.60
CA ASN A 95 -6.44 1.94 -10.36
C ASN A 95 -5.33 1.33 -9.50
N TRP A 96 -5.06 0.05 -9.76
CA TRP A 96 -4.07 -0.74 -9.01
C TRP A 96 -2.73 -0.04 -8.77
N GLY A 97 -2.20 0.67 -9.77
CA GLY A 97 -0.93 1.36 -9.59
C GLY A 97 -0.95 2.38 -8.46
N ARG A 98 -2.12 2.96 -8.22
CA ARG A 98 -2.27 3.94 -7.14
C ARG A 98 -2.27 3.23 -5.79
N ILE A 99 -2.86 2.03 -5.79
CA ILE A 99 -2.95 1.22 -4.58
C ILE A 99 -1.58 0.63 -4.21
N VAL A 100 -0.90 -0.01 -5.18
CA VAL A 100 0.42 -0.59 -4.94
C VAL A 100 1.42 0.48 -4.48
N THR A 101 1.41 1.64 -5.14
CA THR A 101 2.31 2.74 -4.78
C THR A 101 1.95 3.27 -3.39
N LEU A 102 0.65 3.29 -3.07
CA LEU A 102 0.16 3.74 -1.77
C LEU A 102 0.71 2.85 -0.66
N ILE A 103 0.60 1.54 -0.83
CA ILE A 103 1.11 0.61 0.17
C ILE A 103 2.64 0.59 0.15
N SER A 104 3.23 0.78 -1.04
CA SER A 104 4.69 0.83 -1.18
C SER A 104 5.27 1.97 -0.33
N PHE A 105 4.59 3.11 -0.38
CA PHE A 105 5.01 4.28 0.41
C PHE A 105 4.87 3.95 1.89
N GLY A 106 3.75 3.33 2.25
CA GLY A 106 3.52 2.93 3.64
C GLY A 106 4.61 1.98 4.12
N ALA A 107 5.05 1.08 3.22
CA ALA A 107 6.10 0.12 3.55
C ALA A 107 7.41 0.84 3.86
N PHE A 108 7.70 1.89 3.12
CA PHE A 108 8.90 2.69 3.33
C PHE A 108 8.78 3.47 4.65
N VAL A 109 7.55 3.86 4.97
CA VAL A 109 7.28 4.58 6.22
C VAL A 109 7.58 3.68 7.41
N ALA A 110 7.07 2.45 7.38
CA ALA A 110 7.32 1.48 8.44
C ALA A 110 8.81 1.19 8.55
N LYS A 111 9.46 1.09 7.39
CA LYS A 111 10.90 0.86 7.32
C LYS A 111 11.65 2.03 7.97
N HIS A 112 11.28 3.26 7.59
CA HIS A 112 11.90 4.46 8.16
C HIS A 112 11.60 4.54 9.66
N LEU A 113 10.38 4.14 10.03
CA LEU A 113 9.96 4.13 11.43
C LEU A 113 10.79 3.12 12.21
N LYS A 114 11.11 2.00 11.56
CA LYS A 114 11.92 0.95 12.15
C LYS A 114 13.37 1.43 12.29
N SER A 115 13.83 2.22 11.33
CA SER A 115 15.20 2.76 11.34
C SER A 115 15.49 3.50 12.64
N VAL A 116 14.49 4.20 13.17
CA VAL A 116 14.64 4.95 14.42
C VAL A 116 14.03 4.19 15.61
N ASN A 117 13.71 2.90 15.39
CA ASN A 117 13.12 2.04 16.42
C ASN A 117 11.80 2.57 16.97
N GLN A 118 10.94 3.09 16.09
CA GLN A 118 9.64 3.61 16.53
C GLN A 118 8.51 2.63 16.20
N GLU A 119 8.70 1.37 16.58
CA GLU A 119 7.72 0.30 16.34
C GLU A 119 6.33 0.66 16.86
N SER A 120 6.29 1.37 17.98
CA SER A 120 5.03 1.80 18.60
C SER A 120 4.18 2.64 17.64
N PHE A 121 4.82 3.27 16.65
CA PHE A 121 4.10 4.08 15.67
C PHE A 121 3.79 3.27 14.41
N ILE A 122 4.52 2.17 14.22
CA ILE A 122 4.32 1.31 13.05
C ILE A 122 2.97 0.59 13.14
N GLU A 123 2.62 0.12 14.34
CA GLU A 123 1.33 -0.57 14.54
C GLU A 123 0.15 0.31 14.10
N PRO A 124 -0.02 1.53 14.67
CA PRO A 124 -1.12 2.43 14.29
C PRO A 124 -1.03 2.86 12.82
N LEU A 125 0.21 3.01 12.31
CA LEU A 125 0.42 3.41 10.92
C LEU A 125 -0.11 2.34 9.96
N ALA A 126 0.30 1.10 10.18
CA ALA A 126 -0.16 -0.02 9.34
C ALA A 126 -1.68 -0.20 9.42
N GLU A 127 -2.22 -0.10 10.64
CA GLU A 127 -3.64 -0.23 10.85
C GLU A 127 -4.41 0.91 10.16
N THR A 128 -3.91 2.14 10.33
CA THR A 128 -4.52 3.31 9.72
C THR A 128 -4.50 3.19 8.20
N ILE A 129 -3.34 2.82 7.65
CA ILE A 129 -3.19 2.65 6.20
C ILE A 129 -4.23 1.65 5.69
N THR A 130 -4.36 0.53 6.39
CA THR A 130 -5.33 -0.50 6.02
C THR A 130 -6.75 0.04 6.06
N ASP A 131 -7.12 0.61 7.21
CA ASP A 131 -8.45 1.16 7.41
C ASP A 131 -8.79 2.22 6.36
N VAL A 132 -7.87 3.15 6.11
CA VAL A 132 -8.09 4.22 5.12
C VAL A 132 -8.06 3.66 3.69
N LEU A 133 -7.14 2.75 3.41
CA LEU A 133 -7.02 2.14 2.07
C LEU A 133 -8.32 1.43 1.68
N VAL A 134 -8.94 0.79 2.66
CA VAL A 134 -10.20 0.09 2.43
C VAL A 134 -11.40 1.04 2.47
N ARG A 135 -11.43 1.93 3.45
CA ARG A 135 -12.55 2.88 3.58
C ARG A 135 -12.68 3.82 2.39
N THR A 136 -11.56 4.31 1.86
CA THR A 136 -11.55 5.23 0.71
C THR A 136 -12.34 4.68 -0.48
N LYS A 137 -12.03 3.45 -0.89
CA LYS A 137 -12.72 2.83 -2.02
C LYS A 137 -13.15 1.39 -1.69
N ARG A 138 -13.94 1.24 -0.63
CA ARG A 138 -14.41 -0.09 -0.18
C ARG A 138 -15.28 -0.79 -1.24
N ASP A 139 -16.12 -0.03 -1.92
CA ASP A 139 -17.02 -0.57 -2.94
C ASP A 139 -16.24 -1.27 -4.07
N TRP A 140 -15.34 -0.53 -4.71
CA TRP A 140 -14.52 -1.04 -5.81
C TRP A 140 -13.72 -2.28 -5.41
N LEU A 141 -13.09 -2.25 -4.22
CA LEU A 141 -12.29 -3.38 -3.75
C LEU A 141 -13.16 -4.64 -3.55
N VAL A 142 -14.41 -4.46 -3.18
CA VAL A 142 -15.32 -5.60 -2.99
C VAL A 142 -15.74 -6.21 -4.35
N LYS A 143 -15.91 -5.35 -5.36
CA LYS A 143 -16.33 -5.81 -6.70
C LYS A 143 -15.29 -6.71 -7.37
N GLN A 144 -14.03 -6.29 -7.35
CA GLN A 144 -12.96 -7.05 -8.00
C GLN A 144 -12.20 -7.95 -7.01
N ARG A 145 -12.81 -8.22 -5.85
CA ARG A 145 -12.21 -9.07 -4.80
C ARG A 145 -10.94 -8.44 -4.19
N GLY A 146 -10.58 -7.26 -4.65
CA GLY A 146 -9.39 -6.59 -4.14
C GLY A 146 -8.10 -7.32 -4.46
N TRP A 147 -7.62 -8.11 -3.51
CA TRP A 147 -6.39 -8.86 -3.64
C TRP A 147 -6.38 -9.81 -4.85
N ASP A 148 -7.40 -10.66 -4.96
CA ASP A 148 -7.48 -11.59 -6.10
C ASP A 148 -7.36 -10.84 -7.44
N GLY A 149 -8.19 -9.81 -7.62
CA GLY A 149 -8.15 -9.02 -8.83
C GLY A 149 -6.80 -8.35 -9.04
N PHE A 150 -6.25 -7.78 -7.96
CA PHE A 150 -4.94 -7.14 -8.02
C PHE A 150 -3.89 -8.12 -8.53
N VAL A 151 -3.89 -9.33 -7.97
CA VAL A 151 -2.94 -10.37 -8.37
C VAL A 151 -3.15 -10.82 -9.82
N GLU A 152 -4.41 -11.11 -10.19
CA GLU A 152 -4.73 -11.56 -11.54
C GLU A 152 -4.28 -10.57 -12.63
N PHE A 153 -4.29 -9.28 -12.31
CA PHE A 153 -3.87 -8.26 -13.29
C PHE A 153 -2.40 -7.85 -13.13
N PHE A 154 -2.00 -7.51 -11.90
CA PHE A 154 -0.63 -7.05 -11.64
C PHE A 154 0.40 -8.18 -11.59
N HIS A 155 -0.06 -9.43 -11.58
CA HIS A 155 0.85 -10.56 -11.54
C HIS A 155 0.49 -11.64 -12.58
N VAL A 156 1.17 -11.62 -13.71
CA VAL A 156 0.94 -12.60 -14.76
C VAL A 156 1.73 -13.90 -14.45
N GLN A 157 1.30 -15.01 -15.05
CA GLN A 157 1.94 -16.32 -14.85
C GLN A 157 1.76 -16.85 -13.42
N ASP A 158 1.04 -17.95 -13.29
CA ASP A 158 0.79 -18.57 -11.98
C ASP A 158 2.01 -19.35 -11.46
N LEU A 159 2.83 -19.86 -12.39
CA LEU A 159 4.02 -20.63 -12.02
C LEU A 159 5.16 -19.77 -11.47
N GLU A 160 4.98 -18.44 -11.51
CA GLU A 160 5.99 -17.48 -11.01
C GLU A 160 7.25 -17.46 -11.88
N GLY A 161 7.91 -18.60 -12.01
CA GLY A 161 9.13 -18.68 -12.80
C GLY A 161 9.87 -20.00 -12.61
N GLY A 162 10.22 -20.30 -11.36
CA GLY A 162 10.93 -21.53 -11.06
C GLY A 162 11.66 -21.49 -9.72
N GLU B 1 -1.43 26.10 3.14
CA GLU B 1 -2.25 25.24 4.05
C GLU B 1 -1.81 23.78 3.99
N GLU B 2 -2.17 23.08 2.92
CA GLU B 2 -1.82 21.67 2.78
C GLU B 2 -0.99 21.42 1.51
N GLU B 3 -0.19 22.42 1.13
CA GLU B 3 0.66 22.32 -0.05
C GLU B 3 1.67 21.17 0.07
N TRP B 4 2.08 20.90 1.31
CA TRP B 4 3.01 19.81 1.59
C TRP B 4 2.39 18.46 1.20
N ALA B 5 1.14 18.25 1.59
CA ALA B 5 0.44 17.02 1.25
C ALA B 5 0.11 17.02 -0.24
N ARG B 6 -0.16 18.20 -0.78
CA ARG B 6 -0.48 18.35 -2.20
C ARG B 6 0.71 17.93 -3.08
N GLU B 7 1.90 18.48 -2.79
CA GLU B 7 3.09 18.13 -3.57
C GLU B 7 3.43 16.65 -3.38
N ILE B 8 3.36 16.15 -2.14
CA ILE B 8 3.65 14.74 -1.86
C ILE B 8 2.66 13.85 -2.61
N GLY B 9 1.37 14.18 -2.48
CA GLY B 9 0.34 13.42 -3.15
C GLY B 9 0.54 13.41 -4.65
N ALA B 10 0.84 14.58 -5.21
CA ALA B 10 1.08 14.71 -6.64
C ALA B 10 2.26 13.85 -7.09
N GLN B 11 3.31 13.78 -6.27
CA GLN B 11 4.48 12.96 -6.58
C GLN B 11 4.12 11.47 -6.54
N LEU B 12 3.45 11.04 -5.47
CA LEU B 12 3.02 9.65 -5.35
C LEU B 12 2.05 9.31 -6.48
N ARG B 13 1.21 10.29 -6.81
CA ARG B 13 0.23 10.16 -7.88
C ARG B 13 0.92 10.06 -9.24
N ARG B 14 2.01 10.82 -9.43
CA ARG B 14 2.75 10.78 -10.70
C ARG B 14 3.38 9.40 -10.91
N ILE B 15 3.97 8.86 -9.86
CA ILE B 15 4.58 7.53 -9.95
C ILE B 15 3.49 6.47 -10.19
N ALA B 16 2.36 6.60 -9.49
CA ALA B 16 1.24 5.69 -9.65
C ALA B 16 0.60 5.81 -11.03
N ASP B 17 0.45 7.07 -11.49
CA ASP B 17 -0.12 7.34 -12.81
C ASP B 17 0.66 6.60 -13.89
N ASP B 18 1.96 6.78 -13.88
CA ASP B 18 2.84 6.13 -14.84
C ASP B 18 2.92 4.62 -14.62
N LEU B 19 3.05 4.21 -13.36
CA LEU B 19 3.15 2.79 -13.01
C LEU B 19 1.97 1.99 -13.58
N ASN B 20 0.76 2.48 -13.33
CA ASN B 20 -0.43 1.82 -13.82
C ASN B 20 -0.62 2.01 -15.33
N ALA B 21 -0.49 3.24 -15.82
CA ALA B 21 -0.70 3.53 -17.25
C ALA B 21 0.24 2.72 -18.15
N GLN B 22 1.53 2.68 -17.80
CA GLN B 22 2.50 1.94 -18.59
C GLN B 22 2.28 0.42 -18.53
N TYR B 23 1.76 -0.07 -17.42
CA TYR B 23 1.52 -1.52 -17.26
C TYR B 23 0.10 -1.97 -17.69
N GLU B 24 -0.87 -1.09 -17.56
CA GLU B 24 -2.26 -1.42 -17.90
C GLU B 24 -2.54 -1.31 -19.41
N ARG B 25 -1.91 -0.36 -20.07
CA ARG B 25 -2.13 -0.17 -21.50
C ARG B 25 -1.21 -1.06 -22.35
N ARG B 26 -0.10 -1.49 -21.78
CA ARG B 26 0.85 -2.33 -22.51
C ARG B 26 1.01 -3.70 -21.85
N MET B 27 1.03 -4.75 -22.68
CA MET B 27 1.20 -6.12 -22.18
C MET B 27 2.68 -6.45 -21.94
N GLY A 1 -21.75 -5.39 14.21
CA GLY A 1 -23.15 -5.76 13.87
C GLY A 1 -23.48 -7.21 14.22
N PRO A 2 -24.18 -7.93 13.32
CA PRO A 2 -24.55 -9.33 13.55
C PRO A 2 -23.43 -10.32 13.17
N LEU A 3 -23.82 -11.56 12.83
CA LEU A 3 -22.86 -12.59 12.44
C LEU A 3 -22.06 -12.18 11.20
N GLY A 4 -22.72 -11.50 10.26
CA GLY A 4 -22.06 -11.07 9.04
C GLY A 4 -21.41 -9.70 9.17
N SER A 5 -21.01 -9.34 10.39
CA SER A 5 -20.37 -8.04 10.64
C SER A 5 -18.87 -8.07 10.32
N GLU A 6 -18.39 -9.19 9.79
CA GLU A 6 -16.98 -9.33 9.44
C GLU A 6 -16.71 -8.98 7.98
N ASP A 7 -15.67 -8.19 7.75
CA ASP A 7 -15.29 -7.77 6.40
C ASP A 7 -14.09 -8.58 5.90
N ASP A 8 -14.34 -9.50 4.97
CA ASP A 8 -13.28 -10.35 4.41
C ASP A 8 -12.17 -9.49 3.79
N LEU A 9 -12.57 -8.46 3.05
CA LEU A 9 -11.61 -7.56 2.43
C LEU A 9 -10.75 -6.88 3.50
N TYR A 10 -11.39 -6.30 4.52
CA TYR A 10 -10.66 -5.63 5.60
C TYR A 10 -9.73 -6.58 6.35
N ARG A 11 -10.22 -7.77 6.69
CA ARG A 11 -9.40 -8.75 7.42
C ARG A 11 -8.20 -9.18 6.57
N GLN A 12 -8.46 -9.50 5.29
CA GLN A 12 -7.40 -9.93 4.39
C GLN A 12 -6.39 -8.80 4.16
N SER A 13 -6.89 -7.61 3.84
CA SER A 13 -6.03 -6.45 3.60
C SER A 13 -5.20 -6.11 4.83
N LEU A 14 -5.86 -6.05 5.98
CA LEU A 14 -5.20 -5.77 7.27
C LEU A 14 -4.04 -6.73 7.49
N GLU A 15 -4.32 -8.03 7.38
CA GLU A 15 -3.31 -9.07 7.55
C GLU A 15 -2.17 -8.94 6.55
N ILE A 16 -2.51 -8.86 5.26
CA ILE A 16 -1.53 -8.74 4.19
C ILE A 16 -0.61 -7.52 4.38
N ILE A 17 -1.21 -6.35 4.61
CA ILE A 17 -0.43 -5.13 4.81
C ILE A 17 0.40 -5.21 6.09
N SER A 18 -0.16 -5.80 7.14
CA SER A 18 0.56 -5.96 8.40
C SER A 18 1.79 -6.84 8.19
N ARG A 19 1.60 -7.99 7.55
CA ARG A 19 2.72 -8.89 7.27
C ARG A 19 3.77 -8.17 6.42
N TYR A 20 3.30 -7.53 5.36
CA TYR A 20 4.17 -6.79 4.44
C TYR A 20 4.97 -5.72 5.18
N LEU A 21 4.30 -4.94 6.01
CA LEU A 21 4.97 -3.89 6.77
C LEU A 21 6.02 -4.49 7.70
N ARG A 22 5.62 -5.52 8.44
CA ARG A 22 6.51 -6.21 9.38
C ARG A 22 7.81 -6.67 8.71
N GLU A 23 7.70 -7.31 7.55
CA GLU A 23 8.88 -7.80 6.85
C GLU A 23 9.81 -6.67 6.38
N GLN A 24 9.24 -5.66 5.73
CA GLN A 24 10.04 -4.55 5.21
C GLN A 24 10.57 -3.61 6.30
N ALA A 25 9.83 -3.51 7.41
CA ALA A 25 10.25 -2.65 8.52
C ALA A 25 11.35 -3.29 9.35
N THR A 26 11.27 -4.61 9.58
CA THR A 26 12.28 -5.30 10.39
C THR A 26 13.52 -5.70 9.59
N GLY A 27 13.41 -5.66 8.26
CA GLY A 27 14.56 -6.01 7.42
C GLY A 27 14.51 -7.44 6.90
N SER A 28 13.30 -7.95 6.71
CA SER A 28 13.10 -9.31 6.21
C SER A 28 12.57 -9.30 4.77
N LYS A 29 13.28 -9.97 3.88
CA LYS A 29 12.88 -10.03 2.47
C LYS A 29 11.99 -11.25 2.19
N ASP A 30 11.98 -12.21 3.10
CA ASP A 30 11.17 -13.41 2.95
C ASP A 30 9.68 -13.08 3.18
N SER A 31 8.81 -13.56 2.31
CA SER A 31 7.37 -13.31 2.44
C SER A 31 6.72 -14.32 3.38
N LYS A 32 6.06 -13.83 4.42
CA LYS A 32 5.39 -14.67 5.41
C LYS A 32 4.16 -15.37 4.81
N PRO A 33 3.86 -16.60 5.28
CA PRO A 33 2.69 -17.36 4.81
C PRO A 33 1.37 -16.70 5.18
N LEU A 34 0.74 -16.06 4.19
CA LEU A 34 -0.53 -15.35 4.37
C LEU A 34 -1.74 -16.26 4.57
N GLY A 35 -1.53 -17.40 5.23
CA GLY A 35 -2.64 -18.33 5.48
C GLY A 35 -3.72 -17.71 6.34
N GLU A 36 -3.38 -16.65 7.07
CA GLU A 36 -4.33 -15.95 7.93
C GLU A 36 -5.15 -14.95 7.11
N ALA A 37 -4.59 -14.54 5.96
CA ALA A 37 -5.26 -13.60 5.07
C ALA A 37 -6.07 -14.33 3.99
N GLY A 38 -5.41 -15.25 3.28
CA GLY A 38 -6.10 -16.00 2.25
C GLY A 38 -5.15 -16.67 1.26
N ALA A 39 -5.72 -17.34 0.27
CA ALA A 39 -4.92 -18.01 -0.77
C ALA A 39 -4.37 -16.99 -1.77
N ALA A 40 -5.21 -16.01 -2.13
CA ALA A 40 -4.80 -14.97 -3.07
C ALA A 40 -3.73 -14.06 -2.45
N GLY A 41 -3.76 -13.95 -1.13
CA GLY A 41 -2.80 -13.11 -0.42
C GLY A 41 -1.36 -13.48 -0.73
N ARG A 42 -1.13 -14.77 -0.97
CA ARG A 42 0.21 -15.26 -1.29
C ARG A 42 0.79 -14.51 -2.49
N ARG A 43 0.06 -14.54 -3.60
CA ARG A 43 0.49 -13.85 -4.82
C ARG A 43 0.33 -12.35 -4.66
N ALA A 44 -0.68 -11.93 -3.89
CA ALA A 44 -0.94 -10.51 -3.66
C ALA A 44 0.25 -9.86 -2.97
N LEU A 45 0.77 -10.54 -1.95
CA LEU A 45 1.93 -10.05 -1.22
C LEU A 45 3.19 -10.16 -2.07
N GLU A 46 3.35 -11.32 -2.73
CA GLU A 46 4.52 -11.56 -3.58
C GLU A 46 4.67 -10.44 -4.60
N THR A 47 3.59 -10.14 -5.31
CA THR A 47 3.60 -9.08 -6.31
C THR A 47 3.75 -7.71 -5.65
N LEU A 48 3.07 -7.52 -4.52
CA LEU A 48 3.11 -6.26 -3.77
C LEU A 48 4.55 -5.92 -3.34
N ARG A 49 5.28 -6.94 -2.88
CA ARG A 49 6.67 -6.76 -2.45
C ARG A 49 7.55 -6.37 -3.62
N ARG A 50 7.47 -7.14 -4.70
CA ARG A 50 8.28 -6.90 -5.89
C ARG A 50 8.01 -5.52 -6.51
N VAL A 51 6.73 -5.18 -6.72
CA VAL A 51 6.39 -3.87 -7.28
C VAL A 51 6.83 -2.76 -6.33
N GLY A 52 6.50 -2.93 -5.05
CA GLY A 52 6.90 -1.95 -4.05
C GLY A 52 8.41 -1.73 -4.03
N ASP A 53 9.17 -2.82 -3.91
CA ASP A 53 10.64 -2.73 -3.92
C ASP A 53 11.14 -2.12 -5.22
N GLY A 54 10.49 -2.49 -6.33
CA GLY A 54 10.87 -1.95 -7.62
C GLY A 54 10.70 -0.44 -7.69
N VAL A 55 9.52 0.05 -7.32
CA VAL A 55 9.25 1.49 -7.33
C VAL A 55 10.06 2.22 -6.26
N GLN A 56 10.20 1.61 -5.08
CA GLN A 56 10.96 2.20 -3.99
C GLN A 56 12.41 2.48 -4.41
N ARG A 57 12.99 1.57 -5.20
CA ARG A 57 14.35 1.74 -5.69
C ARG A 57 14.39 2.65 -6.94
N ASN A 58 13.39 2.51 -7.81
CA ASN A 58 13.32 3.34 -9.02
C ASN A 58 13.17 4.83 -8.69
N HIS A 59 12.16 5.15 -7.88
CA HIS A 59 11.93 6.54 -7.49
C HIS A 59 12.40 6.78 -6.04
N GLU A 60 13.56 6.21 -5.72
CA GLU A 60 14.16 6.30 -4.39
C GLU A 60 14.37 7.75 -3.95
N THR A 61 14.91 8.57 -4.83
CA THR A 61 15.16 9.98 -4.52
C THR A 61 13.86 10.70 -4.17
N ALA A 62 12.80 10.38 -4.92
CA ALA A 62 11.49 10.98 -4.68
C ALA A 62 10.88 10.47 -3.38
N PHE A 63 10.99 9.16 -3.15
CA PHE A 63 10.45 8.53 -1.94
C PHE A 63 11.10 9.10 -0.67
N GLN A 64 12.44 9.10 -0.65
CA GLN A 64 13.17 9.62 0.52
C GLN A 64 12.95 11.13 0.68
N GLY A 65 12.91 11.84 -0.44
CA GLY A 65 12.67 13.28 -0.39
C GLY A 65 11.34 13.57 0.29
N MET A 66 10.32 12.79 -0.06
CA MET A 66 9.00 12.92 0.53
C MET A 66 9.02 12.43 1.98
N LEU A 67 9.66 11.28 2.20
CA LEU A 67 9.79 10.68 3.53
C LEU A 67 10.42 11.65 4.54
N ARG A 68 11.53 12.29 4.15
CA ARG A 68 12.21 13.25 5.03
C ARG A 68 11.27 14.42 5.35
N LYS A 69 10.57 14.88 4.31
CA LYS A 69 9.62 15.99 4.45
C LYS A 69 8.48 15.60 5.39
N LEU A 70 7.87 14.45 5.14
CA LEU A 70 6.78 13.96 5.98
C LEU A 70 7.29 12.92 6.98
N ASP A 71 8.24 13.32 7.81
CA ASP A 71 8.82 12.43 8.81
C ASP A 71 7.83 12.18 9.95
N ILE A 72 7.60 10.92 10.26
CA ILE A 72 6.65 10.54 11.31
C ILE A 72 7.33 10.48 12.68
N LYS A 73 6.95 11.39 13.57
CA LYS A 73 7.51 11.42 14.92
C LYS A 73 6.43 11.66 15.99
N ASN A 74 5.32 12.31 15.61
CA ASN A 74 4.24 12.57 16.55
C ASN A 74 2.93 11.91 16.09
N GLU A 75 1.94 11.87 16.99
CA GLU A 75 0.64 11.26 16.67
C GLU A 75 -0.12 12.10 15.64
N GLY A 76 0.25 13.37 15.53
CA GLY A 76 -0.38 14.25 14.57
C GLY A 76 0.00 13.93 13.13
N ASP A 77 1.11 13.21 12.97
CA ASP A 77 1.61 12.83 11.64
C ASP A 77 0.75 11.75 10.99
N VAL A 78 -0.11 11.10 11.78
CA VAL A 78 -0.98 10.05 11.28
C VAL A 78 -2.16 10.61 10.46
N LYS A 79 -2.73 11.72 10.95
CA LYS A 79 -3.85 12.37 10.27
C LYS A 79 -3.38 13.00 8.96
N SER A 80 -2.21 13.63 9.00
CA SER A 80 -1.63 14.25 7.81
C SER A 80 -1.31 13.20 6.76
N PHE A 81 -0.76 12.06 7.21
CA PHE A 81 -0.44 10.95 6.31
C PHE A 81 -1.71 10.48 5.61
N SER A 82 -2.81 10.41 6.36
CA SER A 82 -4.10 9.99 5.81
C SER A 82 -4.56 10.98 4.75
N ARG A 83 -4.23 12.26 4.93
CA ARG A 83 -4.58 13.29 3.96
C ARG A 83 -3.93 12.98 2.61
N VAL A 84 -2.65 12.61 2.65
CA VAL A 84 -1.92 12.24 1.43
C VAL A 84 -2.61 11.06 0.74
N MET A 85 -2.94 10.05 1.54
CA MET A 85 -3.63 8.86 1.05
C MET A 85 -4.93 9.23 0.35
N VAL A 86 -5.71 10.10 0.99
CA VAL A 86 -6.99 10.56 0.42
C VAL A 86 -6.76 11.39 -0.85
N HIS A 87 -5.67 12.16 -0.87
CA HIS A 87 -5.34 13.01 -2.02
C HIS A 87 -5.13 12.21 -3.31
N VAL A 88 -4.58 11.00 -3.21
CA VAL A 88 -4.37 10.15 -4.39
C VAL A 88 -5.71 9.83 -5.07
N PHE A 89 -6.68 9.37 -4.29
CA PHE A 89 -8.00 9.02 -4.82
C PHE A 89 -8.96 10.22 -4.86
N LYS A 90 -8.51 11.39 -4.38
CA LYS A 90 -9.34 12.59 -4.36
C LYS A 90 -9.79 12.99 -5.77
N ASP A 91 -9.00 12.64 -6.78
CA ASP A 91 -9.32 12.97 -8.14
C ASP A 91 -10.14 11.86 -8.82
N GLY A 92 -10.63 10.92 -8.01
CA GLY A 92 -11.44 9.83 -8.53
C GLY A 92 -10.61 8.67 -9.08
N VAL A 93 -9.38 8.96 -9.50
CA VAL A 93 -8.49 7.96 -10.06
C VAL A 93 -8.17 6.85 -9.06
N THR A 94 -8.81 5.70 -9.27
CA THR A 94 -8.62 4.55 -8.40
C THR A 94 -8.17 3.32 -9.19
N ASN A 95 -6.92 2.91 -8.99
CA ASN A 95 -6.36 1.76 -9.68
C ASN A 95 -5.45 0.95 -8.75
N TRP A 96 -5.06 -0.25 -9.20
CA TRP A 96 -4.18 -1.12 -8.41
C TRP A 96 -2.81 -0.49 -8.20
N GLY A 97 -2.26 0.11 -9.26
CA GLY A 97 -0.95 0.75 -9.16
C GLY A 97 -0.93 1.86 -8.13
N ARG A 98 -2.07 2.51 -7.95
CA ARG A 98 -2.19 3.58 -6.98
C ARG A 98 -2.25 3.01 -5.56
N ILE A 99 -2.92 1.86 -5.43
CA ILE A 99 -3.04 1.19 -4.14
C ILE A 99 -1.69 0.60 -3.71
N VAL A 100 -1.02 -0.13 -4.61
CA VAL A 100 0.29 -0.72 -4.30
C VAL A 100 1.30 0.38 -3.94
N THR A 101 1.22 1.53 -4.61
CA THR A 101 2.13 2.65 -4.33
C THR A 101 1.91 3.16 -2.90
N LEU A 102 0.64 3.29 -2.50
CA LEU A 102 0.30 3.74 -1.15
C LEU A 102 0.87 2.78 -0.10
N ILE A 103 0.72 1.49 -0.34
CA ILE A 103 1.25 0.48 0.56
C ILE A 103 2.79 0.51 0.53
N SER A 104 3.34 0.71 -0.67
CA SER A 104 4.79 0.81 -0.86
C SER A 104 5.37 1.97 -0.07
N PHE A 105 4.75 3.15 -0.20
CA PHE A 105 5.19 4.33 0.54
C PHE A 105 5.00 4.07 2.04
N GLY A 106 3.89 3.42 2.38
CA GLY A 106 3.63 3.08 3.78
C GLY A 106 4.72 2.17 4.32
N ALA A 107 5.15 1.22 3.50
CA ALA A 107 6.23 0.30 3.88
C ALA A 107 7.53 1.08 4.08
N PHE A 108 7.78 2.05 3.21
CA PHE A 108 8.97 2.89 3.29
C PHE A 108 8.96 3.66 4.62
N VAL A 109 7.78 4.19 4.96
CA VAL A 109 7.59 4.90 6.22
C VAL A 109 7.85 3.97 7.40
N ALA A 110 7.37 2.73 7.28
CA ALA A 110 7.56 1.71 8.31
C ALA A 110 9.04 1.41 8.50
N LYS A 111 9.78 1.32 7.39
CA LYS A 111 11.23 1.08 7.44
C LYS A 111 11.90 2.16 8.28
N HIS A 112 11.55 3.42 8.00
CA HIS A 112 12.08 4.57 8.73
C HIS A 112 11.61 4.52 10.19
N LEU A 113 10.31 4.31 10.37
CA LEU A 113 9.70 4.24 11.70
C LEU A 113 10.38 3.17 12.58
N LYS A 114 10.67 2.01 12.00
CA LYS A 114 11.33 0.93 12.74
C LYS A 114 12.81 1.25 12.96
N SER A 115 13.45 1.88 11.96
CA SER A 115 14.87 2.25 12.06
C SER A 115 15.12 3.18 13.25
N VAL A 116 14.12 3.99 13.59
CA VAL A 116 14.24 4.90 14.73
C VAL A 116 13.52 4.35 15.97
N ASN A 117 13.20 3.05 15.92
CA ASN A 117 12.51 2.34 17.02
C ASN A 117 11.18 2.98 17.41
N GLN A 118 10.35 3.31 16.43
CA GLN A 118 9.04 3.91 16.72
C GLN A 118 7.90 2.93 16.43
N GLU A 119 8.01 1.73 16.99
CA GLU A 119 6.99 0.69 16.79
C GLU A 119 5.61 1.17 17.24
N SER A 120 5.58 2.01 18.29
CA SER A 120 4.32 2.56 18.82
C SER A 120 3.59 3.40 17.78
N PHE A 121 4.29 3.77 16.71
CA PHE A 121 3.69 4.55 15.64
C PHE A 121 3.47 3.68 14.39
N ILE A 122 4.22 2.57 14.32
CA ILE A 122 4.12 1.64 13.18
C ILE A 122 2.77 0.94 13.17
N GLU A 123 2.36 0.41 14.32
CA GLU A 123 1.08 -0.28 14.43
C GLU A 123 -0.08 0.64 14.01
N PRO A 124 -0.25 1.82 14.65
CA PRO A 124 -1.31 2.77 14.27
C PRO A 124 -1.20 3.20 12.81
N LEU A 125 0.04 3.37 12.32
CA LEU A 125 0.26 3.77 10.93
C LEU A 125 -0.25 2.71 9.97
N ALA A 126 0.23 1.48 10.13
CA ALA A 126 -0.18 0.35 9.28
C ALA A 126 -1.70 0.20 9.27
N GLU A 127 -2.31 0.27 10.44
CA GLU A 127 -3.77 0.15 10.56
C GLU A 127 -4.46 1.34 9.89
N THR A 128 -3.97 2.55 10.16
CA THR A 128 -4.54 3.75 9.57
C THR A 128 -4.43 3.71 8.04
N ILE A 129 -3.26 3.28 7.54
CA ILE A 129 -3.05 3.16 6.10
C ILE A 129 -4.07 2.21 5.49
N THR A 130 -4.15 1.00 6.03
CA THR A 130 -5.10 0.00 5.55
C THR A 130 -6.53 0.51 5.65
N ASP A 131 -6.85 1.11 6.80
CA ASP A 131 -8.18 1.65 7.03
C ASP A 131 -8.58 2.70 5.99
N VAL A 132 -7.74 3.71 5.78
CA VAL A 132 -8.04 4.76 4.82
C VAL A 132 -7.97 4.24 3.37
N LEU A 133 -7.14 3.24 3.13
CA LEU A 133 -6.99 2.65 1.80
C LEU A 133 -8.24 1.87 1.38
N VAL A 134 -8.80 1.12 2.32
CA VAL A 134 -9.99 0.32 2.05
C VAL A 134 -11.28 1.14 2.20
N ARG A 135 -11.35 1.99 3.22
CA ARG A 135 -12.54 2.82 3.47
C ARG A 135 -12.79 3.85 2.38
N THR A 136 -11.72 4.41 1.79
CA THR A 136 -11.89 5.42 0.74
C THR A 136 -12.68 4.90 -0.46
N LYS A 137 -12.41 3.67 -0.89
CA LYS A 137 -13.11 3.09 -2.04
C LYS A 137 -13.26 1.57 -1.90
N ARG A 138 -13.99 1.13 -0.87
CA ARG A 138 -14.19 -0.31 -0.66
C ARG A 138 -14.95 -0.95 -1.83
N ASP A 139 -15.82 -0.16 -2.47
CA ASP A 139 -16.62 -0.63 -3.60
C ASP A 139 -15.74 -0.96 -4.82
N TRP A 140 -14.64 -0.23 -4.96
CA TRP A 140 -13.72 -0.45 -6.08
C TRP A 140 -13.02 -1.79 -5.94
N LEU A 141 -12.50 -2.06 -4.74
CA LEU A 141 -11.82 -3.32 -4.47
C LEU A 141 -12.79 -4.50 -4.65
N VAL A 142 -14.05 -4.30 -4.30
CA VAL A 142 -15.07 -5.33 -4.47
C VAL A 142 -15.25 -5.69 -5.96
N LYS A 143 -15.28 -4.65 -6.80
CA LYS A 143 -15.42 -4.85 -8.25
C LYS A 143 -14.19 -5.57 -8.82
N GLN A 144 -13.02 -5.22 -8.31
CA GLN A 144 -11.76 -5.80 -8.77
C GLN A 144 -11.39 -7.09 -8.03
N ARG A 145 -12.40 -7.82 -7.55
CA ARG A 145 -12.22 -9.10 -6.85
C ARG A 145 -11.18 -9.04 -5.70
N GLY A 146 -11.09 -7.90 -5.02
CA GLY A 146 -10.15 -7.75 -3.91
C GLY A 146 -8.71 -8.07 -4.31
N TRP A 147 -7.96 -8.67 -3.39
CA TRP A 147 -6.57 -9.04 -3.66
C TRP A 147 -6.49 -10.12 -4.75
N ASP A 148 -7.56 -10.89 -4.89
CA ASP A 148 -7.64 -11.93 -5.91
C ASP A 148 -7.58 -11.27 -7.30
N GLY A 149 -8.29 -10.15 -7.43
CA GLY A 149 -8.27 -9.41 -8.68
C GLY A 149 -6.97 -8.66 -8.86
N PHE A 150 -6.35 -8.29 -7.73
CA PHE A 150 -5.06 -7.60 -7.75
C PHE A 150 -4.02 -8.50 -8.42
N VAL A 151 -3.95 -9.75 -7.97
CA VAL A 151 -3.02 -10.71 -8.55
C VAL A 151 -3.48 -11.07 -9.97
N GLU A 152 -4.79 -10.99 -10.19
CA GLU A 152 -5.38 -11.26 -11.50
C GLU A 152 -4.89 -10.26 -12.54
N PHE A 153 -5.10 -8.97 -12.27
CA PHE A 153 -4.68 -7.90 -13.17
C PHE A 153 -3.14 -7.82 -13.24
N PHE A 154 -2.48 -8.11 -12.13
CA PHE A 154 -1.02 -8.05 -12.08
C PHE A 154 -0.35 -9.35 -12.55
N HIS A 155 -1.15 -10.35 -12.95
CA HIS A 155 -0.57 -11.61 -13.42
C HIS A 155 -0.40 -11.63 -14.94
N VAL A 156 0.45 -10.75 -15.46
CA VAL A 156 0.69 -10.68 -16.89
C VAL A 156 2.00 -11.41 -17.28
N GLN A 157 2.97 -10.69 -17.83
CA GLN A 157 4.24 -11.30 -18.22
C GLN A 157 5.22 -11.36 -17.04
N ASP A 158 5.21 -12.49 -16.33
CA ASP A 158 6.09 -12.67 -15.17
C ASP A 158 6.99 -13.91 -15.32
N LEU A 159 8.30 -13.68 -15.31
CA LEU A 159 9.27 -14.77 -15.43
C LEU A 159 10.01 -15.00 -14.09
N GLU A 160 9.52 -14.36 -13.03
CA GLU A 160 10.13 -14.49 -11.71
C GLU A 160 9.11 -14.95 -10.65
N GLY A 161 7.90 -14.41 -10.71
CA GLY A 161 6.88 -14.77 -9.74
C GLY A 161 5.99 -15.94 -10.20
N GLY A 162 4.99 -16.26 -9.38
CA GLY A 162 4.09 -17.36 -9.70
C GLY A 162 2.80 -16.89 -10.32
N GLU B 1 0.34 25.87 5.75
CA GLU B 1 -0.18 25.43 4.43
C GLU B 1 -0.07 23.91 4.29
N GLU B 2 -0.69 23.36 3.25
CA GLU B 2 -0.66 21.91 3.01
C GLU B 2 0.03 21.56 1.69
N GLU B 3 1.15 22.20 1.41
CA GLU B 3 1.89 21.93 0.17
C GLU B 3 2.45 20.51 0.17
N TRP B 4 2.87 20.06 1.35
CA TRP B 4 3.44 18.72 1.53
C TRP B 4 2.48 17.62 1.08
N ALA B 5 1.25 17.66 1.58
CA ALA B 5 0.25 16.64 1.23
C ALA B 5 -0.11 16.67 -0.25
N ARG B 6 -0.05 17.86 -0.85
CA ARG B 6 -0.36 18.00 -2.27
C ARG B 6 0.83 17.56 -3.15
N GLU B 7 2.02 18.07 -2.85
CA GLU B 7 3.23 17.73 -3.61
C GLU B 7 3.52 16.23 -3.52
N ILE B 8 3.43 15.67 -2.32
CA ILE B 8 3.68 14.25 -2.11
C ILE B 8 2.51 13.42 -2.65
N GLY B 9 1.28 13.86 -2.36
CA GLY B 9 0.11 13.16 -2.86
C GLY B 9 0.10 13.09 -4.38
N ALA B 10 0.37 14.22 -5.03
CA ALA B 10 0.43 14.28 -6.48
C ALA B 10 1.62 13.48 -7.02
N GLN B 11 2.70 13.42 -6.24
CA GLN B 11 3.88 12.67 -6.63
C GLN B 11 3.57 11.18 -6.70
N LEU B 12 3.03 10.64 -5.61
CA LEU B 12 2.63 9.23 -5.56
C LEU B 12 1.58 8.95 -6.63
N ARG B 13 0.71 9.95 -6.83
CA ARG B 13 -0.34 9.86 -7.84
C ARG B 13 0.28 9.74 -9.23
N ARG B 14 1.27 10.59 -9.52
CA ARG B 14 1.96 10.57 -10.81
C ARG B 14 2.68 9.24 -11.03
N ILE B 15 3.44 8.81 -10.03
CA ILE B 15 4.16 7.54 -10.11
C ILE B 15 3.18 6.38 -10.37
N ALA B 16 2.10 6.36 -9.58
CA ALA B 16 1.07 5.34 -9.72
C ALA B 16 0.33 5.44 -11.06
N ASP B 17 0.05 6.68 -11.49
CA ASP B 17 -0.64 6.91 -12.76
C ASP B 17 0.14 6.29 -13.92
N ASP B 18 1.42 6.63 -14.00
CA ASP B 18 2.28 6.08 -15.05
C ASP B 18 2.40 4.56 -14.93
N LEU B 19 2.61 4.08 -13.70
CA LEU B 19 2.74 2.66 -13.43
C LEU B 19 1.55 1.86 -13.95
N ASN B 20 0.34 2.27 -13.57
CA ASN B 20 -0.87 1.57 -14.00
C ASN B 20 -1.21 1.86 -15.48
N ALA B 21 -0.94 3.09 -15.94
CA ALA B 21 -1.23 3.45 -17.33
C ALA B 21 -0.53 2.51 -18.30
N GLN B 22 0.77 2.32 -18.08
CA GLN B 22 1.56 1.42 -18.93
C GLN B 22 1.17 -0.04 -18.68
N TYR B 23 0.79 -0.35 -17.45
CA TYR B 23 0.38 -1.70 -17.06
C TYR B 23 -0.96 -2.11 -17.68
N GLU B 24 -1.88 -1.15 -17.79
CA GLU B 24 -3.19 -1.40 -18.37
C GLU B 24 -3.12 -1.40 -19.91
N ARG B 25 -2.47 -0.39 -20.48
CA ARG B 25 -2.33 -0.29 -21.94
C ARG B 25 -1.46 -1.42 -22.51
N ARG B 26 -0.42 -1.77 -21.77
CA ARG B 26 0.49 -2.83 -22.19
C ARG B 26 0.56 -3.94 -21.13
N MET B 27 0.30 -5.17 -21.54
CA MET B 27 0.35 -6.31 -20.62
C MET B 27 1.78 -6.84 -20.46
N GLY A 1 -16.39 -6.26 14.89
CA GLY A 1 -17.50 -6.53 15.85
C GLY A 1 -18.74 -7.11 15.18
N PRO A 2 -19.81 -6.30 15.04
CA PRO A 2 -21.06 -6.76 14.41
C PRO A 2 -20.94 -6.99 12.90
N LEU A 3 -22.04 -7.42 12.27
CA LEU A 3 -22.08 -7.70 10.84
C LEU A 3 -21.58 -6.50 10.00
N GLY A 4 -22.02 -5.30 10.37
CA GLY A 4 -21.59 -4.11 9.64
C GLY A 4 -20.14 -3.73 9.89
N SER A 5 -19.50 -4.40 10.84
CA SER A 5 -18.10 -4.13 11.17
C SER A 5 -17.17 -5.27 10.72
N GLU A 6 -17.76 -6.40 10.31
CA GLU A 6 -16.99 -7.55 9.85
C GLU A 6 -16.94 -7.65 8.33
N ASP A 7 -15.73 -7.78 7.79
CA ASP A 7 -15.53 -7.88 6.35
C ASP A 7 -14.30 -8.73 6.03
N ASP A 8 -14.49 -9.78 5.24
CA ASP A 8 -13.40 -10.68 4.86
C ASP A 8 -12.27 -9.91 4.17
N LEU A 9 -12.63 -8.98 3.31
CA LEU A 9 -11.64 -8.17 2.61
C LEU A 9 -10.96 -7.22 3.57
N TYR A 10 -11.75 -6.55 4.42
CA TYR A 10 -11.22 -5.59 5.39
C TYR A 10 -10.22 -6.28 6.32
N ARG A 11 -10.58 -7.47 6.80
CA ARG A 11 -9.72 -8.23 7.71
C ARG A 11 -8.52 -8.84 6.97
N GLN A 12 -8.75 -9.37 5.78
CA GLN A 12 -7.67 -9.96 4.99
C GLN A 12 -6.65 -8.90 4.62
N SER A 13 -7.13 -7.78 4.07
CA SER A 13 -6.25 -6.68 3.70
C SER A 13 -5.50 -6.17 4.92
N LEU A 14 -6.21 -6.08 6.05
CA LEU A 14 -5.63 -5.64 7.32
C LEU A 14 -4.40 -6.49 7.67
N GLU A 15 -4.60 -7.80 7.71
CA GLU A 15 -3.53 -8.74 8.01
C GLU A 15 -2.43 -8.67 6.95
N ILE A 16 -2.81 -8.80 5.68
CA ILE A 16 -1.86 -8.77 4.56
C ILE A 16 -0.98 -7.51 4.57
N ILE A 17 -1.59 -6.34 4.78
CA ILE A 17 -0.81 -5.10 4.80
C ILE A 17 0.10 -5.03 6.04
N SER A 18 -0.47 -5.24 7.23
CA SER A 18 0.32 -5.21 8.47
C SER A 18 1.45 -6.24 8.41
N ARG A 19 1.15 -7.42 7.87
CA ARG A 19 2.15 -8.49 7.73
C ARG A 19 3.30 -8.03 6.84
N TYR A 20 2.95 -7.49 5.66
CA TYR A 20 3.96 -7.00 4.73
C TYR A 20 4.75 -5.88 5.37
N LEU A 21 4.05 -4.94 6.00
CA LEU A 21 4.66 -3.81 6.68
C LEU A 21 5.72 -4.27 7.67
N ARG A 22 5.42 -5.33 8.41
CA ARG A 22 6.35 -5.88 9.41
C ARG A 22 7.63 -6.43 8.78
N GLU A 23 7.48 -7.35 7.82
CA GLU A 23 8.64 -7.96 7.17
C GLU A 23 9.41 -6.96 6.31
N GLN A 24 8.67 -6.11 5.59
CA GLN A 24 9.27 -5.08 4.73
C GLN A 24 10.06 -4.06 5.56
N ALA A 25 9.53 -3.69 6.73
CA ALA A 25 10.19 -2.73 7.60
C ALA A 25 11.39 -3.35 8.32
N THR A 26 11.22 -4.55 8.86
CA THR A 26 12.29 -5.23 9.58
C THR A 26 13.38 -5.74 8.63
N GLY A 27 13.04 -5.86 7.34
CA GLY A 27 14.01 -6.33 6.36
C GLY A 27 14.04 -7.85 6.27
N SER A 28 12.91 -8.49 6.55
CA SER A 28 12.81 -9.94 6.51
C SER A 28 12.18 -10.43 5.21
N LYS A 29 12.90 -11.30 4.52
CA LYS A 29 12.42 -11.87 3.25
C LYS A 29 11.48 -13.05 3.50
N ASP A 30 11.51 -13.57 4.72
CA ASP A 30 10.69 -14.72 5.11
C ASP A 30 9.20 -14.34 5.18
N SER A 31 8.50 -14.51 4.05
CA SER A 31 7.07 -14.18 3.99
C SER A 31 6.22 -15.30 4.59
N LYS A 32 5.83 -15.09 5.85
CA LYS A 32 5.01 -16.05 6.60
C LYS A 32 3.77 -16.46 5.81
N PRO A 33 3.55 -17.79 5.64
CA PRO A 33 2.40 -18.33 4.91
C PRO A 33 1.08 -17.70 5.36
N LEU A 34 0.34 -17.19 4.39
CA LEU A 34 -0.95 -16.54 4.66
C LEU A 34 -2.11 -17.53 4.70
N GLY A 35 -1.84 -18.74 5.18
CA GLY A 35 -2.88 -19.77 5.26
C GLY A 35 -4.07 -19.34 6.13
N GLU A 36 -3.84 -18.36 7.00
CA GLU A 36 -4.90 -17.84 7.87
C GLU A 36 -5.73 -16.80 7.12
N ALA A 37 -5.10 -16.15 6.14
CA ALA A 37 -5.78 -15.14 5.34
C ALA A 37 -6.51 -15.78 4.16
N GLY A 38 -5.79 -16.58 3.40
CA GLY A 38 -6.38 -17.26 2.26
C GLY A 38 -5.33 -17.75 1.27
N ALA A 39 -5.76 -18.56 0.31
CA ALA A 39 -4.85 -19.09 -0.72
C ALA A 39 -4.30 -17.95 -1.57
N ALA A 40 -5.13 -16.92 -1.80
CA ALA A 40 -4.74 -15.75 -2.59
C ALA A 40 -3.82 -14.83 -1.79
N GLY A 41 -3.80 -14.99 -0.47
CA GLY A 41 -2.98 -14.15 0.40
C GLY A 41 -1.51 -14.22 0.03
N ARG A 42 -1.01 -15.42 -0.23
CA ARG A 42 0.39 -15.62 -0.59
C ARG A 42 0.74 -14.79 -1.83
N ARG A 43 -0.04 -14.97 -2.89
CA ARG A 43 0.18 -14.25 -4.14
C ARG A 43 0.03 -12.74 -3.92
N ALA A 44 -0.86 -12.37 -3.00
CA ALA A 44 -1.08 -10.95 -2.68
C ALA A 44 0.16 -10.33 -2.07
N LEU A 45 0.80 -11.07 -1.17
CA LEU A 45 2.03 -10.61 -0.53
C LEU A 45 3.19 -10.61 -1.52
N GLU A 46 3.28 -11.67 -2.33
CA GLU A 46 4.33 -11.79 -3.34
C GLU A 46 4.23 -10.68 -4.40
N THR A 47 3.01 -10.45 -4.90
CA THR A 47 2.78 -9.40 -5.89
C THR A 47 3.08 -8.03 -5.32
N LEU A 48 2.53 -7.73 -4.15
CA LEU A 48 2.74 -6.44 -3.50
C LEU A 48 4.22 -6.19 -3.21
N ARG A 49 4.90 -7.22 -2.70
CA ARG A 49 6.33 -7.13 -2.39
C ARG A 49 7.16 -6.68 -3.59
N ARG A 50 6.97 -7.36 -4.72
CA ARG A 50 7.72 -7.04 -5.94
C ARG A 50 7.41 -5.63 -6.45
N VAL A 51 6.13 -5.28 -6.53
CA VAL A 51 5.73 -3.96 -7.02
C VAL A 51 6.09 -2.84 -6.03
N GLY A 52 5.60 -2.95 -4.80
CA GLY A 52 5.85 -1.93 -3.78
C GLY A 52 7.32 -1.57 -3.62
N ASP A 53 8.18 -2.55 -3.37
CA ASP A 53 9.60 -2.27 -3.23
C ASP A 53 10.20 -1.86 -4.58
N GLY A 54 9.63 -2.39 -5.66
CA GLY A 54 10.08 -2.05 -7.00
C GLY A 54 9.88 -0.57 -7.30
N VAL A 55 8.75 -0.01 -6.85
CA VAL A 55 8.47 1.40 -7.05
C VAL A 55 9.46 2.25 -6.27
N GLN A 56 9.74 1.82 -5.03
CA GLN A 56 10.70 2.51 -4.17
C GLN A 56 12.06 2.63 -4.86
N ARG A 57 12.44 1.57 -5.59
CA ARG A 57 13.71 1.54 -6.32
C ARG A 57 13.67 2.39 -7.59
N ASN A 58 12.49 2.48 -8.21
CA ASN A 58 12.31 3.25 -9.44
C ASN A 58 12.39 4.76 -9.18
N HIS A 59 11.58 5.24 -8.25
CA HIS A 59 11.55 6.65 -7.93
C HIS A 59 12.19 6.91 -6.56
N GLU A 60 13.42 6.43 -6.39
CA GLU A 60 14.17 6.58 -5.13
C GLU A 60 14.19 8.03 -4.63
N THR A 61 14.66 8.94 -5.48
CA THR A 61 14.76 10.36 -5.13
C THR A 61 13.42 10.93 -4.64
N ALA A 62 12.35 10.56 -5.34
CA ALA A 62 11.01 11.03 -4.99
C ALA A 62 10.49 10.36 -3.72
N PHE A 63 10.52 9.03 -3.70
CA PHE A 63 10.03 8.25 -2.56
C PHE A 63 10.81 8.56 -1.28
N GLN A 64 12.14 8.50 -1.36
CA GLN A 64 12.97 8.78 -0.20
C GLN A 64 12.89 10.25 0.21
N GLY A 65 12.72 11.14 -0.77
CA GLY A 65 12.60 12.56 -0.47
C GLY A 65 11.37 12.85 0.37
N MET A 66 10.22 12.30 -0.05
CA MET A 66 8.97 12.46 0.68
C MET A 66 9.04 11.74 2.03
N LEU A 67 9.68 10.57 2.03
CA LEU A 67 9.84 9.75 3.23
C LEU A 67 10.53 10.52 4.36
N ARG A 68 11.60 11.24 4.02
CA ARG A 68 12.35 12.01 5.02
C ARG A 68 11.64 13.33 5.36
N LYS A 69 10.73 13.76 4.47
CA LYS A 69 9.98 14.99 4.69
C LYS A 69 8.79 14.72 5.64
N LEU A 70 8.14 13.58 5.44
CA LEU A 70 7.02 13.19 6.27
C LEU A 70 7.45 12.18 7.34
N ASP A 71 8.30 12.63 8.26
CA ASP A 71 8.78 11.76 9.33
C ASP A 71 7.72 11.63 10.43
N ILE A 72 7.61 10.44 11.00
CA ILE A 72 6.62 10.17 12.04
C ILE A 72 7.19 10.44 13.44
N LYS A 73 6.54 11.34 14.16
CA LYS A 73 6.96 11.69 15.52
C LYS A 73 5.85 11.42 16.52
N ASN A 74 4.60 11.47 16.06
CA ASN A 74 3.45 11.22 16.92
C ASN A 74 2.30 10.59 16.12
N GLU A 75 1.22 10.24 16.81
CA GLU A 75 0.06 9.64 16.15
C GLU A 75 -0.61 10.64 15.20
N GLY A 76 -0.47 11.94 15.50
CA GLY A 76 -1.02 12.98 14.66
C GLY A 76 -0.53 12.93 13.23
N ASP A 77 0.60 12.26 13.02
CA ASP A 77 1.20 12.13 11.69
C ASP A 77 0.41 11.17 10.79
N VAL A 78 -0.37 10.25 11.38
CA VAL A 78 -1.18 9.33 10.58
C VAL A 78 -2.37 10.07 9.96
N LYS A 79 -2.80 11.13 10.64
CA LYS A 79 -3.89 11.97 10.13
C LYS A 79 -3.42 12.70 8.88
N SER A 80 -2.14 13.09 8.89
CA SER A 80 -1.51 13.74 7.75
C SER A 80 -1.41 12.73 6.61
N PHE A 81 -1.13 11.47 6.99
CA PHE A 81 -1.03 10.37 6.03
C PHE A 81 -2.36 10.23 5.29
N SER A 82 -3.47 10.31 6.05
CA SER A 82 -4.81 10.24 5.47
C SER A 82 -4.98 11.36 4.45
N ARG A 83 -4.47 12.55 4.77
CA ARG A 83 -4.52 13.68 3.85
C ARG A 83 -3.74 13.34 2.58
N VAL A 84 -2.56 12.74 2.76
CA VAL A 84 -1.75 12.33 1.62
C VAL A 84 -2.52 11.30 0.79
N MET A 85 -3.17 10.37 1.48
CA MET A 85 -3.97 9.32 0.83
C MET A 85 -5.12 9.94 0.03
N VAL A 86 -5.87 10.85 0.67
CA VAL A 86 -6.99 11.51 -0.02
C VAL A 86 -6.49 12.41 -1.13
N HIS A 87 -5.29 12.99 -0.96
CA HIS A 87 -4.70 13.84 -2.00
C HIS A 87 -4.38 13.03 -3.26
N VAL A 88 -3.78 11.86 -3.08
CA VAL A 88 -3.45 11.00 -4.21
C VAL A 88 -4.73 10.54 -4.92
N PHE A 89 -5.76 10.25 -4.13
CA PHE A 89 -7.05 9.81 -4.66
C PHE A 89 -7.97 10.99 -5.00
N LYS A 90 -7.45 12.22 -4.87
CA LYS A 90 -8.23 13.43 -5.14
C LYS A 90 -8.62 13.55 -6.62
N ASP A 91 -7.96 12.78 -7.48
CA ASP A 91 -8.26 12.84 -8.91
C ASP A 91 -9.46 11.95 -9.27
N GLY A 92 -10.02 11.27 -8.28
CA GLY A 92 -11.16 10.40 -8.49
C GLY A 92 -10.80 9.08 -9.17
N VAL A 93 -9.79 9.09 -10.02
CA VAL A 93 -9.34 7.88 -10.70
C VAL A 93 -8.58 6.97 -9.75
N THR A 94 -9.26 5.93 -9.28
CA THR A 94 -8.64 4.98 -8.35
C THR A 94 -7.85 3.92 -9.11
N ASN A 95 -6.77 4.34 -9.75
CA ASN A 95 -5.92 3.43 -10.51
C ASN A 95 -5.22 2.44 -9.58
N TRP A 96 -4.94 1.23 -10.07
CA TRP A 96 -4.27 0.21 -9.25
C TRP A 96 -2.93 0.74 -8.71
N GLY A 97 -2.17 1.40 -9.59
CA GLY A 97 -0.89 1.97 -9.20
C GLY A 97 -1.02 2.97 -8.04
N ARG A 98 -2.16 3.66 -7.96
CA ARG A 98 -2.40 4.64 -6.90
C ARG A 98 -2.54 3.91 -5.55
N ILE A 99 -3.17 2.75 -5.58
CA ILE A 99 -3.36 1.95 -4.37
C ILE A 99 -2.02 1.40 -3.90
N VAL A 100 -1.24 0.85 -4.83
CA VAL A 100 0.07 0.31 -4.50
C VAL A 100 1.00 1.38 -3.93
N THR A 101 0.96 2.59 -4.49
CA THR A 101 1.81 3.70 -4.01
C THR A 101 1.53 4.01 -2.54
N LEU A 102 0.24 4.06 -2.18
CA LEU A 102 -0.16 4.33 -0.80
C LEU A 102 0.44 3.28 0.16
N ILE A 103 0.33 2.01 -0.22
CA ILE A 103 0.88 0.92 0.59
C ILE A 103 2.42 0.94 0.56
N SER A 104 2.97 1.16 -0.63
CA SER A 104 4.44 1.22 -0.81
C SER A 104 5.04 2.33 0.05
N PHE A 105 4.44 3.52 -0.02
CA PHE A 105 4.90 4.65 0.76
C PHE A 105 4.79 4.32 2.25
N GLY A 106 3.64 3.79 2.65
CA GLY A 106 3.44 3.40 4.03
C GLY A 106 4.49 2.38 4.47
N ALA A 107 4.77 1.41 3.60
CA ALA A 107 5.77 0.39 3.87
C ALA A 107 7.16 1.01 3.98
N PHE A 108 7.43 2.00 3.12
CA PHE A 108 8.71 2.71 3.14
C PHE A 108 8.84 3.53 4.44
N VAL A 109 7.74 4.13 4.88
CA VAL A 109 7.72 4.89 6.12
C VAL A 109 7.99 3.95 7.29
N ALA A 110 7.48 2.71 7.18
CA ALA A 110 7.72 1.70 8.20
C ALA A 110 9.21 1.36 8.25
N LYS A 111 9.86 1.39 7.06
CA LYS A 111 11.30 1.15 6.96
C LYS A 111 12.06 2.26 7.67
N HIS A 112 11.66 3.51 7.39
CA HIS A 112 12.28 4.69 8.01
C HIS A 112 12.12 4.67 9.53
N LEU A 113 10.94 4.28 10.00
CA LEU A 113 10.66 4.20 11.43
C LEU A 113 11.45 3.06 12.07
N LYS A 114 11.51 1.92 11.38
CA LYS A 114 12.26 0.76 11.87
C LYS A 114 13.76 1.06 11.92
N SER A 115 14.22 1.98 11.06
CA SER A 115 15.63 2.37 11.03
C SER A 115 16.11 2.86 12.41
N VAL A 116 15.18 3.41 13.18
CA VAL A 116 15.47 3.88 14.53
C VAL A 116 14.70 3.04 15.56
N ASN A 117 14.18 1.90 15.10
CA ASN A 117 13.42 0.96 15.93
C ASN A 117 12.16 1.60 16.53
N GLN A 118 11.55 2.54 15.80
CA GLN A 118 10.33 3.21 16.27
C GLN A 118 9.07 2.51 15.73
N GLU A 119 9.01 1.18 15.91
CA GLU A 119 7.87 0.38 15.44
C GLU A 119 6.57 0.77 16.15
N SER A 120 6.69 1.40 17.31
CA SER A 120 5.55 1.84 18.10
C SER A 120 4.63 2.78 17.30
N PHE A 121 5.18 3.44 16.29
CA PHE A 121 4.39 4.34 15.45
C PHE A 121 3.88 3.62 14.19
N ILE A 122 4.57 2.53 13.83
CA ILE A 122 4.19 1.74 12.67
C ILE A 122 2.86 1.02 12.91
N GLU A 123 2.65 0.58 14.15
CA GLU A 123 1.40 -0.13 14.50
C GLU A 123 0.15 0.72 14.15
N PRO A 124 0.02 1.95 14.73
CA PRO A 124 -1.13 2.81 14.42
C PRO A 124 -1.11 3.30 12.97
N LEU A 125 0.08 3.42 12.38
CA LEU A 125 0.21 3.87 10.99
C LEU A 125 -0.29 2.81 10.01
N ALA A 126 0.26 1.60 10.11
CA ALA A 126 -0.12 0.50 9.22
C ALA A 126 -1.63 0.23 9.27
N GLU A 127 -2.20 0.28 10.47
CA GLU A 127 -3.64 0.06 10.62
C GLU A 127 -4.44 1.24 10.09
N THR A 128 -3.91 2.46 10.27
CA THR A 128 -4.59 3.67 9.77
C THR A 128 -4.64 3.64 8.24
N ILE A 129 -3.50 3.34 7.61
CA ILE A 129 -3.43 3.25 6.16
C ILE A 129 -4.45 2.24 5.62
N THR A 130 -4.38 1.02 6.14
CA THR A 130 -5.28 -0.06 5.72
C THR A 130 -6.75 0.30 5.94
N ASP A 131 -7.07 0.82 7.13
CA ASP A 131 -8.44 1.20 7.45
C ASP A 131 -8.97 2.23 6.44
N VAL A 132 -8.21 3.30 6.24
CA VAL A 132 -8.61 4.34 5.29
C VAL A 132 -8.62 3.79 3.85
N LEU A 133 -7.61 3.01 3.49
CA LEU A 133 -7.51 2.44 2.15
C LEU A 133 -8.73 1.59 1.79
N VAL A 134 -9.16 0.74 2.70
CA VAL A 134 -10.34 -0.11 2.43
C VAL A 134 -11.64 0.68 2.62
N ARG A 135 -11.73 1.51 3.66
CA ARG A 135 -12.95 2.29 3.92
C ARG A 135 -13.26 3.30 2.80
N THR A 136 -12.22 3.82 2.14
CA THR A 136 -12.41 4.80 1.06
C THR A 136 -12.98 4.19 -0.22
N LYS A 137 -12.51 3.00 -0.58
CA LYS A 137 -12.97 2.34 -1.80
C LYS A 137 -13.06 0.81 -1.64
N ARG A 138 -13.81 0.36 -0.64
CA ARG A 138 -13.98 -1.08 -0.40
C ARG A 138 -14.71 -1.76 -1.57
N ASP A 139 -15.76 -1.11 -2.06
CA ASP A 139 -16.57 -1.67 -3.15
C ASP A 139 -15.87 -1.59 -4.51
N TRP A 140 -14.96 -0.64 -4.67
CA TRP A 140 -14.24 -0.52 -5.95
C TRP A 140 -13.40 -1.77 -6.18
N LEU A 141 -12.64 -2.17 -5.16
CA LEU A 141 -11.79 -3.35 -5.28
C LEU A 141 -12.61 -4.66 -5.34
N VAL A 142 -13.65 -4.79 -4.51
CA VAL A 142 -14.47 -6.02 -4.51
C VAL A 142 -15.22 -6.19 -5.85
N LYS A 143 -15.65 -5.08 -6.45
CA LYS A 143 -16.34 -5.14 -7.74
C LYS A 143 -15.38 -5.66 -8.81
N GLN A 144 -14.09 -5.41 -8.58
CA GLN A 144 -13.04 -5.86 -9.47
C GLN A 144 -12.30 -7.05 -8.84
N ARG A 145 -13.06 -7.85 -8.06
CA ARG A 145 -12.54 -9.05 -7.36
C ARG A 145 -11.75 -8.69 -6.10
N GLY A 146 -10.67 -7.93 -6.25
CA GLY A 146 -9.85 -7.57 -5.11
C GLY A 146 -8.43 -8.10 -5.21
N TRP A 147 -8.06 -8.99 -4.28
CA TRP A 147 -6.72 -9.55 -4.27
C TRP A 147 -6.45 -10.40 -5.51
N ASP A 148 -7.46 -11.12 -5.98
CA ASP A 148 -7.35 -11.94 -7.18
C ASP A 148 -6.98 -11.07 -8.39
N GLY A 149 -7.75 -10.01 -8.59
CA GLY A 149 -7.50 -9.10 -9.69
C GLY A 149 -6.22 -8.30 -9.48
N PHE A 150 -5.97 -7.89 -8.25
CA PHE A 150 -4.77 -7.13 -7.89
C PHE A 150 -3.50 -7.89 -8.30
N VAL A 151 -3.40 -9.14 -7.87
CA VAL A 151 -2.24 -9.96 -8.19
C VAL A 151 -2.19 -10.31 -9.68
N GLU A 152 -3.35 -10.44 -10.32
CA GLU A 152 -3.40 -10.75 -11.75
C GLU A 152 -2.98 -9.55 -12.59
N PHE A 153 -3.29 -8.34 -12.11
CA PHE A 153 -2.94 -7.10 -12.82
C PHE A 153 -1.42 -6.92 -12.91
N PHE A 154 -0.70 -7.38 -11.89
CA PHE A 154 0.76 -7.27 -11.88
C PHE A 154 1.43 -8.60 -12.24
N HIS A 155 0.64 -9.67 -12.29
CA HIS A 155 1.15 -11.00 -12.63
C HIS A 155 0.17 -11.73 -13.55
N VAL A 156 0.05 -11.28 -14.79
CA VAL A 156 -0.85 -11.90 -15.75
C VAL A 156 -0.35 -13.29 -16.16
N GLN A 157 -0.91 -14.32 -15.54
CA GLN A 157 -0.52 -15.69 -15.83
C GLN A 157 -1.29 -16.26 -17.03
N ASP A 158 -0.56 -16.63 -18.07
CA ASP A 158 -1.17 -17.19 -19.28
C ASP A 158 -0.91 -18.70 -19.37
N LEU A 159 0.37 -19.07 -19.36
CA LEU A 159 0.76 -20.47 -19.45
C LEU A 159 1.33 -20.94 -18.10
N GLU A 160 1.75 -19.99 -17.28
CA GLU A 160 2.34 -20.27 -15.97
C GLU A 160 1.26 -20.54 -14.90
N GLY A 161 0.03 -20.71 -15.35
CA GLY A 161 -1.07 -20.96 -14.41
C GLY A 161 -1.52 -22.42 -14.42
N GLY A 162 -0.65 -23.31 -14.90
CA GLY A 162 -0.99 -24.73 -14.95
C GLY A 162 0.24 -25.62 -14.85
N GLU B 1 -3.05 25.48 -0.62
CA GLU B 1 -3.42 25.26 0.80
C GLU B 1 -2.45 24.27 1.48
N GLU B 2 -2.68 22.98 1.31
CA GLU B 2 -1.80 21.97 1.90
C GLU B 2 -0.61 21.72 1.00
N GLU B 3 0.20 22.75 0.81
CA GLU B 3 1.39 22.71 -0.06
C GLU B 3 2.19 21.42 0.06
N TRP B 4 2.54 21.03 1.28
CA TRP B 4 3.33 19.81 1.51
C TRP B 4 2.55 18.55 1.12
N ALA B 5 1.30 18.46 1.57
CA ALA B 5 0.45 17.30 1.30
C ALA B 5 0.09 17.18 -0.19
N ARG B 6 -0.22 18.30 -0.84
CA ARG B 6 -0.57 18.27 -2.26
C ARG B 6 0.68 18.00 -3.11
N GLU B 7 1.84 18.47 -2.63
CA GLU B 7 3.11 18.23 -3.33
C GLU B 7 3.38 16.73 -3.34
N ILE B 8 3.33 16.11 -2.16
CA ILE B 8 3.53 14.68 -2.02
C ILE B 8 2.47 13.92 -2.82
N GLY B 9 1.22 14.39 -2.73
CA GLY B 9 0.12 13.77 -3.45
C GLY B 9 0.34 13.73 -4.95
N ALA B 10 0.76 14.86 -5.53
CA ALA B 10 1.01 14.94 -6.97
C ALA B 10 2.23 14.07 -7.36
N GLN B 11 3.25 14.10 -6.50
CA GLN B 11 4.46 13.30 -6.72
C GLN B 11 4.11 11.82 -6.79
N LEU B 12 3.43 11.33 -5.75
CA LEU B 12 3.01 9.93 -5.69
C LEU B 12 2.05 9.62 -6.83
N ARG B 13 1.15 10.57 -7.13
CA ARG B 13 0.20 10.41 -8.23
C ARG B 13 0.92 10.15 -9.56
N ARG B 14 1.92 10.99 -9.85
CA ARG B 14 2.72 10.85 -11.08
C ARG B 14 3.38 9.47 -11.14
N ILE B 15 3.89 9.03 -9.99
CA ILE B 15 4.54 7.72 -9.87
C ILE B 15 3.52 6.59 -10.08
N ALA B 16 2.43 6.70 -9.34
CA ALA B 16 1.36 5.71 -9.39
C ALA B 16 0.80 5.55 -10.80
N ASP B 17 0.55 6.68 -11.46
CA ASP B 17 0.03 6.65 -12.82
C ASP B 17 1.06 6.07 -13.79
N ASP B 18 2.33 6.43 -13.63
CA ASP B 18 3.38 5.91 -14.50
C ASP B 18 3.48 4.39 -14.30
N LEU B 19 3.50 3.96 -13.03
CA LEU B 19 3.56 2.55 -12.69
C LEU B 19 2.32 1.81 -13.21
N ASN B 20 1.15 2.36 -12.92
CA ASN B 20 -0.12 1.79 -13.33
C ASN B 20 -0.23 1.67 -14.85
N ALA B 21 0.07 2.76 -15.56
CA ALA B 21 -0.02 2.79 -17.02
C ALA B 21 0.86 1.70 -17.67
N GLN B 22 2.01 1.42 -17.07
CA GLN B 22 2.92 0.39 -17.58
C GLN B 22 2.19 -0.92 -17.88
N TYR B 23 1.37 -1.38 -16.94
CA TYR B 23 0.60 -2.62 -17.11
C TYR B 23 -0.78 -2.38 -17.71
N GLU B 24 -1.43 -1.29 -17.26
CA GLU B 24 -2.78 -0.95 -17.73
C GLU B 24 -2.84 -0.78 -19.25
N ARG B 25 -1.89 -0.04 -19.81
CA ARG B 25 -1.87 0.20 -21.24
C ARG B 25 -0.79 -0.64 -21.95
N ARG B 26 -0.55 -1.84 -21.44
CA ARG B 26 0.46 -2.72 -22.05
C ARG B 26 -0.12 -3.49 -23.23
N MET B 27 0.75 -3.93 -24.13
CA MET B 27 0.31 -4.70 -25.30
C MET B 27 0.33 -6.20 -25.00
N GLY A 1 -19.08 -8.82 15.47
CA GLY A 1 -19.80 -10.03 15.99
C GLY A 1 -19.88 -11.13 14.94
N PRO A 2 -21.07 -11.33 14.34
CA PRO A 2 -21.26 -12.36 13.30
C PRO A 2 -20.69 -11.94 11.93
N LEU A 3 -20.85 -12.82 10.95
CA LEU A 3 -20.35 -12.56 9.59
C LEU A 3 -20.95 -11.28 8.99
N GLY A 4 -22.19 -10.96 9.37
CA GLY A 4 -22.85 -9.76 8.86
C GLY A 4 -22.27 -8.47 9.45
N SER A 5 -21.25 -8.60 10.29
CA SER A 5 -20.60 -7.44 10.92
C SER A 5 -19.09 -7.47 10.74
N GLU A 6 -18.56 -8.62 10.33
CA GLU A 6 -17.13 -8.77 10.14
C GLU A 6 -16.74 -8.66 8.67
N ASP A 7 -15.62 -7.98 8.42
CA ASP A 7 -15.15 -7.79 7.06
C ASP A 7 -13.92 -8.68 6.79
N ASP A 8 -14.13 -9.74 6.00
CA ASP A 8 -13.05 -10.67 5.64
C ASP A 8 -11.95 -9.96 4.86
N LEU A 9 -12.36 -9.07 3.96
CA LEU A 9 -11.42 -8.30 3.16
C LEU A 9 -10.60 -7.38 4.06
N TYR A 10 -11.29 -6.65 4.93
CA TYR A 10 -10.63 -5.72 5.87
C TYR A 10 -9.70 -6.46 6.83
N ARG A 11 -10.21 -7.49 7.49
CA ARG A 11 -9.42 -8.27 8.45
C ARG A 11 -8.14 -8.83 7.79
N GLN A 12 -8.31 -9.45 6.61
CA GLN A 12 -7.19 -10.03 5.88
C GLN A 12 -6.25 -8.97 5.31
N SER A 13 -6.79 -7.94 4.63
CA SER A 13 -5.96 -6.87 4.07
C SER A 13 -5.11 -6.21 5.15
N LEU A 14 -5.73 -5.99 6.33
CA LEU A 14 -5.03 -5.39 7.46
C LEU A 14 -3.78 -6.19 7.82
N GLU A 15 -3.97 -7.50 8.02
CA GLU A 15 -2.84 -8.37 8.37
C GLU A 15 -1.86 -8.52 7.20
N ILE A 16 -2.38 -8.75 5.99
CA ILE A 16 -1.53 -8.90 4.80
C ILE A 16 -0.59 -7.70 4.63
N ILE A 17 -1.14 -6.49 4.75
CA ILE A 17 -0.36 -5.26 4.65
C ILE A 17 0.59 -5.16 5.85
N SER A 18 0.06 -5.44 7.05
CA SER A 18 0.87 -5.40 8.28
C SER A 18 2.07 -6.33 8.17
N ARG A 19 1.85 -7.49 7.57
CA ARG A 19 2.92 -8.47 7.38
C ARG A 19 4.05 -7.88 6.53
N TYR A 20 3.72 -7.43 5.32
CA TYR A 20 4.73 -6.84 4.43
C TYR A 20 5.41 -5.64 5.10
N LEU A 21 4.63 -4.85 5.83
CA LEU A 21 5.17 -3.67 6.53
C LEU A 21 6.17 -4.08 7.61
N ARG A 22 5.76 -4.98 8.50
CA ARG A 22 6.62 -5.45 9.59
C ARG A 22 7.90 -6.11 9.05
N GLU A 23 7.77 -6.94 8.03
CA GLU A 23 8.92 -7.59 7.42
C GLU A 23 9.85 -6.54 6.79
N GLN A 24 9.26 -5.55 6.11
CA GLN A 24 10.05 -4.48 5.48
C GLN A 24 10.74 -3.59 6.52
N ALA A 25 10.05 -3.33 7.62
CA ALA A 25 10.61 -2.49 8.68
C ALA A 25 11.71 -3.20 9.46
N THR A 26 11.59 -4.51 9.60
CA THR A 26 12.59 -5.29 10.34
C THR A 26 13.70 -5.84 9.43
N GLY A 27 13.52 -5.72 8.12
CA GLY A 27 14.52 -6.22 7.19
C GLY A 27 14.35 -7.71 6.91
N SER A 28 13.11 -8.17 6.99
CA SER A 28 12.78 -9.57 6.77
C SER A 28 12.30 -9.78 5.33
N LYS A 29 13.16 -10.39 4.52
CA LYS A 29 12.84 -10.66 3.11
C LYS A 29 12.02 -11.95 2.97
N ASP A 30 12.00 -12.76 4.02
CA ASP A 30 11.28 -14.02 4.01
C ASP A 30 9.76 -13.79 4.04
N SER A 31 9.04 -14.44 3.12
CA SER A 31 7.59 -14.30 3.08
C SER A 31 6.91 -15.33 3.99
N LYS A 32 6.43 -14.87 5.14
CA LYS A 32 5.76 -15.76 6.09
C LYS A 32 4.47 -16.33 5.52
N PRO A 33 4.39 -17.68 5.40
CA PRO A 33 3.24 -18.40 4.84
C PRO A 33 1.89 -17.86 5.30
N LEU A 34 1.16 -17.24 4.38
CA LEU A 34 -0.16 -16.66 4.68
C LEU A 34 -1.26 -17.71 4.70
N GLY A 35 -0.92 -18.92 5.16
CA GLY A 35 -1.90 -19.99 5.25
C GLY A 35 -3.07 -19.64 6.15
N GLU A 36 -2.83 -18.75 7.10
CA GLU A 36 -3.87 -18.30 8.02
C GLU A 36 -4.63 -17.11 7.43
N ALA A 37 -3.94 -16.30 6.64
CA ALA A 37 -4.55 -15.13 6.01
C ALA A 37 -5.53 -15.57 4.91
N GLY A 38 -5.07 -16.42 4.01
CA GLY A 38 -5.94 -16.87 2.93
C GLY A 38 -5.18 -17.51 1.77
N ALA A 39 -5.91 -17.97 0.76
CA ALA A 39 -5.29 -18.59 -0.40
C ALA A 39 -4.63 -17.53 -1.30
N ALA A 40 -5.35 -16.43 -1.52
CA ALA A 40 -4.85 -15.34 -2.34
C ALA A 40 -3.82 -14.49 -1.59
N GLY A 41 -3.76 -14.64 -0.27
CA GLY A 41 -2.83 -13.87 0.55
C GLY A 41 -1.38 -14.08 0.16
N ARG A 42 -1.02 -15.34 -0.08
CA ARG A 42 0.36 -15.69 -0.46
C ARG A 42 0.75 -14.98 -1.76
N ARG A 43 -0.13 -15.06 -2.75
CA ARG A 43 0.10 -14.39 -4.04
C ARG A 43 0.12 -12.88 -3.86
N ALA A 44 -0.79 -12.39 -3.01
CA ALA A 44 -0.90 -10.96 -2.73
C ALA A 44 0.39 -10.42 -2.14
N LEU A 45 0.98 -11.19 -1.22
CA LEU A 45 2.23 -10.79 -0.59
C LEU A 45 3.36 -10.68 -1.61
N GLU A 46 3.56 -11.74 -2.42
CA GLU A 46 4.62 -11.71 -3.44
C GLU A 46 4.34 -10.61 -4.47
N THR A 47 3.07 -10.45 -4.85
CA THR A 47 2.68 -9.43 -5.83
C THR A 47 2.98 -8.04 -5.27
N LEU A 48 2.51 -7.78 -4.06
CA LEU A 48 2.75 -6.49 -3.40
C LEU A 48 4.24 -6.24 -3.19
N ARG A 49 4.98 -7.30 -2.90
CA ARG A 49 6.43 -7.19 -2.71
C ARG A 49 7.13 -6.88 -4.02
N ARG A 50 6.80 -7.63 -5.06
CA ARG A 50 7.40 -7.46 -6.38
C ARG A 50 7.25 -6.03 -6.89
N VAL A 51 6.02 -5.55 -6.92
CA VAL A 51 5.77 -4.19 -7.39
C VAL A 51 6.16 -3.15 -6.35
N GLY A 52 5.77 -3.38 -5.10
CA GLY A 52 6.09 -2.44 -4.03
C GLY A 52 7.58 -2.13 -3.94
N ASP A 53 8.41 -3.16 -3.83
CA ASP A 53 9.85 -2.98 -3.75
C ASP A 53 10.39 -2.42 -5.07
N GLY A 54 9.81 -2.87 -6.19
CA GLY A 54 10.23 -2.38 -7.50
C GLY A 54 10.07 -0.87 -7.62
N VAL A 55 8.88 -0.36 -7.28
CA VAL A 55 8.60 1.08 -7.34
C VAL A 55 9.55 1.85 -6.41
N GLN A 56 9.81 1.28 -5.23
CA GLN A 56 10.72 1.89 -4.26
C GLN A 56 12.11 2.10 -4.86
N ARG A 57 12.52 1.15 -5.72
CA ARG A 57 13.83 1.21 -6.37
C ARG A 57 13.84 2.15 -7.58
N ASN A 58 12.86 2.02 -8.49
CA ASN A 58 12.83 2.87 -9.69
C ASN A 58 12.42 4.32 -9.37
N HIS A 59 11.61 4.52 -8.34
CA HIS A 59 11.19 5.86 -7.95
C HIS A 59 11.72 6.24 -6.56
N GLU A 60 12.96 5.82 -6.30
CA GLU A 60 13.63 6.07 -5.03
C GLU A 60 13.69 7.55 -4.67
N THR A 61 14.25 8.36 -5.57
CA THR A 61 14.39 9.81 -5.34
C THR A 61 13.04 10.47 -5.00
N ALA A 62 11.98 10.05 -5.68
CA ALA A 62 10.65 10.59 -5.42
C ALA A 62 10.12 10.12 -4.08
N PHE A 63 10.38 8.86 -3.74
CA PHE A 63 9.92 8.29 -2.47
C PHE A 63 10.69 8.86 -1.27
N GLN A 64 12.02 8.85 -1.34
CA GLN A 64 12.82 9.40 -0.26
C GLN A 64 12.62 10.91 -0.15
N GLY A 65 12.31 11.55 -1.29
CA GLY A 65 12.03 12.97 -1.30
C GLY A 65 10.78 13.31 -0.50
N MET A 66 9.73 12.53 -0.70
CA MET A 66 8.50 12.73 0.06
C MET A 66 8.66 12.20 1.50
N LEU A 67 9.40 11.10 1.64
CA LEU A 67 9.65 10.48 2.96
C LEU A 67 10.41 11.42 3.90
N ARG A 68 11.38 12.17 3.36
CA ARG A 68 12.17 13.10 4.18
C ARG A 68 11.32 14.29 4.65
N LYS A 69 10.21 14.54 3.96
CA LYS A 69 9.33 15.64 4.32
C LYS A 69 8.16 15.14 5.18
N LEU A 70 7.80 13.88 5.01
CA LEU A 70 6.71 13.29 5.78
C LEU A 70 7.26 12.53 6.98
N ASP A 71 7.52 13.26 8.07
CA ASP A 71 8.05 12.67 9.29
C ASP A 71 6.91 12.26 10.24
N ILE A 72 6.99 11.02 10.74
CA ILE A 72 5.97 10.52 11.67
C ILE A 72 6.52 10.43 13.09
N LYS A 73 6.09 11.33 13.96
CA LYS A 73 6.55 11.35 15.34
C LYS A 73 5.44 10.95 16.30
N ASN A 74 4.23 11.45 16.04
CA ASN A 74 3.08 11.15 16.89
C ASN A 74 1.82 10.89 16.07
N GLU A 75 0.69 10.68 16.76
CA GLU A 75 -0.58 10.43 16.09
C GLU A 75 -0.98 11.59 15.18
N GLY A 76 -0.54 12.81 15.54
CA GLY A 76 -0.85 13.98 14.75
C GLY A 76 -0.32 13.90 13.31
N ASP A 77 0.77 13.14 13.13
CA ASP A 77 1.36 12.97 11.81
C ASP A 77 0.60 11.90 11.01
N VAL A 78 0.08 10.90 11.71
CA VAL A 78 -0.67 9.81 11.09
C VAL A 78 -1.91 10.33 10.35
N LYS A 79 -2.64 11.24 11.00
CA LYS A 79 -3.86 11.83 10.41
C LYS A 79 -3.57 12.47 9.05
N SER A 80 -2.47 13.22 8.96
CA SER A 80 -2.09 13.88 7.72
C SER A 80 -1.72 12.86 6.64
N PHE A 81 -1.08 11.77 7.05
CA PHE A 81 -0.71 10.70 6.12
C PHE A 81 -1.96 10.14 5.44
N SER A 82 -2.99 9.88 6.24
CA SER A 82 -4.27 9.38 5.71
C SER A 82 -4.84 10.36 4.70
N ARG A 83 -4.69 11.67 4.99
CA ARG A 83 -5.16 12.71 4.08
C ARG A 83 -4.37 12.70 2.77
N VAL A 84 -3.08 12.36 2.85
CA VAL A 84 -2.23 12.26 1.66
C VAL A 84 -2.81 11.21 0.70
N MET A 85 -3.19 10.07 1.27
CA MET A 85 -3.79 8.99 0.49
C MET A 85 -5.05 9.48 -0.20
N VAL A 86 -5.85 10.27 0.54
CA VAL A 86 -7.07 10.86 0.01
C VAL A 86 -6.74 11.79 -1.17
N HIS A 87 -5.57 12.45 -1.08
CA HIS A 87 -5.11 13.36 -2.14
C HIS A 87 -4.83 12.60 -3.44
N VAL A 88 -4.28 11.40 -3.32
CA VAL A 88 -4.01 10.56 -4.50
C VAL A 88 -5.33 10.10 -5.13
N PHE A 89 -6.33 9.86 -4.28
CA PHE A 89 -7.65 9.43 -4.76
C PHE A 89 -8.54 10.63 -5.08
N LYS A 90 -8.00 11.84 -4.88
CA LYS A 90 -8.73 13.09 -5.16
C LYS A 90 -9.14 13.18 -6.63
N ASP A 91 -8.42 12.45 -7.49
CA ASP A 91 -8.71 12.42 -8.91
C ASP A 91 -10.02 11.66 -9.18
N GLY A 92 -10.52 10.94 -8.18
CA GLY A 92 -11.77 10.19 -8.32
C GLY A 92 -11.59 8.83 -8.97
N VAL A 93 -10.59 8.71 -9.85
CA VAL A 93 -10.32 7.46 -10.55
C VAL A 93 -9.58 6.46 -9.67
N THR A 94 -10.17 5.29 -9.49
CA THR A 94 -9.55 4.24 -8.69
C THR A 94 -8.76 3.28 -9.57
N ASN A 95 -7.47 3.16 -9.29
CA ASN A 95 -6.61 2.28 -10.07
C ASN A 95 -5.74 1.41 -9.14
N TRP A 96 -5.32 0.24 -9.63
CA TRP A 96 -4.50 -0.66 -8.84
C TRP A 96 -3.13 -0.05 -8.54
N GLY A 97 -2.60 0.69 -9.51
CA GLY A 97 -1.30 1.35 -9.34
C GLY A 97 -1.29 2.37 -8.20
N ARG A 98 -2.40 3.07 -8.00
CA ARG A 98 -2.49 4.07 -6.93
C ARG A 98 -2.48 3.39 -5.56
N ILE A 99 -3.26 2.33 -5.43
CA ILE A 99 -3.33 1.59 -4.18
C ILE A 99 -1.95 1.05 -3.78
N VAL A 100 -1.24 0.41 -4.72
CA VAL A 100 0.08 -0.13 -4.43
C VAL A 100 1.10 0.99 -4.17
N THR A 101 0.94 2.14 -4.84
CA THR A 101 1.85 3.28 -4.63
C THR A 101 1.76 3.75 -3.18
N LEU A 102 0.52 3.79 -2.66
CA LEU A 102 0.28 4.19 -1.27
C LEU A 102 0.87 3.17 -0.30
N ILE A 103 0.65 1.88 -0.59
CA ILE A 103 1.18 0.80 0.27
C ILE A 103 2.71 0.78 0.21
N SER A 104 3.28 0.89 -0.99
CA SER A 104 4.73 0.92 -1.16
C SER A 104 5.33 2.08 -0.37
N PHE A 105 4.68 3.25 -0.46
CA PHE A 105 5.13 4.42 0.28
C PHE A 105 4.95 4.16 1.79
N GLY A 106 3.83 3.53 2.14
CA GLY A 106 3.58 3.18 3.53
C GLY A 106 4.67 2.29 4.10
N ALA A 107 5.14 1.34 3.29
CA ALA A 107 6.21 0.44 3.69
C ALA A 107 7.50 1.23 3.93
N PHE A 108 7.75 2.20 3.05
CA PHE A 108 8.92 3.07 3.17
C PHE A 108 8.86 3.84 4.49
N VAL A 109 7.68 4.35 4.80
CA VAL A 109 7.44 5.09 6.04
C VAL A 109 7.54 4.14 7.23
N ALA A 110 7.01 2.93 7.06
CA ALA A 110 7.05 1.90 8.12
C ALA A 110 8.49 1.58 8.52
N LYS A 111 9.34 1.28 7.53
CA LYS A 111 10.74 0.99 7.82
C LYS A 111 11.44 2.25 8.32
N HIS A 112 10.98 3.42 7.85
CA HIS A 112 11.54 4.69 8.30
C HIS A 112 11.27 4.87 9.80
N LEU A 113 10.11 4.38 10.24
CA LEU A 113 9.73 4.46 11.65
C LEU A 113 10.64 3.54 12.49
N LYS A 114 10.87 2.32 12.00
CA LYS A 114 11.73 1.37 12.70
C LYS A 114 13.17 1.92 12.83
N SER A 115 13.57 2.74 11.86
CA SER A 115 14.91 3.36 11.89
C SER A 115 15.10 4.18 13.17
N VAL A 116 13.99 4.65 13.73
CA VAL A 116 14.00 5.44 14.96
C VAL A 116 13.32 4.64 16.10
N ASN A 117 13.14 3.34 15.85
CA ASN A 117 12.49 2.42 16.80
C ASN A 117 11.09 2.90 17.18
N GLN A 118 10.24 3.11 16.18
CA GLN A 118 8.87 3.56 16.41
C GLN A 118 7.83 2.53 15.94
N GLU A 119 8.09 1.25 16.18
CA GLU A 119 7.16 0.16 15.79
C GLU A 119 5.74 0.42 16.30
N SER A 120 5.64 1.09 17.45
CA SER A 120 4.34 1.42 18.07
C SER A 120 3.50 2.33 17.14
N PHE A 121 4.14 2.87 16.12
CA PHE A 121 3.47 3.72 15.14
C PHE A 121 3.25 2.95 13.83
N ILE A 122 4.02 1.89 13.63
CA ILE A 122 3.92 1.06 12.43
C ILE A 122 2.60 0.30 12.40
N GLU A 123 2.28 -0.37 13.52
CA GLU A 123 1.03 -1.12 13.63
C GLU A 123 -0.19 -0.25 13.26
N PRO A 124 -0.37 0.94 13.92
CA PRO A 124 -1.47 1.85 13.59
C PRO A 124 -1.36 2.40 12.17
N LEU A 125 -0.13 2.57 11.67
CA LEU A 125 0.10 3.06 10.31
C LEU A 125 -0.43 2.04 9.30
N ALA A 126 -0.05 0.78 9.48
CA ALA A 126 -0.50 -0.30 8.60
C ALA A 126 -2.02 -0.39 8.63
N GLU A 127 -2.59 -0.19 9.82
CA GLU A 127 -4.04 -0.21 10.00
C GLU A 127 -4.67 0.98 9.27
N THR A 128 -4.11 2.17 9.51
CA THR A 128 -4.59 3.42 8.89
C THR A 128 -4.54 3.33 7.37
N ILE A 129 -3.38 2.96 6.83
CA ILE A 129 -3.22 2.83 5.38
C ILE A 129 -4.28 1.91 4.79
N THR A 130 -4.41 0.72 5.39
CA THR A 130 -5.39 -0.26 4.94
C THR A 130 -6.81 0.28 5.07
N ASP A 131 -7.12 0.89 6.22
CA ASP A 131 -8.44 1.46 6.47
C ASP A 131 -8.79 2.51 5.41
N VAL A 132 -7.89 3.47 5.21
CA VAL A 132 -8.10 4.53 4.22
C VAL A 132 -8.18 3.97 2.80
N LEU A 133 -7.44 2.89 2.54
CA LEU A 133 -7.43 2.25 1.23
C LEU A 133 -8.73 1.48 0.94
N VAL A 134 -9.17 0.69 1.92
CA VAL A 134 -10.39 -0.12 1.75
C VAL A 134 -11.66 0.74 1.89
N ARG A 135 -11.64 1.72 2.78
CA ARG A 135 -12.79 2.59 3.00
C ARG A 135 -13.01 3.62 1.89
N THR A 136 -11.93 4.15 1.31
CA THR A 136 -12.06 5.15 0.24
C THR A 136 -12.83 4.62 -0.99
N LYS A 137 -12.64 3.35 -1.33
CA LYS A 137 -13.33 2.75 -2.47
C LYS A 137 -13.57 1.25 -2.26
N ARG A 138 -14.48 0.90 -1.37
CA ARG A 138 -14.78 -0.51 -1.07
C ARG A 138 -15.36 -1.25 -2.29
N ASP A 139 -16.32 -0.63 -2.98
CA ASP A 139 -16.96 -1.23 -4.15
C ASP A 139 -15.96 -1.54 -5.26
N TRP A 140 -14.88 -0.76 -5.36
CA TRP A 140 -13.87 -0.97 -6.39
C TRP A 140 -13.09 -2.26 -6.13
N LEU A 141 -12.81 -2.54 -4.85
CA LEU A 141 -12.09 -3.75 -4.47
C LEU A 141 -12.92 -5.00 -4.74
N VAL A 142 -14.18 -4.98 -4.29
CA VAL A 142 -15.10 -6.10 -4.47
C VAL A 142 -15.30 -6.44 -5.96
N LYS A 143 -15.46 -5.41 -6.79
CA LYS A 143 -15.66 -5.60 -8.23
C LYS A 143 -14.42 -6.21 -8.90
N GLN A 144 -13.25 -6.06 -8.28
CA GLN A 144 -12.01 -6.59 -8.82
C GLN A 144 -11.55 -7.85 -8.08
N ARG A 145 -12.48 -8.53 -7.40
CA ARG A 145 -12.18 -9.76 -6.64
C ARG A 145 -11.14 -9.55 -5.53
N GLY A 146 -10.98 -8.30 -5.10
CA GLY A 146 -10.02 -8.00 -4.04
C GLY A 146 -8.59 -8.41 -4.38
N TRP A 147 -7.98 -9.22 -3.51
CA TRP A 147 -6.61 -9.68 -3.71
C TRP A 147 -6.49 -10.63 -4.91
N ASP A 148 -7.56 -11.37 -5.20
CA ASP A 148 -7.58 -12.31 -6.32
C ASP A 148 -7.31 -11.57 -7.65
N GLY A 149 -8.12 -10.54 -7.93
CA GLY A 149 -7.93 -9.77 -9.14
C GLY A 149 -6.61 -9.01 -9.10
N PHE A 150 -6.25 -8.54 -7.90
CA PHE A 150 -4.99 -7.81 -7.70
C PHE A 150 -3.78 -8.65 -8.14
N VAL A 151 -3.65 -9.85 -7.59
CA VAL A 151 -2.54 -10.73 -7.93
C VAL A 151 -2.59 -11.18 -9.40
N GLU A 152 -3.79 -11.23 -9.95
CA GLU A 152 -3.98 -11.63 -11.34
C GLU A 152 -3.46 -10.55 -12.31
N PHE A 153 -3.94 -9.31 -12.14
CA PHE A 153 -3.53 -8.21 -13.01
C PHE A 153 -2.14 -7.67 -12.66
N PHE A 154 -1.78 -7.69 -11.38
CA PHE A 154 -0.50 -7.13 -10.95
C PHE A 154 0.62 -8.17 -10.84
N HIS A 155 0.43 -9.38 -11.36
CA HIS A 155 1.48 -10.40 -11.28
C HIS A 155 1.28 -11.51 -12.32
N VAL A 156 2.22 -11.60 -13.25
CA VAL A 156 2.18 -12.64 -14.28
C VAL A 156 2.57 -14.00 -13.69
N GLN A 157 2.42 -15.07 -14.47
CA GLN A 157 2.77 -16.41 -14.00
C GLN A 157 4.18 -16.81 -14.47
N ASP A 158 5.17 -16.06 -14.02
CA ASP A 158 6.56 -16.33 -14.38
C ASP A 158 7.13 -17.51 -13.58
N LEU A 159 6.67 -17.65 -12.34
CA LEU A 159 7.13 -18.74 -11.48
C LEU A 159 6.22 -19.97 -11.61
N GLU A 160 5.08 -19.81 -12.29
CA GLU A 160 4.12 -20.89 -12.47
C GLU A 160 3.92 -21.23 -13.95
N GLY A 161 4.88 -20.82 -14.79
CA GLY A 161 4.78 -21.08 -16.22
C GLY A 161 5.31 -22.45 -16.61
N GLY A 162 5.00 -23.45 -15.80
CA GLY A 162 5.46 -24.80 -16.07
C GLY A 162 5.83 -25.55 -14.80
N GLU B 1 2.37 26.74 3.82
CA GLU B 1 1.95 26.00 5.04
C GLU B 1 1.74 24.52 4.74
N GLU B 2 1.15 24.22 3.58
CA GLU B 2 0.90 22.84 3.18
C GLU B 2 1.95 22.38 2.15
N GLU B 3 3.19 22.79 2.36
CA GLU B 3 4.30 22.41 1.48
C GLU B 3 4.42 20.89 1.36
N TRP B 4 4.03 20.19 2.41
CA TRP B 4 4.06 18.74 2.44
C TRP B 4 2.89 18.14 1.65
N ALA B 5 1.73 18.78 1.71
CA ALA B 5 0.55 18.29 1.00
C ALA B 5 0.69 18.43 -0.51
N ARG B 6 1.31 19.53 -0.94
CA ARG B 6 1.51 19.78 -2.36
C ARG B 6 2.63 18.93 -2.95
N GLU B 7 3.84 19.05 -2.37
CA GLU B 7 5.01 18.29 -2.85
C GLU B 7 4.78 16.78 -2.81
N ILE B 8 4.38 16.27 -1.65
CA ILE B 8 4.14 14.84 -1.50
C ILE B 8 2.91 14.42 -2.33
N GLY B 9 1.85 15.22 -2.27
CA GLY B 9 0.64 14.91 -3.02
C GLY B 9 0.89 14.85 -4.53
N ALA B 10 1.59 15.84 -5.08
CA ALA B 10 1.88 15.87 -6.51
C ALA B 10 2.83 14.75 -6.93
N GLN B 11 3.87 14.52 -6.14
CA GLN B 11 4.84 13.47 -6.44
C GLN B 11 4.24 12.07 -6.34
N LEU B 12 3.48 11.80 -5.27
CA LEU B 12 2.84 10.49 -5.09
C LEU B 12 1.92 10.20 -6.26
N ARG B 13 1.17 11.23 -6.68
CA ARG B 13 0.26 11.11 -7.82
C ARG B 13 1.03 10.75 -9.09
N ARG B 14 2.15 11.43 -9.31
CA ARG B 14 2.99 11.20 -10.48
C ARG B 14 3.42 9.73 -10.57
N ILE B 15 3.89 9.18 -9.45
CA ILE B 15 4.31 7.78 -9.41
C ILE B 15 3.14 6.84 -9.69
N ALA B 16 2.03 7.05 -8.98
CA ALA B 16 0.83 6.22 -9.13
C ALA B 16 0.19 6.31 -10.53
N ASP B 17 -0.06 7.55 -10.98
CA ASP B 17 -0.69 7.79 -12.30
C ASP B 17 0.12 7.12 -13.41
N ASP B 18 1.43 7.32 -13.42
CA ASP B 18 2.28 6.72 -14.46
C ASP B 18 2.45 5.22 -14.24
N LEU B 19 2.52 4.79 -12.98
CA LEU B 19 2.69 3.37 -12.66
C LEU B 19 1.53 2.54 -13.20
N ASN B 20 0.31 2.94 -12.87
CA ASN B 20 -0.87 2.20 -13.32
C ASN B 20 -1.07 2.32 -14.83
N ALA B 21 -0.99 3.54 -15.36
CA ALA B 21 -1.19 3.78 -16.79
C ALA B 21 -0.24 2.95 -17.66
N GLN B 22 1.05 2.97 -17.33
CA GLN B 22 2.03 2.22 -18.10
C GLN B 22 1.85 0.71 -17.97
N TYR B 23 1.63 0.23 -16.75
CA TYR B 23 1.47 -1.21 -16.53
C TYR B 23 0.14 -1.75 -17.10
N GLU B 24 -0.91 -0.94 -17.06
CA GLU B 24 -2.20 -1.38 -17.58
C GLU B 24 -2.22 -1.36 -19.11
N ARG B 25 -1.44 -0.45 -19.70
CA ARG B 25 -1.36 -0.35 -21.16
C ARG B 25 -0.26 -1.25 -21.73
N ARG B 26 0.90 -1.25 -21.09
CA ARG B 26 2.03 -2.05 -21.54
C ARG B 26 2.38 -3.13 -20.52
N MET B 27 2.27 -4.39 -20.94
CA MET B 27 2.57 -5.53 -20.07
C MET B 27 3.69 -6.39 -20.66
N GLY A 1 -15.93 -14.61 6.62
CA GLY A 1 -17.12 -15.49 6.41
C GLY A 1 -18.42 -14.71 6.24
N PRO A 2 -19.17 -14.47 7.33
CA PRO A 2 -20.44 -13.74 7.27
C PRO A 2 -20.26 -12.23 7.03
N LEU A 3 -20.39 -11.82 5.76
CA LEU A 3 -20.23 -10.42 5.35
C LEU A 3 -21.20 -9.46 6.08
N GLY A 4 -22.23 -10.02 6.73
CA GLY A 4 -23.18 -9.20 7.46
C GLY A 4 -22.55 -8.49 8.66
N SER A 5 -21.51 -9.10 9.22
CA SER A 5 -20.81 -8.52 10.36
C SER A 5 -19.28 -8.60 10.19
N GLU A 6 -18.81 -9.62 9.47
CA GLU A 6 -17.39 -9.80 9.23
C GLU A 6 -17.02 -9.33 7.82
N ASP A 7 -16.03 -8.46 7.72
CA ASP A 7 -15.59 -7.93 6.43
C ASP A 7 -14.39 -8.71 5.89
N ASP A 8 -14.65 -9.76 5.10
CA ASP A 8 -13.60 -10.58 4.51
C ASP A 8 -12.55 -9.74 3.80
N LEU A 9 -12.98 -8.66 3.15
CA LEU A 9 -12.05 -7.78 2.47
C LEU A 9 -11.11 -7.13 3.49
N TYR A 10 -11.70 -6.58 4.56
CA TYR A 10 -10.92 -5.96 5.63
C TYR A 10 -9.95 -6.97 6.24
N ARG A 11 -10.40 -8.22 6.37
CA ARG A 11 -9.56 -9.29 6.89
C ARG A 11 -8.32 -9.48 6.01
N GLN A 12 -8.54 -9.66 4.71
CA GLN A 12 -7.45 -9.84 3.77
C GLN A 12 -6.56 -8.61 3.70
N SER A 13 -7.17 -7.46 3.40
CA SER A 13 -6.45 -6.19 3.28
C SER A 13 -5.59 -5.89 4.51
N LEU A 14 -6.22 -5.87 5.67
CA LEU A 14 -5.51 -5.60 6.93
C LEU A 14 -4.33 -6.54 7.11
N GLU A 15 -4.64 -7.84 7.19
CA GLU A 15 -3.62 -8.87 7.39
C GLU A 15 -2.47 -8.79 6.40
N ILE A 16 -2.79 -8.79 5.10
CA ILE A 16 -1.77 -8.75 4.05
C ILE A 16 -0.91 -7.47 4.12
N ILE A 17 -1.53 -6.32 4.40
CA ILE A 17 -0.78 -5.07 4.49
C ILE A 17 0.07 -4.99 5.75
N SER A 18 -0.55 -5.23 6.92
CA SER A 18 0.18 -5.20 8.19
C SER A 18 1.36 -6.16 8.16
N ARG A 19 1.12 -7.37 7.66
CA ARG A 19 2.16 -8.38 7.53
C ARG A 19 3.30 -7.88 6.63
N TYR A 20 2.93 -7.41 5.44
CA TYR A 20 3.91 -6.88 4.49
C TYR A 20 4.72 -5.75 5.11
N LEU A 21 4.07 -4.85 5.83
CA LEU A 21 4.76 -3.74 6.46
C LEU A 21 5.75 -4.23 7.51
N ARG A 22 5.36 -5.24 8.29
CA ARG A 22 6.26 -5.79 9.33
C ARG A 22 7.53 -6.39 8.72
N GLU A 23 7.38 -7.16 7.63
CA GLU A 23 8.55 -7.76 6.99
C GLU A 23 9.37 -6.68 6.25
N GLN A 24 8.67 -5.75 5.59
CA GLN A 24 9.32 -4.65 4.86
C GLN A 24 10.06 -3.71 5.83
N ALA A 25 9.46 -3.42 6.98
CA ALA A 25 10.07 -2.51 7.96
C ALA A 25 11.22 -3.17 8.75
N THR A 26 10.96 -4.33 9.34
CA THR A 26 12.00 -5.03 10.13
C THR A 26 13.14 -5.54 9.27
N GLY A 27 12.88 -5.75 7.99
CA GLY A 27 13.90 -6.27 7.09
C GLY A 27 13.89 -7.78 7.03
N SER A 28 12.71 -8.36 7.23
CA SER A 28 12.54 -9.82 7.20
C SER A 28 12.09 -10.28 5.82
N LYS A 29 12.85 -11.17 5.20
CA LYS A 29 12.53 -11.69 3.87
C LYS A 29 11.49 -12.82 3.94
N ASP A 30 11.35 -13.44 5.10
CA ASP A 30 10.42 -14.56 5.28
C ASP A 30 9.11 -14.10 5.90
N SER A 31 8.02 -14.25 5.16
CA SER A 31 6.70 -13.87 5.63
C SER A 31 5.94 -15.09 6.10
N LYS A 32 5.08 -14.90 7.10
CA LYS A 32 4.28 -15.99 7.64
C LYS A 32 3.19 -16.40 6.62
N PRO A 33 2.86 -17.70 6.56
CA PRO A 33 1.83 -18.22 5.65
C PRO A 33 0.50 -17.46 5.76
N LEU A 34 0.00 -16.98 4.63
CA LEU A 34 -1.25 -16.22 4.60
C LEU A 34 -2.48 -17.13 4.47
N GLY A 35 -2.39 -18.33 5.05
CA GLY A 35 -3.50 -19.28 5.00
C GLY A 35 -4.77 -18.77 5.69
N GLU A 36 -4.62 -17.78 6.56
CA GLU A 36 -5.75 -17.19 7.26
C GLU A 36 -6.30 -16.00 6.47
N ALA A 37 -5.40 -15.32 5.76
CA ALA A 37 -5.79 -14.19 4.93
C ALA A 37 -6.52 -14.66 3.68
N GLY A 38 -5.92 -15.60 2.96
CA GLY A 38 -6.55 -16.12 1.76
C GLY A 38 -5.58 -16.85 0.84
N ALA A 39 -6.11 -17.65 -0.08
CA ALA A 39 -5.29 -18.38 -1.05
C ALA A 39 -4.52 -17.39 -1.94
N ALA A 40 -5.13 -16.25 -2.21
CA ALA A 40 -4.51 -15.21 -3.01
C ALA A 40 -3.45 -14.43 -2.21
N GLY A 41 -3.45 -14.64 -0.89
CA GLY A 41 -2.51 -13.94 -0.01
C GLY A 41 -1.05 -14.05 -0.39
N ARG A 42 -0.56 -15.29 -0.59
CA ARG A 42 0.84 -15.50 -0.96
C ARG A 42 1.16 -14.80 -2.29
N ARG A 43 0.24 -14.89 -3.24
CA ARG A 43 0.41 -14.26 -4.54
C ARG A 43 0.38 -12.73 -4.42
N ALA A 44 -0.51 -12.24 -3.56
CA ALA A 44 -0.65 -10.81 -3.33
C ALA A 44 0.59 -10.24 -2.65
N LEU A 45 1.02 -10.89 -1.56
CA LEU A 45 2.21 -10.44 -0.83
C LEU A 45 3.44 -10.42 -1.73
N GLU A 46 3.55 -11.41 -2.61
CA GLU A 46 4.68 -11.51 -3.54
C GLU A 46 4.68 -10.34 -4.52
N THR A 47 3.55 -10.16 -5.20
CA THR A 47 3.42 -9.08 -6.19
C THR A 47 3.52 -7.68 -5.56
N LEU A 48 2.74 -7.45 -4.50
CA LEU A 48 2.74 -6.17 -3.80
C LEU A 48 4.16 -5.76 -3.36
N ARG A 49 4.85 -6.69 -2.70
CA ARG A 49 6.21 -6.45 -2.23
C ARG A 49 7.14 -6.19 -3.42
N ARG A 50 7.10 -7.09 -4.41
CA ARG A 50 7.94 -6.97 -5.60
C ARG A 50 7.74 -5.61 -6.29
N VAL A 51 6.49 -5.25 -6.55
CA VAL A 51 6.18 -3.97 -7.19
C VAL A 51 6.62 -2.80 -6.31
N GLY A 52 6.28 -2.88 -5.02
CA GLY A 52 6.66 -1.83 -4.08
C GLY A 52 8.17 -1.61 -4.04
N ASP A 53 8.93 -2.69 -3.83
CA ASP A 53 10.39 -2.59 -3.78
C ASP A 53 10.93 -2.12 -5.13
N GLY A 54 10.28 -2.56 -6.20
CA GLY A 54 10.67 -2.15 -7.55
C GLY A 54 10.52 -0.65 -7.74
N VAL A 55 9.37 -0.11 -7.36
CA VAL A 55 9.14 1.33 -7.46
C VAL A 55 10.03 2.08 -6.46
N GLN A 56 10.21 1.48 -5.28
CA GLN A 56 11.05 2.07 -4.23
C GLN A 56 12.46 2.34 -4.76
N ARG A 57 13.10 1.33 -5.34
CA ARG A 57 14.46 1.50 -5.88
C ARG A 57 14.46 2.47 -7.07
N ASN A 58 13.43 2.40 -7.91
CA ASN A 58 13.34 3.29 -9.07
C ASN A 58 13.12 4.75 -8.66
N HIS A 59 12.31 4.96 -7.64
CA HIS A 59 12.01 6.31 -7.16
C HIS A 59 12.57 6.58 -5.77
N GLU A 60 13.75 6.03 -5.47
CA GLU A 60 14.38 6.22 -4.16
C GLU A 60 14.56 7.71 -3.81
N THR A 61 15.03 8.49 -4.78
CA THR A 61 15.24 9.92 -4.57
C THR A 61 13.94 10.64 -4.19
N ALA A 62 12.85 10.27 -4.83
CA ALA A 62 11.55 10.87 -4.55
C ALA A 62 10.97 10.31 -3.25
N PHE A 63 11.08 9.00 -3.06
CA PHE A 63 10.58 8.35 -1.86
C PHE A 63 11.29 8.88 -0.62
N GLN A 64 12.62 8.88 -0.64
CA GLN A 64 13.40 9.40 0.49
C GLN A 64 13.15 10.90 0.66
N GLY A 65 12.99 11.60 -0.47
CA GLY A 65 12.70 13.02 -0.42
C GLY A 65 11.38 13.28 0.30
N MET A 66 10.33 12.57 -0.11
CA MET A 66 9.02 12.71 0.52
C MET A 66 9.07 12.22 1.98
N LEU A 67 9.83 11.14 2.20
CA LEU A 67 9.98 10.56 3.53
C LEU A 67 10.60 11.56 4.52
N ARG A 68 11.61 12.31 4.08
CA ARG A 68 12.26 13.28 4.96
C ARG A 68 11.30 14.41 5.33
N LYS A 69 10.47 14.80 4.37
CA LYS A 69 9.48 15.86 4.59
C LYS A 69 8.40 15.37 5.56
N LEU A 70 7.86 14.18 5.28
CA LEU A 70 6.82 13.59 6.11
C LEU A 70 7.41 12.70 7.21
N ASP A 71 8.26 13.27 8.06
CA ASP A 71 8.87 12.52 9.14
C ASP A 71 7.86 12.23 10.25
N ILE A 72 7.70 10.95 10.59
CA ILE A 72 6.76 10.56 11.64
C ILE A 72 7.40 10.60 13.02
N LYS A 73 6.86 11.42 13.89
CA LYS A 73 7.40 11.58 15.25
C LYS A 73 6.29 11.54 16.31
N ASN A 74 5.07 11.95 15.94
CA ASN A 74 3.95 11.98 16.87
C ASN A 74 2.68 11.40 16.25
N GLU A 75 1.63 11.27 17.08
CA GLU A 75 0.33 10.75 16.61
C GLU A 75 -0.35 11.74 15.67
N GLY A 76 0.07 13.01 15.74
CA GLY A 76 -0.50 14.04 14.88
C GLY A 76 -0.10 13.86 13.42
N ASP A 77 1.03 13.21 13.18
CA ASP A 77 1.51 12.96 11.83
C ASP A 77 0.59 12.00 11.07
N VAL A 78 0.07 11.00 11.79
CA VAL A 78 -0.83 9.99 11.22
C VAL A 78 -2.08 10.64 10.59
N LYS A 79 -2.59 11.69 11.23
CA LYS A 79 -3.76 12.41 10.71
C LYS A 79 -3.41 13.01 9.34
N SER A 80 -2.23 13.60 9.27
CA SER A 80 -1.74 14.19 8.04
C SER A 80 -1.53 13.11 6.99
N PHE A 81 -0.97 11.98 7.42
CA PHE A 81 -0.75 10.84 6.53
C PHE A 81 -2.06 10.38 5.88
N SER A 82 -3.11 10.28 6.70
CA SER A 82 -4.43 9.90 6.20
C SER A 82 -4.87 10.84 5.07
N ARG A 83 -4.65 12.14 5.28
CA ARG A 83 -4.98 13.14 4.26
C ARG A 83 -4.15 12.93 2.98
N VAL A 84 -2.88 12.57 3.16
CA VAL A 84 -2.00 12.30 2.01
C VAL A 84 -2.57 11.17 1.15
N MET A 85 -3.09 10.14 1.83
CA MET A 85 -3.70 9.00 1.14
C MET A 85 -4.88 9.46 0.30
N VAL A 86 -5.76 10.24 0.91
CA VAL A 86 -6.94 10.81 0.22
C VAL A 86 -6.50 11.71 -0.93
N HIS A 87 -5.35 12.37 -0.76
CA HIS A 87 -4.78 13.26 -1.78
C HIS A 87 -4.50 12.49 -3.10
N VAL A 88 -3.96 11.29 -2.98
CA VAL A 88 -3.65 10.46 -4.16
C VAL A 88 -4.91 10.09 -4.98
N PHE A 89 -6.06 10.02 -4.33
CA PHE A 89 -7.31 9.68 -5.01
C PHE A 89 -8.03 10.91 -5.58
N LYS A 90 -7.38 12.07 -5.51
CA LYS A 90 -7.97 13.32 -6.02
C LYS A 90 -7.92 13.43 -7.55
N ASP A 91 -7.37 12.42 -8.21
CA ASP A 91 -7.28 12.40 -9.68
C ASP A 91 -8.64 12.17 -10.34
N GLY A 92 -9.64 11.79 -9.54
CA GLY A 92 -10.96 11.53 -10.07
C GLY A 92 -11.15 10.07 -10.43
N VAL A 93 -10.04 9.39 -10.70
CA VAL A 93 -10.06 7.97 -11.06
C VAL A 93 -9.48 7.12 -9.93
N THR A 94 -9.51 5.80 -10.12
CA THR A 94 -8.98 4.88 -9.12
C THR A 94 -8.27 3.71 -9.81
N ASN A 95 -7.02 3.47 -9.42
CA ASN A 95 -6.23 2.38 -10.00
C ASN A 95 -5.56 1.54 -8.91
N TRP A 96 -5.18 0.30 -9.25
CA TRP A 96 -4.50 -0.60 -8.32
C TRP A 96 -3.13 -0.04 -7.96
N GLY A 97 -2.56 0.73 -8.88
CA GLY A 97 -1.27 1.35 -8.68
C GLY A 97 -1.29 2.38 -7.57
N ARG A 98 -2.40 3.11 -7.44
CA ARG A 98 -2.55 4.12 -6.39
C ARG A 98 -2.49 3.44 -5.03
N ILE A 99 -3.08 2.25 -4.97
CA ILE A 99 -3.13 1.46 -3.75
C ILE A 99 -1.76 0.85 -3.43
N VAL A 100 -1.15 0.13 -4.39
CA VAL A 100 0.15 -0.50 -4.15
C VAL A 100 1.25 0.54 -3.88
N THR A 101 1.20 1.68 -4.57
CA THR A 101 2.18 2.75 -4.34
C THR A 101 1.99 3.33 -2.95
N LEU A 102 0.72 3.51 -2.56
CA LEU A 102 0.37 4.02 -1.24
C LEU A 102 0.91 3.08 -0.17
N ILE A 103 0.70 1.78 -0.37
CA ILE A 103 1.19 0.77 0.56
C ILE A 103 2.72 0.78 0.58
N SER A 104 3.34 0.82 -0.61
CA SER A 104 4.79 0.86 -0.75
C SER A 104 5.37 2.06 0.00
N PHE A 105 4.76 3.24 -0.19
CA PHE A 105 5.20 4.45 0.50
C PHE A 105 5.02 4.28 2.01
N GLY A 106 3.86 3.76 2.41
CA GLY A 106 3.61 3.50 3.81
C GLY A 106 4.62 2.53 4.39
N ALA A 107 5.01 1.55 3.58
CA ALA A 107 6.02 0.58 3.97
C ALA A 107 7.36 1.26 4.17
N PHE A 108 7.70 2.15 3.23
CA PHE A 108 8.96 2.91 3.33
C PHE A 108 8.95 3.76 4.60
N VAL A 109 7.76 4.28 4.95
CA VAL A 109 7.60 5.06 6.16
C VAL A 109 7.86 4.19 7.39
N ALA A 110 7.30 2.97 7.37
CA ALA A 110 7.49 2.02 8.45
C ALA A 110 8.98 1.69 8.60
N LYS A 111 9.69 1.68 7.47
CA LYS A 111 11.14 1.43 7.47
C LYS A 111 11.86 2.58 8.18
N HIS A 112 11.37 3.81 7.97
CA HIS A 112 11.93 4.99 8.63
C HIS A 112 11.64 4.91 10.13
N LEU A 113 10.44 4.43 10.47
CA LEU A 113 10.06 4.25 11.86
C LEU A 113 10.94 3.18 12.51
N LYS A 114 11.09 2.05 11.82
CA LYS A 114 11.93 0.95 12.30
C LYS A 114 13.38 1.41 12.47
N SER A 115 13.82 2.31 11.58
CA SER A 115 15.19 2.84 11.62
C SER A 115 15.49 3.49 12.99
N VAL A 116 14.47 4.08 13.60
CA VAL A 116 14.62 4.71 14.91
C VAL A 116 13.87 3.92 15.99
N ASN A 117 13.53 2.66 15.68
CA ASN A 117 12.83 1.77 16.60
C ASN A 117 11.43 2.28 17.01
N GLN A 118 10.69 2.85 16.06
CA GLN A 118 9.34 3.36 16.35
C GLN A 118 8.26 2.34 15.98
N GLU A 119 8.46 1.08 16.35
CA GLU A 119 7.50 0.00 16.06
C GLU A 119 6.09 0.32 16.57
N SER A 120 6.02 1.00 17.72
CA SER A 120 4.74 1.39 18.32
C SER A 120 3.98 2.39 17.45
N PHE A 121 4.66 2.91 16.43
CA PHE A 121 4.03 3.84 15.49
C PHE A 121 3.71 3.12 14.18
N ILE A 122 4.46 2.06 13.90
CA ILE A 122 4.27 1.26 12.69
C ILE A 122 2.90 0.59 12.68
N GLU A 123 2.58 -0.16 13.74
CA GLU A 123 1.29 -0.86 13.82
C GLU A 123 0.09 0.10 13.64
N PRO A 124 -0.05 1.16 14.47
CA PRO A 124 -1.16 2.13 14.34
C PRO A 124 -1.25 2.73 12.94
N LEU A 125 -0.10 3.05 12.35
CA LEU A 125 -0.05 3.62 11.01
C LEU A 125 -0.49 2.59 9.97
N ALA A 126 0.06 1.37 10.07
CA ALA A 126 -0.27 0.29 9.15
C ALA A 126 -1.77 0.01 9.13
N GLU A 127 -2.38 -0.09 10.31
CA GLU A 127 -3.81 -0.34 10.41
C GLU A 127 -4.58 0.85 9.83
N THR A 128 -4.07 2.06 10.09
CA THR A 128 -4.69 3.29 9.59
C THR A 128 -4.63 3.34 8.06
N ILE A 129 -3.47 3.00 7.50
CA ILE A 129 -3.29 2.99 6.04
C ILE A 129 -4.33 2.09 5.38
N THR A 130 -4.42 0.85 5.86
CA THR A 130 -5.38 -0.10 5.31
C THR A 130 -6.81 0.41 5.50
N ASP A 131 -7.09 0.92 6.70
CA ASP A 131 -8.41 1.45 7.03
C ASP A 131 -8.80 2.56 6.05
N VAL A 132 -7.92 3.56 5.88
CA VAL A 132 -8.18 4.66 4.97
C VAL A 132 -8.19 4.19 3.51
N LEU A 133 -7.32 3.25 3.17
CA LEU A 133 -7.23 2.71 1.80
C LEU A 133 -8.50 1.95 1.41
N VAL A 134 -8.97 1.07 2.29
CA VAL A 134 -10.18 0.30 2.02
C VAL A 134 -11.45 1.14 2.19
N ARG A 135 -11.49 1.99 3.21
CA ARG A 135 -12.67 2.83 3.44
C ARG A 135 -12.88 3.88 2.36
N THR A 136 -11.82 4.27 1.65
CA THR A 136 -11.95 5.28 0.60
C THR A 136 -12.43 4.68 -0.73
N LYS A 137 -12.15 3.38 -0.96
CA LYS A 137 -12.57 2.74 -2.21
C LYS A 137 -12.84 1.22 -2.03
N ARG A 138 -13.63 0.86 -1.03
CA ARG A 138 -13.94 -0.56 -0.78
C ARG A 138 -14.72 -1.20 -1.94
N ASP A 139 -15.55 -0.40 -2.60
CA ASP A 139 -16.34 -0.87 -3.73
C ASP A 139 -15.44 -1.26 -4.90
N TRP A 140 -14.34 -0.53 -5.03
CA TRP A 140 -13.38 -0.75 -6.10
C TRP A 140 -12.66 -2.09 -5.91
N LEU A 141 -12.23 -2.38 -4.69
CA LEU A 141 -11.54 -3.64 -4.40
C LEU A 141 -12.46 -4.86 -4.57
N VAL A 142 -13.65 -4.79 -3.95
CA VAL A 142 -14.62 -5.89 -4.02
C VAL A 142 -14.99 -6.24 -5.47
N LYS A 143 -15.23 -5.21 -6.29
CA LYS A 143 -15.60 -5.43 -7.69
C LYS A 143 -14.39 -5.88 -8.54
N GLN A 144 -13.17 -5.66 -8.02
CA GLN A 144 -11.96 -6.03 -8.74
C GLN A 144 -11.33 -7.31 -8.18
N ARG A 145 -12.17 -8.19 -7.63
CA ARG A 145 -11.75 -9.47 -7.06
C ARG A 145 -10.70 -9.33 -5.95
N GLY A 146 -10.64 -8.15 -5.31
CA GLY A 146 -9.69 -7.93 -4.23
C GLY A 146 -8.24 -8.26 -4.60
N TRP A 147 -7.56 -8.98 -3.71
CA TRP A 147 -6.17 -9.35 -3.94
C TRP A 147 -6.01 -10.36 -5.08
N ASP A 148 -7.04 -11.16 -5.33
CA ASP A 148 -7.03 -12.12 -6.43
C ASP A 148 -6.99 -11.37 -7.76
N GLY A 149 -7.83 -10.33 -7.85
CA GLY A 149 -7.87 -9.51 -9.05
C GLY A 149 -6.62 -8.66 -9.16
N PHE A 150 -6.04 -8.31 -8.01
CA PHE A 150 -4.81 -7.54 -7.96
C PHE A 150 -3.69 -8.30 -8.66
N VAL A 151 -3.44 -9.54 -8.22
CA VAL A 151 -2.40 -10.36 -8.84
C VAL A 151 -2.76 -10.68 -10.30
N GLU A 152 -4.05 -10.72 -10.60
CA GLU A 152 -4.52 -10.97 -11.95
C GLU A 152 -4.18 -9.78 -12.87
N PHE A 153 -4.50 -8.58 -12.42
CA PHE A 153 -4.21 -7.36 -13.17
C PHE A 153 -2.70 -7.09 -13.22
N PHE A 154 -2.00 -7.52 -12.19
CA PHE A 154 -0.55 -7.34 -12.10
C PHE A 154 0.20 -8.58 -12.60
N HIS A 155 -0.52 -9.50 -13.23
CA HIS A 155 0.08 -10.72 -13.76
C HIS A 155 0.86 -10.47 -15.05
N VAL A 156 1.98 -9.77 -14.93
CA VAL A 156 2.84 -9.50 -16.09
C VAL A 156 3.42 -10.79 -16.67
N GLN A 157 3.28 -10.99 -17.97
CA GLN A 157 3.78 -12.20 -18.61
C GLN A 157 5.27 -12.09 -18.90
N ASP A 158 6.06 -12.92 -18.21
CA ASP A 158 7.50 -12.93 -18.40
C ASP A 158 7.91 -13.87 -19.53
N LEU A 159 8.68 -13.37 -20.47
CA LEU A 159 9.13 -14.18 -21.61
C LEU A 159 10.63 -14.48 -21.52
N GLU A 160 11.18 -14.46 -20.30
CA GLU A 160 12.59 -14.72 -20.09
C GLU A 160 12.80 -16.00 -19.26
N GLY A 161 12.09 -16.10 -18.15
CA GLY A 161 12.21 -17.27 -17.29
C GLY A 161 11.47 -17.14 -15.97
N GLY A 162 10.20 -16.79 -16.04
CA GLY A 162 9.40 -16.63 -14.83
C GLY A 162 7.97 -17.13 -14.99
N GLU B 1 -0.09 27.50 1.82
CA GLU B 1 0.23 26.94 3.16
C GLU B 1 0.71 25.49 3.06
N GLU B 2 -0.19 24.57 2.71
CA GLU B 2 0.17 23.17 2.57
C GLU B 2 0.64 22.84 1.15
N GLU B 3 1.63 23.57 0.67
CA GLU B 3 2.19 23.35 -0.67
C GLU B 3 2.82 21.97 -0.78
N TRP B 4 3.39 21.49 0.33
CA TRP B 4 4.03 20.19 0.40
C TRP B 4 3.01 19.06 0.22
N ALA B 5 1.82 19.22 0.80
CA ALA B 5 0.77 18.21 0.68
C ALA B 5 0.34 18.04 -0.78
N ARG B 6 0.41 19.15 -1.52
CA ARG B 6 0.09 19.18 -2.94
C ARG B 6 1.19 18.46 -3.73
N GLU B 7 2.43 18.67 -3.29
CA GLU B 7 3.60 18.07 -3.92
C GLU B 7 3.62 16.55 -3.69
N ILE B 8 3.42 16.14 -2.44
CA ILE B 8 3.41 14.71 -2.09
C ILE B 8 2.28 13.98 -2.83
N GLY B 9 1.07 14.51 -2.72
CA GLY B 9 -0.08 13.92 -3.39
C GLY B 9 0.09 13.85 -4.89
N ALA B 10 0.73 14.85 -5.48
CA ALA B 10 0.97 14.87 -6.92
C ALA B 10 1.96 13.79 -7.34
N GLN B 11 3.08 13.70 -6.61
CA GLN B 11 4.11 12.71 -6.89
C GLN B 11 3.58 11.29 -6.74
N LEU B 12 2.94 11.00 -5.60
CA LEU B 12 2.38 9.67 -5.35
C LEU B 12 1.39 9.32 -6.45
N ARG B 13 0.61 10.30 -6.89
CA ARG B 13 -0.34 10.11 -7.98
C ARG B 13 0.39 9.78 -9.27
N ARG B 14 1.37 10.61 -9.63
CA ARG B 14 2.14 10.41 -10.87
C ARG B 14 2.82 9.03 -10.91
N ILE B 15 3.48 8.65 -9.83
CA ILE B 15 4.16 7.35 -9.76
C ILE B 15 3.16 6.19 -9.89
N ALA B 16 2.10 6.26 -9.11
CA ALA B 16 1.06 5.23 -9.12
C ALA B 16 0.31 5.17 -10.44
N ASP B 17 0.08 6.34 -11.02
CA ASP B 17 -0.61 6.46 -12.30
C ASP B 17 0.18 5.73 -13.39
N ASP B 18 1.47 6.05 -13.49
CA ASP B 18 2.35 5.43 -14.48
C ASP B 18 2.48 3.93 -14.21
N LEU B 19 2.67 3.59 -12.93
CA LEU B 19 2.82 2.19 -12.51
C LEU B 19 1.65 1.32 -12.96
N ASN B 20 0.43 1.75 -12.65
CA ASN B 20 -0.76 1.00 -13.04
C ASN B 20 -1.03 1.16 -14.54
N ALA B 21 -0.69 2.32 -15.09
CA ALA B 21 -0.89 2.59 -16.52
C ALA B 21 -0.18 1.54 -17.37
N GLN B 22 0.93 1.00 -16.88
CA GLN B 22 1.67 -0.04 -17.61
C GLN B 22 0.75 -1.19 -18.04
N TYR B 23 -0.12 -1.63 -17.12
CA TYR B 23 -1.06 -2.71 -17.41
C TYR B 23 -2.43 -2.19 -17.86
N GLU B 24 -2.82 -1.02 -17.34
CA GLU B 24 -4.13 -0.44 -17.63
C GLU B 24 -4.23 0.22 -19.02
N ARG B 25 -3.38 1.22 -19.28
CA ARG B 25 -3.43 1.93 -20.56
C ARG B 25 -2.32 1.49 -21.52
N ARG B 26 -1.15 1.21 -20.98
CA ARG B 26 -0.02 0.77 -21.79
C ARG B 26 -0.02 -0.75 -21.92
N MET B 27 0.88 -1.27 -22.76
CA MET B 27 0.99 -2.72 -22.98
C MET B 27 2.32 -3.07 -23.65
N GLY A 1 -20.31 -9.65 13.44
CA GLY A 1 -21.03 -8.39 13.80
C GLY A 1 -21.95 -7.91 12.70
N PRO A 2 -22.05 -6.59 12.49
CA PRO A 2 -22.91 -6.02 11.44
C PRO A 2 -22.38 -6.33 10.03
N LEU A 3 -23.22 -7.00 9.23
CA LEU A 3 -22.85 -7.40 7.87
C LEU A 3 -22.34 -6.22 7.02
N GLY A 4 -22.89 -5.03 7.25
CA GLY A 4 -22.45 -3.86 6.49
C GLY A 4 -21.01 -3.47 6.79
N SER A 5 -20.57 -3.76 8.01
CA SER A 5 -19.20 -3.44 8.44
C SER A 5 -18.27 -4.64 8.24
N GLU A 6 -18.87 -5.82 8.10
CA GLU A 6 -18.10 -7.05 7.89
C GLU A 6 -17.46 -7.05 6.50
N ASP A 7 -16.15 -7.27 6.45
CA ASP A 7 -15.44 -7.29 5.18
C ASP A 7 -14.21 -8.18 5.27
N ASP A 8 -14.30 -9.36 4.64
CA ASP A 8 -13.19 -10.30 4.64
C ASP A 8 -11.99 -9.72 3.90
N LEU A 9 -12.25 -8.90 2.88
CA LEU A 9 -11.16 -8.26 2.13
C LEU A 9 -10.38 -7.37 3.10
N TYR A 10 -11.11 -6.63 3.93
CA TYR A 10 -10.52 -5.75 4.94
C TYR A 10 -9.64 -6.56 5.91
N ARG A 11 -10.05 -7.79 6.21
CA ARG A 11 -9.28 -8.66 7.09
C ARG A 11 -8.04 -9.17 6.38
N GLN A 12 -8.19 -9.52 5.11
CA GLN A 12 -7.06 -10.01 4.30
C GLN A 12 -6.04 -8.90 4.09
N SER A 13 -6.52 -7.71 3.75
CA SER A 13 -5.65 -6.56 3.54
C SER A 13 -4.96 -6.18 4.85
N LEU A 14 -5.74 -6.17 5.94
CA LEU A 14 -5.22 -5.87 7.27
C LEU A 14 -3.99 -6.74 7.58
N GLU A 15 -4.13 -8.03 7.33
CA GLU A 15 -3.06 -9.00 7.56
C GLU A 15 -1.90 -8.82 6.56
N ILE A 16 -2.22 -8.86 5.26
CA ILE A 16 -1.21 -8.73 4.20
C ILE A 16 -0.37 -7.46 4.35
N ILE A 17 -1.02 -6.34 4.67
CA ILE A 17 -0.32 -5.08 4.85
C ILE A 17 0.54 -5.10 6.12
N SER A 18 0.00 -5.68 7.20
CA SER A 18 0.76 -5.79 8.45
C SER A 18 1.98 -6.67 8.22
N ARG A 19 1.79 -7.76 7.47
CA ARG A 19 2.88 -8.68 7.15
C ARG A 19 3.92 -7.98 6.27
N TYR A 20 3.47 -7.28 5.23
CA TYR A 20 4.38 -6.57 4.32
C TYR A 20 5.07 -5.41 5.05
N LEU A 21 4.34 -4.75 5.94
CA LEU A 21 4.90 -3.63 6.70
C LEU A 21 5.97 -4.10 7.68
N ARG A 22 5.72 -5.26 8.30
CA ARG A 22 6.67 -5.82 9.26
C ARG A 22 7.97 -6.26 8.58
N GLU A 23 7.85 -6.82 7.37
CA GLU A 23 9.03 -7.28 6.63
C GLU A 23 9.91 -6.11 6.19
N GLN A 24 9.29 -5.06 5.66
CA GLN A 24 10.02 -3.89 5.19
C GLN A 24 10.57 -3.08 6.36
N ALA A 25 9.94 -3.17 7.52
CA ALA A 25 10.39 -2.45 8.71
C ALA A 25 11.58 -3.14 9.40
N THR A 26 11.38 -4.38 9.85
CA THR A 26 12.44 -5.13 10.54
C THR A 26 13.54 -5.58 9.58
N GLY A 27 13.18 -5.83 8.33
CA GLY A 27 14.16 -6.30 7.35
C GLY A 27 14.00 -7.78 7.08
N SER A 28 13.09 -8.40 7.81
CA SER A 28 12.80 -9.82 7.68
C SER A 28 11.96 -10.09 6.43
N LYS A 29 12.63 -10.49 5.35
CA LYS A 29 11.96 -10.76 4.08
C LYS A 29 11.08 -12.02 4.15
N ASP A 30 11.29 -12.83 5.19
CA ASP A 30 10.53 -14.07 5.42
C ASP A 30 9.05 -13.94 5.04
N SER A 31 8.65 -14.69 4.04
CA SER A 31 7.28 -14.66 3.55
C SER A 31 6.42 -15.75 4.19
N LYS A 32 5.71 -15.40 5.26
CA LYS A 32 4.84 -16.35 5.93
C LYS A 32 3.61 -16.68 5.07
N PRO A 33 3.10 -17.91 5.17
CA PRO A 33 1.92 -18.35 4.40
C PRO A 33 0.65 -17.57 4.73
N LEU A 34 -0.07 -17.16 3.68
CA LEU A 34 -1.32 -16.41 3.81
C LEU A 34 -2.50 -17.34 4.14
N GLY A 35 -2.22 -18.40 4.90
CA GLY A 35 -3.24 -19.38 5.27
C GLY A 35 -4.46 -18.79 5.96
N GLU A 36 -4.27 -17.73 6.75
CA GLU A 36 -5.40 -17.10 7.45
C GLU A 36 -6.09 -16.08 6.55
N ALA A 37 -5.33 -15.47 5.64
CA ALA A 37 -5.90 -14.49 4.72
C ALA A 37 -6.72 -15.17 3.62
N GLY A 38 -6.06 -16.00 2.82
CA GLY A 38 -6.75 -16.69 1.74
C GLY A 38 -5.80 -17.23 0.69
N ALA A 39 -6.34 -17.88 -0.33
CA ALA A 39 -5.51 -18.43 -1.40
C ALA A 39 -4.91 -17.30 -2.24
N ALA A 40 -5.61 -16.16 -2.29
CA ALA A 40 -5.17 -14.99 -3.04
C ALA A 40 -4.06 -14.23 -2.33
N GLY A 41 -3.92 -14.45 -1.02
CA GLY A 41 -2.90 -13.76 -0.25
C GLY A 41 -1.50 -13.99 -0.77
N ARG A 42 -1.18 -15.23 -1.09
CA ARG A 42 0.15 -15.59 -1.59
C ARG A 42 0.55 -14.76 -2.82
N ARG A 43 -0.31 -14.72 -3.82
CA ARG A 43 -0.03 -13.96 -5.04
C ARG A 43 -0.10 -12.44 -4.79
N ALA A 44 -0.89 -12.03 -3.80
CA ALA A 44 -1.03 -10.61 -3.48
C ALA A 44 0.19 -10.11 -2.72
N LEU A 45 0.62 -10.88 -1.72
CA LEU A 45 1.77 -10.52 -0.90
C LEU A 45 3.04 -10.44 -1.76
N GLU A 46 3.23 -11.43 -2.62
CA GLU A 46 4.39 -11.45 -3.51
C GLU A 46 4.36 -10.30 -4.52
N THR A 47 3.19 -10.04 -5.09
CA THR A 47 3.04 -8.94 -6.05
C THR A 47 3.35 -7.61 -5.38
N LEU A 48 2.74 -7.38 -4.22
CA LEU A 48 2.96 -6.14 -3.45
C LEU A 48 4.44 -5.95 -3.14
N ARG A 49 5.12 -7.05 -2.76
CA ARG A 49 6.54 -7.01 -2.44
C ARG A 49 7.38 -6.66 -3.68
N ARG A 50 7.15 -7.39 -4.78
CA ARG A 50 7.87 -7.18 -6.03
C ARG A 50 7.69 -5.75 -6.55
N VAL A 51 6.45 -5.29 -6.64
CA VAL A 51 6.17 -3.94 -7.14
C VAL A 51 6.66 -2.87 -6.16
N GLY A 52 6.41 -3.06 -4.86
CA GLY A 52 6.84 -2.10 -3.86
C GLY A 52 8.33 -1.85 -3.89
N ASP A 53 9.13 -2.92 -3.87
CA ASP A 53 10.58 -2.77 -3.92
C ASP A 53 11.01 -2.30 -5.31
N GLY A 54 10.19 -2.60 -6.32
CA GLY A 54 10.48 -2.17 -7.68
C GLY A 54 10.47 -0.66 -7.79
N VAL A 55 9.38 -0.02 -7.33
CA VAL A 55 9.29 1.43 -7.36
C VAL A 55 10.29 2.07 -6.38
N GLN A 56 10.48 1.41 -5.23
CA GLN A 56 11.44 1.87 -4.22
C GLN A 56 12.84 2.00 -4.81
N ARG A 57 13.24 0.99 -5.60
CA ARG A 57 14.54 0.99 -6.24
C ARG A 57 14.58 1.97 -7.41
N ASN A 58 13.43 2.22 -8.01
CA ASN A 58 13.32 3.15 -9.15
C ASN A 58 13.36 4.62 -8.71
N HIS A 59 12.48 5.00 -7.78
CA HIS A 59 12.42 6.39 -7.32
C HIS A 59 12.88 6.50 -5.85
N GLU A 60 14.07 5.99 -5.57
CA GLU A 60 14.63 6.03 -4.21
C GLU A 60 14.73 7.46 -3.69
N THR A 61 15.29 8.34 -4.51
CA THR A 61 15.46 9.75 -4.18
C THR A 61 14.12 10.46 -3.99
N ALA A 62 13.18 10.21 -4.90
CA ALA A 62 11.86 10.84 -4.84
C ALA A 62 11.11 10.43 -3.57
N PHE A 63 11.15 9.14 -3.25
CA PHE A 63 10.46 8.63 -2.06
C PHE A 63 11.17 9.06 -0.78
N GLN A 64 12.50 8.96 -0.76
CA GLN A 64 13.27 9.36 0.42
C GLN A 64 13.09 10.86 0.69
N GLY A 65 13.07 11.65 -0.39
CA GLY A 65 12.86 13.08 -0.24
C GLY A 65 11.55 13.37 0.44
N MET A 66 10.47 12.75 -0.05
CA MET A 66 9.15 12.92 0.54
C MET A 66 9.13 12.32 1.97
N LEU A 67 9.80 11.18 2.13
CA LEU A 67 9.89 10.50 3.43
C LEU A 67 10.54 11.40 4.48
N ARG A 68 11.64 12.08 4.11
CA ARG A 68 12.31 12.99 5.04
C ARG A 68 11.41 14.18 5.38
N LYS A 69 10.67 14.65 4.38
CA LYS A 69 9.74 15.77 4.59
C LYS A 69 8.60 15.33 5.52
N LEU A 70 8.11 14.11 5.33
CA LEU A 70 7.05 13.57 6.15
C LEU A 70 7.61 12.66 7.24
N ASP A 71 8.48 13.21 8.07
CA ASP A 71 9.09 12.43 9.15
C ASP A 71 8.06 12.17 10.26
N ILE A 72 7.86 10.90 10.59
CA ILE A 72 6.89 10.54 11.63
C ILE A 72 7.48 10.76 13.02
N LYS A 73 7.04 11.83 13.66
CA LYS A 73 7.50 12.18 15.00
C LYS A 73 6.34 12.34 15.98
N ASN A 74 5.21 12.85 15.49
CA ASN A 74 4.04 13.07 16.33
C ASN A 74 2.87 12.15 15.93
N GLU A 75 1.85 12.10 16.78
CA GLU A 75 0.67 11.28 16.50
C GLU A 75 -0.13 11.91 15.35
N GLY A 76 -0.12 13.24 15.28
CA GLY A 76 -0.84 13.95 14.23
C GLY A 76 -0.30 13.66 12.84
N ASP A 77 0.93 13.16 12.76
CA ASP A 77 1.56 12.84 11.48
C ASP A 77 0.77 11.74 10.75
N VAL A 78 0.09 10.89 11.54
CA VAL A 78 -0.72 9.82 10.98
C VAL A 78 -1.94 10.37 10.25
N LYS A 79 -2.44 11.51 10.73
CA LYS A 79 -3.59 12.17 10.13
C LYS A 79 -3.21 12.80 8.80
N SER A 80 -1.98 13.33 8.74
CA SER A 80 -1.48 13.94 7.50
C SER A 80 -1.20 12.86 6.45
N PHE A 81 -0.79 11.68 6.93
CA PHE A 81 -0.53 10.56 6.04
C PHE A 81 -1.83 10.15 5.37
N SER A 82 -2.90 10.09 6.17
CA SER A 82 -4.23 9.78 5.66
C SER A 82 -4.65 10.85 4.67
N ARG A 83 -4.30 12.10 4.98
CA ARG A 83 -4.60 13.23 4.10
C ARG A 83 -3.87 13.06 2.77
N VAL A 84 -2.62 12.61 2.82
CA VAL A 84 -1.82 12.36 1.62
C VAL A 84 -2.47 11.22 0.82
N MET A 85 -2.88 10.17 1.53
CA MET A 85 -3.53 9.02 0.92
C MET A 85 -4.84 9.42 0.25
N VAL A 86 -5.71 10.12 0.99
CA VAL A 86 -6.99 10.57 0.41
C VAL A 86 -6.74 11.57 -0.71
N HIS A 87 -5.67 12.35 -0.60
CA HIS A 87 -5.30 13.32 -1.62
C HIS A 87 -5.03 12.63 -2.97
N VAL A 88 -4.46 11.42 -2.92
CA VAL A 88 -4.19 10.65 -4.14
C VAL A 88 -5.48 10.34 -4.93
N PHE A 89 -6.52 9.95 -4.21
CA PHE A 89 -7.81 9.60 -4.82
C PHE A 89 -8.73 10.82 -5.00
N LYS A 90 -8.20 12.02 -4.74
CA LYS A 90 -8.99 13.27 -4.84
C LYS A 90 -9.66 13.49 -6.21
N ASP A 91 -9.20 12.80 -7.25
CA ASP A 91 -9.80 12.96 -8.57
C ASP A 91 -11.01 12.04 -8.76
N GLY A 92 -11.21 11.12 -7.83
CA GLY A 92 -12.33 10.21 -7.92
C GLY A 92 -11.97 8.90 -8.62
N VAL A 93 -10.88 8.92 -9.37
CA VAL A 93 -10.43 7.74 -10.11
C VAL A 93 -9.80 6.70 -9.18
N THR A 94 -9.96 5.42 -9.50
CA THR A 94 -9.38 4.35 -8.69
C THR A 94 -8.50 3.43 -9.53
N ASN A 95 -7.21 3.43 -9.23
CA ASN A 95 -6.24 2.62 -9.95
C ASN A 95 -5.54 1.63 -9.01
N TRP A 96 -5.22 0.44 -9.50
CA TRP A 96 -4.54 -0.57 -8.67
C TRP A 96 -3.16 -0.08 -8.24
N GLY A 97 -2.48 0.61 -9.16
CA GLY A 97 -1.16 1.14 -8.86
C GLY A 97 -1.19 2.12 -7.69
N ARG A 98 -2.32 2.80 -7.51
CA ARG A 98 -2.49 3.76 -6.41
C ARG A 98 -2.49 3.06 -5.06
N ILE A 99 -3.07 1.86 -5.01
CA ILE A 99 -3.13 1.10 -3.77
C ILE A 99 -1.76 0.52 -3.40
N VAL A 100 -1.10 -0.14 -4.35
CA VAL A 100 0.22 -0.70 -4.10
C VAL A 100 1.25 0.40 -3.79
N THR A 101 1.17 1.53 -4.48
CA THR A 101 2.09 2.66 -4.24
C THR A 101 1.95 3.20 -2.82
N LEU A 102 0.71 3.44 -2.38
CA LEU A 102 0.46 3.93 -1.02
C LEU A 102 1.03 2.97 0.02
N ILE A 103 0.89 1.67 -0.22
CA ILE A 103 1.44 0.67 0.68
C ILE A 103 2.98 0.65 0.57
N SER A 104 3.48 0.89 -0.65
CA SER A 104 4.93 0.94 -0.89
C SER A 104 5.56 2.04 -0.05
N PHE A 105 4.91 3.22 -0.06
CA PHE A 105 5.35 4.36 0.73
C PHE A 105 5.23 4.01 2.21
N GLY A 106 4.11 3.36 2.57
CA GLY A 106 3.90 2.95 3.94
C GLY A 106 4.99 2.01 4.42
N ALA A 107 5.39 1.09 3.55
CA ALA A 107 6.46 0.13 3.85
C ALA A 107 7.78 0.87 4.10
N PHE A 108 8.00 1.94 3.35
CA PHE A 108 9.19 2.76 3.50
C PHE A 108 9.12 3.56 4.80
N VAL A 109 7.92 4.04 5.12
CA VAL A 109 7.69 4.81 6.35
C VAL A 109 7.93 3.93 7.57
N ALA A 110 7.39 2.70 7.52
CA ALA A 110 7.57 1.74 8.60
C ALA A 110 9.06 1.45 8.79
N LYS A 111 9.78 1.37 7.67
CA LYS A 111 11.23 1.13 7.69
C LYS A 111 11.93 2.29 8.38
N HIS A 112 11.51 3.52 8.04
CA HIS A 112 12.06 4.73 8.65
C HIS A 112 11.72 4.75 10.14
N LEU A 113 10.53 4.27 10.48
CA LEU A 113 10.07 4.19 11.86
C LEU A 113 10.94 3.20 12.64
N LYS A 114 11.11 2.01 12.05
CA LYS A 114 11.94 0.96 12.67
C LYS A 114 13.39 1.43 12.82
N SER A 115 13.84 2.25 11.87
CA SER A 115 15.20 2.78 11.91
C SER A 115 15.44 3.56 13.21
N VAL A 116 14.39 4.21 13.72
CA VAL A 116 14.48 4.97 14.96
C VAL A 116 13.79 4.20 16.11
N ASN A 117 13.41 2.94 15.82
CA ASN A 117 12.74 2.05 16.79
C ASN A 117 11.36 2.59 17.21
N GLN A 118 10.68 3.27 16.29
CA GLN A 118 9.36 3.84 16.57
C GLN A 118 8.22 2.91 16.12
N GLU A 119 8.29 1.64 16.52
CA GLU A 119 7.26 0.65 16.14
C GLU A 119 5.87 1.07 16.63
N SER A 120 5.83 1.82 17.73
CA SER A 120 4.57 2.31 18.29
C SER A 120 3.80 3.19 17.30
N PHE A 121 4.51 3.74 16.31
CA PHE A 121 3.87 4.57 15.29
C PHE A 121 3.51 3.73 14.06
N ILE A 122 4.16 2.57 13.94
CA ILE A 122 3.92 1.65 12.82
C ILE A 122 2.53 1.03 12.91
N GLU A 123 2.14 0.63 14.13
CA GLU A 123 0.82 0.02 14.34
C GLU A 123 -0.32 0.93 13.81
N PRO A 124 -0.42 2.21 14.28
CA PRO A 124 -1.46 3.13 13.79
C PRO A 124 -1.31 3.43 12.30
N LEU A 125 -0.06 3.56 11.86
CA LEU A 125 0.25 3.83 10.44
C LEU A 125 -0.28 2.71 9.53
N ALA A 126 0.07 1.47 9.86
CA ALA A 126 -0.37 0.30 9.07
C ALA A 126 -1.89 0.19 9.03
N GLU A 127 -2.54 0.38 10.17
CA GLU A 127 -4.00 0.32 10.24
C GLU A 127 -4.63 1.47 9.46
N THR A 128 -4.06 2.67 9.62
CA THR A 128 -4.56 3.84 8.91
C THR A 128 -4.44 3.64 7.41
N ILE A 129 -3.26 3.21 6.97
CA ILE A 129 -3.02 2.96 5.54
C ILE A 129 -4.02 1.93 5.01
N THR A 130 -4.20 0.83 5.73
CA THR A 130 -5.12 -0.22 5.31
C THR A 130 -6.57 0.29 5.26
N ASP A 131 -7.04 0.89 6.36
CA ASP A 131 -8.42 1.39 6.41
C ASP A 131 -8.66 2.48 5.37
N VAL A 132 -7.78 3.49 5.31
CA VAL A 132 -7.96 4.57 4.35
C VAL A 132 -7.93 4.06 2.89
N LEU A 133 -7.05 3.09 2.62
CA LEU A 133 -6.93 2.52 1.27
C LEU A 133 -8.16 1.69 0.88
N VAL A 134 -8.69 0.90 1.80
CA VAL A 134 -9.86 0.06 1.51
C VAL A 134 -11.17 0.83 1.65
N ARG A 135 -11.34 1.54 2.77
CA ARG A 135 -12.56 2.29 3.04
C ARG A 135 -12.80 3.44 2.05
N THR A 136 -11.74 4.01 1.46
CA THR A 136 -11.92 5.11 0.50
C THR A 136 -12.64 4.65 -0.78
N LYS A 137 -12.47 3.38 -1.16
CA LYS A 137 -13.10 2.82 -2.36
C LYS A 137 -13.41 1.33 -2.18
N ARG A 138 -14.23 1.01 -1.18
CA ARG A 138 -14.59 -0.38 -0.88
C ARG A 138 -15.36 -1.06 -2.03
N ASP A 139 -16.44 -0.43 -2.48
CA ASP A 139 -17.25 -0.98 -3.57
C ASP A 139 -16.41 -1.31 -4.80
N TRP A 140 -15.41 -0.46 -5.07
CA TRP A 140 -14.53 -0.68 -6.20
C TRP A 140 -13.75 -1.99 -6.05
N LEU A 141 -13.08 -2.18 -4.92
CA LEU A 141 -12.33 -3.41 -4.71
C LEU A 141 -13.27 -4.61 -4.59
N VAL A 142 -14.44 -4.41 -3.99
CA VAL A 142 -15.43 -5.48 -3.86
C VAL A 142 -15.83 -5.99 -5.24
N LYS A 143 -16.00 -5.08 -6.20
CA LYS A 143 -16.35 -5.44 -7.57
C LYS A 143 -15.15 -6.07 -8.30
N GLN A 144 -13.94 -5.61 -7.97
CA GLN A 144 -12.72 -6.13 -8.60
C GLN A 144 -12.17 -7.36 -7.87
N ARG A 145 -12.93 -7.90 -6.93
CA ARG A 145 -12.54 -9.09 -6.15
C ARG A 145 -11.34 -8.82 -5.22
N GLY A 146 -11.12 -7.55 -4.89
CA GLY A 146 -10.04 -7.16 -4.00
C GLY A 146 -8.66 -7.64 -4.43
N TRP A 147 -8.02 -8.41 -3.55
CA TRP A 147 -6.68 -8.95 -3.83
C TRP A 147 -6.66 -9.79 -5.09
N ASP A 148 -7.78 -10.45 -5.40
CA ASP A 148 -7.86 -11.26 -6.61
C ASP A 148 -7.60 -10.39 -7.85
N GLY A 149 -8.38 -9.33 -8.00
CA GLY A 149 -8.19 -8.43 -9.14
C GLY A 149 -6.78 -7.86 -9.19
N PHE A 150 -6.23 -7.55 -8.02
CA PHE A 150 -4.87 -7.01 -7.91
C PHE A 150 -3.83 -8.01 -8.45
N VAL A 151 -3.94 -9.28 -8.07
CA VAL A 151 -2.97 -10.29 -8.51
C VAL A 151 -3.14 -10.64 -9.99
N GLU A 152 -4.39 -10.66 -10.47
CA GLU A 152 -4.68 -10.97 -11.87
C GLU A 152 -4.21 -9.84 -12.79
N PHE A 153 -4.63 -8.61 -12.47
CA PHE A 153 -4.26 -7.42 -13.25
C PHE A 153 -2.74 -7.19 -13.27
N PHE A 154 -2.05 -7.67 -12.25
CA PHE A 154 -0.60 -7.53 -12.18
C PHE A 154 0.12 -8.77 -12.68
N HIS A 155 -0.62 -9.67 -13.33
CA HIS A 155 -0.04 -10.90 -13.87
C HIS A 155 -0.37 -11.08 -15.36
N VAL A 156 -1.66 -11.01 -15.70
CA VAL A 156 -2.12 -11.16 -17.09
C VAL A 156 -1.50 -12.40 -17.75
N GLN A 157 -1.91 -13.59 -17.29
CA GLN A 157 -1.39 -14.84 -17.83
C GLN A 157 -2.52 -15.77 -18.26
N ASP A 158 -2.17 -16.85 -18.95
CA ASP A 158 -3.16 -17.82 -19.42
C ASP A 158 -3.88 -18.52 -18.25
N LEU A 159 -3.22 -19.51 -17.64
CA LEU A 159 -3.80 -20.22 -16.52
C LEU A 159 -3.35 -19.64 -15.18
N GLU A 160 -2.28 -18.83 -15.24
CA GLU A 160 -1.69 -18.17 -14.06
C GLU A 160 -1.06 -19.18 -13.09
N GLY A 161 -0.53 -18.67 -11.99
CA GLY A 161 0.10 -19.50 -10.98
C GLY A 161 0.82 -18.70 -9.90
N GLY A 162 1.04 -17.41 -10.14
CA GLY A 162 1.72 -16.58 -9.16
C GLY A 162 3.20 -16.41 -9.45
N GLU B 1 -2.36 27.05 0.67
CA GLU B 1 -2.87 25.90 1.44
C GLU B 1 -1.76 24.88 1.70
N GLU B 2 -2.13 23.62 1.98
CA GLU B 2 -1.15 22.57 2.25
C GLU B 2 -0.42 22.13 0.97
N GLU B 3 0.41 23.03 0.41
CA GLU B 3 1.17 22.74 -0.80
C GLU B 3 2.05 21.49 -0.64
N TRP B 4 2.62 21.32 0.55
CA TRP B 4 3.45 20.15 0.84
C TRP B 4 2.62 18.87 0.68
N ALA B 5 1.43 18.85 1.30
CA ALA B 5 0.54 17.70 1.21
C ALA B 5 0.12 17.48 -0.24
N ARG B 6 -0.08 18.58 -0.97
CA ARG B 6 -0.46 18.51 -2.38
C ARG B 6 0.68 17.89 -3.19
N GLU B 7 1.91 18.38 -2.97
CA GLU B 7 3.08 17.86 -3.66
C GLU B 7 3.23 16.36 -3.42
N ILE B 8 3.19 15.95 -2.15
CA ILE B 8 3.32 14.54 -1.79
C ILE B 8 2.18 13.72 -2.40
N GLY B 9 0.94 14.20 -2.21
CA GLY B 9 -0.22 13.51 -2.76
C GLY B 9 -0.15 13.37 -4.27
N ALA B 10 0.31 14.43 -4.94
CA ALA B 10 0.44 14.45 -6.39
C ALA B 10 1.56 13.50 -6.84
N GLN B 11 2.66 13.45 -6.08
CA GLN B 11 3.78 12.58 -6.42
C GLN B 11 3.39 11.12 -6.26
N LEU B 12 2.81 10.77 -5.11
CA LEU B 12 2.36 9.41 -4.86
C LEU B 12 1.33 9.00 -5.92
N ARG B 13 0.52 9.98 -6.34
CA ARG B 13 -0.50 9.79 -7.35
C ARG B 13 0.13 9.58 -8.72
N ARG B 14 1.10 10.45 -9.08
CA ARG B 14 1.80 10.35 -10.36
C ARG B 14 2.52 9.01 -10.50
N ILE B 15 3.28 8.63 -9.46
CA ILE B 15 4.01 7.36 -9.49
C ILE B 15 3.03 6.19 -9.57
N ALA B 16 1.93 6.32 -8.84
CA ALA B 16 0.89 5.29 -8.83
C ALA B 16 0.19 5.17 -10.19
N ASP B 17 -0.20 6.30 -10.76
CA ASP B 17 -0.87 6.30 -12.05
C ASP B 17 0.08 5.84 -13.16
N ASP B 18 1.35 6.26 -13.08
CA ASP B 18 2.36 5.83 -14.05
C ASP B 18 2.57 4.32 -13.94
N LEU B 19 2.71 3.85 -12.69
CA LEU B 19 2.89 2.44 -12.40
C LEU B 19 1.68 1.62 -12.87
N ASN B 20 0.49 2.09 -12.51
CA ASN B 20 -0.77 1.45 -12.88
C ASN B 20 -0.96 1.44 -14.41
N ALA B 21 -0.80 2.61 -15.03
CA ALA B 21 -0.96 2.74 -16.48
C ALA B 21 -0.02 1.84 -17.26
N GLN B 22 1.16 1.55 -16.69
CA GLN B 22 2.12 0.67 -17.35
C GLN B 22 1.48 -0.67 -17.73
N TYR B 23 0.79 -1.30 -16.78
CA TYR B 23 0.11 -2.56 -17.04
C TYR B 23 -1.27 -2.32 -17.64
N GLU B 24 -1.94 -1.27 -17.16
CA GLU B 24 -3.29 -0.91 -17.62
C GLU B 24 -3.34 -0.70 -19.14
N ARG B 25 -2.27 -0.13 -19.70
CA ARG B 25 -2.22 0.11 -21.14
C ARG B 25 -1.41 -0.96 -21.88
N ARG B 26 -0.20 -1.22 -21.42
CA ARG B 26 0.65 -2.22 -22.05
C ARG B 26 0.66 -3.54 -21.27
N MET B 27 0.18 -4.60 -21.90
CA MET B 27 0.12 -5.92 -21.25
C MET B 27 1.08 -6.91 -21.92
#